data_6HKT
#
_entry.id   6HKT
#
_cell.length_a   111.078
_cell.length_b   238.761
_cell.length_c   674.368
_cell.angle_alpha   90.00
_cell.angle_beta   90.00
_cell.angle_gamma   90.00
#
_symmetry.space_group_name_H-M   'P 2 21 21'
#
loop_
_entity.id
_entity.type
_entity.pdbx_description
1 polymer 'Histone H3.1'
2 polymer 'Histone H4'
3 polymer 'Histone H2A type 1-B/E'
4 polymer 'Histone H2B type 1-J'
5 polymer 'DNA (1122-MER)'
6 polymer 'DNA (1122-MER)'
#
loop_
_entity_poly.entity_id
_entity_poly.type
_entity_poly.pdbx_seq_one_letter_code
_entity_poly.pdbx_strand_id
1 'polypeptide(L)'
;GSHMARTKQTARKSTGGKAPRKQLATKAARKSAPATGGVKKPHRYRPGTVALREIRRYQKSTELLIRKLPFQRLVREIAQ
DFKTDLRFQSSAVMALQEACEAYLVGLFEDTNLCAIHAKRVTIMPKDIQLARRIRGERA
;
A,E,a,e,K,O,k,o,U,Y,u,y
2 'polypeptide(L)'
;GSHMSGRGKGGKGLGKGGAKRHRKVLRDNIQGITKPAIRRLARRGGVKRISGLIYEETRGVLKVFLENVIRDAVTYTEHA
KRKTVTAMDVVYALKRQGRTLYGFGG
;
B,F,b,f,L,P,l,p,V,Z,v,z
3 'polypeptide(L)'
;GSHMSGRGKQGGKARAKAKTRSSRAGLQFPVGRVHRLLRKGNYSERVGAGAPVYLAAVLEYLTAEILELAGNAARDNKKT
RIIPRHLQLAIRNDEELNKLLGRVTIAQGGVLPNIQAVLLPKKTESHHKAKGK
;
C,G,c,g,M,Q,m,q,W,0,w,2
4 'polypeptide(L)'
;GSHMPEPAKSAPAPKKGSKKAVTKAQKKDGKKRKRSRKESYSIYVYKVLKQVHPDTGISSKAMGIMNSFVNDIFERIAGE
ASRLAHYNKRSTITSREIQTAVRLLLPGELAKHAVSEGTKAVTKYTSAK
;
D,H,d,h,N,R,n,r,X,1,x,3
5 'polydeoxyribonucleotide'
;(DA)(DT)(DC)(DA)(DC)(DC)(DC)(DT)(DA)(DT)(DA)(DC)(DG)(DC)(DG)(DG)(DC)(DC)(DG)(DC)
(DC)(DC)(DT)(DG)(DG)(DA)(DG)(DA)(DA)(DT)(DC)(DC)(DC)(DG)(DG)(DT)(DG)(DC)(DC)(DG)
(DA)(DG)(DG)(DC)(DC)(DG)(DC)(DT)(DC)(DA)(DA)(DT)(DT)(DG)(DG)(DT)(DC)(DG)(DT)(DA)
(DG)(DA)(DC)(DA)(DG)(DC)(DT)(DC)(DT)(DA)(DG)(DC)(DA)(DC)(DC)(DG)(DC)(DT)(DT)(DA)
(DA)(DA)(DC)(DG)(DC)(DA)(DC)(DG)(DT)(DA)(DC)(DG)(DC)(DG)(DC)(DT)(DG)(DT)(DC)(DC)
(DC)(DC)(DC)(DG)(DC)(DG)(DT)(DT)(DT)(DT)(DA)(DA)(DC)(DC)(DG)(DC)(DC)(DA)(DA)(DG)
(DG)(DG)(DG)(DA)(DT)(DT)(DA)(DC)(DT)(DC)(DC)(DC)(DT)(DA)(DG)(DT)(DC)(DT)(DC)(DC)
(DA)(DG)(DG)(DC)(DA)(DC)(DG)(DT)(DG)(DT)(DC)(DA)(DG)(DA)(DT)(DA)(DT)(DA)(DT)(DA)
(DC)(DA)(DT)(DC)(DC)(DT)(DG)(DT)(DG)(DC)(DA)(DT)(DG)(DT)(DA)(DT)(DT)(DG)(DA)(DA)
(DC)(DA)(DG)(DC)(DC)(DC)(DC)(DG)(DA)(DG)(DA)(DC)(DC)(DC)(DT)(DA)(DT)(DA)(DC)(DG)
(DC)(DG)(DG)(DC)(DC)(DG)(DC)(DC)(DC)(DT)(DG)(DG)(DA)(DG)(DA)(DA)(DT)(DC)(DC)(DC)
(DG)(DG)(DT)(DG)(DC)(DC)(DG)(DA)(DG)(DG)(DC)(DC)(DG)(DC)(DT)(DC)(DA)(DA)(DT)(DT)
(DG)(DG)(DT)(DC)(DG)(DT)(DA)(DG)(DA)(DC)(DA)(DG)(DC)(DT)(DC)(DT)(DA)(DG)(DC)(DA)
(DC)(DC)(DG)(DC)(DT)(DT)(DA)(DA)(DA)(DC)(DG)(DC)(DA)(DC)(DG)(DT)(DA)(DC)(DG)(DC)
(DG)(DC)(DT)(DG)(DT)(DC)(DC)(DC)(DC)(DC)(DG)(DC)(DG)(DT)(DT)(DT)(DT)(DA)(DA)(DC)
(DC)(DG)(DC)(DC)(DA)(DA)(DG)(DG)(DG)(DG)(DA)(DT)(DT)(DA)(DC)(DT)(DC)(DC)(DC)(DT)
(DA)(DG)(DT)(DC)(DT)(DC)(DC)(DA)(DG)(DG)(DC)(DA)(DC)(DG)(DT)(DG)(DT)(DC)(DA)(DG)
(DA)(DT)(DA)(DT)(DA)(DT)(DA)(DC)(DA)(DT)(DC)(DC)(DT)(DG)(DT)(DG)(DC)(DA)(DT)(DG)
(DT)(DA)(DT)(DT)(DG)(DA)(DA)(DC)(DA)(DG)(DC)(DC)(DC)(DC)(DG)(DA)(DG)(DA)(DC)(DC)
(DC)(DT)(DA)(DT)(DA)(DC)(DG)(DC)(DG)(DG)(DC)(DC)(DG)(DC)(DC)(DC)(DT)(DG)(DG)(DA)
(DG)(DA)(DA)(DT)(DC)(DC)(DC)(DG)(DG)(DT)(DG)(DC)(DC)(DG)(DA)(DG)(DG)(DC)(DC)(DG)
(DC)(DT)(DC)(DA)(DA)(DT)(DT)(DG)(DG)(DT)(DC)(DG)(DT)(DA)(DG)(DA)(DC)(DA)(DG)(DC)
(DT)(DC)(DT)(DA)(DG)(DC)(DA)(DC)(DC)(DG)(DC)(DT)(DT)(DA)(DA)(DA)(DC)(DG)(DC)(DA)
(DC)(DG)(DT)(DA)(DC)(DG)(DC)(DG)(DC)(DT)(DG)(DT)(DC)(DC)(DC)(DC)(DC)(DG)(DC)(DG)
(DT)(DT)(DT)(DT)(DA)(DA)(DC)(DC)(DG)(DC)(DC)(DA)(DA)(DG)(DG)(DG)(DG)(DA)(DT)(DT)
(DA)(DC)(DT)(DC)(DC)(DC)(DT)(DA)(DG)(DT)(DC)(DT)(DC)(DC)(DA)(DG)(DG)(DC)(DA)(DC)
(DG)(DT)(DG)(DT)(DC)(DA)(DG)(DA)(DT)(DA)(DT)(DA)(DT)(DA)(DC)(DA)(DT)(DC)(DC)(DT)
(DG)(DT)(DG)(DC)(DA)(DT)(DG)(DT)(DA)(DT)(DT)(DG)(DA)(DA)(DC)(DA)(DG)(DC)(DC)(DC)
(DC)(DG)(DA)(DG)(DA)(DC)(DC)(DC)(DT)(DA)(DT)(DA)(DC)(DG)(DC)(DG)(DG)(DC)(DC)(DG)
(DC)(DC)(DC)(DT)(DG)(DG)(DA)(DG)(DA)(DA)(DT)(DC)(DC)(DC)(DG)(DG)(DT)(DG)(DC)(DC)
(DG)(DA)(DG)(DG)(DC)(DC)(DG)(DC)(DT)(DC)(DA)(DA)(DT)(DT)(DG)(DG)(DT)(DC)(DG)(DT)
(DA)(DG)(DA)(DC)(DA)(DG)(DC)(DT)(DC)(DT)(DA)(DG)(DC)(DA)(DC)(DC)(DG)(DC)(DT)(DT)
(DA)(DA)(DA)(DC)(DG)(DC)(DA)(DC)(DG)(DT)(DA)(DC)(DG)(DC)(DG)(DC)(DT)(DG)(DT)(DC)
(DC)(DC)(DC)(DC)(DG)(DC)(DG)(DT)(DT)(DT)(DT)(DA)(DA)(DC)(DC)(DG)(DC)(DC)(DA)(DA)
(DG)(DG)(DG)(DG)(DA)(DT)(DT)(DA)(DC)(DT)(DC)(DC)(DC)(DT)(DA)(DG)(DT)(DC)(DT)(DC)
(DC)(DA)(DG)(DG)(DC)(DA)(DC)(DG)(DT)(DG)(DT)(DC)(DA)(DG)(DA)(DT)(DA)(DT)(DA)(DT)
(DA)(DC)(DA)(DT)(DC)(DC)(DT)(DG)(DT)(DG)(DC)(DA)(DT)(DG)(DT)(DA)(DT)(DT)(DG)(DA)
(DA)(DC)(DA)(DG)(DC)(DC)(DC)(DC)(DG)(DA)(DG)(DA)(DC)(DC)(DC)(DT)(DA)(DT)(DA)(DC)
(DG)(DC)(DG)(DG)(DC)(DC)(DG)(DC)(DC)(DC)(DT)(DG)(DG)(DA)(DG)(DA)(DA)(DT)(DC)(DC)
(DC)(DG)(DG)(DT)(DG)(DC)(DC)(DG)(DA)(DG)(DG)(DC)(DC)(DG)(DC)(DT)(DC)(DA)(DA)(DT)
(DT)(DG)(DG)(DT)(DC)(DG)(DT)(DA)(DG)(DA)(DC)(DA)(DG)(DC)(DT)(DC)(DT)(DA)(DG)(DC)
(DA)(DC)(DC)(DG)(DC)(DT)(DT)(DA)(DA)(DA)(DC)(DG)(DC)(DA)(DC)(DG)(DT)(DA)(DC)(DG)
(DC)(DG)(DC)(DT)(DG)(DT)(DC)(DC)(DC)(DC)(DC)(DG)(DC)(DG)(DT)(DT)(DT)(DT)(DA)(DA)
(DC)(DC)(DG)(DC)(DC)(DA)(DA)(DG)(DG)(DG)(DG)(DA)(DT)(DT)(DA)(DC)(DT)(DC)(DC)(DC)
(DT)(DA)(DG)(DT)(DC)(DT)(DC)(DC)(DA)(DG)(DG)(DC)(DA)(DC)(DG)(DT)(DG)(DT)(DC)(DA)
(DG)(DA)(DT)(DA)(DT)(DA)(DT)(DA)(DC)(DA)(DT)(DC)(DC)(DT)(DG)(DT)(DG)(DC)(DA)(DT)
(DG)(DT)(DA)(DT)(DT)(DG)(DA)(DA)(DC)(DA)(DG)(DC)(DC)(DC)(DC)(DG)(DA)(DG)(DA)(DC)
(DC)(DC)(DT)(DA)(DT)(DA)(DC)(DG)(DC)(DG)(DG)(DC)(DC)(DG)(DC)(DC)(DC)(DT)(DG)(DG)
(DA)(DG)(DA)(DA)(DT)(DC)(DC)(DC)(DG)(DG)(DT)(DG)(DC)(DC)(DG)(DA)(DG)(DG)(DC)(DC)
(DG)(DC)(DT)(DC)(DA)(DA)(DT)(DT)(DG)(DG)(DT)(DC)(DG)(DT)(DA)(DG)(DA)(DC)(DA)(DG)
(DC)(DT)(DC)(DT)(DA)(DG)(DC)(DA)(DC)(DC)(DG)(DC)(DT)(DT)(DA)(DA)(DA)(DC)(DG)(DC)
(DA)(DC)(DG)(DT)(DA)(DC)(DG)(DC)(DG)(DC)(DT)(DG)(DT)(DC)(DC)(DC)(DC)(DC)(DG)(DC)
(DG)(DT)(DT)(DT)(DT)(DA)(DA)(DC)(DC)(DG)(DC)(DC)(DA)(DA)(DG)(DG)(DG)(DG)(DA)(DT)
(DT)(DA)(DC)(DT)(DC)(DC)(DC)(DT)(DA)(DG)(DT)(DC)(DT)(DC)(DC)(DA)(DG)(DG)(DC)(DA)
(DC)(DG)(DT)(DG)(DT)(DC)(DA)(DG)(DA)(DT)(DA)(DT)(DA)(DT)(DA)(DC)(DA)(DT)(DC)(DC)
(DT)(DG)(DT)(DG)(DC)(DA)(DT)(DG)(DT)(DA)(DT)(DT)(DG)(DA)(DA)(DC)(DA)(DG)(DC)(DG)
(DA)(DT)
;
I
6 'polydeoxyribonucleotide'
;(DA)(DT)(DC)(DG)(DC)(DT)(DG)(DT)(DT)(DC)(DA)(DA)(DT)(DA)(DC)(DA)(DT)(DG)(DC)(DA)
(DC)(DA)(DG)(DG)(DA)(DT)(DG)(DT)(DA)(DT)(DA)(DT)(DA)(DT)(DC)(DT)(DG)(DA)(DC)(DA)
(DC)(DG)(DT)(DG)(DC)(DC)(DT)(DG)(DG)(DA)(DG)(DA)(DC)(DT)(DA)(DG)(DG)(DG)(DA)(DG)
(DT)(DA)(DA)(DT)(DC)(DC)(DC)(DC)(DT)(DT)(DG)(DG)(DC)(DG)(DG)(DT)(DT)(DA)(DA)(DA)
(DA)(DC)(DG)(DC)(DG)(DG)(DG)(DG)(DG)(DA)(DC)(DA)(DG)(DC)(DG)(DC)(DG)(DT)(DA)(DC)
(DG)(DT)(DG)(DC)(DG)(DT)(DT)(DT)(DA)(DA)(DG)(DC)(DG)(DG)(DT)(DG)(DC)(DT)(DA)(DG)
(DA)(DG)(DC)(DT)(DG)(DT)(DC)(DT)(DA)(DC)(DG)(DA)(DC)(DC)(DA)(DA)(DT)(DT)(DG)(DA)
(DG)(DC)(DG)(DG)(DC)(DC)(DT)(DC)(DG)(DG)(DC)(DA)(DC)(DC)(DG)(DG)(DG)(DA)(DT)(DT)
(DC)(DT)(DC)(DC)(DA)(DG)(DG)(DG)(DC)(DG)(DG)(DC)(DC)(DG)(DC)(DG)(DT)(DA)(DT)(DA)
(DG)(DG)(DG)(DT)(DC)(DT)(DC)(DG)(DG)(DG)(DG)(DC)(DT)(DG)(DT)(DT)(DC)(DA)(DA)(DT)
(DA)(DC)(DA)(DT)(DG)(DC)(DA)(DC)(DA)(DG)(DG)(DA)(DT)(DG)(DT)(DA)(DT)(DA)(DT)(DA)
(DT)(DC)(DT)(DG)(DA)(DC)(DA)(DC)(DG)(DT)(DG)(DC)(DC)(DT)(DG)(DG)(DA)(DG)(DA)(DC)
(DT)(DA)(DG)(DG)(DG)(DA)(DG)(DT)(DA)(DA)(DT)(DC)(DC)(DC)(DC)(DT)(DT)(DG)(DG)(DC)
(DG)(DG)(DT)(DT)(DA)(DA)(DA)(DA)(DC)(DG)(DC)(DG)(DG)(DG)(DG)(DG)(DA)(DC)(DA)(DG)
(DC)(DG)(DC)(DG)(DT)(DA)(DC)(DG)(DT)(DG)(DC)(DG)(DT)(DT)(DT)(DA)(DA)(DG)(DC)(DG)
(DG)(DT)(DG)(DC)(DT)(DA)(DG)(DA)(DG)(DC)(DT)(DG)(DT)(DC)(DT)(DA)(DC)(DG)(DA)(DC)
(DC)(DA)(DA)(DT)(DT)(DG)(DA)(DG)(DC)(DG)(DG)(DC)(DC)(DT)(DC)(DG)(DG)(DC)(DA)(DC)
(DC)(DG)(DG)(DG)(DA)(DT)(DT)(DC)(DT)(DC)(DC)(DA)(DG)(DG)(DG)(DC)(DG)(DG)(DC)(DC)
(DG)(DC)(DG)(DT)(DA)(DT)(DA)(DG)(DG)(DG)(DT)(DC)(DT)(DC)(DG)(DG)(DG)(DG)(DC)(DT)
(DG)(DT)(DT)(DC)(DA)(DA)(DT)(DA)(DC)(DA)(DT)(DG)(DC)(DA)(DC)(DA)(DG)(DG)(DA)(DT)
(DG)(DT)(DA)(DT)(DA)(DT)(DA)(DT)(DC)(DT)(DG)(DA)(DC)(DA)(DC)(DG)(DT)(DG)(DC)(DC)
(DT)(DG)(DG)(DA)(DG)(DA)(DC)(DT)(DA)(DG)(DG)(DG)(DA)(DG)(DT)(DA)(DA)(DT)(DC)(DC)
(DC)(DC)(DT)(DT)(DG)(DG)(DC)(DG)(DG)(DT)(DT)(DA)(DA)(DA)(DA)(DC)(DG)(DC)(DG)(DG)
(DG)(DG)(DG)(DA)(DC)(DA)(DG)(DC)(DG)(DC)(DG)(DT)(DA)(DC)(DG)(DT)(DG)(DC)(DG)(DT)
(DT)(DT)(DA)(DA)(DG)(DC)(DG)(DG)(DT)(DG)(DC)(DT)(DA)(DG)(DA)(DG)(DC)(DT)(DG)(DT)
(DC)(DT)(DA)(DC)(DG)(DA)(DC)(DC)(DA)(DA)(DT)(DT)(DG)(DA)(DG)(DC)(DG)(DG)(DC)(DC)
(DT)(DC)(DG)(DG)(DC)(DA)(DC)(DC)(DG)(DG)(DG)(DA)(DT)(DT)(DC)(DT)(DC)(DC)(DA)(DG)
(DG)(DG)(DC)(DG)(DG)(DC)(DC)(DG)(DC)(DG)(DT)(DA)(DT)(DA)(DG)(DG)(DG)(DT)(DC)(DT)
(DC)(DG)(DG)(DG)(DG)(DC)(DT)(DG)(DT)(DT)(DC)(DA)(DA)(DT)(DA)(DC)(DA)(DT)(DG)(DC)
(DA)(DC)(DA)(DG)(DG)(DA)(DT)(DG)(DT)(DA)(DT)(DA)(DT)(DA)(DT)(DC)(DT)(DG)(DA)(DC)
(DA)(DC)(DG)(DT)(DG)(DC)(DC)(DT)(DG)(DG)(DA)(DG)(DA)(DC)(DT)(DA)(DG)(DG)(DG)(DA)
(DG)(DT)(DA)(DA)(DT)(DC)(DC)(DC)(DC)(DT)(DT)(DG)(DG)(DC)(DG)(DG)(DT)(DT)(DA)(DA)
(DA)(DA)(DC)(DG)(DC)(DG)(DG)(DG)(DG)(DG)(DA)(DC)(DA)(DG)(DC)(DG)(DC)(DG)(DT)(DA)
(DC)(DG)(DT)(DG)(DC)(DG)(DT)(DT)(DT)(DA)(DA)(DG)(DC)(DG)(DG)(DT)(DG)(DC)(DT)(DA)
(DG)(DA)(DG)(DC)(DT)(DG)(DT)(DC)(DT)(DA)(DC)(DG)(DA)(DC)(DC)(DA)(DA)(DT)(DT)(DG)
(DA)(DG)(DC)(DG)(DG)(DC)(DC)(DT)(DC)(DG)(DG)(DC)(DA)(DC)(DC)(DG)(DG)(DG)(DA)(DT)
(DT)(DC)(DT)(DC)(DC)(DA)(DG)(DG)(DG)(DC)(DG)(DG)(DC)(DC)(DG)(DC)(DG)(DT)(DA)(DT)
(DA)(DG)(DG)(DG)(DT)(DC)(DT)(DC)(DG)(DG)(DG)(DG)(DC)(DT)(DG)(DT)(DT)(DC)(DA)(DA)
(DT)(DA)(DC)(DA)(DT)(DG)(DC)(DA)(DC)(DA)(DG)(DG)(DA)(DT)(DG)(DT)(DA)(DT)(DA)(DT)
(DA)(DT)(DC)(DT)(DG)(DA)(DC)(DA)(DC)(DG)(DT)(DG)(DC)(DC)(DT)(DG)(DG)(DA)(DG)(DA)
(DC)(DT)(DA)(DG)(DG)(DG)(DA)(DG)(DT)(DA)(DA)(DT)(DC)(DC)(DC)(DC)(DT)(DT)(DG)(DG)
(DC)(DG)(DG)(DT)(DT)(DA)(DA)(DA)(DA)(DC)(DG)(DC)(DG)(DG)(DG)(DG)(DG)(DA)(DC)(DA)
(DG)(DC)(DG)(DC)(DG)(DT)(DA)(DC)(DG)(DT)(DG)(DC)(DG)(DT)(DT)(DT)(DA)(DA)(DG)(DC)
(DG)(DG)(DT)(DG)(DC)(DT)(DA)(DG)(DA)(DG)(DC)(DT)(DG)(DT)(DC)(DT)(DA)(DC)(DG)(DA)
(DC)(DC)(DA)(DA)(DT)(DT)(DG)(DA)(DG)(DC)(DG)(DG)(DC)(DC)(DT)(DC)(DG)(DG)(DC)(DA)
(DC)(DC)(DG)(DG)(DG)(DA)(DT)(DT)(DC)(DT)(DC)(DC)(DA)(DG)(DG)(DG)(DC)(DG)(DG)(DC)
(DC)(DG)(DC)(DG)(DT)(DA)(DT)(DA)(DG)(DG)(DG)(DT)(DC)(DT)(DC)(DG)(DG)(DG)(DG)(DC)
(DT)(DG)(DT)(DT)(DC)(DA)(DA)(DT)(DA)(DC)(DA)(DT)(DG)(DC)(DA)(DC)(DA)(DG)(DG)(DA)
(DT)(DG)(DT)(DA)(DT)(DA)(DT)(DA)(DT)(DC)(DT)(DG)(DA)(DC)(DA)(DC)(DG)(DT)(DG)(DC)
(DC)(DT)(DG)(DG)(DA)(DG)(DA)(DC)(DT)(DA)(DG)(DG)(DG)(DA)(DG)(DT)(DA)(DA)(DT)(DC)
(DC)(DC)(DC)(DT)(DT)(DG)(DG)(DC)(DG)(DG)(DT)(DT)(DA)(DA)(DA)(DA)(DC)(DG)(DC)(DG)
(DG)(DG)(DG)(DG)(DA)(DC)(DA)(DG)(DC)(DG)(DC)(DG)(DT)(DA)(DC)(DG)(DT)(DG)(DC)(DG)
(DT)(DT)(DT)(DA)(DA)(DG)(DC)(DG)(DG)(DT)(DG)(DC)(DT)(DA)(DG)(DA)(DG)(DC)(DT)(DG)
(DT)(DC)(DT)(DA)(DC)(DG)(DA)(DC)(DC)(DA)(DA)(DT)(DT)(DG)(DA)(DG)(DC)(DG)(DG)(DC)
(DC)(DT)(DC)(DG)(DG)(DC)(DA)(DC)(DC)(DG)(DG)(DG)(DA)(DT)(DT)(DC)(DT)(DC)(DC)(DA)
(DG)(DG)(DG)(DC)(DG)(DG)(DC)(DC)(DG)(DC)(DG)(DT)(DA)(DT)(DA)(DG)(DG)(DG)(DT)(DG)
(DA)(DT)
;
J
#
loop_
_chem_comp.id
_chem_comp.type
_chem_comp.name
_chem_comp.formula
DA DNA linking 2'-DEOXYADENOSINE-5'-MONOPHOSPHATE 'C10 H14 N5 O6 P'
DC DNA linking 2'-DEOXYCYTIDINE-5'-MONOPHOSPHATE 'C9 H14 N3 O7 P'
DG DNA linking 2'-DEOXYGUANOSINE-5'-MONOPHOSPHATE 'C10 H14 N5 O7 P'
DT DNA linking THYMIDINE-5'-MONOPHOSPHATE 'C10 H15 N2 O8 P'
#
# COMPACT_ATOMS: atom_id res chain seq x y z
N PRO A 42 83.96 -17.41 1.47
CA PRO A 42 84.06 -16.31 2.42
C PRO A 42 83.93 -14.94 1.75
N HIS A 43 85.00 -14.50 1.08
CA HIS A 43 85.03 -13.20 0.43
C HIS A 43 85.44 -13.36 -1.03
N ARG A 44 84.79 -12.60 -1.91
CA ARG A 44 85.01 -12.73 -3.35
C ARG A 44 84.91 -11.36 -3.99
N TYR A 45 85.94 -10.97 -4.72
CA TYR A 45 85.95 -9.69 -5.44
C TYR A 45 85.18 -9.80 -6.73
N ARG A 46 84.53 -8.69 -7.12
CA ARG A 46 83.79 -8.69 -8.38
C ARG A 46 84.76 -8.69 -9.55
N PRO A 47 84.42 -9.36 -10.65
CA PRO A 47 85.33 -9.43 -11.80
C PRO A 47 85.64 -8.04 -12.35
N GLY A 48 86.93 -7.78 -12.53
CA GLY A 48 87.43 -6.48 -12.92
C GLY A 48 88.14 -5.75 -11.81
N THR A 49 87.86 -6.09 -10.55
CA THR A 49 88.48 -5.40 -9.44
C THR A 49 89.95 -5.76 -9.31
N VAL A 50 90.26 -7.06 -9.30
CA VAL A 50 91.66 -7.48 -9.21
C VAL A 50 92.37 -7.14 -10.50
N ALA A 51 91.65 -7.14 -11.64
CA ALA A 51 92.27 -6.76 -12.90
C ALA A 51 92.72 -5.30 -12.86
N LEU A 52 91.84 -4.40 -12.39
CA LEU A 52 92.24 -3.01 -12.21
C LEU A 52 93.38 -2.91 -11.19
N ARG A 53 93.34 -3.72 -10.14
CA ARG A 53 94.39 -3.70 -9.14
C ARG A 53 95.72 -4.15 -9.73
N GLU A 54 95.69 -5.08 -10.67
CA GLU A 54 96.93 -5.53 -11.31
C GLU A 54 97.44 -4.52 -12.32
N ILE A 55 96.54 -3.76 -12.95
CA ILE A 55 96.98 -2.72 -13.89
C ILE A 55 97.83 -1.68 -13.17
N ARG A 56 97.34 -1.20 -12.02
CA ARG A 56 98.09 -0.21 -11.26
C ARG A 56 99.41 -0.76 -10.74
N ARG A 57 99.45 -2.06 -10.40
CA ARG A 57 100.66 -2.65 -9.84
C ARG A 57 101.78 -2.71 -10.88
N TYR A 58 101.48 -3.26 -12.06
CA TYR A 58 102.51 -3.47 -13.06
C TYR A 58 102.85 -2.20 -13.84
N GLN A 59 102.05 -1.15 -13.72
CA GLN A 59 102.41 0.16 -14.23
C GLN A 59 103.26 0.97 -13.26
N LYS A 60 103.37 0.52 -12.01
CA LYS A 60 104.28 1.14 -11.04
C LYS A 60 105.69 0.57 -11.12
N SER A 61 105.81 -0.71 -11.46
CA SER A 61 107.09 -1.41 -11.43
C SER A 61 107.71 -1.44 -12.82
N THR A 62 108.99 -1.85 -12.87
CA THR A 62 109.72 -1.94 -14.12
C THR A 62 110.31 -3.32 -14.37
N GLU A 63 110.10 -4.27 -13.47
CA GLU A 63 110.69 -5.60 -13.63
C GLU A 63 110.09 -6.31 -14.83
N LEU A 64 110.87 -7.23 -15.38
CA LEU A 64 110.38 -8.04 -16.49
C LEU A 64 109.29 -8.99 -16.03
N LEU A 65 108.29 -9.21 -16.87
CA LEU A 65 107.12 -9.99 -16.50
C LEU A 65 107.16 -11.41 -17.03
N ILE A 66 108.07 -11.72 -17.94
CA ILE A 66 108.27 -13.09 -18.42
C ILE A 66 109.41 -13.71 -17.62
N ARG A 67 109.23 -14.97 -17.21
CA ARG A 67 110.27 -15.67 -16.47
C ARG A 67 111.50 -15.87 -17.33
N LYS A 68 112.69 -15.70 -16.72
CA LYS A 68 113.92 -15.61 -17.49
C LYS A 68 114.26 -16.91 -18.20
N LEU A 69 114.07 -18.05 -17.53
CA LEU A 69 114.48 -19.32 -18.13
C LEU A 69 113.62 -19.71 -19.34
N PRO A 70 112.28 -19.66 -19.27
CA PRO A 70 111.52 -20.01 -20.48
C PRO A 70 111.82 -19.09 -21.65
N PHE A 71 112.08 -17.81 -21.38
CA PHE A 71 112.41 -16.89 -22.45
C PHE A 71 113.75 -17.23 -23.08
N GLN A 72 114.75 -17.55 -22.26
CA GLN A 72 116.07 -17.88 -22.77
C GLN A 72 116.03 -19.15 -23.61
N ARG A 73 115.26 -20.14 -23.16
CA ARG A 73 115.11 -21.37 -23.95
C ARG A 73 114.43 -21.07 -25.28
N LEU A 74 113.49 -20.13 -25.30
CA LEU A 74 112.86 -19.73 -26.56
C LEU A 74 113.83 -19.00 -27.46
N VAL A 75 114.69 -18.15 -26.88
CA VAL A 75 115.70 -17.45 -27.66
C VAL A 75 116.69 -18.43 -28.27
N ARG A 76 117.15 -19.39 -27.46
CA ARG A 76 118.16 -20.33 -27.95
C ARG A 76 117.59 -21.22 -29.07
N GLU A 77 116.31 -21.58 -28.98
CA GLU A 77 115.73 -22.43 -30.01
C GLU A 77 115.51 -21.65 -31.31
N ILE A 78 114.98 -20.44 -31.22
CA ILE A 78 114.78 -19.62 -32.41
C ILE A 78 116.11 -19.34 -33.11
N ALA A 79 117.14 -19.01 -32.34
CA ALA A 79 118.45 -18.76 -32.92
C ALA A 79 119.07 -20.04 -33.46
N GLN A 80 118.82 -21.18 -32.81
CA GLN A 80 119.38 -22.45 -33.29
C GLN A 80 118.79 -22.84 -34.65
N ASP A 81 117.56 -22.43 -34.93
CA ASP A 81 116.97 -22.63 -36.26
C ASP A 81 117.50 -21.66 -37.30
N PHE A 82 118.31 -20.67 -36.90
CA PHE A 82 119.04 -19.83 -37.83
C PHE A 82 120.48 -20.30 -38.04
N LYS A 83 121.16 -20.65 -36.95
CA LYS A 83 122.54 -21.14 -37.03
C LYS A 83 122.81 -22.02 -35.82
N THR A 84 123.36 -23.20 -36.06
CA THR A 84 123.62 -24.15 -34.99
C THR A 84 124.86 -23.76 -34.21
N ASP A 85 124.94 -24.26 -32.98
CA ASP A 85 126.06 -24.01 -32.07
C ASP A 85 126.35 -22.51 -31.95
N LEU A 86 125.39 -21.81 -31.36
CA LEU A 86 125.52 -20.39 -31.08
C LEU A 86 125.60 -20.18 -29.58
N ARG A 87 126.52 -19.32 -29.16
CA ARG A 87 126.63 -18.95 -27.77
C ARG A 87 126.07 -17.56 -27.55
N PHE A 88 125.57 -17.31 -26.34
CA PHE A 88 124.89 -16.06 -26.01
C PHE A 88 125.49 -15.44 -24.75
N GLN A 89 125.90 -14.18 -24.86
CA GLN A 89 126.09 -13.37 -23.68
C GLN A 89 124.79 -13.26 -22.91
N SER A 90 124.87 -13.38 -21.58
CA SER A 90 123.66 -13.28 -20.76
C SER A 90 123.00 -11.91 -20.94
N SER A 91 123.78 -10.86 -21.17
CA SER A 91 123.21 -9.54 -21.42
C SER A 91 122.52 -9.46 -22.78
N ALA A 92 122.95 -10.28 -23.74
CA ALA A 92 122.25 -10.32 -25.03
C ALA A 92 120.85 -10.89 -24.88
N VAL A 93 120.68 -11.89 -24.01
CA VAL A 93 119.34 -12.42 -23.74
C VAL A 93 118.51 -11.39 -22.99
N MET A 94 119.14 -10.67 -22.04
CA MET A 94 118.42 -9.63 -21.32
C MET A 94 118.08 -8.46 -22.23
N ALA A 95 118.96 -8.14 -23.18
CA ALA A 95 118.66 -7.09 -24.14
C ALA A 95 117.49 -7.48 -25.03
N LEU A 96 117.44 -8.76 -25.45
CA LEU A 96 116.32 -9.23 -26.24
C LEU A 96 115.03 -9.25 -25.43
N GLN A 97 115.11 -9.51 -24.12
CA GLN A 97 113.90 -9.59 -23.31
C GLN A 97 113.36 -8.21 -22.98
N GLU A 98 114.26 -7.25 -22.74
CA GLU A 98 113.83 -5.87 -22.48
C GLU A 98 113.05 -5.31 -23.66
N ALA A 99 113.56 -5.51 -24.88
CA ALA A 99 112.89 -4.97 -26.06
C ALA A 99 111.58 -5.69 -26.36
N CYS A 100 111.55 -7.02 -26.19
CA CYS A 100 110.34 -7.77 -26.50
C CYS A 100 109.19 -7.39 -25.58
N GLU A 101 109.45 -7.34 -24.26
CA GLU A 101 108.39 -6.98 -23.34
C GLU A 101 107.93 -5.54 -23.57
N ALA A 102 108.87 -4.65 -23.89
CA ALA A 102 108.49 -3.29 -24.23
C ALA A 102 107.67 -3.24 -25.50
N TYR A 103 108.03 -4.07 -26.49
CA TYR A 103 107.25 -4.14 -27.72
C TYR A 103 105.84 -4.65 -27.45
N LEU A 104 105.72 -5.68 -26.62
CA LEU A 104 104.40 -6.25 -26.36
C LEU A 104 103.56 -5.36 -25.45
N VAL A 105 104.20 -4.66 -24.50
CA VAL A 105 103.47 -3.72 -23.67
C VAL A 105 102.87 -2.61 -24.52
N GLY A 106 103.69 -2.00 -25.38
CA GLY A 106 103.19 -0.96 -26.25
C GLY A 106 102.19 -1.46 -27.27
N LEU A 107 102.34 -2.71 -27.70
CA LEU A 107 101.37 -3.30 -28.62
C LEU A 107 100.04 -3.54 -27.93
N PHE A 108 100.07 -4.00 -26.68
CA PHE A 108 98.83 -4.16 -25.91
C PHE A 108 98.17 -2.82 -25.66
N GLU A 109 98.95 -1.74 -25.60
CA GLU A 109 98.37 -0.40 -25.51
C GLU A 109 97.55 -0.09 -26.76
N ASP A 110 98.15 -0.26 -27.94
CA ASP A 110 97.41 -0.08 -29.19
C ASP A 110 96.27 -1.09 -29.30
N THR A 111 96.52 -2.33 -28.88
CA THR A 111 95.47 -3.34 -28.89
C THR A 111 94.29 -2.93 -27.99
N ASN A 112 94.59 -2.36 -26.83
CA ASN A 112 93.52 -1.96 -25.91
C ASN A 112 92.68 -0.85 -26.51
N LEU A 113 93.32 0.09 -27.21
CA LEU A 113 92.60 1.18 -27.84
C LEU A 113 91.71 0.68 -28.98
N CYS A 114 92.15 -0.36 -29.71
CA CYS A 114 91.32 -0.93 -30.75
C CYS A 114 90.05 -1.56 -30.19
N ALA A 115 90.17 -2.24 -29.04
CA ALA A 115 88.99 -2.84 -28.42
C ALA A 115 88.00 -1.79 -27.95
N ILE A 116 88.51 -0.72 -27.31
CA ILE A 116 87.65 0.35 -26.85
C ILE A 116 86.98 1.06 -28.02
N HIS A 117 87.69 1.18 -29.13
CA HIS A 117 87.11 1.78 -30.32
C HIS A 117 85.91 1.00 -30.82
N ALA A 118 85.90 -0.31 -30.60
CA ALA A 118 84.76 -1.17 -30.94
C ALA A 118 83.76 -1.28 -29.79
N LYS A 119 83.73 -0.26 -28.91
CA LYS A 119 82.82 -0.24 -27.77
C LYS A 119 82.96 -1.49 -26.90
N ARG A 120 84.14 -2.08 -26.91
CA ARG A 120 84.42 -3.31 -26.17
C ARG A 120 85.45 -3.05 -25.09
N VAL A 121 85.37 -3.88 -24.04
CA VAL A 121 86.37 -3.87 -22.97
C VAL A 121 87.38 -5.00 -23.16
N THR A 122 87.02 -6.05 -23.88
CA THR A 122 87.89 -7.21 -24.09
C THR A 122 88.74 -7.03 -25.33
N ILE A 123 90.05 -7.25 -25.20
CA ILE A 123 90.89 -7.28 -26.39
C ILE A 123 90.71 -8.63 -27.05
N MET A 124 90.70 -8.64 -28.38
CA MET A 124 90.51 -9.84 -29.16
C MET A 124 91.58 -9.88 -30.23
N PRO A 125 91.87 -11.07 -30.78
CA PRO A 125 92.93 -11.15 -31.80
C PRO A 125 92.74 -10.17 -32.95
N LYS A 126 91.51 -9.78 -33.25
CA LYS A 126 91.27 -8.79 -34.28
C LYS A 126 91.78 -7.41 -33.86
N ASP A 127 91.80 -7.12 -32.56
CA ASP A 127 92.36 -5.85 -32.09
C ASP A 127 93.86 -5.79 -32.34
N ILE A 128 94.56 -6.90 -32.08
CA ILE A 128 96.01 -6.94 -32.34
C ILE A 128 96.28 -6.80 -33.83
N GLN A 129 95.53 -7.53 -34.66
CA GLN A 129 95.78 -7.52 -36.10
C GLN A 129 95.48 -6.16 -36.71
N LEU A 130 94.49 -5.44 -36.17
CA LEU A 130 94.25 -4.08 -36.62
C LEU A 130 95.42 -3.17 -36.23
N ALA A 131 95.96 -3.34 -35.04
CA ALA A 131 97.09 -2.52 -34.59
C ALA A 131 98.31 -2.75 -35.47
N ARG A 132 98.68 -4.02 -35.67
CA ARG A 132 99.87 -4.33 -36.45
C ARG A 132 99.71 -3.91 -37.91
N ARG A 133 98.50 -4.01 -38.44
CA ARG A 133 98.25 -3.56 -39.82
C ARG A 133 98.48 -2.07 -39.96
N ILE A 134 97.93 -1.27 -39.04
CA ILE A 134 98.12 0.17 -39.07
C ILE A 134 99.57 0.53 -38.82
N ARG A 135 100.24 -0.17 -37.90
CA ARG A 135 101.65 0.08 -37.62
C ARG A 135 102.53 -0.15 -38.85
N GLY A 136 102.03 -0.84 -39.86
CA GLY A 136 102.84 -1.27 -40.98
C GLY A 136 103.55 -2.58 -40.78
N GLU A 137 103.29 -3.27 -39.66
CA GLU A 137 103.90 -4.58 -39.43
C GLU A 137 103.19 -5.68 -40.20
N ARG A 138 101.86 -5.62 -40.27
CA ARG A 138 101.04 -6.70 -40.82
C ARG A 138 101.32 -8.02 -40.11
N VAL B 25 117.73 -32.10 -28.26
CA VAL B 25 116.74 -31.47 -29.13
C VAL B 25 115.94 -30.45 -28.31
N LEU B 26 115.35 -29.49 -29.01
CA LEU B 26 114.48 -28.48 -28.41
C LEU B 26 113.26 -28.27 -29.30
N ARG B 27 112.07 -28.31 -28.70
CA ARG B 27 110.83 -28.42 -29.46
C ARG B 27 109.67 -27.88 -28.62
N ASP B 28 108.78 -27.12 -29.26
CA ASP B 28 107.61 -26.49 -28.63
C ASP B 28 107.93 -25.36 -27.65
N ASN B 29 109.14 -24.79 -27.66
CA ASN B 29 109.49 -23.88 -26.58
C ASN B 29 108.62 -22.60 -26.53
N ILE B 30 107.86 -22.32 -27.56
CA ILE B 30 107.02 -21.14 -27.63
C ILE B 30 105.91 -21.24 -26.58
N GLN B 31 105.52 -22.46 -26.20
CA GLN B 31 104.58 -22.67 -25.11
C GLN B 31 105.16 -22.24 -23.78
N GLY B 32 106.48 -22.04 -23.69
CA GLY B 32 107.07 -21.47 -22.50
C GLY B 32 106.60 -20.07 -22.20
N ILE B 33 106.12 -19.35 -23.21
CA ILE B 33 105.44 -18.07 -23.00
C ILE B 33 104.00 -18.40 -22.62
N THR B 34 103.71 -18.38 -21.34
CA THR B 34 102.50 -18.99 -20.80
C THR B 34 101.32 -18.05 -20.85
N LYS B 35 100.14 -18.61 -20.56
CA LYS B 35 98.92 -17.80 -20.49
C LYS B 35 98.98 -16.73 -19.42
N PRO B 36 99.39 -17.01 -18.18
CA PRO B 36 99.49 -15.91 -17.19
C PRO B 36 100.59 -14.92 -17.52
N ALA B 37 101.63 -15.33 -18.24
CA ALA B 37 102.68 -14.38 -18.61
C ALA B 37 102.18 -13.39 -19.64
N ILE B 38 101.52 -13.90 -20.69
CA ILE B 38 100.85 -13.03 -21.66
C ILE B 38 99.82 -12.14 -20.96
N ARG B 39 99.16 -12.68 -19.93
CA ARG B 39 98.17 -11.92 -19.18
C ARG B 39 98.81 -10.71 -18.50
N ARG B 40 99.97 -10.90 -17.87
CA ARG B 40 100.63 -9.80 -17.18
C ARG B 40 101.05 -8.70 -18.14
N LEU B 41 101.54 -9.07 -19.32
CA LEU B 41 101.91 -8.07 -20.32
C LEU B 41 100.69 -7.28 -20.77
N ALA B 42 99.53 -7.95 -20.93
CA ALA B 42 98.31 -7.25 -21.30
C ALA B 42 97.84 -6.31 -20.21
N ARG B 43 98.03 -6.69 -18.93
CA ARG B 43 97.64 -5.81 -17.83
C ARG B 43 98.47 -4.53 -17.85
N ARG B 44 99.79 -4.67 -18.01
CA ARG B 44 100.65 -3.49 -18.14
C ARG B 44 100.28 -2.67 -19.36
N GLY B 45 99.71 -3.31 -20.39
CA GLY B 45 99.16 -2.60 -21.53
C GLY B 45 97.79 -2.00 -21.31
N GLY B 46 97.22 -2.20 -20.13
CA GLY B 46 95.93 -1.63 -19.79
C GLY B 46 94.74 -2.48 -20.18
N VAL B 47 94.95 -3.77 -20.43
CA VAL B 47 93.89 -4.66 -20.88
C VAL B 47 93.15 -5.24 -19.68
N LYS B 48 91.82 -5.19 -19.72
CA LYS B 48 90.99 -5.69 -18.64
C LYS B 48 90.52 -7.13 -18.90
N ARG B 49 90.05 -7.41 -20.11
CA ARG B 49 89.52 -8.72 -20.48
C ARG B 49 90.20 -9.23 -21.74
N ILE B 50 90.45 -10.54 -21.76
CA ILE B 50 91.28 -11.18 -22.79
C ILE B 50 90.52 -12.38 -23.34
N SER B 51 90.32 -12.39 -24.66
CA SER B 51 89.71 -13.54 -25.31
C SER B 51 90.61 -14.77 -25.19
N GLY B 52 90.00 -15.95 -25.35
CA GLY B 52 90.75 -17.19 -25.22
C GLY B 52 91.73 -17.43 -26.36
N LEU B 53 91.43 -16.88 -27.54
CA LEU B 53 92.27 -17.07 -28.72
C LEU B 53 93.49 -16.14 -28.73
N ILE B 54 93.57 -15.21 -27.79
CA ILE B 54 94.67 -14.24 -27.78
C ILE B 54 96.03 -14.92 -27.57
N TYR B 55 96.06 -15.97 -26.75
CA TYR B 55 97.33 -16.49 -26.26
C TYR B 55 98.15 -17.11 -27.38
N GLU B 56 97.53 -17.99 -28.18
CA GLU B 56 98.25 -18.55 -29.32
C GLU B 56 98.55 -17.48 -30.37
N GLU B 57 97.68 -16.48 -30.51
CA GLU B 57 97.95 -15.40 -31.44
C GLU B 57 99.16 -14.57 -30.99
N THR B 58 99.26 -14.29 -29.69
CA THR B 58 100.39 -13.53 -29.17
C THR B 58 101.69 -14.28 -29.36
N ARG B 59 101.66 -15.61 -29.24
CA ARG B 59 102.87 -16.40 -29.45
C ARG B 59 103.35 -16.30 -30.88
N GLY B 60 102.43 -16.31 -31.85
CA GLY B 60 102.82 -16.13 -33.23
C GLY B 60 103.42 -14.75 -33.50
N VAL B 61 102.85 -13.71 -32.87
CA VAL B 61 103.37 -12.37 -33.05
C VAL B 61 104.77 -12.26 -32.46
N LEU B 62 104.94 -12.69 -31.21
CA LEU B 62 106.24 -12.64 -30.56
C LEU B 62 107.28 -13.42 -31.35
N LYS B 63 106.89 -14.57 -31.92
CA LYS B 63 107.81 -15.37 -32.71
C LYS B 63 108.24 -14.62 -33.96
N VAL B 64 107.28 -13.97 -34.64
CA VAL B 64 107.62 -13.15 -35.80
C VAL B 64 108.56 -12.01 -35.39
N PHE B 65 108.30 -11.41 -34.23
CA PHE B 65 109.16 -10.33 -33.76
C PHE B 65 110.57 -10.84 -33.46
N LEU B 66 110.67 -11.94 -32.72
CA LEU B 66 111.99 -12.49 -32.38
C LEU B 66 112.75 -12.94 -33.62
N GLU B 67 112.05 -13.50 -34.60
CA GLU B 67 112.72 -13.97 -35.82
C GLU B 67 113.38 -12.82 -36.56
N ASN B 68 112.67 -11.70 -36.73
CA ASN B 68 113.20 -10.58 -37.48
C ASN B 68 114.42 -9.97 -36.78
N VAL B 69 114.39 -9.88 -35.45
CA VAL B 69 115.49 -9.25 -34.72
C VAL B 69 116.70 -10.19 -34.62
N ILE B 70 116.45 -11.44 -34.24
CA ILE B 70 117.56 -12.40 -34.09
C ILE B 70 118.24 -12.63 -35.43
N ARG B 71 117.46 -12.63 -36.53
CA ARG B 71 118.06 -12.77 -37.85
C ARG B 71 119.09 -11.68 -38.10
N ASP B 72 118.76 -10.43 -37.78
CA ASP B 72 119.70 -9.34 -37.97
C ASP B 72 120.83 -9.41 -36.96
N ALA B 73 120.52 -9.80 -35.72
CA ALA B 73 121.56 -9.93 -34.71
C ALA B 73 122.59 -10.98 -35.09
N VAL B 74 122.13 -12.13 -35.61
CA VAL B 74 123.06 -13.15 -36.07
C VAL B 74 123.85 -12.66 -37.28
N THR B 75 123.19 -11.92 -38.17
CA THR B 75 123.88 -11.38 -39.35
C THR B 75 125.03 -10.46 -38.95
N TYR B 76 124.82 -9.63 -37.92
CA TYR B 76 125.93 -8.86 -37.37
C TYR B 76 126.97 -9.77 -36.73
N THR B 77 126.51 -10.78 -35.97
CA THR B 77 127.44 -11.68 -35.29
C THR B 77 128.30 -12.43 -36.28
N GLU B 78 127.72 -12.90 -37.39
CA GLU B 78 128.50 -13.63 -38.39
C GLU B 78 129.52 -12.72 -39.07
N HIS B 79 129.15 -11.46 -39.32
CA HIS B 79 130.07 -10.54 -39.98
C HIS B 79 131.30 -10.24 -39.12
N ALA B 80 131.13 -10.26 -37.80
CA ALA B 80 132.26 -10.02 -36.89
C ALA B 80 133.10 -11.26 -36.65
N LYS B 81 132.80 -12.38 -37.33
CA LYS B 81 133.52 -13.63 -37.18
C LYS B 81 133.50 -14.09 -35.73
N ARG B 82 132.31 -14.11 -35.14
CA ARG B 82 132.12 -14.52 -33.77
C ARG B 82 131.13 -15.67 -33.68
N LYS B 83 131.26 -16.48 -32.64
CA LYS B 83 130.31 -17.53 -32.32
C LYS B 83 129.42 -17.18 -31.14
N THR B 84 129.59 -16.00 -30.56
CA THR B 84 128.79 -15.54 -29.43
C THR B 84 128.04 -14.29 -29.83
N VAL B 85 126.72 -14.31 -29.66
CA VAL B 85 125.89 -13.14 -29.96
C VAL B 85 126.01 -12.17 -28.79
N THR B 86 126.51 -10.98 -29.06
CA THR B 86 126.69 -9.96 -28.04
C THR B 86 125.45 -9.09 -27.91
N ALA B 87 125.35 -8.39 -26.78
CA ALA B 87 124.25 -7.45 -26.59
C ALA B 87 124.30 -6.32 -27.61
N MET B 88 125.50 -5.97 -28.09
CA MET B 88 125.61 -4.95 -29.11
C MET B 88 125.03 -5.42 -30.44
N ASP B 89 125.16 -6.72 -30.75
CA ASP B 89 124.51 -7.25 -31.94
C ASP B 89 123.00 -7.06 -31.87
N VAL B 90 122.40 -7.32 -30.70
CA VAL B 90 120.97 -7.13 -30.53
C VAL B 90 120.62 -5.65 -30.58
N VAL B 91 121.42 -4.81 -29.93
CA VAL B 91 121.15 -3.37 -29.91
C VAL B 91 121.20 -2.81 -31.33
N TYR B 92 122.20 -3.21 -32.12
CA TYR B 92 122.28 -2.75 -33.50
C TYR B 92 121.08 -3.25 -34.31
N ALA B 93 120.63 -4.47 -34.03
CA ALA B 93 119.50 -5.03 -34.77
C ALA B 93 118.21 -4.29 -34.42
N LEU B 94 118.00 -3.99 -33.14
CA LEU B 94 116.80 -3.27 -32.73
C LEU B 94 116.74 -1.90 -33.37
N LYS B 95 117.88 -1.21 -33.45
CA LYS B 95 117.93 0.08 -34.14
C LYS B 95 117.66 -0.06 -35.63
N ARG B 96 118.05 -1.20 -36.22
CA ARG B 96 117.75 -1.45 -37.63
C ARG B 96 116.25 -1.43 -37.88
N GLN B 97 115.48 -2.13 -37.05
CA GLN B 97 114.04 -2.21 -37.23
C GLN B 97 113.31 -0.95 -36.78
N GLY B 98 114.04 0.07 -36.31
CA GLY B 98 113.41 1.24 -35.75
C GLY B 98 112.84 1.04 -34.36
N ARG B 99 113.44 0.18 -33.54
CA ARG B 99 113.01 -0.05 -32.17
C ARG B 99 114.21 0.11 -31.23
N THR B 100 114.77 1.32 -31.22
CA THR B 100 115.99 1.60 -30.47
C THR B 100 115.80 1.31 -28.98
N LEU B 101 116.84 0.75 -28.36
CA LEU B 101 116.81 0.33 -26.96
C LEU B 101 117.96 0.99 -26.21
N TYR B 102 117.63 1.62 -25.10
CA TYR B 102 118.62 2.24 -24.21
C TYR B 102 118.94 1.31 -23.06
N GLY B 103 120.20 1.36 -22.62
CA GLY B 103 120.60 0.67 -21.40
C GLY B 103 121.37 -0.62 -21.58
N PHE B 104 121.80 -0.96 -22.79
CA PHE B 104 122.60 -2.16 -23.02
C PHE B 104 123.82 -1.87 -23.89
N GLY B 105 124.19 -0.62 -24.07
CA GLY B 105 125.30 -0.23 -24.91
C GLY B 105 124.86 0.66 -26.04
N GLY B 106 125.86 1.10 -26.81
CA GLY B 106 125.60 1.95 -27.97
C GLY B 106 125.38 3.40 -27.60
N THR C 20 136.16 -0.34 -70.15
CA THR C 20 135.32 0.10 -69.03
C THR C 20 135.15 -1.03 -68.03
N ARG C 21 134.94 -0.66 -66.76
CA ARG C 21 134.77 -1.67 -65.72
C ARG C 21 133.41 -2.35 -65.78
N SER C 22 132.43 -1.75 -66.47
CA SER C 22 131.11 -2.37 -66.57
C SER C 22 131.14 -3.61 -67.46
N SER C 23 131.84 -3.52 -68.60
CA SER C 23 131.93 -4.67 -69.50
C SER C 23 132.72 -5.81 -68.87
N ARG C 24 133.81 -5.49 -68.17
CA ARG C 24 134.59 -6.52 -67.50
C ARG C 24 133.76 -7.29 -66.48
N ALA C 25 132.77 -6.62 -65.85
CA ALA C 25 131.86 -7.26 -64.93
C ALA C 25 130.58 -7.75 -65.60
N GLY C 26 130.35 -7.40 -66.86
CA GLY C 26 129.14 -7.82 -67.54
C GLY C 26 127.89 -7.11 -67.07
N LEU C 27 127.98 -5.80 -66.85
CA LEU C 27 126.89 -5.00 -66.30
C LEU C 27 126.55 -3.87 -67.25
N GLN C 28 125.27 -3.48 -67.23
CA GLN C 28 124.83 -2.29 -67.95
C GLN C 28 125.02 -1.01 -67.14
N PHE C 29 125.12 -1.12 -65.82
CA PHE C 29 125.24 -0.04 -64.85
C PHE C 29 126.70 0.35 -64.67
N PRO C 30 126.98 1.65 -64.52
CA PRO C 30 128.36 2.14 -64.56
C PRO C 30 129.10 1.84 -63.28
N VAL C 31 130.13 0.98 -63.38
CA VAL C 31 130.95 0.68 -62.21
C VAL C 31 131.81 1.89 -61.85
N GLY C 32 132.28 2.63 -62.86
CA GLY C 32 133.10 3.79 -62.58
C GLY C 32 132.35 4.87 -61.82
N ARG C 33 131.11 5.15 -62.22
CA ARG C 33 130.31 6.14 -61.53
C ARG C 33 130.02 5.72 -60.09
N VAL C 34 129.74 4.43 -59.87
CA VAL C 34 129.43 3.95 -58.52
C VAL C 34 130.66 4.05 -57.63
N HIS C 35 131.85 3.75 -58.16
CA HIS C 35 133.06 3.89 -57.36
C HIS C 35 133.32 5.34 -57.01
N ARG C 36 133.00 6.26 -57.91
CA ARG C 36 133.17 7.69 -57.63
C ARG C 36 132.24 8.13 -56.51
N LEU C 37 130.96 7.78 -56.60
CA LEU C 37 129.99 8.21 -55.59
C LEU C 37 130.30 7.61 -54.22
N LEU C 38 130.88 6.41 -54.18
CA LEU C 38 131.21 5.80 -52.89
C LEU C 38 132.31 6.56 -52.17
N ARG C 39 133.32 7.02 -52.91
CA ARG C 39 134.38 7.83 -52.29
C ARG C 39 133.93 9.26 -52.07
N LYS C 40 133.11 9.80 -52.99
CA LYS C 40 132.60 11.15 -52.84
C LYS C 40 131.59 11.28 -51.70
N GLY C 41 130.97 10.17 -51.28
CA GLY C 41 129.88 10.23 -50.34
C GLY C 41 130.22 10.10 -48.87
N ASN C 42 131.50 10.06 -48.51
CA ASN C 42 131.94 9.94 -47.12
C ASN C 42 131.28 8.75 -46.42
N TYR C 43 131.47 7.58 -47.00
CA TYR C 43 131.00 6.34 -46.39
C TYR C 43 132.10 5.62 -45.63
N SER C 44 133.35 5.71 -46.09
CA SER C 44 134.50 5.18 -45.38
C SER C 44 135.75 5.83 -45.94
N GLU C 45 136.88 5.59 -45.27
CA GLU C 45 138.17 6.04 -45.77
C GLU C 45 138.43 5.54 -47.18
N ARG C 46 138.46 4.22 -47.34
CA ARG C 46 138.83 3.58 -48.59
C ARG C 46 137.67 2.72 -49.08
N VAL C 47 137.57 2.58 -50.41
CA VAL C 47 136.54 1.76 -51.04
C VAL C 47 137.24 0.67 -51.82
N GLY C 48 136.93 -0.58 -51.49
CA GLY C 48 137.53 -1.71 -52.18
C GLY C 48 137.20 -1.73 -53.66
N ALA C 49 137.98 -2.51 -54.40
CA ALA C 49 137.76 -2.58 -55.85
C ALA C 49 136.50 -3.37 -56.18
N GLY C 50 136.13 -4.34 -55.33
CA GLY C 50 134.95 -5.14 -55.59
C GLY C 50 133.66 -4.49 -55.13
N ALA C 51 133.73 -3.52 -54.23
CA ALA C 51 132.52 -2.89 -53.70
C ALA C 51 131.69 -2.21 -54.79
N PRO C 52 132.25 -1.37 -55.67
CA PRO C 52 131.39 -0.74 -56.70
C PRO C 52 130.81 -1.74 -57.68
N VAL C 53 131.54 -2.80 -58.01
CA VAL C 53 131.00 -3.83 -58.92
C VAL C 53 129.80 -4.52 -58.28
N TYR C 54 129.98 -5.01 -57.04
CA TYR C 54 128.90 -5.66 -56.33
C TYR C 54 127.69 -4.74 -56.23
N LEU C 55 127.91 -3.48 -55.85
CA LEU C 55 126.80 -2.54 -55.68
C LEU C 55 126.12 -2.23 -57.01
N ALA C 56 126.90 -1.99 -58.06
CA ALA C 56 126.30 -1.70 -59.37
C ALA C 56 125.54 -2.90 -59.92
N ALA C 57 125.95 -4.12 -59.55
CA ALA C 57 125.21 -5.30 -59.98
C ALA C 57 123.90 -5.44 -59.21
N VAL C 58 123.93 -5.17 -57.90
CA VAL C 58 122.70 -5.20 -57.11
C VAL C 58 121.74 -4.13 -57.60
N LEU C 59 122.26 -2.92 -57.84
CA LEU C 59 121.42 -1.85 -58.38
C LEU C 59 120.81 -2.26 -59.72
N GLU C 60 121.61 -2.88 -60.59
CA GLU C 60 121.10 -3.31 -61.89
C GLU C 60 120.09 -4.43 -61.75
N TYR C 61 120.29 -5.34 -60.80
CA TYR C 61 119.35 -6.44 -60.62
C TYR C 61 117.98 -5.92 -60.17
N LEU C 62 117.97 -5.13 -59.11
CA LEU C 62 116.71 -4.57 -58.62
C LEU C 62 116.03 -3.72 -59.69
N THR C 63 116.83 -2.99 -60.48
CA THR C 63 116.28 -2.25 -61.61
C THR C 63 115.56 -3.17 -62.57
N ALA C 64 116.19 -4.29 -62.93
CA ALA C 64 115.56 -5.25 -63.83
C ALA C 64 114.30 -5.84 -63.21
N GLU C 65 114.33 -6.10 -61.90
CA GLU C 65 113.16 -6.68 -61.22
C GLU C 65 111.95 -5.75 -61.30
N ILE C 66 112.16 -4.46 -61.05
CA ILE C 66 111.05 -3.51 -61.09
C ILE C 66 110.58 -3.30 -62.52
N LEU C 67 111.52 -3.10 -63.45
CA LEU C 67 111.16 -2.92 -64.85
C LEU C 67 110.46 -4.16 -65.41
N GLU C 68 110.86 -5.35 -64.94
CA GLU C 68 110.18 -6.58 -65.36
C GLU C 68 108.71 -6.53 -64.97
N LEU C 69 108.42 -6.26 -63.70
CA LEU C 69 107.05 -6.28 -63.21
C LEU C 69 106.26 -5.04 -63.67
N ALA C 70 106.93 -3.92 -63.88
CA ALA C 70 106.24 -2.72 -64.35
C ALA C 70 105.93 -2.79 -65.83
N GLY C 71 106.80 -3.42 -66.63
CA GLY C 71 106.46 -3.65 -68.03
C GLY C 71 105.32 -4.63 -68.19
N ASN C 72 105.20 -5.59 -67.27
CA ASN C 72 104.04 -6.48 -67.27
C ASN C 72 102.77 -5.70 -66.97
N ALA C 73 102.80 -4.81 -65.98
CA ALA C 73 101.63 -4.01 -65.66
C ALA C 73 101.22 -3.12 -66.83
N ALA C 74 102.20 -2.58 -67.56
CA ALA C 74 101.89 -1.76 -68.73
C ALA C 74 101.18 -2.57 -69.80
N ARG C 75 101.59 -3.83 -69.99
CA ARG C 75 100.94 -4.67 -70.98
C ARG C 75 99.54 -5.07 -70.53
N ASP C 76 99.36 -5.33 -69.23
CA ASP C 76 98.04 -5.65 -68.71
C ASP C 76 97.05 -4.49 -68.93
N ASN C 77 97.55 -3.24 -68.86
CA ASN C 77 96.73 -2.07 -69.10
C ASN C 77 96.75 -1.60 -70.55
N LYS C 78 97.20 -2.46 -71.47
CA LYS C 78 97.18 -2.20 -72.91
C LYS C 78 98.03 -0.99 -73.30
N LYS C 79 99.14 -0.77 -72.59
CA LYS C 79 100.09 0.28 -72.92
C LYS C 79 101.39 -0.35 -73.37
N THR C 80 102.15 0.39 -74.19
CA THR C 80 103.51 0.00 -74.54
C THR C 80 104.56 0.89 -73.88
N ARG C 81 104.15 1.81 -73.02
CA ARG C 81 105.05 2.74 -72.36
C ARG C 81 104.73 2.77 -70.86
N ILE C 82 105.77 2.71 -70.04
CA ILE C 82 105.62 2.63 -68.59
C ILE C 82 105.40 4.02 -68.02
N ILE C 83 104.31 4.19 -67.28
CA ILE C 83 104.00 5.43 -66.58
C ILE C 83 104.11 5.15 -65.08
N PRO C 84 104.11 6.18 -64.20
CA PRO C 84 104.28 5.92 -62.77
C PRO C 84 103.29 4.94 -62.18
N ARG C 85 102.05 4.91 -62.67
CA ARG C 85 101.06 3.99 -62.14
C ARG C 85 101.50 2.54 -62.34
N HIS C 86 102.13 2.25 -63.47
CA HIS C 86 102.65 0.91 -63.70
C HIS C 86 103.74 0.55 -62.70
N LEU C 87 104.57 1.53 -62.31
CA LEU C 87 105.56 1.27 -61.27
C LEU C 87 104.88 1.05 -59.91
N GLN C 88 103.80 1.77 -59.64
CA GLN C 88 103.09 1.59 -58.37
C GLN C 88 102.37 0.24 -58.33
N LEU C 89 101.67 -0.12 -59.41
CA LEU C 89 101.02 -1.43 -59.47
C LEU C 89 102.02 -2.56 -59.30
N ALA C 90 103.20 -2.44 -59.89
CA ALA C 90 104.21 -3.50 -59.78
C ALA C 90 104.70 -3.65 -58.35
N ILE C 91 105.03 -2.53 -57.71
CA ILE C 91 105.62 -2.55 -56.38
C ILE C 91 104.60 -3.00 -55.34
N ARG C 92 103.39 -2.44 -55.38
CA ARG C 92 102.41 -2.73 -54.34
C ARG C 92 101.76 -4.10 -54.51
N ASN C 93 101.83 -4.70 -55.70
CA ASN C 93 101.36 -6.07 -55.90
C ASN C 93 102.41 -7.12 -55.60
N ASP C 94 103.69 -6.76 -55.63
CA ASP C 94 104.76 -7.67 -55.26
C ASP C 94 105.05 -7.52 -53.77
N GLU C 95 105.04 -8.65 -53.06
CA GLU C 95 105.16 -8.62 -51.61
C GLU C 95 106.48 -8.00 -51.18
N GLU C 96 107.59 -8.45 -51.76
CA GLU C 96 108.91 -8.01 -51.29
C GLU C 96 109.25 -6.59 -51.74
N LEU C 97 108.83 -6.20 -52.95
CA LEU C 97 109.05 -4.82 -53.38
C LEU C 97 108.24 -3.84 -52.54
N ASN C 98 106.99 -4.18 -52.23
CA ASN C 98 106.18 -3.33 -51.37
C ASN C 98 106.81 -3.17 -49.99
N LYS C 99 107.52 -4.20 -49.51
CA LYS C 99 108.20 -4.08 -48.22
C LYS C 99 109.43 -3.18 -48.34
N LEU C 100 110.19 -3.32 -49.43
CA LEU C 100 111.38 -2.49 -49.61
C LEU C 100 111.01 -1.03 -49.72
N LEU C 101 109.87 -0.74 -50.36
CA LEU C 101 109.37 0.62 -50.51
C LEU C 101 108.14 0.85 -49.64
N GLY C 102 108.17 0.33 -48.41
CA GLY C 102 107.02 0.47 -47.52
C GLY C 102 106.79 1.88 -47.03
N ARG C 103 107.87 2.66 -46.86
CA ARG C 103 107.79 4.05 -46.45
C ARG C 103 108.08 4.98 -47.62
N VAL C 104 107.69 4.56 -48.82
CA VAL C 104 107.98 5.26 -50.06
C VAL C 104 106.67 5.61 -50.76
N THR C 105 106.59 6.84 -51.27
CA THR C 105 105.45 7.33 -52.04
C THR C 105 105.88 7.47 -53.49
N ILE C 106 105.18 6.77 -54.38
CA ILE C 106 105.42 6.82 -55.82
C ILE C 106 104.52 7.90 -56.41
N ALA C 107 105.12 8.98 -56.89
CA ALA C 107 104.34 10.09 -57.42
C ALA C 107 103.50 9.65 -58.61
N GLN C 108 102.25 10.13 -58.64
CA GLN C 108 101.28 9.78 -59.68
C GLN C 108 101.11 8.27 -59.80
N GLY C 109 101.09 7.59 -58.65
CA GLY C 109 101.01 6.15 -58.63
C GLY C 109 99.64 5.61 -58.26
N GLY C 110 98.90 6.36 -57.44
CA GLY C 110 97.60 5.92 -56.98
C GLY C 110 97.69 4.81 -55.95
N VAL C 111 96.58 4.07 -55.82
CA VAL C 111 96.46 2.96 -54.89
C VAL C 111 95.94 1.74 -55.64
N LEU C 112 96.00 0.60 -54.96
CA LEU C 112 95.42 -0.62 -55.51
C LEU C 112 93.91 -0.62 -55.29
N PRO C 113 93.12 -1.00 -56.31
CA PRO C 113 91.68 -1.14 -56.10
C PRO C 113 91.36 -2.20 -55.06
N ASN C 114 90.82 -1.78 -53.91
CA ASN C 114 90.53 -2.70 -52.83
C ASN C 114 89.40 -2.11 -52.00
N ILE C 115 88.20 -2.64 -52.17
CA ILE C 115 87.04 -2.24 -51.38
C ILE C 115 86.84 -3.29 -50.28
N GLN C 116 86.67 -2.83 -49.05
CA GLN C 116 86.42 -3.74 -47.95
C GLN C 116 85.08 -4.45 -48.14
N ALA C 117 85.00 -5.69 -47.62
CA ALA C 117 83.87 -6.55 -47.95
C ALA C 117 82.56 -6.04 -47.36
N VAL C 118 82.58 -5.60 -46.09
CA VAL C 118 81.35 -5.20 -45.42
C VAL C 118 80.71 -3.99 -46.08
N LEU C 119 81.44 -3.28 -46.94
CA LEU C 119 80.88 -2.17 -47.68
C LEU C 119 80.12 -2.61 -48.94
N LEU C 120 80.28 -3.85 -49.37
CA LEU C 120 79.59 -4.36 -50.54
C LEU C 120 78.12 -4.64 -50.23
N PRO C 121 77.21 -4.31 -51.13
CA PRO C 121 75.79 -4.62 -50.90
C PRO C 121 75.54 -6.11 -50.96
N LYS C 122 74.56 -6.56 -50.17
CA LYS C 122 74.24 -7.98 -50.09
C LYS C 122 72.85 -8.24 -50.67
N LYS D 34 123.91 29.20 -72.71
CA LYS D 34 124.80 28.26 -72.03
C LYS D 34 124.07 26.96 -71.70
N ARG D 35 124.63 26.19 -70.77
CA ARG D 35 124.11 24.87 -70.44
C ARG D 35 124.64 24.44 -69.07
N SER D 36 123.84 23.62 -68.39
CA SER D 36 124.22 23.05 -67.10
C SER D 36 124.01 21.54 -67.14
N ARG D 37 124.83 20.83 -66.37
CA ARG D 37 124.99 19.39 -66.53
C ARG D 37 124.54 18.70 -65.24
N LYS D 38 123.58 17.78 -65.37
CA LYS D 38 123.07 17.01 -64.23
C LYS D 38 123.08 15.54 -64.60
N GLU D 39 123.67 14.72 -63.73
CA GLU D 39 123.81 13.29 -63.98
C GLU D 39 122.57 12.53 -63.52
N SER D 40 122.30 11.42 -64.20
CA SER D 40 121.22 10.52 -63.82
C SER D 40 121.52 9.15 -64.39
N TYR D 41 120.79 8.14 -63.90
CA TYR D 41 120.93 6.77 -64.35
C TYR D 41 120.04 6.46 -65.56
N SER D 42 119.66 7.48 -66.32
CA SER D 42 118.62 7.30 -67.34
C SER D 42 119.09 6.39 -68.47
N ILE D 43 120.35 6.50 -68.89
CA ILE D 43 120.83 5.70 -70.01
C ILE D 43 120.97 4.24 -69.61
N TYR D 44 121.34 3.98 -68.36
CA TYR D 44 121.52 2.60 -67.91
C TYR D 44 120.19 1.92 -67.64
N VAL D 45 119.18 2.67 -67.17
CA VAL D 45 117.84 2.12 -67.05
C VAL D 45 117.29 1.73 -68.42
N TYR D 46 117.57 2.55 -69.43
CA TYR D 46 117.17 2.22 -70.80
C TYR D 46 117.84 0.93 -71.26
N LYS D 47 119.16 0.82 -71.04
CA LYS D 47 119.89 -0.37 -71.45
C LYS D 47 119.36 -1.62 -70.78
N VAL D 48 119.01 -1.52 -69.49
CA VAL D 48 118.45 -2.67 -68.78
C VAL D 48 117.02 -2.93 -69.23
N LEU D 49 116.27 -1.86 -69.50
CA LEU D 49 114.90 -2.02 -70.00
C LEU D 49 114.88 -2.78 -71.32
N LYS D 50 115.89 -2.56 -72.18
CA LYS D 50 115.94 -3.30 -73.44
C LYS D 50 116.26 -4.76 -73.24
N GLN D 51 116.96 -5.11 -72.15
CA GLN D 51 117.21 -6.52 -71.86
C GLN D 51 115.92 -7.25 -71.50
N VAL D 52 115.14 -6.69 -70.58
CA VAL D 52 113.95 -7.36 -70.07
C VAL D 52 112.71 -7.10 -70.93
N HIS D 53 112.66 -5.97 -71.63
CA HIS D 53 111.52 -5.60 -72.48
C HIS D 53 112.03 -4.88 -73.72
N PRO D 54 112.44 -5.63 -74.73
CA PRO D 54 113.02 -4.97 -75.92
C PRO D 54 112.01 -4.11 -76.67
N ASP D 55 110.72 -4.42 -76.59
CA ASP D 55 109.69 -3.76 -77.38
C ASP D 55 108.84 -2.79 -76.56
N THR D 56 109.40 -2.21 -75.49
CA THR D 56 108.64 -1.35 -74.61
C THR D 56 109.52 -0.21 -74.13
N GLY D 57 108.94 0.99 -74.07
CA GLY D 57 109.63 2.18 -73.64
C GLY D 57 109.16 2.67 -72.29
N ILE D 58 109.49 3.94 -72.01
CA ILE D 58 109.25 4.52 -70.69
C ILE D 58 109.08 6.02 -70.84
N SER D 59 108.20 6.59 -70.02
CA SER D 59 107.97 8.03 -70.01
C SER D 59 109.02 8.72 -69.15
N SER D 60 109.05 10.05 -69.23
CA SER D 60 110.01 10.82 -68.45
C SER D 60 109.67 10.78 -66.96
N LYS D 61 108.39 10.84 -66.61
CA LYS D 61 108.00 10.76 -65.20
C LYS D 61 108.40 9.43 -64.58
N ALA D 62 108.11 8.32 -65.26
CA ALA D 62 108.53 7.02 -64.78
C ALA D 62 110.05 6.91 -64.75
N MET D 63 110.73 7.61 -65.66
CA MET D 63 112.19 7.63 -65.65
C MET D 63 112.72 8.34 -64.42
N GLY D 64 112.03 9.39 -63.97
CA GLY D 64 112.45 10.09 -62.76
C GLY D 64 112.24 9.28 -61.51
N ILE D 65 111.23 8.40 -61.51
CA ILE D 65 111.01 7.54 -60.35
C ILE D 65 112.08 6.46 -60.28
N MET D 66 112.44 5.89 -61.43
CA MET D 66 113.55 4.93 -61.47
C MET D 66 114.85 5.58 -61.01
N ASN D 67 115.06 6.84 -61.36
CA ASN D 67 116.26 7.54 -60.90
C ASN D 67 116.23 7.73 -59.39
N SER D 68 115.07 8.13 -58.85
CA SER D 68 114.93 8.23 -57.41
C SER D 68 115.10 6.86 -56.74
N PHE D 69 114.60 5.80 -57.38
CA PHE D 69 114.69 4.47 -56.80
C PHE D 69 116.14 4.00 -56.69
N VAL D 70 116.93 4.23 -57.73
CA VAL D 70 118.33 3.79 -57.72
C VAL D 70 119.12 4.56 -56.67
N ASN D 71 118.97 5.88 -56.64
CA ASN D 71 119.68 6.68 -55.63
C ASN D 71 119.29 6.27 -54.21
N ASP D 72 118.00 6.08 -53.95
CA ASP D 72 117.57 5.71 -52.60
C ASP D 72 118.18 4.38 -52.16
N ILE D 73 118.07 3.34 -53.01
CA ILE D 73 118.64 2.05 -52.65
C ILE D 73 120.15 2.15 -52.59
N PHE D 74 120.75 3.02 -53.41
CA PHE D 74 122.18 3.31 -53.27
C PHE D 74 122.50 3.81 -51.87
N GLU D 75 121.82 4.87 -51.43
CA GLU D 75 122.05 5.42 -50.11
C GLU D 75 121.80 4.39 -49.02
N ARG D 76 120.76 3.57 -49.17
CA ARG D 76 120.40 2.65 -48.10
C ARG D 76 121.45 1.56 -47.92
N ILE D 77 121.92 0.97 -49.02
CA ILE D 77 122.97 -0.03 -48.93
C ILE D 77 124.28 0.62 -48.49
N ALA D 78 124.62 1.77 -49.07
CA ALA D 78 125.86 2.44 -48.72
C ALA D 78 125.88 2.87 -47.26
N GLY D 79 124.74 3.36 -46.77
CA GLY D 79 124.66 3.73 -45.36
C GLY D 79 124.77 2.52 -44.45
N GLU D 80 124.10 1.43 -44.80
CA GLU D 80 124.20 0.21 -44.01
C GLU D 80 125.63 -0.34 -44.01
N ALA D 81 126.28 -0.33 -45.18
CA ALA D 81 127.67 -0.75 -45.25
C ALA D 81 128.59 0.18 -44.46
N SER D 82 128.27 1.48 -44.43
CA SER D 82 129.07 2.42 -43.65
C SER D 82 128.99 2.10 -42.17
N ARG D 83 127.80 1.76 -41.68
CA ARG D 83 127.65 1.40 -40.27
C ARG D 83 128.31 0.06 -39.97
N LEU D 84 128.22 -0.89 -40.91
CA LEU D 84 128.89 -2.16 -40.73
C LEU D 84 130.38 -2.00 -40.49
N ALA D 85 131.03 -1.13 -41.27
CA ALA D 85 132.46 -0.91 -41.11
C ALA D 85 132.78 -0.27 -39.77
N HIS D 86 131.99 0.73 -39.37
CA HIS D 86 132.22 1.39 -38.09
C HIS D 86 131.97 0.44 -36.92
N TYR D 87 130.95 -0.41 -37.03
CA TYR D 87 130.65 -1.36 -35.95
C TYR D 87 131.81 -2.29 -35.69
N ASN D 88 132.53 -2.70 -36.74
CA ASN D 88 133.64 -3.62 -36.62
C ASN D 88 134.99 -2.92 -36.65
N LYS D 89 135.01 -1.60 -36.53
CA LYS D 89 136.24 -0.82 -36.43
C LYS D 89 137.13 -1.01 -37.66
N ARG D 90 136.51 -0.93 -38.83
CA ARG D 90 137.23 -1.07 -40.10
C ARG D 90 137.13 0.23 -40.88
N SER D 91 138.20 0.54 -41.62
CA SER D 91 138.28 1.76 -42.41
C SER D 91 137.82 1.58 -43.85
N THR D 92 137.53 0.35 -44.27
CA THR D 92 137.25 0.06 -45.67
C THR D 92 135.86 -0.55 -45.81
N ILE D 93 135.16 -0.16 -46.87
CA ILE D 93 133.91 -0.79 -47.29
C ILE D 93 134.25 -1.67 -48.49
N THR D 94 134.33 -2.98 -48.27
CA THR D 94 134.60 -3.94 -49.33
C THR D 94 133.28 -4.59 -49.76
N SER D 95 133.38 -5.48 -50.76
CA SER D 95 132.21 -6.18 -51.25
C SER D 95 131.52 -6.98 -50.15
N ARG D 96 132.29 -7.44 -49.15
CA ARG D 96 131.69 -8.17 -48.04
C ARG D 96 130.77 -7.29 -47.21
N GLU D 97 131.06 -6.00 -47.11
CA GLU D 97 130.15 -5.08 -46.44
C GLU D 97 128.91 -4.83 -47.29
N ILE D 98 129.09 -4.69 -48.60
CA ILE D 98 127.94 -4.55 -49.49
C ILE D 98 127.08 -5.80 -49.46
N GLN D 99 127.71 -6.97 -49.36
CA GLN D 99 126.96 -8.22 -49.31
C GLN D 99 126.10 -8.30 -48.05
N THR D 100 126.69 -8.00 -46.89
CA THR D 100 125.92 -8.05 -45.65
C THR D 100 124.86 -6.96 -45.63
N ALA D 101 125.19 -5.77 -46.16
CA ALA D 101 124.21 -4.69 -46.22
C ALA D 101 123.01 -5.09 -47.08
N VAL D 102 123.25 -5.84 -48.16
CA VAL D 102 122.16 -6.33 -48.99
C VAL D 102 121.29 -7.32 -48.21
N ARG D 103 121.91 -8.15 -47.37
CA ARG D 103 121.14 -9.15 -46.63
C ARG D 103 120.37 -8.53 -45.47
N LEU D 104 120.89 -7.46 -44.87
CA LEU D 104 120.13 -6.75 -43.83
C LEU D 104 118.97 -5.96 -44.44
N LEU D 105 119.22 -5.29 -45.57
CA LEU D 105 118.20 -4.43 -46.18
C LEU D 105 117.15 -5.25 -46.90
N LEU D 106 117.55 -5.97 -47.94
CA LEU D 106 116.59 -6.57 -48.85
C LEU D 106 115.86 -7.73 -48.17
N PRO D 107 114.60 -7.98 -48.56
CA PRO D 107 113.86 -9.11 -47.99
C PRO D 107 114.17 -10.42 -48.70
N GLY D 108 114.36 -11.46 -47.89
CA GLY D 108 114.54 -12.85 -48.32
C GLY D 108 114.92 -13.14 -49.75
N GLU D 109 113.91 -13.43 -50.59
CA GLU D 109 114.17 -13.83 -51.97
C GLU D 109 114.83 -12.73 -52.77
N LEU D 110 114.50 -11.47 -52.49
CA LEU D 110 115.14 -10.36 -53.18
C LEU D 110 116.65 -10.31 -52.88
N ALA D 111 117.04 -10.69 -51.67
CA ALA D 111 118.45 -10.66 -51.29
C ALA D 111 119.24 -11.84 -51.87
N LYS D 112 118.61 -13.02 -51.96
CA LYS D 112 119.30 -14.19 -52.49
C LYS D 112 119.75 -13.97 -53.93
N HIS D 113 118.85 -13.45 -54.77
CA HIS D 113 119.24 -13.15 -56.14
C HIS D 113 120.26 -12.02 -56.18
N ALA D 114 120.13 -11.03 -55.30
CA ALA D 114 121.04 -9.90 -55.29
C ALA D 114 122.46 -10.35 -54.89
N VAL D 115 122.57 -11.25 -53.92
CA VAL D 115 123.87 -11.77 -53.53
C VAL D 115 124.49 -12.55 -54.69
N SER D 116 123.65 -13.25 -55.45
CA SER D 116 124.14 -13.98 -56.62
C SER D 116 124.69 -13.03 -57.66
N GLU D 117 123.86 -12.07 -58.10
CA GLU D 117 124.31 -11.11 -59.11
C GLU D 117 125.53 -10.33 -58.64
N GLY D 118 125.60 -10.03 -57.34
CA GLY D 118 126.76 -9.32 -56.82
C GLY D 118 128.02 -10.16 -56.84
N THR D 119 127.94 -11.38 -56.28
CA THR D 119 129.09 -12.27 -56.29
C THR D 119 129.47 -12.68 -57.71
N LYS D 120 128.48 -12.83 -58.59
CA LYS D 120 128.77 -13.19 -59.97
C LYS D 120 129.58 -12.09 -60.67
N ALA D 121 129.14 -10.84 -60.54
CA ALA D 121 129.82 -9.74 -61.20
C ALA D 121 131.21 -9.51 -60.62
N VAL D 122 131.36 -9.68 -59.30
CA VAL D 122 132.67 -9.53 -58.68
C VAL D 122 133.63 -10.59 -59.19
N THR D 123 133.14 -11.83 -59.33
CA THR D 123 133.97 -12.89 -59.88
C THR D 123 134.42 -12.55 -61.30
N LYS D 124 133.46 -12.24 -62.17
CA LYS D 124 133.77 -11.91 -63.56
C LYS D 124 134.69 -10.70 -63.66
N TYR D 125 134.67 -9.81 -62.67
CA TYR D 125 135.49 -8.59 -62.75
C TYR D 125 136.94 -8.89 -62.41
N THR D 126 137.19 -9.37 -61.18
CA THR D 126 138.54 -9.78 -60.81
C THR D 126 139.11 -10.83 -61.78
N SER D 127 138.25 -11.52 -62.52
CA SER D 127 138.65 -12.50 -63.52
C SER D 127 138.64 -11.89 -64.91
N ALA D 128 139.12 -10.64 -64.98
CA ALA D 128 139.31 -9.91 -66.24
C ALA D 128 140.24 -8.74 -66.01
N LYS D 129 140.97 -8.74 -64.89
CA LYS D 129 141.85 -7.67 -64.40
C LYS D 129 142.49 -6.80 -65.48
N PRO E 42 60.84 10.45 -61.47
CA PRO E 42 62.29 10.67 -61.45
C PRO E 42 63.10 9.37 -61.52
N HIS E 43 64.12 9.26 -60.67
CA HIS E 43 64.90 8.05 -60.48
C HIS E 43 65.87 8.29 -59.34
N ARG E 44 66.13 7.24 -58.56
CA ARG E 44 67.01 7.39 -57.40
C ARG E 44 67.65 6.04 -57.08
N TYR E 45 68.98 6.03 -56.98
CA TYR E 45 69.68 4.84 -56.51
C TYR E 45 69.60 4.77 -54.99
N ARG E 46 69.68 3.56 -54.47
CA ARG E 46 69.71 3.38 -53.02
C ARG E 46 71.00 3.99 -52.46
N PRO E 47 70.93 4.65 -51.30
CA PRO E 47 72.13 5.29 -50.74
C PRO E 47 73.26 4.28 -50.53
N GLY E 48 74.43 4.60 -51.07
CA GLY E 48 75.56 3.69 -51.06
C GLY E 48 75.97 3.18 -52.42
N THR E 49 75.14 3.35 -53.45
CA THR E 49 75.45 2.81 -54.77
C THR E 49 76.47 3.68 -55.50
N VAL E 50 76.23 5.00 -55.56
CA VAL E 50 77.20 5.90 -56.19
C VAL E 50 78.44 6.03 -55.32
N ALA E 51 78.31 5.84 -54.02
CA ALA E 51 79.49 5.80 -53.15
C ALA E 51 80.43 4.68 -53.59
N LEU E 52 79.86 3.51 -53.91
CA LEU E 52 80.67 2.41 -54.43
C LEU E 52 81.17 2.72 -55.83
N ARG E 53 80.33 3.36 -56.65
CA ARG E 53 80.77 3.74 -57.99
C ARG E 53 81.94 4.72 -57.92
N GLU E 54 81.92 5.63 -56.95
CA GLU E 54 83.01 6.59 -56.80
C GLU E 54 84.27 5.92 -56.24
N ILE E 55 84.11 4.91 -55.38
CA ILE E 55 85.27 4.19 -54.88
C ILE E 55 85.99 3.48 -56.02
N ARG E 56 85.23 2.74 -56.84
CA ARG E 56 85.82 2.08 -57.99
C ARG E 56 86.45 3.09 -58.95
N ARG E 57 85.79 4.24 -59.15
CA ARG E 57 86.30 5.25 -60.07
C ARG E 57 87.63 5.82 -59.60
N TYR E 58 87.68 6.29 -58.35
CA TYR E 58 88.87 6.98 -57.86
C TYR E 58 89.99 6.03 -57.48
N GLN E 59 89.70 4.74 -57.30
CA GLN E 59 90.76 3.75 -57.18
C GLN E 59 91.28 3.28 -58.52
N LYS E 60 90.63 3.67 -59.62
CA LYS E 60 91.14 3.39 -60.96
C LYS E 60 92.04 4.48 -61.50
N SER E 61 91.86 5.71 -61.04
CA SER E 61 92.58 6.86 -61.56
C SER E 61 93.71 7.27 -60.63
N THR E 62 94.56 8.18 -61.11
CA THR E 62 95.73 8.62 -60.36
C THR E 62 95.84 10.14 -60.25
N GLU E 63 94.93 10.91 -60.85
CA GLU E 63 95.03 12.35 -60.81
C GLU E 63 94.76 12.88 -59.40
N LEU E 64 95.29 14.05 -59.12
CA LEU E 64 95.12 14.66 -57.80
C LEU E 64 93.66 15.01 -57.57
N LEU E 65 93.25 14.94 -56.30
CA LEU E 65 91.85 15.11 -55.93
C LEU E 65 91.55 16.45 -55.26
N ILE E 66 92.56 17.16 -54.81
CA ILE E 66 92.41 18.50 -54.26
C ILE E 66 92.66 19.52 -55.35
N ARG E 67 91.82 20.55 -55.39
CA ARG E 67 92.02 21.65 -56.35
C ARG E 67 93.33 22.35 -56.06
N LYS E 68 94.12 22.58 -57.12
CA LYS E 68 95.52 22.95 -56.95
C LYS E 68 95.69 24.32 -56.32
N LEU E 69 94.85 25.29 -56.68
CA LEU E 69 95.04 26.66 -56.20
C LEU E 69 94.69 26.80 -54.72
N PRO E 70 93.56 26.24 -54.24
CA PRO E 70 93.33 26.28 -52.79
C PRO E 70 94.42 25.61 -51.98
N PHE E 71 94.96 24.49 -52.47
CA PHE E 71 96.07 23.83 -51.79
C PHE E 71 97.30 24.72 -51.79
N GLN E 72 97.59 25.38 -52.92
CA GLN E 72 98.77 26.22 -53.01
C GLN E 72 98.68 27.41 -52.07
N ARG E 73 97.50 28.04 -51.97
CA ARG E 73 97.33 29.15 -51.04
C ARG E 73 97.45 28.69 -49.59
N LEU E 74 97.00 27.46 -49.30
CA LEU E 74 97.18 26.91 -47.97
C LEU E 74 98.65 26.67 -47.65
N VAL E 75 99.42 26.21 -48.63
CA VAL E 75 100.85 25.99 -48.43
C VAL E 75 101.56 27.30 -48.14
N ARG E 76 101.22 28.35 -48.90
CA ARG E 76 101.87 29.64 -48.69
C ARG E 76 101.52 30.23 -47.34
N GLU E 77 100.28 30.04 -46.89
CA GLU E 77 99.90 30.56 -45.57
C GLU E 77 100.63 29.83 -44.46
N ILE E 78 100.74 28.50 -44.57
CA ILE E 78 101.45 27.72 -43.55
C ILE E 78 102.94 28.07 -43.55
N ALA E 79 103.51 28.27 -44.73
CA ALA E 79 104.94 28.58 -44.82
C ALA E 79 105.26 29.97 -44.28
N GLN E 80 104.34 30.92 -44.45
CA GLN E 80 104.58 32.28 -43.98
C GLN E 80 104.77 32.34 -42.47
N ASP E 81 104.08 31.46 -41.73
CA ASP E 81 104.24 31.44 -40.28
C ASP E 81 105.59 30.89 -39.83
N PHE E 82 106.42 30.41 -40.75
CA PHE E 82 107.78 29.98 -40.44
C PHE E 82 108.83 30.97 -40.92
N LYS E 83 108.69 31.48 -42.13
CA LYS E 83 109.59 32.50 -42.65
C LYS E 83 108.81 33.38 -43.62
N THR E 84 108.93 34.69 -43.46
CA THR E 84 108.19 35.63 -44.30
C THR E 84 108.93 35.85 -45.62
N ASP E 85 108.17 36.30 -46.62
CA ASP E 85 108.69 36.58 -47.95
C ASP E 85 109.38 35.35 -48.54
N LEU E 86 108.61 34.38 -48.99
CA LEU E 86 109.13 33.16 -49.56
C LEU E 86 108.46 32.87 -50.90
N ARG E 87 109.24 32.33 -51.83
CA ARG E 87 108.73 31.88 -53.11
C ARG E 87 108.77 30.36 -53.17
N PHE E 88 107.88 29.79 -53.98
CA PHE E 88 107.76 28.34 -54.10
C PHE E 88 107.92 27.94 -55.56
N GLN E 89 108.76 26.94 -55.81
CA GLN E 89 108.76 26.27 -57.10
C GLN E 89 107.41 25.58 -57.30
N SER E 90 106.91 25.61 -58.54
CA SER E 90 105.66 24.92 -58.84
C SER E 90 105.79 23.43 -58.56
N SER E 91 106.95 22.85 -58.88
CA SER E 91 107.17 21.43 -58.60
C SER E 91 107.21 21.17 -57.09
N ALA E 92 107.62 22.17 -56.30
CA ALA E 92 107.61 22.00 -54.85
C ALA E 92 106.18 21.90 -54.32
N VAL E 93 105.28 22.74 -54.84
CA VAL E 93 103.89 22.65 -54.42
C VAL E 93 103.25 21.36 -54.92
N MET E 94 103.64 20.93 -56.13
CA MET E 94 103.13 19.66 -56.65
C MET E 94 103.65 18.49 -55.83
N ALA E 95 104.90 18.55 -55.39
CA ALA E 95 105.43 17.51 -54.51
C ALA E 95 104.69 17.48 -53.18
N LEU E 96 104.39 18.66 -52.62
CA LEU E 96 103.65 18.71 -51.37
C LEU E 96 102.23 18.18 -51.53
N GLN E 97 101.63 18.38 -52.70
CA GLN E 97 100.26 17.90 -52.92
C GLN E 97 100.22 16.40 -53.13
N GLU E 98 101.17 15.86 -53.90
CA GLU E 98 101.25 14.41 -54.09
C GLU E 98 101.42 13.68 -52.75
N ALA E 99 102.32 14.19 -51.90
CA ALA E 99 102.60 13.52 -50.64
C ALA E 99 101.42 13.62 -49.68
N CYS E 100 100.78 14.79 -49.58
CA CYS E 100 99.67 14.95 -48.65
C CYS E 100 98.48 14.08 -49.03
N GLU E 101 98.15 14.02 -50.31
CA GLU E 101 97.00 13.24 -50.74
C GLU E 101 97.25 11.75 -50.53
N ALA E 102 98.45 11.28 -50.83
CA ALA E 102 98.80 9.88 -50.54
C ALA E 102 98.72 9.61 -49.05
N TYR E 103 99.22 10.54 -48.23
CA TYR E 103 99.08 10.40 -46.78
C TYR E 103 97.62 10.34 -46.37
N LEU E 104 96.78 11.18 -46.97
CA LEU E 104 95.37 11.21 -46.60
C LEU E 104 94.64 9.97 -47.11
N VAL E 105 94.97 9.51 -48.31
CA VAL E 105 94.33 8.30 -48.85
C VAL E 105 94.68 7.10 -47.98
N GLY E 106 95.96 6.95 -47.64
CA GLY E 106 96.36 5.85 -46.77
C GLY E 106 95.76 5.95 -45.39
N LEU E 107 95.69 7.16 -44.84
CA LEU E 107 95.09 7.34 -43.52
C LEU E 107 93.61 6.99 -43.54
N PHE E 108 92.92 7.29 -44.65
CA PHE E 108 91.52 6.91 -44.76
C PHE E 108 91.36 5.40 -44.88
N GLU E 109 92.37 4.70 -45.40
CA GLU E 109 92.33 3.24 -45.42
C GLU E 109 92.35 2.68 -44.00
N ASP E 110 93.29 3.15 -43.19
CA ASP E 110 93.35 2.70 -41.79
C ASP E 110 92.12 3.15 -41.02
N THR E 111 91.66 4.38 -41.26
CA THR E 111 90.45 4.87 -40.62
C THR E 111 89.25 3.97 -40.96
N ASN E 112 89.16 3.52 -42.21
CA ASN E 112 88.07 2.64 -42.60
C ASN E 112 88.14 1.30 -41.87
N LEU E 113 89.36 0.78 -41.70
CA LEU E 113 89.52 -0.48 -40.96
C LEU E 113 89.11 -0.33 -39.50
N CYS E 114 89.34 0.85 -38.91
CA CYS E 114 88.90 1.08 -37.53
C CYS E 114 87.39 1.12 -37.43
N ALA E 115 86.72 1.77 -38.39
CA ALA E 115 85.26 1.82 -38.37
C ALA E 115 84.66 0.44 -38.55
N ILE E 116 85.19 -0.35 -39.50
CA ILE E 116 84.74 -1.72 -39.68
C ILE E 116 84.99 -2.54 -38.41
N HIS E 117 86.09 -2.25 -37.72
CA HIS E 117 86.39 -2.96 -36.48
C HIS E 117 85.30 -2.73 -35.44
N ALA E 118 84.72 -1.53 -35.41
CA ALA E 118 83.60 -1.21 -34.53
C ALA E 118 82.26 -1.58 -35.13
N LYS E 119 82.22 -2.57 -36.01
CA LYS E 119 80.99 -3.06 -36.65
C LYS E 119 80.27 -1.96 -37.42
N ARG E 120 80.98 -0.91 -37.81
CA ARG E 120 80.37 0.27 -38.43
C ARG E 120 80.79 0.39 -39.89
N VAL E 121 79.94 1.06 -40.67
CA VAL E 121 80.25 1.37 -42.06
C VAL E 121 80.73 2.82 -42.20
N THR E 122 80.31 3.68 -41.29
CA THR E 122 80.64 5.10 -41.34
C THR E 122 81.93 5.38 -40.56
N ILE E 123 82.84 6.12 -41.18
CA ILE E 123 84.04 6.58 -40.51
C ILE E 123 83.72 7.78 -39.64
N MET E 124 84.41 7.91 -38.52
CA MET E 124 84.17 8.95 -37.54
C MET E 124 85.52 9.45 -37.04
N PRO E 125 85.56 10.67 -36.47
CA PRO E 125 86.84 11.20 -35.96
C PRO E 125 87.54 10.26 -34.99
N LYS E 126 86.79 9.44 -34.25
CA LYS E 126 87.42 8.48 -33.35
C LYS E 126 88.24 7.45 -34.13
N ASP E 127 87.81 7.10 -35.34
CA ASP E 127 88.59 6.18 -36.17
C ASP E 127 89.91 6.79 -36.58
N ILE E 128 89.90 8.07 -36.95
CA ILE E 128 91.13 8.76 -37.32
C ILE E 128 92.06 8.87 -36.13
N GLN E 129 91.53 9.29 -34.97
CA GLN E 129 92.36 9.45 -33.79
C GLN E 129 92.94 8.12 -33.33
N LEU E 130 92.17 7.04 -33.46
CA LEU E 130 92.71 5.72 -33.16
C LEU E 130 93.80 5.34 -34.15
N ALA E 131 93.58 5.64 -35.44
CA ALA E 131 94.58 5.31 -36.46
C ALA E 131 95.88 6.06 -36.21
N ARG E 132 95.80 7.37 -35.97
CA ARG E 132 97.00 8.15 -35.71
C ARG E 132 97.67 7.77 -34.40
N ARG E 133 96.87 7.39 -33.39
CA ARG E 133 97.42 6.92 -32.13
C ARG E 133 98.30 5.69 -32.33
N ILE E 134 97.82 4.73 -33.13
CA ILE E 134 98.58 3.51 -33.39
C ILE E 134 99.77 3.82 -34.29
N ARG E 135 99.59 4.74 -35.25
CA ARG E 135 100.68 5.09 -36.16
C ARG E 135 101.85 5.74 -35.43
N GLY E 136 101.66 6.18 -34.19
CA GLY E 136 102.69 6.89 -33.47
C GLY E 136 102.71 8.38 -33.68
N GLU E 137 101.79 8.91 -34.51
CA GLU E 137 101.72 10.35 -34.72
C GLU E 137 101.05 11.04 -33.52
N ARG E 138 99.87 10.55 -33.14
CA ARG E 138 99.23 11.02 -31.93
C ARG E 138 99.86 10.37 -30.71
N ALA E 139 99.72 11.01 -29.56
CA ALA E 139 100.28 10.50 -28.32
C ALA E 139 99.24 9.71 -27.53
N VAL F 25 96.72 40.19 -47.67
CA VAL F 25 96.56 39.24 -46.58
C VAL F 25 95.96 37.95 -47.12
N LEU F 26 96.18 36.86 -46.38
CA LEU F 26 95.61 35.56 -46.70
C LEU F 26 95.11 34.90 -45.42
N ARG F 27 93.87 34.40 -45.45
CA ARG F 27 93.17 34.01 -44.24
C ARG F 27 92.08 33.00 -44.59
N ASP F 28 91.96 31.96 -43.76
CA ASP F 28 90.97 30.88 -43.92
C ASP F 28 91.22 29.95 -45.13
N ASN F 29 92.41 30.00 -45.71
CA ASN F 29 92.71 29.18 -46.88
C ASN F 29 92.44 27.67 -46.78
N ILE F 30 92.35 27.13 -45.57
CA ILE F 30 92.16 25.70 -45.39
C ILE F 30 90.78 25.28 -45.88
N GLN F 31 89.80 26.20 -45.85
CA GLN F 31 88.48 25.91 -46.41
C GLN F 31 88.52 25.70 -47.92
N GLY F 32 89.60 26.12 -48.58
CA GLY F 32 89.78 25.78 -49.98
C GLY F 32 89.91 24.29 -50.20
N ILE F 33 90.25 23.53 -49.17
CA ILE F 33 90.18 22.07 -49.21
C ILE F 33 88.72 21.72 -49.03
N THR F 34 88.02 21.53 -50.14
CA THR F 34 86.56 21.52 -50.13
C THR F 34 86.01 20.17 -49.70
N LYS F 35 84.70 20.16 -49.44
CA LYS F 35 83.99 18.92 -49.11
C LYS F 35 84.05 17.89 -50.22
N PRO F 36 83.80 18.21 -51.50
CA PRO F 36 83.94 17.17 -52.54
C PRO F 36 85.38 16.70 -52.70
N ALA F 37 86.37 17.55 -52.39
CA ALA F 37 87.76 17.13 -52.45
C ALA F 37 88.08 16.09 -51.38
N ILE F 38 87.65 16.36 -50.14
CA ILE F 38 87.81 15.37 -49.07
C ILE F 38 87.06 14.09 -49.41
N ARG F 39 85.91 14.21 -50.07
CA ARG F 39 85.14 13.03 -50.46
C ARG F 39 85.91 12.17 -51.44
N ARG F 40 86.57 12.79 -52.42
CA ARG F 40 87.33 12.03 -53.41
C ARG F 40 88.47 11.26 -52.77
N LEU F 41 89.18 11.89 -51.82
CA LEU F 41 90.27 11.19 -51.13
C LEU F 41 89.76 10.00 -50.34
N ALA F 42 88.60 10.15 -49.69
CA ALA F 42 88.03 9.04 -48.92
C ALA F 42 87.62 7.90 -49.83
N ARG F 43 87.09 8.21 -51.03
CA ARG F 43 86.72 7.16 -51.96
C ARG F 43 87.93 6.37 -52.41
N ARG F 44 89.03 7.06 -52.71
CA ARG F 44 90.27 6.36 -53.05
C ARG F 44 90.79 5.56 -51.86
N GLY F 45 90.50 6.01 -50.64
CA GLY F 45 90.81 5.22 -49.47
C GLY F 45 89.84 4.08 -49.21
N GLY F 46 88.77 3.99 -49.99
CA GLY F 46 87.81 2.91 -49.83
C GLY F 46 86.67 3.18 -48.89
N VAL F 47 86.36 4.44 -48.60
CA VAL F 47 85.30 4.78 -47.65
C VAL F 47 83.98 4.90 -48.41
N LYS F 48 82.94 4.27 -47.88
CA LYS F 48 81.62 4.29 -48.50
C LYS F 48 80.74 5.40 -47.94
N ARG F 49 80.71 5.56 -46.62
CA ARG F 49 79.86 6.55 -45.98
C ARG F 49 80.73 7.45 -45.11
N ILE F 50 80.42 8.75 -45.13
CA ILE F 50 81.25 9.77 -44.50
C ILE F 50 80.40 10.62 -43.58
N SER F 51 80.82 10.74 -42.33
CA SER F 51 80.12 11.60 -41.38
C SER F 51 80.28 13.07 -41.76
N GLY F 52 79.36 13.90 -41.24
CA GLY F 52 79.41 15.31 -41.55
C GLY F 52 80.53 16.04 -40.85
N LEU F 53 80.93 15.57 -39.66
CA LEU F 53 82.01 16.17 -38.91
C LEU F 53 83.40 15.77 -39.43
N ILE F 54 83.45 14.89 -40.44
CA ILE F 54 84.73 14.41 -40.94
C ILE F 54 85.51 15.52 -41.63
N TYR F 55 84.79 16.38 -42.36
CA TYR F 55 85.46 17.32 -43.26
C TYR F 55 86.28 18.35 -42.50
N GLU F 56 85.71 18.93 -41.43
CA GLU F 56 86.49 19.84 -40.60
C GLU F 56 87.61 19.09 -39.87
N GLU F 57 87.35 17.85 -39.44
CA GLU F 57 88.39 17.04 -38.83
C GLU F 57 89.54 16.80 -39.79
N THR F 58 89.24 16.53 -41.06
CA THR F 58 90.29 16.28 -42.05
C THR F 58 91.09 17.54 -42.35
N ARG F 59 90.47 18.71 -42.23
CA ARG F 59 91.19 19.96 -42.49
C ARG F 59 92.22 20.24 -41.40
N GLY F 60 91.90 19.92 -40.15
CA GLY F 60 92.87 20.09 -39.08
C GLY F 60 94.03 19.12 -39.20
N VAL F 61 93.75 17.87 -39.55
CA VAL F 61 94.81 16.87 -39.71
C VAL F 61 95.74 17.27 -40.84
N LEU F 62 95.18 17.65 -41.99
CA LEU F 62 95.98 18.08 -43.12
C LEU F 62 96.82 19.30 -42.76
N LYS F 63 96.28 20.19 -41.94
CA LYS F 63 97.04 21.37 -41.51
C LYS F 63 98.26 20.96 -40.70
N VAL F 64 98.06 20.07 -39.72
CA VAL F 64 99.17 19.61 -38.88
C VAL F 64 100.22 18.90 -39.74
N PHE F 65 99.77 18.05 -40.67
CA PHE F 65 100.72 17.34 -41.53
C PHE F 65 101.56 18.34 -42.32
N LEU F 66 100.91 19.28 -43.00
CA LEU F 66 101.64 20.29 -43.77
C LEU F 66 102.53 21.14 -42.88
N GLU F 67 102.04 21.50 -41.69
CA GLU F 67 102.86 22.27 -40.75
C GLU F 67 104.17 21.55 -40.44
N ASN F 68 104.09 20.30 -40.00
CA ASN F 68 105.29 19.54 -39.66
C ASN F 68 106.23 19.42 -40.85
N VAL F 69 105.69 19.25 -42.06
CA VAL F 69 106.51 19.08 -43.24
C VAL F 69 107.11 20.41 -43.67
N ILE F 70 106.28 21.44 -43.83
CA ILE F 70 106.76 22.73 -44.31
C ILE F 70 107.74 23.36 -43.31
N ARG F 71 107.54 23.13 -42.01
CA ARG F 71 108.49 23.66 -41.03
C ARG F 71 109.89 23.12 -41.28
N ASP F 72 110.03 21.81 -41.42
CA ASP F 72 111.33 21.22 -41.69
C ASP F 72 111.84 21.67 -43.05
N ALA F 73 110.94 21.79 -44.03
CA ALA F 73 111.35 22.24 -45.36
C ALA F 73 111.92 23.65 -45.32
N VAL F 74 111.27 24.54 -44.56
CA VAL F 74 111.77 25.91 -44.43
C VAL F 74 113.09 25.93 -43.69
N THR F 75 113.23 25.07 -42.66
CA THR F 75 114.48 24.99 -41.92
C THR F 75 115.64 24.58 -42.83
N TYR F 76 115.37 23.70 -43.80
CA TYR F 76 116.39 23.34 -44.78
C TYR F 76 116.69 24.51 -45.71
N THR F 77 115.65 25.22 -46.16
CA THR F 77 115.84 26.34 -47.08
C THR F 77 116.65 27.45 -46.41
N GLU F 78 116.37 27.73 -45.13
CA GLU F 78 117.12 28.75 -44.42
C GLU F 78 118.60 28.42 -44.34
N HIS F 79 118.92 27.16 -44.02
CA HIS F 79 120.32 26.77 -43.93
C HIS F 79 121.03 26.86 -45.27
N ALA F 80 120.31 26.67 -46.37
CA ALA F 80 120.89 26.88 -47.68
C ALA F 80 121.00 28.35 -48.06
N LYS F 81 120.54 29.25 -47.20
CA LYS F 81 120.60 30.69 -47.45
C LYS F 81 119.87 31.02 -48.76
N ARG F 82 118.66 30.49 -48.90
CA ARG F 82 117.84 30.69 -50.08
C ARG F 82 116.51 31.33 -49.67
N LYS F 83 115.86 31.96 -50.65
CA LYS F 83 114.50 32.47 -50.50
C LYS F 83 113.47 31.64 -51.24
N THR F 84 113.88 30.59 -51.95
CA THR F 84 112.97 29.72 -52.70
C THR F 84 113.07 28.32 -52.14
N VAL F 85 111.93 27.76 -51.73
CA VAL F 85 111.88 26.39 -51.24
C VAL F 85 111.93 25.46 -52.44
N THR F 86 112.97 24.64 -52.52
CA THR F 86 113.14 23.72 -53.62
C THR F 86 112.41 22.41 -53.34
N ALA F 87 112.15 21.66 -54.41
CA ALA F 87 111.55 20.34 -54.25
C ALA F 87 112.44 19.41 -53.45
N MET F 88 113.75 19.65 -53.45
CA MET F 88 114.64 18.82 -52.65
C MET F 88 114.46 19.09 -51.16
N ASP F 89 114.20 20.34 -50.79
CA ASP F 89 113.90 20.66 -49.39
C ASP F 89 112.69 19.89 -48.90
N VAL F 90 111.66 19.76 -49.74
CA VAL F 90 110.47 19.00 -49.36
C VAL F 90 110.80 17.51 -49.27
N VAL F 91 111.56 16.99 -50.22
CA VAL F 91 111.91 15.57 -50.22
C VAL F 91 112.71 15.23 -48.96
N TYR F 92 113.65 16.10 -48.60
CA TYR F 92 114.46 15.87 -47.39
C TYR F 92 113.60 15.88 -46.15
N ALA F 93 112.59 16.76 -46.11
CA ALA F 93 111.72 16.87 -44.94
C ALA F 93 110.79 15.66 -44.84
N LEU F 94 110.23 15.23 -45.98
CA LEU F 94 109.41 14.02 -45.97
C LEU F 94 110.23 12.82 -45.53
N LYS F 95 111.50 12.77 -45.94
CA LYS F 95 112.39 11.70 -45.48
C LYS F 95 112.66 11.81 -43.98
N ARG F 96 112.78 13.05 -43.48
CA ARG F 96 112.90 13.26 -42.04
C ARG F 96 111.73 12.62 -41.29
N GLN F 97 110.50 12.87 -41.76
CA GLN F 97 109.29 12.46 -41.06
C GLN F 97 108.91 11.01 -41.33
N GLY F 98 109.74 10.25 -42.03
CA GLY F 98 109.41 8.87 -42.34
C GLY F 98 108.34 8.72 -43.40
N ARG F 99 108.26 9.65 -44.34
CA ARG F 99 107.30 9.59 -45.44
C ARG F 99 108.03 9.86 -46.76
N THR F 100 109.00 8.99 -47.06
CA THR F 100 109.86 9.17 -48.23
C THR F 100 109.04 9.19 -49.51
N LEU F 101 109.43 10.08 -50.42
CA LEU F 101 108.73 10.31 -51.69
C LEU F 101 109.66 10.08 -52.87
N TYR F 102 109.25 9.21 -53.80
CA TYR F 102 109.99 8.96 -55.02
C TYR F 102 109.44 9.82 -56.16
N GLY F 103 110.34 10.27 -57.02
CA GLY F 103 109.95 10.95 -58.24
C GLY F 103 110.12 12.46 -58.23
N PHE F 104 110.80 13.03 -57.23
CA PHE F 104 111.02 14.47 -57.20
C PHE F 104 112.47 14.83 -56.91
N GLY F 105 113.39 13.86 -56.98
CA GLY F 105 114.79 14.12 -56.75
C GLY F 105 115.40 13.26 -55.67
N GLY F 106 114.70 12.22 -55.24
CA GLY F 106 115.16 11.36 -54.17
C GLY F 106 116.51 10.72 -54.44
N ALA G 18 143.09 28.51 -18.04
CA ALA G 18 142.12 27.81 -18.87
C ALA G 18 142.84 27.09 -20.02
N LYS G 19 143.14 25.81 -19.82
CA LYS G 19 143.81 24.99 -20.81
C LYS G 19 142.84 24.16 -21.65
N THR G 20 141.79 23.62 -21.04
CA THR G 20 140.82 22.82 -21.75
C THR G 20 139.90 23.70 -22.58
N ARG G 21 139.38 23.14 -23.67
CA ARG G 21 138.39 23.83 -24.47
C ARG G 21 137.01 23.86 -23.80
N SER G 22 136.78 23.00 -22.80
CA SER G 22 135.52 23.06 -22.06
C SER G 22 135.49 24.27 -21.14
N SER G 23 136.60 24.55 -20.44
CA SER G 23 136.65 25.74 -19.60
C SER G 23 136.57 27.00 -20.45
N ARG G 24 137.24 26.99 -21.61
CA ARG G 24 137.19 28.11 -22.53
C ARG G 24 135.78 28.41 -23.01
N ALA G 25 134.86 27.44 -22.94
CA ALA G 25 133.48 27.65 -23.33
C ALA G 25 132.52 27.66 -22.14
N GLY G 26 132.99 27.34 -20.94
CA GLY G 26 132.16 27.33 -19.76
C GLY G 26 131.18 26.17 -19.77
N LEU G 27 131.70 24.97 -20.06
CA LEU G 27 130.90 23.77 -20.20
C LEU G 27 131.45 22.66 -19.31
N GLN G 28 130.58 21.72 -18.96
CA GLN G 28 130.98 20.51 -18.26
C GLN G 28 131.27 19.35 -19.19
N PHE G 29 130.80 19.42 -20.42
CA PHE G 29 130.92 18.42 -21.47
C PHE G 29 132.19 18.65 -22.28
N PRO G 30 132.82 17.58 -22.76
CA PRO G 30 134.17 17.69 -23.35
C PRO G 30 134.13 18.16 -24.78
N VAL G 31 134.57 19.39 -25.04
CA VAL G 31 134.63 19.89 -26.40
C VAL G 31 135.67 19.12 -27.21
N GLY G 32 136.78 18.75 -26.57
CA GLY G 32 137.82 18.03 -27.29
C GLY G 32 137.36 16.68 -27.80
N ARG G 33 136.72 15.90 -26.92
CA ARG G 33 136.21 14.60 -27.33
C ARG G 33 135.12 14.74 -28.39
N VAL G 34 134.26 15.74 -28.26
CA VAL G 34 133.22 15.97 -29.27
C VAL G 34 133.84 16.35 -30.60
N HIS G 35 134.90 17.18 -30.57
CA HIS G 35 135.61 17.50 -31.80
C HIS G 35 136.26 16.26 -32.41
N ARG G 36 136.75 15.36 -31.55
CA ARG G 36 137.33 14.11 -32.03
C ARG G 36 136.27 13.26 -32.74
N LEU G 37 135.13 13.05 -32.07
CA LEU G 37 134.09 12.20 -32.64
C LEU G 37 133.52 12.76 -33.93
N LEU G 38 133.50 14.09 -34.07
CA LEU G 38 133.00 14.69 -35.31
C LEU G 38 133.92 14.42 -36.49
N ARG G 39 135.24 14.35 -36.24
CA ARG G 39 136.17 14.07 -37.34
C ARG G 39 136.25 12.58 -37.65
N LYS G 40 136.24 11.73 -36.63
CA LYS G 40 136.32 10.29 -36.82
C LYS G 40 134.96 9.68 -37.14
N GLY G 41 134.05 10.46 -37.71
CA GLY G 41 132.71 9.97 -37.93
C GLY G 41 132.25 10.08 -39.37
N ASN G 42 133.10 10.62 -40.24
CA ASN G 42 132.82 10.78 -41.66
C ASN G 42 131.50 11.54 -41.86
N TYR G 43 131.42 12.71 -41.24
CA TYR G 43 130.29 13.61 -41.42
C TYR G 43 130.57 14.67 -42.47
N SER G 44 131.80 15.17 -42.51
CA SER G 44 132.25 16.05 -43.57
C SER G 44 133.77 15.99 -43.62
N GLU G 45 134.33 16.54 -44.71
CA GLU G 45 135.78 16.63 -44.83
C GLU G 45 136.37 17.40 -43.66
N ARG G 46 135.79 18.55 -43.35
CA ARG G 46 136.36 19.48 -42.38
C ARG G 46 135.32 19.82 -41.32
N VAL G 47 135.79 19.95 -40.08
CA VAL G 47 134.94 20.29 -38.94
C VAL G 47 135.41 21.63 -38.37
N GLY G 48 134.50 22.60 -38.34
CA GLY G 48 134.85 23.91 -37.81
C GLY G 48 135.17 23.86 -36.33
N ALA G 49 135.80 24.94 -35.86
CA ALA G 49 136.21 25.00 -34.46
C ALA G 49 135.02 25.19 -33.53
N GLY G 50 133.95 25.83 -34.01
CA GLY G 50 132.79 26.09 -33.18
C GLY G 50 131.80 24.95 -33.10
N ALA G 51 131.82 24.04 -34.07
CA ALA G 51 130.86 22.95 -34.10
C ALA G 51 130.92 22.05 -32.88
N PRO G 52 132.09 21.55 -32.43
CA PRO G 52 132.08 20.72 -31.22
C PRO G 52 131.64 21.49 -29.99
N VAL G 53 131.95 22.78 -29.95
CA VAL G 53 131.53 23.63 -28.85
C VAL G 53 130.01 23.75 -28.83
N TYR G 54 129.41 24.08 -29.98
CA TYR G 54 127.96 24.18 -30.07
C TYR G 54 127.29 22.86 -29.69
N LEU G 55 127.80 21.76 -30.24
CA LEU G 55 127.16 20.47 -30.02
C LEU G 55 127.27 20.02 -28.56
N ALA G 56 128.45 20.17 -27.96
CA ALA G 56 128.63 19.78 -26.56
C ALA G 56 127.77 20.60 -25.62
N ALA G 57 127.45 21.84 -26.00
CA ALA G 57 126.56 22.66 -25.17
C ALA G 57 125.11 22.19 -25.31
N VAL G 58 124.69 21.87 -26.53
CA VAL G 58 123.33 21.36 -26.75
C VAL G 58 123.16 20.04 -26.02
N LEU G 59 124.16 19.15 -26.13
CA LEU G 59 124.14 17.90 -25.38
C LEU G 59 124.06 18.14 -23.87
N GLU G 60 124.76 19.17 -23.38
CA GLU G 60 124.73 19.47 -21.95
C GLU G 60 123.38 20.03 -21.53
N TYR G 61 122.76 20.86 -22.37
CA TYR G 61 121.45 21.40 -22.03
C TYR G 61 120.41 20.29 -21.94
N LEU G 62 120.34 19.43 -22.96
CA LEU G 62 119.40 18.33 -22.95
C LEU G 62 119.67 17.38 -21.78
N THR G 63 120.94 17.17 -21.44
CA THR G 63 121.28 16.35 -20.29
C THR G 63 120.71 16.93 -19.00
N ALA G 64 120.92 18.23 -18.78
CA ALA G 64 120.38 18.89 -17.59
C ALA G 64 118.85 18.83 -17.58
N GLU G 65 118.23 19.00 -18.75
CA GLU G 65 116.77 19.01 -18.82
C GLU G 65 116.18 17.69 -18.38
N ILE G 66 116.83 16.57 -18.74
CA ILE G 66 116.31 15.26 -18.36
C ILE G 66 116.64 14.93 -16.92
N LEU G 67 117.88 15.21 -16.48
CA LEU G 67 118.25 14.93 -15.10
C LEU G 67 117.45 15.77 -14.12
N GLU G 68 117.04 16.98 -14.53
CA GLU G 68 116.19 17.81 -13.68
C GLU G 68 114.86 17.10 -13.42
N LEU G 69 114.18 16.68 -14.48
CA LEU G 69 112.88 16.02 -14.33
C LEU G 69 113.03 14.63 -13.74
N ALA G 70 114.17 13.98 -13.94
CA ALA G 70 114.37 12.64 -13.39
C ALA G 70 114.71 12.69 -11.91
N GLY G 71 115.47 13.70 -11.48
CA GLY G 71 115.71 13.89 -10.07
C GLY G 71 114.46 14.26 -9.31
N ASN G 72 113.55 15.00 -9.95
CA ASN G 72 112.26 15.29 -9.35
C ASN G 72 111.43 14.03 -9.20
N ALA G 73 111.40 13.19 -10.24
CA ALA G 73 110.65 11.93 -10.16
C ALA G 73 111.22 11.02 -9.09
N ALA G 74 112.55 10.99 -8.95
CA ALA G 74 113.16 10.19 -7.89
C ALA G 74 112.76 10.69 -6.52
N ARG G 75 112.66 12.01 -6.35
CA ARG G 75 112.27 12.56 -5.07
C ARG G 75 110.80 12.30 -4.77
N ASP G 76 109.94 12.37 -5.79
CA ASP G 76 108.54 12.02 -5.61
C ASP G 76 108.37 10.58 -5.15
N ASN G 77 109.28 9.69 -5.55
CA ASN G 77 109.24 8.30 -5.15
C ASN G 77 110.11 8.01 -3.93
N LYS G 78 110.52 9.06 -3.21
CA LYS G 78 111.29 8.92 -1.97
C LYS G 78 112.61 8.17 -2.19
N LYS G 79 113.28 8.50 -3.29
CA LYS G 79 114.53 7.84 -3.66
C LYS G 79 115.65 8.86 -3.82
N THR G 80 116.86 8.44 -3.46
CA THR G 80 118.05 9.27 -3.62
C THR G 80 118.69 9.15 -4.99
N ARG G 81 118.59 7.98 -5.63
CA ARG G 81 119.21 7.77 -6.94
C ARG G 81 118.14 7.74 -8.03
N ILE G 82 118.54 8.18 -9.21
CA ILE G 82 117.70 8.07 -10.40
C ILE G 82 117.84 6.66 -10.96
N ILE G 83 116.74 5.93 -11.02
CA ILE G 83 116.70 4.62 -11.65
C ILE G 83 116.00 4.77 -13.00
N PRO G 84 116.07 3.78 -13.91
CA PRO G 84 115.51 3.98 -15.25
C PRO G 84 114.05 4.41 -15.27
N ARG G 85 113.23 3.97 -14.31
CA ARG G 85 111.84 4.37 -14.27
C ARG G 85 111.69 5.88 -14.11
N HIS G 86 112.57 6.49 -13.32
CA HIS G 86 112.53 7.94 -13.14
C HIS G 86 112.80 8.67 -14.45
N LEU G 87 113.70 8.14 -15.28
CA LEU G 87 113.90 8.71 -16.60
C LEU G 87 112.67 8.52 -17.49
N GLN G 88 111.99 7.38 -17.36
CA GLN G 88 110.80 7.15 -18.17
C GLN G 88 109.65 8.04 -17.74
N LEU G 89 109.39 8.14 -16.44
CA LEU G 89 108.37 9.05 -15.94
C LEU G 89 108.66 10.49 -16.35
N ALA G 90 109.93 10.89 -16.33
CA ALA G 90 110.28 12.26 -16.68
C ALA G 90 110.04 12.53 -18.16
N ILE G 91 110.52 11.63 -19.02
CA ILE G 91 110.42 11.83 -20.47
C ILE G 91 108.98 11.73 -20.94
N ARG G 92 108.25 10.70 -20.50
CA ARG G 92 106.90 10.49 -21.00
C ARG G 92 105.89 11.46 -20.41
N ASN G 93 106.23 12.15 -19.31
CA ASN G 93 105.36 13.19 -18.77
C ASN G 93 105.62 14.55 -19.39
N ASP G 94 106.83 14.79 -19.90
CA ASP G 94 107.14 16.04 -20.59
C ASP G 94 106.83 15.89 -22.06
N GLU G 95 106.03 16.81 -22.60
CA GLU G 95 105.55 16.69 -23.97
C GLU G 95 106.70 16.69 -24.97
N GLU G 96 107.64 17.63 -24.80
CA GLU G 96 108.71 17.76 -25.77
C GLU G 96 109.74 16.63 -25.64
N LEU G 97 110.04 16.23 -24.40
CA LEU G 97 110.93 15.09 -24.20
C LEU G 97 110.31 13.81 -24.76
N ASN G 98 109.00 13.64 -24.57
CA ASN G 98 108.31 12.46 -25.10
C ASN G 98 108.35 12.44 -26.63
N LYS G 99 108.35 13.61 -27.27
CA LYS G 99 108.41 13.65 -28.73
C LYS G 99 109.83 13.39 -29.24
N LEU G 100 110.84 13.99 -28.59
CA LEU G 100 112.21 13.78 -29.01
C LEU G 100 112.61 12.30 -28.93
N LEU G 101 112.08 11.58 -27.94
CA LEU G 101 112.32 10.15 -27.81
C LEU G 101 111.05 9.35 -28.10
N GLY G 102 110.32 9.78 -29.14
CA GLY G 102 109.08 9.10 -29.49
C GLY G 102 109.29 7.70 -30.05
N ARG G 103 110.40 7.48 -30.74
CA ARG G 103 110.75 6.17 -31.28
C ARG G 103 111.86 5.50 -30.46
N VAL G 104 111.87 5.73 -29.16
CA VAL G 104 112.91 5.25 -28.26
C VAL G 104 112.29 4.39 -27.18
N THR G 105 112.97 3.31 -26.81
CA THR G 105 112.54 2.42 -25.74
C THR G 105 113.54 2.51 -24.60
N ILE G 106 113.04 2.86 -23.42
CA ILE G 106 113.87 3.01 -22.22
C ILE G 106 113.79 1.71 -21.42
N ALA G 107 114.92 1.03 -21.30
CA ALA G 107 114.94 -0.25 -20.60
C ALA G 107 114.59 -0.07 -19.13
N GLN G 108 113.76 -0.99 -18.63
CA GLN G 108 113.31 -0.97 -17.24
C GLN G 108 112.64 0.35 -16.88
N GLY G 109 111.82 0.86 -17.79
CA GLY G 109 111.16 2.14 -17.57
C GLY G 109 109.68 2.02 -17.30
N GLY G 110 109.05 0.95 -17.81
CA GLY G 110 107.63 0.78 -17.60
C GLY G 110 106.82 1.75 -18.45
N VAL G 111 105.60 2.00 -18.01
CA VAL G 111 104.66 2.87 -18.70
C VAL G 111 104.04 3.84 -17.70
N LEU G 112 103.38 4.85 -18.24
CA LEU G 112 102.63 5.78 -17.41
C LEU G 112 101.30 5.13 -16.97
N PRO G 113 100.93 5.26 -15.70
CA PRO G 113 99.61 4.78 -15.27
C PRO G 113 98.51 5.53 -16.02
N ASN G 114 97.75 4.77 -16.81
CA ASN G 114 96.69 5.38 -17.61
C ASN G 114 95.64 4.29 -17.91
N ILE G 115 94.52 4.35 -17.19
CA ILE G 115 93.41 3.44 -17.41
C ILE G 115 92.34 4.21 -18.17
N GLN G 116 91.83 3.60 -19.23
CA GLN G 116 90.80 4.23 -20.05
C GLN G 116 89.50 4.39 -19.27
N ALA G 117 88.74 5.43 -19.62
CA ALA G 117 87.56 5.81 -18.84
C ALA G 117 86.49 4.73 -18.90
N VAL G 118 86.21 4.21 -20.10
CA VAL G 118 85.13 3.23 -20.25
C VAL G 118 85.41 1.93 -19.49
N LEU G 119 86.67 1.71 -19.09
CA LEU G 119 87.01 0.54 -18.31
C LEU G 119 86.70 0.70 -16.81
N LEU G 120 86.42 1.92 -16.36
CA LEU G 120 86.14 2.17 -14.96
C LEU G 120 84.71 1.72 -14.61
N PRO G 121 84.51 1.13 -13.44
CA PRO G 121 83.16 0.72 -13.04
C PRO G 121 82.27 1.93 -12.79
N LYS G 122 81.02 1.83 -13.23
CA LYS G 122 80.06 2.90 -13.02
C LYS G 122 79.12 2.58 -11.88
N LYS H 34 144.24 -6.97 -17.36
CA LYS H 34 143.97 -5.53 -17.44
C LYS H 34 142.96 -5.22 -18.54
N ARG H 35 141.69 -5.10 -18.14
CA ARG H 35 140.58 -5.07 -19.09
C ARG H 35 140.66 -3.84 -19.99
N SER H 36 139.94 -3.90 -21.10
CA SER H 36 140.12 -2.96 -22.19
C SER H 36 139.47 -1.60 -21.88
N ARG H 37 140.12 -0.54 -22.35
CA ARG H 37 139.60 0.81 -22.21
C ARG H 37 138.26 0.96 -22.93
N LYS H 38 137.19 1.21 -22.15
CA LYS H 38 135.85 1.42 -22.69
C LYS H 38 135.38 2.82 -22.31
N GLU H 39 135.38 3.72 -23.30
CA GLU H 39 134.99 5.10 -23.05
C GLU H 39 133.49 5.20 -22.77
N SER H 40 133.12 6.23 -22.01
CA SER H 40 131.72 6.54 -21.76
C SER H 40 131.60 7.97 -21.25
N TYR H 41 130.38 8.51 -21.35
CA TYR H 41 130.08 9.87 -20.92
C TYR H 41 129.74 9.93 -19.44
N SER H 42 130.29 9.04 -18.62
CA SER H 42 129.87 8.95 -17.22
C SER H 42 130.38 10.13 -16.40
N ILE H 43 131.63 10.54 -16.61
CA ILE H 43 132.21 11.61 -15.78
C ILE H 43 131.48 12.92 -16.00
N TYR H 44 131.06 13.18 -17.23
CA TYR H 44 130.37 14.43 -17.54
C TYR H 44 128.92 14.40 -17.07
N VAL H 45 128.25 13.25 -17.20
CA VAL H 45 126.91 13.11 -16.65
C VAL H 45 126.94 13.31 -15.14
N TYR H 46 127.97 12.80 -14.47
CA TYR H 46 128.13 13.03 -13.04
C TYR H 46 128.31 14.51 -12.73
N LYS H 47 129.07 15.22 -13.57
CA LYS H 47 129.30 16.64 -13.33
C LYS H 47 128.02 17.45 -13.48
N VAL H 48 127.30 17.24 -14.58
CA VAL H 48 126.03 17.95 -14.80
C VAL H 48 125.04 17.62 -13.68
N LEU H 49 124.99 16.35 -13.26
CA LEU H 49 124.08 15.98 -12.18
C LEU H 49 124.44 16.69 -10.88
N LYS H 50 125.73 16.84 -10.60
CA LYS H 50 126.13 17.51 -9.36
C LYS H 50 125.87 19.01 -9.40
N GLN H 51 125.89 19.61 -10.61
CA GLN H 51 125.46 21.01 -10.73
C GLN H 51 123.97 21.14 -10.47
N VAL H 52 123.17 20.21 -11.00
CA VAL H 52 121.73 20.34 -10.95
C VAL H 52 121.15 19.67 -9.70
N HIS H 53 121.82 18.64 -9.19
CA HIS H 53 121.38 17.95 -7.97
C HIS H 53 122.63 17.51 -7.21
N PRO H 54 123.17 18.38 -6.35
CA PRO H 54 124.46 18.09 -5.73
C PRO H 54 124.44 16.92 -4.76
N ASP H 55 123.27 16.50 -4.29
CA ASP H 55 123.17 15.40 -3.33
C ASP H 55 122.52 14.16 -3.93
N THR H 56 122.32 14.14 -5.25
CA THR H 56 121.64 13.02 -5.91
C THR H 56 122.66 12.13 -6.60
N GLY H 57 122.50 10.82 -6.43
CA GLY H 57 123.33 9.85 -7.07
C GLY H 57 122.67 9.26 -8.30
N ILE H 58 123.33 8.26 -8.87
CA ILE H 58 122.84 7.61 -10.09
C ILE H 58 123.35 6.17 -10.10
N SER H 59 122.50 5.26 -10.54
CA SER H 59 122.83 3.84 -10.54
C SER H 59 123.51 3.43 -11.85
N SER H 60 123.92 2.17 -11.92
CA SER H 60 124.57 1.65 -13.12
C SER H 60 123.65 1.71 -14.33
N LYS H 61 122.46 1.13 -14.22
CA LYS H 61 121.55 1.06 -15.36
C LYS H 61 121.13 2.45 -15.84
N ALA H 62 120.86 3.36 -14.90
CA ALA H 62 120.48 4.72 -15.28
C ALA H 62 121.61 5.42 -16.03
N MET H 63 122.85 5.24 -15.57
CA MET H 63 123.99 5.81 -16.28
C MET H 63 124.11 5.22 -17.68
N GLY H 64 123.80 3.93 -17.83
CA GLY H 64 123.86 3.32 -19.15
C GLY H 64 122.82 3.90 -20.09
N ILE H 65 121.62 4.18 -19.57
CA ILE H 65 120.60 4.82 -20.40
C ILE H 65 121.00 6.25 -20.74
N MET H 66 121.55 6.98 -19.76
CA MET H 66 122.04 8.33 -20.06
C MET H 66 123.14 8.28 -21.10
N ASN H 67 124.02 7.28 -21.01
CA ASN H 67 125.07 7.14 -22.02
C ASN H 67 124.47 6.79 -23.37
N SER H 68 123.41 5.97 -23.39
CA SER H 68 122.74 5.66 -24.65
C SER H 68 121.97 6.87 -25.17
N PHE H 69 121.42 7.69 -24.28
CA PHE H 69 120.72 8.90 -24.69
C PHE H 69 121.69 9.87 -25.37
N VAL H 70 122.87 10.07 -24.78
CA VAL H 70 123.84 11.01 -25.34
C VAL H 70 124.32 10.53 -26.70
N ASN H 71 124.63 9.23 -26.81
CA ASN H 71 125.09 8.69 -28.08
C ASN H 71 124.00 8.76 -29.14
N ASP H 72 122.75 8.48 -28.75
CA ASP H 72 121.64 8.53 -29.70
C ASP H 72 121.48 9.93 -30.28
N ILE H 73 121.34 10.93 -29.40
CA ILE H 73 121.14 12.30 -29.88
C ILE H 73 122.36 12.81 -30.62
N PHE H 74 123.55 12.34 -30.22
CA PHE H 74 124.76 12.64 -30.99
C PHE H 74 124.60 12.16 -32.43
N GLU H 75 124.23 10.90 -32.61
CA GLU H 75 124.11 10.34 -33.96
C GLU H 75 123.01 11.02 -34.75
N ARG H 76 121.92 11.40 -34.08
CA ARG H 76 120.81 12.06 -34.77
C ARG H 76 121.21 13.43 -35.28
N ILE H 77 121.84 14.24 -34.42
CA ILE H 77 122.24 15.58 -34.83
C ILE H 77 123.34 15.51 -35.90
N ALA H 78 124.37 14.71 -35.64
CA ALA H 78 125.47 14.60 -36.59
C ALA H 78 125.00 14.03 -37.92
N GLY H 79 124.06 13.09 -37.89
CA GLY H 79 123.56 12.54 -39.15
C GLY H 79 122.80 13.57 -39.96
N GLU H 80 121.97 14.38 -39.30
CA GLU H 80 121.24 15.43 -40.00
C GLU H 80 122.19 16.49 -40.56
N ALA H 81 123.23 16.83 -39.79
CA ALA H 81 124.22 17.79 -40.28
C ALA H 81 124.97 17.25 -41.49
N SER H 82 125.30 15.95 -41.47
CA SER H 82 125.95 15.35 -42.62
C SER H 82 125.06 15.43 -43.86
N ARG H 83 123.77 15.17 -43.68
CA ARG H 83 122.84 15.26 -44.80
C ARG H 83 122.75 16.69 -45.31
N LEU H 84 122.69 17.67 -44.39
CA LEU H 84 122.61 19.07 -44.77
C LEU H 84 123.80 19.48 -45.64
N ALA H 85 125.01 19.10 -45.23
CA ALA H 85 126.20 19.43 -46.00
C ALA H 85 126.16 18.78 -47.37
N HIS H 86 125.76 17.50 -47.42
CA HIS H 86 125.61 16.81 -48.70
C HIS H 86 124.56 17.48 -49.57
N TYR H 87 123.46 17.90 -48.96
CA TYR H 87 122.38 18.55 -49.70
C TYR H 87 122.82 19.84 -50.37
N ASN H 88 123.76 20.55 -49.76
CA ASN H 88 124.22 21.84 -50.28
C ASN H 88 125.60 21.74 -50.92
N LYS H 89 126.09 20.53 -51.16
CA LYS H 89 127.38 20.31 -51.83
C LYS H 89 128.52 20.95 -51.02
N ARG H 90 128.44 20.86 -49.70
CA ARG H 90 129.48 21.35 -48.83
C ARG H 90 130.29 20.19 -48.27
N SER H 91 131.61 20.38 -48.25
CA SER H 91 132.53 19.39 -47.71
C SER H 91 132.74 19.57 -46.22
N THR H 92 132.13 20.58 -45.61
CA THR H 92 132.38 20.97 -44.24
C THR H 92 131.10 20.95 -43.42
N ILE H 93 131.19 20.43 -42.21
CA ILE H 93 130.13 20.56 -41.20
C ILE H 93 130.59 21.59 -40.18
N THR H 94 129.96 22.76 -40.22
CA THR H 94 130.23 23.86 -39.31
C THR H 94 129.14 23.92 -38.24
N SER H 95 129.35 24.80 -37.26
CA SER H 95 128.34 24.99 -36.21
C SER H 95 127.00 25.40 -36.79
N ARG H 96 126.98 25.99 -37.98
CA ARG H 96 125.72 26.30 -38.64
C ARG H 96 124.96 25.03 -39.02
N GLU H 97 125.69 23.98 -39.44
CA GLU H 97 125.04 22.71 -39.74
C GLU H 97 124.49 22.06 -38.48
N ILE H 98 125.26 22.11 -37.38
CA ILE H 98 124.76 21.58 -36.12
C ILE H 98 123.54 22.35 -35.66
N GLN H 99 123.53 23.67 -35.89
CA GLN H 99 122.41 24.51 -35.48
C GLN H 99 121.13 24.13 -36.21
N THR H 100 121.18 24.06 -37.55
CA THR H 100 120.00 23.67 -38.32
C THR H 100 119.56 22.25 -38.02
N ALA H 101 120.52 21.35 -37.73
CA ALA H 101 120.17 19.99 -37.36
C ALA H 101 119.38 19.97 -36.05
N VAL H 102 119.73 20.85 -35.11
CA VAL H 102 119.01 20.93 -33.85
C VAL H 102 117.59 21.44 -34.07
N ARG H 103 117.42 22.40 -34.99
CA ARG H 103 116.09 22.94 -35.26
C ARG H 103 115.18 21.90 -35.89
N LEU H 104 115.72 21.10 -36.81
CA LEU H 104 114.92 20.05 -37.45
C LEU H 104 114.59 18.92 -36.48
N LEU H 105 115.49 18.62 -35.56
CA LEU H 105 115.37 17.45 -34.70
C LEU H 105 114.62 17.75 -33.40
N LEU H 106 114.97 18.85 -32.75
CA LEU H 106 114.41 19.03 -31.42
C LEU H 106 113.04 19.70 -31.50
N PRO H 107 112.15 19.40 -30.56
CA PRO H 107 110.82 20.05 -30.54
C PRO H 107 110.88 21.44 -29.92
N GLY H 108 110.31 22.41 -30.63
CA GLY H 108 110.10 23.79 -30.19
C GLY H 108 110.95 24.34 -29.07
N GLU H 109 110.45 24.26 -27.83
CA GLU H 109 111.13 24.89 -26.70
C GLU H 109 112.49 24.27 -26.45
N LEU H 110 112.60 22.94 -26.60
CA LEU H 110 113.88 22.27 -26.42
C LEU H 110 114.92 22.78 -27.40
N ALA H 111 114.54 22.92 -28.67
CA ALA H 111 115.46 23.47 -29.66
C ALA H 111 115.84 24.90 -29.35
N LYS H 112 114.86 25.71 -28.94
CA LYS H 112 115.10 27.12 -28.66
C LYS H 112 116.21 27.30 -27.63
N HIS H 113 116.12 26.59 -26.51
CA HIS H 113 117.15 26.72 -25.47
C HIS H 113 118.46 26.10 -25.92
N ALA H 114 118.39 24.98 -26.63
CA ALA H 114 119.60 24.32 -27.12
C ALA H 114 120.33 25.21 -28.12
N VAL H 115 119.59 25.96 -28.93
CA VAL H 115 120.21 26.85 -29.90
C VAL H 115 120.94 27.98 -29.19
N SER H 116 120.28 28.59 -28.19
CA SER H 116 120.91 29.68 -27.46
C SER H 116 122.09 29.19 -26.64
N GLU H 117 121.97 28.01 -26.01
CA GLU H 117 123.09 27.45 -25.27
C GLU H 117 124.25 27.06 -26.17
N GLY H 118 124.00 26.83 -27.46
CA GLY H 118 125.06 26.50 -28.39
C GLY H 118 125.73 27.71 -28.98
N THR H 119 124.93 28.68 -29.43
CA THR H 119 125.49 29.93 -29.93
C THR H 119 126.27 30.65 -28.84
N LYS H 120 125.81 30.56 -27.60
CA LYS H 120 126.55 31.16 -26.48
C LYS H 120 127.93 30.54 -26.34
N ALA H 121 128.03 29.23 -26.55
CA ALA H 121 129.31 28.55 -26.41
C ALA H 121 130.25 28.82 -27.58
N VAL H 122 129.70 28.89 -28.81
CA VAL H 122 130.55 29.18 -29.97
C VAL H 122 131.08 30.60 -29.90
N THR H 123 130.24 31.55 -29.51
CA THR H 123 130.67 32.93 -29.38
C THR H 123 131.85 33.05 -28.42
N LYS H 124 131.75 32.38 -27.26
CA LYS H 124 132.84 32.40 -26.29
C LYS H 124 134.09 31.72 -26.85
N TYR H 125 133.92 30.55 -27.47
CA TYR H 125 135.07 29.81 -27.98
C TYR H 125 135.82 30.58 -29.06
N THR H 126 135.10 31.31 -29.91
CA THR H 126 135.74 32.07 -30.97
C THR H 126 136.61 33.20 -30.40
N SER H 127 136.12 33.87 -29.35
CA SER H 127 136.87 34.98 -28.78
C SER H 127 138.07 34.50 -27.98
N ALA H 128 137.90 33.44 -27.20
CA ALA H 128 138.98 32.90 -26.39
C ALA H 128 139.61 31.69 -27.06
N PRO K 42 -26.60 -70.27 -20.57
CA PRO K 42 -27.18 -71.57 -20.22
C PRO K 42 -28.58 -71.45 -19.64
N HIS K 43 -28.83 -72.20 -18.57
CA HIS K 43 -30.11 -72.19 -17.85
C HIS K 43 -29.98 -73.11 -16.64
N ARG K 44 -30.42 -72.63 -15.48
CA ARG K 44 -30.24 -73.39 -14.24
C ARG K 44 -31.41 -73.11 -13.31
N TYR K 45 -32.10 -74.16 -12.88
CA TYR K 45 -33.11 -74.02 -11.85
C TYR K 45 -32.44 -73.84 -10.49
N ARG K 46 -33.10 -73.07 -9.62
CA ARG K 46 -32.60 -72.93 -8.27
C ARG K 46 -32.63 -74.29 -7.58
N PRO K 47 -31.53 -74.72 -6.93
CA PRO K 47 -31.54 -75.99 -6.19
C PRO K 47 -32.76 -76.18 -5.30
N GLY K 48 -33.48 -77.27 -5.53
CA GLY K 48 -34.74 -77.54 -4.86
C GLY K 48 -35.93 -77.52 -5.78
N THR K 49 -35.80 -77.02 -7.00
CA THR K 49 -36.93 -76.93 -7.92
C THR K 49 -37.22 -78.26 -8.60
N VAL K 50 -36.17 -78.89 -9.17
CA VAL K 50 -36.37 -80.19 -9.79
C VAL K 50 -36.61 -81.25 -8.74
N ALA K 51 -36.10 -81.04 -7.52
CA ALA K 51 -36.42 -81.93 -6.41
C ALA K 51 -37.93 -81.94 -6.15
N LEU K 52 -38.56 -80.77 -6.16
CA LEU K 52 -40.01 -80.70 -6.02
C LEU K 52 -40.71 -81.28 -7.23
N ARG K 53 -40.18 -81.03 -8.44
CA ARG K 53 -40.76 -81.62 -9.63
C ARG K 53 -40.72 -83.14 -9.56
N GLU K 54 -39.62 -83.70 -9.03
CA GLU K 54 -39.51 -85.15 -8.90
C GLU K 54 -40.44 -85.68 -7.82
N ILE K 55 -40.67 -84.90 -6.76
CA ILE K 55 -41.60 -85.32 -5.71
C ILE K 55 -43.01 -85.43 -6.29
N ARG K 56 -43.47 -84.37 -6.95
CA ARG K 56 -44.78 -84.42 -7.59
C ARG K 56 -44.84 -85.53 -8.62
N ARG K 57 -43.76 -85.74 -9.38
CA ARG K 57 -43.74 -86.77 -10.40
C ARG K 57 -43.85 -88.16 -9.79
N TYR K 58 -42.99 -88.49 -8.84
CA TYR K 58 -42.94 -89.83 -8.30
C TYR K 58 -44.05 -90.10 -7.29
N GLN K 59 -44.71 -89.06 -6.78
CA GLN K 59 -45.92 -89.28 -6.00
C GLN K 59 -47.16 -89.42 -6.88
N LYS K 60 -47.04 -89.14 -8.17
CA LYS K 60 -48.13 -89.37 -9.13
C LYS K 60 -48.11 -90.78 -9.70
N SER K 61 -46.95 -91.43 -9.73
CA SER K 61 -46.79 -92.71 -10.39
C SER K 61 -46.74 -93.85 -9.36
N THR K 62 -46.81 -95.08 -9.88
CA THR K 62 -46.83 -96.27 -9.05
C THR K 62 -45.78 -97.31 -9.43
N GLU K 63 -44.99 -97.07 -10.47
CA GLU K 63 -44.02 -98.06 -10.92
C GLU K 63 -42.84 -98.18 -9.94
N LEU K 64 -42.19 -99.33 -9.98
CA LEU K 64 -41.06 -99.58 -9.09
C LEU K 64 -39.89 -98.66 -9.44
N LEU K 65 -39.12 -98.30 -8.41
CA LEU K 65 -38.06 -97.32 -8.54
C LEU K 65 -36.67 -97.93 -8.50
N ILE K 66 -36.52 -99.17 -8.06
CA ILE K 66 -35.25 -99.89 -8.10
C ILE K 66 -35.19 -100.72 -9.37
N ARG K 67 -34.03 -100.75 -10.01
CA ARG K 67 -33.84 -101.59 -11.19
C ARG K 67 -33.97 -103.07 -10.82
N LYS K 68 -34.70 -103.81 -11.65
CA LYS K 68 -35.16 -105.14 -11.25
C LYS K 68 -34.01 -106.13 -11.11
N LEU K 69 -33.06 -106.13 -12.06
CA LEU K 69 -32.02 -107.14 -12.04
C LEU K 69 -31.05 -106.93 -10.88
N PRO K 70 -30.59 -105.70 -10.59
CA PRO K 70 -29.78 -105.52 -9.38
C PRO K 70 -30.49 -105.96 -8.10
N PHE K 71 -31.79 -105.67 -7.98
CA PHE K 71 -32.54 -106.12 -6.82
C PHE K 71 -32.63 -107.64 -6.79
N GLN K 72 -32.81 -108.27 -7.96
CA GLN K 72 -32.93 -109.72 -8.02
C GLN K 72 -31.64 -110.40 -7.60
N ARG K 73 -30.49 -109.87 -8.04
CA ARG K 73 -29.21 -110.45 -7.66
C ARG K 73 -28.92 -110.26 -6.18
N LEU K 74 -29.40 -109.14 -5.60
CA LEU K 74 -29.24 -108.94 -4.16
C LEU K 74 -30.07 -109.94 -3.36
N VAL K 75 -31.28 -110.25 -3.85
CA VAL K 75 -32.13 -111.23 -3.16
C VAL K 75 -31.48 -112.60 -3.16
N ARG K 76 -30.94 -113.02 -4.31
CA ARG K 76 -30.32 -114.33 -4.41
C ARG K 76 -29.09 -114.42 -3.52
N GLU K 77 -28.34 -113.32 -3.40
CA GLU K 77 -27.15 -113.33 -2.56
C GLU K 77 -27.51 -113.43 -1.09
N ILE K 78 -28.53 -112.68 -0.66
CA ILE K 78 -28.98 -112.76 0.73
C ILE K 78 -29.58 -114.12 1.03
N ALA K 79 -30.34 -114.68 0.09
CA ALA K 79 -30.99 -115.96 0.33
C ALA K 79 -30.00 -117.11 0.38
N GLN K 80 -28.92 -117.03 -0.40
CA GLN K 80 -27.93 -118.09 -0.40
C GLN K 80 -27.25 -118.24 0.96
N ASP K 81 -27.12 -117.13 1.71
CA ASP K 81 -26.55 -117.20 3.05
C ASP K 81 -27.47 -117.89 4.05
N PHE K 82 -28.69 -118.26 3.65
CA PHE K 82 -29.61 -119.03 4.48
C PHE K 82 -29.73 -120.48 4.01
N LYS K 83 -29.86 -120.70 2.72
CA LYS K 83 -29.91 -122.04 2.15
C LYS K 83 -29.31 -122.00 0.75
N THR K 84 -28.37 -122.89 0.49
CA THR K 84 -27.70 -122.92 -0.81
C THR K 84 -28.56 -123.62 -1.84
N ASP K 85 -28.29 -123.32 -3.11
CA ASP K 85 -28.99 -123.91 -4.25
C ASP K 85 -30.51 -123.73 -4.12
N LEU K 86 -30.93 -122.49 -4.37
CA LEU K 86 -32.34 -122.12 -4.28
C LEU K 86 -32.78 -121.45 -5.56
N ARG K 87 -34.01 -121.72 -5.96
CA ARG K 87 -34.63 -121.08 -7.11
C ARG K 87 -35.73 -120.14 -6.64
N PHE K 88 -35.99 -119.11 -7.44
CA PHE K 88 -36.98 -118.09 -7.09
C PHE K 88 -38.00 -117.96 -8.21
N GLN K 89 -39.27 -118.00 -7.86
CA GLN K 89 -40.31 -117.57 -8.79
C GLN K 89 -40.14 -116.09 -9.09
N SER K 90 -40.38 -115.71 -10.35
CA SER K 90 -40.31 -114.30 -10.73
C SER K 90 -41.29 -113.47 -9.90
N SER K 91 -42.48 -114.02 -9.62
CA SER K 91 -43.45 -113.29 -8.80
C SER K 91 -42.98 -113.14 -7.36
N ALA K 92 -42.19 -114.10 -6.86
CA ALA K 92 -41.66 -113.98 -5.51
C ALA K 92 -40.69 -112.80 -5.40
N VAL K 93 -39.84 -112.62 -6.39
CA VAL K 93 -38.94 -111.47 -6.40
C VAL K 93 -39.73 -110.18 -6.55
N MET K 94 -40.79 -110.20 -7.37
CA MET K 94 -41.64 -109.03 -7.53
C MET K 94 -42.35 -108.71 -6.22
N ALA K 95 -42.80 -109.74 -5.49
CA ALA K 95 -43.42 -109.52 -4.20
C ALA K 95 -42.42 -108.92 -3.21
N LEU K 96 -41.18 -109.41 -3.23
CA LEU K 96 -40.15 -108.87 -2.35
C LEU K 96 -39.82 -107.43 -2.71
N GLN K 97 -39.85 -107.09 -4.00
CA GLN K 97 -39.50 -105.72 -4.40
C GLN K 97 -40.63 -104.75 -4.10
N GLU K 98 -41.88 -105.17 -4.32
CA GLU K 98 -43.03 -104.35 -3.97
C GLU K 98 -43.03 -104.03 -2.48
N ALA K 99 -42.79 -105.03 -1.64
CA ALA K 99 -42.82 -104.82 -0.20
C ALA K 99 -41.66 -103.94 0.27
N CYS K 100 -40.46 -104.16 -0.26
CA CYS K 100 -39.30 -103.40 0.19
C CYS K 100 -39.40 -101.93 -0.18
N GLU K 101 -39.86 -101.63 -1.40
CA GLU K 101 -39.93 -100.23 -1.82
C GLU K 101 -40.99 -99.47 -1.04
N ALA K 102 -42.13 -100.13 -0.78
CA ALA K 102 -43.16 -99.50 0.05
C ALA K 102 -42.64 -99.25 1.46
N TYR K 103 -41.86 -100.19 2.00
CA TYR K 103 -41.24 -99.99 3.29
C TYR K 103 -40.29 -98.81 3.26
N LEU K 104 -39.50 -98.69 2.20
CA LEU K 104 -38.52 -97.61 2.11
C LEU K 104 -39.20 -96.26 1.89
N VAL K 105 -40.26 -96.23 1.08
CA VAL K 105 -40.99 -94.98 0.86
C VAL K 105 -41.60 -94.48 2.17
N GLY K 106 -42.27 -95.38 2.90
CA GLY K 106 -42.86 -94.99 4.16
C GLY K 106 -41.81 -94.60 5.20
N LEU K 107 -40.69 -95.31 5.22
CA LEU K 107 -39.61 -94.96 6.14
C LEU K 107 -39.04 -93.60 5.82
N PHE K 108 -38.95 -93.24 4.53
CA PHE K 108 -38.49 -91.91 4.15
C PHE K 108 -39.50 -90.85 4.55
N GLU K 109 -40.79 -91.21 4.62
CA GLU K 109 -41.78 -90.27 5.12
C GLU K 109 -41.54 -89.95 6.59
N ASP K 110 -41.38 -90.98 7.41
CA ASP K 110 -41.08 -90.76 8.82
C ASP K 110 -39.72 -90.09 8.99
N THR K 111 -38.73 -90.50 8.19
CA THR K 111 -37.43 -89.84 8.22
C THR K 111 -37.55 -88.36 7.90
N ASN K 112 -38.40 -88.00 6.93
CA ASN K 112 -38.60 -86.60 6.59
C ASN K 112 -39.23 -85.83 7.75
N LEU K 113 -40.13 -86.48 8.49
CA LEU K 113 -40.76 -85.81 9.62
C LEU K 113 -39.78 -85.56 10.75
N CYS K 114 -38.81 -86.47 10.94
CA CYS K 114 -37.81 -86.28 11.97
C CYS K 114 -36.88 -85.11 11.62
N ALA K 115 -36.53 -84.99 10.34
CA ALA K 115 -35.69 -83.88 9.90
C ALA K 115 -36.39 -82.53 10.06
N ILE K 116 -37.65 -82.46 9.64
CA ILE K 116 -38.44 -81.25 9.84
C ILE K 116 -38.56 -80.93 11.33
N HIS K 117 -38.63 -81.97 12.17
CA HIS K 117 -38.70 -81.76 13.61
C HIS K 117 -37.46 -81.05 14.13
N ALA K 118 -36.29 -81.37 13.57
CA ALA K 118 -35.04 -80.71 13.94
C ALA K 118 -34.82 -79.42 13.16
N LYS K 119 -35.91 -78.78 12.72
CA LYS K 119 -35.86 -77.52 11.96
C LYS K 119 -35.03 -77.66 10.69
N ARG K 120 -34.93 -78.87 10.13
CA ARG K 120 -34.07 -79.14 9.00
C ARG K 120 -34.88 -79.55 7.78
N VAL K 121 -34.30 -79.35 6.61
CA VAL K 121 -34.90 -79.76 5.34
C VAL K 121 -34.25 -81.04 4.82
N THR K 122 -33.00 -81.27 5.21
CA THR K 122 -32.24 -82.43 4.73
C THR K 122 -32.37 -83.60 5.70
N ILE K 123 -32.65 -84.79 5.16
CA ILE K 123 -32.68 -86.01 5.94
C ILE K 123 -31.25 -86.49 6.19
N MET K 124 -31.03 -87.07 7.36
CA MET K 124 -29.73 -87.54 7.80
C MET K 124 -29.88 -88.92 8.43
N PRO K 125 -28.78 -89.68 8.54
CA PRO K 125 -28.85 -90.98 9.23
C PRO K 125 -29.47 -90.90 10.62
N LYS K 126 -29.29 -89.79 11.33
CA LYS K 126 -29.90 -89.65 12.65
C LYS K 126 -31.42 -89.64 12.57
N ASP K 127 -31.98 -89.10 11.49
CA ASP K 127 -33.43 -89.11 11.31
C ASP K 127 -33.94 -90.53 11.09
N ILE K 128 -33.23 -91.32 10.29
CA ILE K 128 -33.62 -92.70 10.06
C ILE K 128 -33.52 -93.50 11.35
N GLN K 129 -32.42 -93.33 12.09
CA GLN K 129 -32.22 -94.07 13.32
C GLN K 129 -33.26 -93.70 14.37
N LEU K 130 -33.66 -92.43 14.42
CA LEU K 130 -34.74 -92.04 15.31
C LEU K 130 -36.06 -92.66 14.88
N ALA K 131 -36.31 -92.72 13.56
CA ALA K 131 -37.56 -93.30 13.06
C ALA K 131 -37.65 -94.78 13.41
N ARG K 132 -36.59 -95.54 13.14
CA ARG K 132 -36.61 -96.96 13.43
C ARG K 132 -36.64 -97.23 14.93
N ARG K 133 -36.00 -96.37 15.72
CA ARG K 133 -36.06 -96.51 17.17
C ARG K 133 -37.50 -96.41 17.67
N ILE K 134 -38.24 -95.43 17.16
CA ILE K 134 -39.64 -95.27 17.54
C ILE K 134 -40.49 -96.39 16.96
N ARG K 135 -40.18 -96.85 15.75
CA ARG K 135 -40.93 -97.92 15.12
C ARG K 135 -40.82 -99.24 15.86
N GLY K 136 -39.88 -99.38 16.79
CA GLY K 136 -39.64 -100.63 17.47
C GLY K 136 -38.72 -101.58 16.74
N GLU K 137 -38.21 -101.20 15.57
CA GLU K 137 -37.25 -102.02 14.85
C GLU K 137 -35.87 -101.93 15.48
N ARG K 138 -35.38 -100.70 15.69
CA ARG K 138 -34.13 -100.50 16.39
C ARG K 138 -34.35 -100.56 17.90
N ALA K 139 -33.27 -100.79 18.64
CA ALA K 139 -33.33 -100.88 20.08
C ALA K 139 -32.90 -99.57 20.74
N VAL L 25 -20.19 -116.80 -8.74
CA VAL L 25 -20.19 -116.08 -7.47
C VAL L 25 -21.02 -114.80 -7.63
N LEU L 26 -21.50 -114.29 -6.50
CA LEU L 26 -22.26 -113.03 -6.45
C LEU L 26 -21.80 -112.23 -5.24
N ARG L 27 -21.49 -110.95 -5.47
CA ARG L 27 -20.78 -110.15 -4.49
C ARG L 27 -21.06 -108.66 -4.74
N ASP L 28 -21.28 -107.92 -3.65
CA ASP L 28 -21.57 -106.48 -3.69
C ASP L 28 -22.93 -106.10 -4.29
N ASN L 29 -23.81 -107.08 -4.46
CA ASN L 29 -25.12 -106.80 -5.09
C ASN L 29 -25.96 -105.67 -4.47
N ILE L 30 -25.68 -105.28 -3.22
CA ILE L 30 -26.44 -104.25 -2.54
C ILE L 30 -26.16 -102.89 -3.18
N GLN L 31 -24.96 -102.70 -3.75
CA GLN L 31 -24.66 -101.49 -4.49
C GLN L 31 -25.48 -101.36 -5.77
N GLY L 32 -26.11 -102.46 -6.22
CA GLY L 32 -27.06 -102.39 -7.30
C GLY L 32 -28.28 -101.56 -6.96
N ILE L 33 -28.54 -101.35 -5.67
CA ILE L 33 -29.54 -100.40 -5.22
C ILE L 33 -28.89 -99.03 -5.32
N THR L 34 -29.12 -98.35 -6.45
CA THR L 34 -28.27 -97.22 -6.82
C THR L 34 -28.71 -95.94 -6.11
N LYS L 35 -27.85 -94.92 -6.23
CA LYS L 35 -28.17 -93.60 -5.69
C LYS L 35 -29.43 -93.00 -6.30
N PRO L 36 -29.63 -93.00 -7.62
CA PRO L 36 -30.89 -92.45 -8.15
C PRO L 36 -32.10 -93.27 -7.75
N ALA L 37 -31.94 -94.57 -7.51
CA ALA L 37 -33.07 -95.39 -7.07
C ALA L 37 -33.50 -95.01 -5.66
N ILE L 38 -32.54 -94.84 -4.75
CA ILE L 38 -32.85 -94.37 -3.41
C ILE L 38 -33.45 -92.96 -3.46
N ARG L 39 -32.99 -92.13 -4.40
CA ARG L 39 -33.53 -90.78 -4.53
C ARG L 39 -35.01 -90.83 -4.91
N ARG L 40 -35.37 -91.69 -5.86
CA ARG L 40 -36.76 -91.81 -6.27
C ARG L 40 -37.66 -92.24 -5.11
N LEU L 41 -37.18 -93.19 -4.30
CA LEU L 41 -37.94 -93.63 -3.14
C LEU L 41 -38.14 -92.50 -2.14
N ALA L 42 -37.11 -91.68 -1.93
CA ALA L 42 -37.23 -90.56 -1.01
C ALA L 42 -38.18 -89.51 -1.54
N ARG L 43 -38.19 -89.30 -2.87
CA ARG L 43 -39.10 -88.34 -3.47
C ARG L 43 -40.55 -88.77 -3.24
N ARG L 44 -40.85 -90.05 -3.45
CA ARG L 44 -42.19 -90.55 -3.16
C ARG L 44 -42.51 -90.45 -1.67
N GLY L 45 -41.48 -90.52 -0.82
CA GLY L 45 -41.64 -90.28 0.61
C GLY L 45 -41.77 -88.83 1.00
N GLY L 46 -41.64 -87.91 0.05
CA GLY L 46 -41.79 -86.49 0.34
C GLY L 46 -40.52 -85.78 0.76
N VAL L 47 -39.36 -86.37 0.51
CA VAL L 47 -38.09 -85.78 0.93
C VAL L 47 -37.59 -84.84 -0.16
N LYS L 48 -37.24 -83.62 0.22
CA LYS L 48 -36.76 -82.62 -0.72
C LYS L 48 -35.25 -82.67 -0.89
N ARG L 49 -34.51 -82.78 0.21
CA ARG L 49 -33.06 -82.77 0.18
C ARG L 49 -32.52 -83.98 0.92
N ILE L 50 -31.43 -84.55 0.40
CA ILE L 50 -30.91 -85.82 0.86
C ILE L 50 -29.42 -85.67 1.16
N SER L 51 -29.02 -86.01 2.37
CA SER L 51 -27.61 -85.98 2.74
C SER L 51 -26.82 -87.02 1.94
N GLY L 52 -25.52 -86.81 1.86
CA GLY L 52 -24.67 -87.75 1.15
C GLY L 52 -24.55 -89.09 1.83
N LEU L 53 -24.63 -89.11 3.16
CA LEU L 53 -24.49 -90.34 3.94
C LEU L 53 -25.78 -91.17 3.96
N ILE L 54 -26.85 -90.70 3.34
CA ILE L 54 -28.13 -91.41 3.40
C ILE L 54 -28.07 -92.70 2.60
N TYR L 55 -27.37 -92.70 1.48
CA TYR L 55 -27.50 -93.79 0.50
C TYR L 55 -26.94 -95.10 1.03
N GLU L 56 -25.75 -95.07 1.62
CA GLU L 56 -25.21 -96.29 2.23
C GLU L 56 -26.01 -96.71 3.45
N GLU L 57 -26.53 -95.74 4.21
CA GLU L 57 -27.41 -96.07 5.34
C GLU L 57 -28.65 -96.81 4.87
N THR L 58 -29.24 -96.37 3.76
CA THR L 58 -30.43 -97.02 3.24
C THR L 58 -30.13 -98.42 2.71
N ARG L 59 -28.89 -98.66 2.28
CA ARG L 59 -28.53 -100.00 1.80
C ARG L 59 -28.42 -100.99 2.96
N GLY L 60 -27.90 -100.53 4.10
CA GLY L 60 -27.85 -101.40 5.26
C GLY L 60 -29.22 -101.69 5.82
N VAL L 61 -30.09 -100.68 5.85
CA VAL L 61 -31.47 -100.87 6.33
C VAL L 61 -32.21 -101.84 5.43
N LEU L 62 -32.15 -101.62 4.11
CA LEU L 62 -32.80 -102.52 3.17
C LEU L 62 -32.26 -103.94 3.28
N LYS L 63 -30.98 -104.09 3.61
CA LYS L 63 -30.40 -105.42 3.76
C LYS L 63 -31.01 -106.15 4.95
N VAL L 64 -31.09 -105.46 6.10
CA VAL L 64 -31.67 -106.06 7.30
C VAL L 64 -33.13 -106.44 7.06
N PHE L 65 -33.89 -105.55 6.40
CA PHE L 65 -35.30 -105.83 6.12
C PHE L 65 -35.43 -107.10 5.29
N LEU L 66 -34.69 -107.20 4.19
CA LEU L 66 -34.75 -108.39 3.34
C LEU L 66 -34.26 -109.62 4.09
N GLU L 67 -33.23 -109.47 4.93
CA GLU L 67 -32.75 -110.59 5.72
C GLU L 67 -33.86 -111.18 6.58
N ASN L 68 -34.51 -110.33 7.38
CA ASN L 68 -35.56 -110.81 8.27
C ASN L 68 -36.72 -111.43 7.49
N VAL L 69 -37.06 -110.87 6.33
CA VAL L 69 -38.18 -111.39 5.56
C VAL L 69 -37.79 -112.68 4.85
N ILE L 70 -36.68 -112.67 4.12
CA ILE L 70 -36.27 -113.83 3.35
C ILE L 70 -35.94 -114.99 4.28
N ARG L 71 -35.38 -114.71 5.47
CA ARG L 71 -35.11 -115.77 6.44
C ARG L 71 -36.39 -116.53 6.78
N ASP L 72 -37.44 -115.80 7.15
CA ASP L 72 -38.71 -116.44 7.47
C ASP L 72 -39.29 -117.10 6.23
N ALA L 73 -39.13 -116.49 5.07
CA ALA L 73 -39.66 -117.07 3.84
C ALA L 73 -39.00 -118.39 3.52
N VAL L 74 -37.67 -118.48 3.70
CA VAL L 74 -36.97 -119.74 3.46
C VAL L 74 -37.38 -120.79 4.48
N THR L 75 -37.60 -120.38 5.74
CA THR L 75 -38.04 -121.31 6.77
C THR L 75 -39.38 -121.93 6.39
N TYR L 76 -40.26 -121.15 5.75
CA TYR L 76 -41.51 -121.71 5.25
C TYR L 76 -41.26 -122.65 4.08
N THR L 77 -40.37 -122.26 3.16
CA THR L 77 -40.08 -123.11 2.01
C THR L 77 -39.48 -124.45 2.44
N GLU L 78 -38.60 -124.43 3.44
CA GLU L 78 -38.00 -125.66 3.93
C GLU L 78 -39.06 -126.59 4.53
N HIS L 79 -39.98 -126.04 5.32
CA HIS L 79 -41.01 -126.87 5.94
C HIS L 79 -41.95 -127.49 4.90
N ALA L 80 -42.17 -126.82 3.78
CA ALA L 80 -42.94 -127.40 2.69
C ALA L 80 -42.13 -128.38 1.86
N LYS L 81 -40.86 -128.59 2.19
CA LYS L 81 -39.97 -129.49 1.46
C LYS L 81 -39.91 -129.12 -0.02
N ARG L 82 -39.63 -127.85 -0.28
CA ARG L 82 -39.52 -127.32 -1.62
C ARG L 82 -38.16 -126.66 -1.82
N LYS L 83 -37.75 -126.56 -3.09
CA LYS L 83 -36.56 -125.83 -3.47
C LYS L 83 -36.87 -124.49 -4.11
N THR L 84 -38.15 -124.19 -4.33
CA THR L 84 -38.58 -122.93 -4.94
C THR L 84 -39.36 -122.13 -3.91
N VAL L 85 -38.89 -120.92 -3.62
CA VAL L 85 -39.61 -120.02 -2.72
C VAL L 85 -40.81 -119.45 -3.45
N THR L 86 -41.99 -119.73 -2.94
CA THR L 86 -43.22 -119.26 -3.57
C THR L 86 -43.59 -117.87 -3.06
N ALA L 87 -44.45 -117.19 -3.81
CA ALA L 87 -44.95 -115.89 -3.38
C ALA L 87 -45.74 -116.01 -2.09
N MET L 88 -46.33 -117.18 -1.84
CA MET L 88 -47.07 -117.37 -0.60
C MET L 88 -46.12 -117.42 0.60
N ASP L 89 -44.93 -118.00 0.41
CA ASP L 89 -43.91 -117.99 1.46
C ASP L 89 -43.55 -116.56 1.84
N VAL L 90 -43.44 -115.68 0.85
CA VAL L 90 -43.13 -114.29 1.13
C VAL L 90 -44.30 -113.60 1.83
N VAL L 91 -45.51 -113.86 1.37
CA VAL L 91 -46.69 -113.24 1.98
C VAL L 91 -46.83 -113.66 3.43
N TYR L 92 -46.62 -114.95 3.70
CA TYR L 92 -46.72 -115.45 5.06
C TYR L 92 -45.66 -114.81 5.96
N ALA L 93 -44.46 -114.59 5.41
CA ALA L 93 -43.38 -113.98 6.19
C ALA L 93 -43.65 -112.51 6.44
N LEU L 94 -44.15 -111.79 5.42
CA LEU L 94 -44.54 -110.40 5.63
C LEU L 94 -45.64 -110.29 6.67
N LYS L 95 -46.59 -111.22 6.65
CA LYS L 95 -47.63 -111.25 7.67
C LYS L 95 -47.05 -111.57 9.04
N ARG L 96 -46.03 -112.43 9.08
CA ARG L 96 -45.31 -112.69 10.34
C ARG L 96 -44.75 -111.41 10.93
N GLN L 97 -44.07 -110.60 10.11
CA GLN L 97 -43.36 -109.41 10.56
C GLN L 97 -44.28 -108.21 10.75
N GLY L 98 -45.58 -108.38 10.61
CA GLY L 98 -46.50 -107.26 10.72
C GLY L 98 -46.47 -106.31 9.55
N ARG L 99 -46.19 -106.81 8.35
CA ARG L 99 -46.19 -106.01 7.13
C ARG L 99 -47.01 -106.73 6.06
N THR L 100 -48.29 -106.95 6.36
CA THR L 100 -49.17 -107.71 5.48
C THR L 100 -49.25 -107.05 4.11
N LEU L 101 -49.27 -107.89 3.07
CA LEU L 101 -49.25 -107.44 1.68
C LEU L 101 -50.45 -108.00 0.92
N TYR L 102 -51.20 -107.12 0.26
CA TYR L 102 -52.33 -107.52 -0.54
C TYR L 102 -51.93 -107.63 -2.01
N GLY L 103 -52.55 -108.57 -2.71
CA GLY L 103 -52.37 -108.70 -4.15
C GLY L 103 -51.40 -109.76 -4.59
N PHE L 104 -50.98 -110.65 -3.70
CA PHE L 104 -50.08 -111.74 -4.09
C PHE L 104 -50.54 -113.09 -3.56
N GLY L 105 -51.74 -113.18 -3.00
CA GLY L 105 -52.27 -114.44 -2.52
C GLY L 105 -52.74 -114.42 -1.07
N GLY L 106 -52.89 -113.23 -0.50
CA GLY L 106 -53.26 -113.11 0.90
C GLY L 106 -54.57 -113.77 1.27
N ALA M 18 -42.25 -145.45 34.34
CA ALA M 18 -42.57 -144.24 33.60
C ALA M 18 -43.97 -144.34 32.99
N LYS M 19 -44.96 -143.85 33.74
CA LYS M 19 -46.34 -143.84 33.28
C LYS M 19 -46.70 -142.54 32.57
N THR M 20 -46.28 -141.40 33.12
CA THR M 20 -46.61 -140.11 32.53
C THR M 20 -45.85 -139.90 31.22
N ARG M 21 -46.45 -139.10 30.33
CA ARG M 21 -45.76 -138.75 29.09
C ARG M 21 -44.64 -137.75 29.31
N SER M 22 -44.67 -137.01 30.44
CA SER M 22 -43.59 -136.09 30.77
C SER M 22 -42.32 -136.83 31.18
N SER M 23 -42.46 -137.87 32.01
CA SER M 23 -41.29 -138.67 32.39
C SER M 23 -40.69 -139.34 31.16
N ARG M 24 -41.55 -139.85 30.28
CA ARG M 24 -41.14 -140.47 29.02
C ARG M 24 -40.36 -139.53 28.12
N ALA M 25 -40.47 -138.21 28.36
CA ALA M 25 -39.73 -137.21 27.61
C ALA M 25 -38.65 -136.49 28.43
N GLY M 26 -38.55 -136.76 29.73
CA GLY M 26 -37.58 -136.08 30.55
C GLY M 26 -37.89 -134.61 30.71
N LEU M 27 -39.16 -134.28 30.93
CA LEU M 27 -39.61 -132.91 31.02
C LEU M 27 -40.31 -132.68 32.35
N GLN M 28 -40.34 -131.42 32.77
CA GLN M 28 -41.12 -131.02 33.93
C GLN M 28 -42.50 -130.52 33.56
N PHE M 29 -42.74 -130.16 32.27
CA PHE M 29 -43.96 -129.62 31.71
C PHE M 29 -44.87 -130.75 31.22
N PRO M 30 -46.20 -130.58 31.34
CA PRO M 30 -47.13 -131.69 31.09
C PRO M 30 -47.39 -131.89 29.61
N VAL M 31 -46.91 -133.03 29.09
CA VAL M 31 -47.15 -133.38 27.70
C VAL M 31 -48.62 -133.69 27.46
N GLY M 32 -49.27 -134.34 28.43
CA GLY M 32 -50.68 -134.69 28.26
C GLY M 32 -51.57 -133.47 28.16
N ARG M 33 -51.38 -132.52 29.07
CA ARG M 33 -52.19 -131.29 29.04
C ARG M 33 -51.94 -130.49 27.77
N VAL M 34 -50.69 -130.43 27.32
CA VAL M 34 -50.38 -129.72 26.08
C VAL M 34 -51.04 -130.43 24.90
N HIS M 35 -51.05 -131.78 24.92
CA HIS M 35 -51.75 -132.53 23.87
C HIS M 35 -53.25 -132.24 23.90
N ARG M 36 -53.82 -132.07 25.09
CA ARG M 36 -55.23 -131.72 25.19
C ARG M 36 -55.51 -130.36 24.58
N LEU M 37 -54.76 -129.34 25.01
CA LEU M 37 -55.01 -127.98 24.54
C LEU M 37 -54.82 -127.86 23.04
N LEU M 38 -53.88 -128.63 22.47
CA LEU M 38 -53.70 -128.61 21.02
C LEU M 38 -54.92 -129.16 20.29
N ARG M 39 -55.59 -130.16 20.87
CA ARG M 39 -56.79 -130.71 20.24
C ARG M 39 -58.01 -129.84 20.50
N LYS M 40 -58.16 -129.34 21.73
CA LYS M 40 -59.30 -128.49 22.07
C LYS M 40 -59.05 -127.04 21.67
N GLY M 41 -58.23 -126.82 20.64
CA GLY M 41 -57.87 -125.47 20.27
C GLY M 41 -58.12 -125.13 18.82
N ASN M 42 -58.62 -126.10 18.04
CA ASN M 42 -58.94 -125.92 16.63
C ASN M 42 -57.73 -125.36 15.87
N TYR M 43 -56.62 -126.08 15.98
CA TYR M 43 -55.45 -125.76 15.19
C TYR M 43 -55.33 -126.61 13.94
N SER M 44 -55.71 -127.88 14.04
CA SER M 44 -55.82 -128.76 12.88
C SER M 44 -56.74 -129.91 13.24
N GLU M 45 -57.11 -130.69 12.23
CA GLU M 45 -57.94 -131.88 12.46
C GLU M 45 -57.25 -132.83 13.43
N ARG M 46 -55.97 -133.11 13.19
CA ARG M 46 -55.23 -134.14 13.90
C ARG M 46 -53.94 -133.57 14.48
N VAL M 47 -53.55 -134.04 15.65
CA VAL M 47 -52.34 -133.60 16.34
C VAL M 47 -51.38 -134.77 16.45
N GLY M 48 -50.18 -134.61 15.89
CA GLY M 48 -49.20 -135.68 15.96
C GLY M 48 -48.76 -135.98 17.38
N ALA M 49 -48.18 -137.16 17.56
CA ALA M 49 -47.77 -137.58 18.90
C ALA M 49 -46.58 -136.77 19.41
N GLY M 50 -45.71 -136.31 18.50
CA GLY M 50 -44.54 -135.57 18.90
C GLY M 50 -44.78 -134.10 19.14
N ALA M 51 -45.88 -133.56 18.62
CA ALA M 51 -46.15 -132.12 18.74
C ALA M 51 -46.28 -131.65 20.18
N PRO M 52 -47.10 -132.27 21.05
CA PRO M 52 -47.18 -131.76 22.43
C PRO M 52 -45.88 -131.92 23.18
N VAL M 53 -45.09 -132.94 22.83
CA VAL M 53 -43.80 -133.16 23.46
C VAL M 53 -42.83 -132.04 23.08
N TYR M 54 -42.71 -131.79 21.77
CA TYR M 54 -41.86 -130.70 21.29
C TYR M 54 -42.26 -129.37 21.90
N LEU M 55 -43.56 -129.09 21.92
CA LEU M 55 -44.04 -127.80 22.40
C LEU M 55 -43.80 -127.65 23.91
N ALA M 56 -44.12 -128.67 24.69
CA ALA M 56 -43.91 -128.61 26.13
C ALA M 56 -42.44 -128.45 26.49
N ALA M 57 -41.55 -128.97 25.65
CA ALA M 57 -40.12 -128.79 25.89
C ALA M 57 -39.67 -127.37 25.56
N VAL M 58 -40.18 -126.81 24.45
CA VAL M 58 -39.86 -125.42 24.10
C VAL M 58 -40.40 -124.48 25.16
N LEU M 59 -41.65 -124.71 25.59
CA LEU M 59 -42.22 -123.94 26.69
C LEU M 59 -41.36 -124.05 27.95
N GLU M 60 -40.79 -125.23 28.20
CA GLU M 60 -39.95 -125.42 29.38
C GLU M 60 -38.63 -124.69 29.25
N TYR M 61 -38.04 -124.66 28.05
CA TYR M 61 -36.77 -123.98 27.85
C TYR M 61 -36.92 -122.48 28.06
N LEU M 62 -37.93 -121.87 27.42
CA LEU M 62 -38.14 -120.43 27.58
C LEU M 62 -38.45 -120.06 29.02
N THR M 63 -39.19 -120.93 29.72
CA THR M 63 -39.50 -120.69 31.13
C THR M 63 -38.21 -120.63 31.95
N ALA M 64 -37.33 -121.61 31.76
CA ALA M 64 -36.05 -121.61 32.48
C ALA M 64 -35.21 -120.39 32.12
N GLU M 65 -35.25 -119.99 30.85
CA GLU M 65 -34.44 -118.85 30.41
C GLU M 65 -34.87 -117.57 31.13
N ILE M 66 -36.17 -117.39 31.33
CA ILE M 66 -36.66 -116.18 31.99
C ILE M 66 -36.47 -116.27 33.49
N LEU M 67 -36.78 -117.43 34.08
CA LEU M 67 -36.61 -117.59 35.53
C LEU M 67 -35.14 -117.53 35.91
N GLU M 68 -34.24 -117.96 35.03
CA GLU M 68 -32.81 -117.81 35.30
C GLU M 68 -32.43 -116.35 35.44
N LEU M 69 -32.84 -115.53 34.47
CA LEU M 69 -32.52 -114.11 34.50
C LEU M 69 -33.34 -113.35 35.55
N ALA M 70 -34.53 -113.85 35.88
CA ALA M 70 -35.37 -113.17 36.87
C ALA M 70 -34.92 -113.49 38.30
N GLY M 71 -34.45 -114.71 38.54
CA GLY M 71 -33.86 -115.02 39.83
C GLY M 71 -32.57 -114.28 40.08
N ASN M 72 -31.81 -114.01 39.02
CA ASN M 72 -30.61 -113.19 39.14
C ASN M 72 -30.95 -111.75 39.51
N ALA M 73 -31.98 -111.18 38.86
CA ALA M 73 -32.38 -109.81 39.18
C ALA M 73 -32.91 -109.70 40.61
N ALA M 74 -33.68 -110.70 41.06
CA ALA M 74 -34.22 -110.66 42.41
C ALA M 74 -33.11 -110.63 43.46
N ARG M 75 -32.02 -111.36 43.20
CA ARG M 75 -30.94 -111.45 44.16
C ARG M 75 -29.98 -110.26 44.06
N ASP M 76 -29.87 -109.64 42.88
CA ASP M 76 -29.20 -108.35 42.79
C ASP M 76 -29.89 -107.31 43.66
N ASN M 77 -31.21 -107.43 43.81
CA ASN M 77 -32.00 -106.54 44.65
C ASN M 77 -32.16 -107.07 46.07
N LYS M 78 -31.34 -108.04 46.46
CA LYS M 78 -31.34 -108.59 47.81
C LYS M 78 -32.70 -109.20 48.15
N LYS M 79 -33.30 -109.87 47.18
CA LYS M 79 -34.60 -110.48 47.35
C LYS M 79 -34.54 -111.97 47.03
N THR M 80 -35.30 -112.75 47.78
CA THR M 80 -35.44 -114.18 47.57
C THR M 80 -36.62 -114.52 46.67
N ARG M 81 -37.58 -113.61 46.52
CA ARG M 81 -38.76 -113.85 45.70
C ARG M 81 -38.69 -113.05 44.41
N ILE M 82 -39.10 -113.68 43.31
CA ILE M 82 -39.26 -112.99 42.04
C ILE M 82 -40.58 -112.24 42.06
N ILE M 83 -40.51 -110.91 42.02
CA ILE M 83 -41.68 -110.06 41.86
C ILE M 83 -41.71 -109.61 40.41
N PRO M 84 -42.81 -109.03 39.91
CA PRO M 84 -42.88 -108.70 38.48
C PRO M 84 -41.74 -107.82 37.97
N ARG M 85 -41.22 -106.91 38.79
CA ARG M 85 -40.12 -106.07 38.33
C ARG M 85 -38.91 -106.91 37.93
N HIS M 86 -38.67 -108.00 38.65
CA HIS M 86 -37.57 -108.89 38.30
C HIS M 86 -37.79 -109.53 36.94
N LEU M 87 -39.04 -109.85 36.59
CA LEU M 87 -39.33 -110.35 35.25
C LEU M 87 -39.13 -109.26 34.21
N GLN M 88 -39.49 -108.02 34.54
CA GLN M 88 -39.32 -106.92 33.59
C GLN M 88 -37.85 -106.58 33.38
N LEU M 89 -37.09 -106.47 34.47
CA LEU M 89 -35.65 -106.22 34.35
C LEU M 89 -34.96 -107.33 33.56
N ALA M 90 -35.38 -108.59 33.76
CA ALA M 90 -34.73 -109.70 33.07
C ALA M 90 -35.04 -109.67 31.57
N ILE M 91 -36.31 -109.47 31.23
CA ILE M 91 -36.72 -109.49 29.82
C ILE M 91 -36.16 -108.30 29.07
N ARG M 92 -36.27 -107.10 29.64
CA ARG M 92 -35.86 -105.90 28.92
C ARG M 92 -34.35 -105.71 28.88
N ASN M 93 -33.60 -106.43 29.71
CA ASN M 93 -32.14 -106.39 29.65
C ASN M 93 -31.56 -107.43 28.70
N ASP M 94 -32.27 -108.53 28.48
CA ASP M 94 -31.84 -109.53 27.52
C ASP M 94 -32.39 -109.15 26.15
N GLU M 95 -31.50 -109.08 25.16
CA GLU M 95 -31.88 -108.58 23.84
C GLU M 95 -32.96 -109.46 23.21
N GLU M 96 -32.80 -110.78 23.29
CA GLU M 96 -33.72 -111.67 22.61
C GLU M 96 -35.04 -111.80 23.38
N LEU M 97 -34.98 -111.80 24.71
CA LEU M 97 -36.22 -111.80 25.49
C LEU M 97 -37.02 -110.52 25.27
N ASN M 98 -36.33 -109.39 25.14
CA ASN M 98 -37.02 -108.12 24.90
C ASN M 98 -37.73 -108.10 23.56
N LYS M 99 -37.17 -108.78 22.55
CA LYS M 99 -37.80 -108.82 21.24
C LYS M 99 -39.00 -109.76 21.22
N LEU M 100 -38.88 -110.93 21.84
CA LEU M 100 -39.99 -111.88 21.86
C LEU M 100 -41.22 -111.27 22.53
N LEU M 101 -41.02 -110.46 23.56
CA LEU M 101 -42.10 -109.75 24.24
C LEU M 101 -42.08 -108.26 23.89
N GLY M 102 -41.77 -107.95 22.63
CA GLY M 102 -41.71 -106.56 22.21
C GLY M 102 -43.06 -105.87 22.23
N ARG M 103 -44.12 -106.61 21.98
CA ARG M 103 -45.49 -106.08 22.02
C ARG M 103 -46.24 -106.59 23.25
N VAL M 104 -45.51 -106.73 24.37
CA VAL M 104 -46.05 -107.28 25.61
C VAL M 104 -45.84 -106.28 26.73
N THR M 105 -46.85 -106.14 27.59
CA THR M 105 -46.78 -105.27 28.76
C THR M 105 -46.77 -106.11 30.03
N ILE M 106 -45.74 -105.93 30.84
CA ILE M 106 -45.57 -106.64 32.10
C ILE M 106 -46.10 -105.78 33.23
N ALA M 107 -47.19 -106.21 33.86
CA ALA M 107 -47.83 -105.42 34.92
C ALA M 107 -46.91 -105.28 36.13
N GLN M 108 -46.89 -104.08 36.71
CA GLN M 108 -46.03 -103.77 37.86
C GLN M 108 -44.57 -104.08 37.54
N GLY M 109 -44.15 -103.76 36.31
CA GLY M 109 -42.79 -104.07 35.91
C GLY M 109 -41.93 -102.84 35.84
N GLY M 110 -42.54 -101.69 35.58
CA GLY M 110 -41.75 -100.48 35.46
C GLY M 110 -40.95 -100.50 34.16
N VAL M 111 -39.90 -99.69 34.15
CA VAL M 111 -39.02 -99.56 32.99
C VAL M 111 -37.57 -99.64 33.46
N LEU M 112 -36.69 -99.73 32.48
CA LEU M 112 -35.26 -99.67 32.75
C LEU M 112 -34.83 -98.23 32.98
N PRO M 113 -33.98 -98.00 33.99
CA PRO M 113 -33.40 -96.65 34.18
C PRO M 113 -32.55 -96.22 33.00
N ASN M 114 -33.00 -95.16 32.33
CA ASN M 114 -32.29 -94.67 31.15
C ASN M 114 -32.52 -93.18 31.04
N ILE M 115 -31.49 -92.39 31.34
CA ILE M 115 -31.55 -90.94 31.21
C ILE M 115 -30.77 -90.58 29.96
N GLN M 116 -31.38 -89.77 29.12
CA GLN M 116 -30.74 -89.35 27.89
C GLN M 116 -29.54 -88.44 28.20
N ALA M 117 -28.54 -88.50 27.31
CA ALA M 117 -27.27 -87.83 27.58
C ALA M 117 -27.39 -86.31 27.62
N VAL M 118 -28.11 -85.71 26.66
CA VAL M 118 -28.17 -84.25 26.61
C VAL M 118 -28.88 -83.67 27.80
N LEU M 119 -29.61 -84.50 28.55
CA LEU M 119 -30.24 -84.08 29.79
C LEU M 119 -29.26 -84.06 30.94
N LEU M 120 -28.09 -84.62 30.79
CA LEU M 120 -27.20 -84.56 31.92
C LEU M 120 -26.60 -83.15 32.04
N PRO M 121 -26.42 -82.65 33.26
CA PRO M 121 -25.83 -81.31 33.44
C PRO M 121 -24.37 -81.32 33.07
N LYS M 122 -23.94 -80.24 32.44
CA LYS M 122 -22.55 -80.09 32.04
C LYS M 122 -21.82 -79.15 32.98
N LYS N 34 -67.59 -122.97 47.47
CA LYS N 34 -66.42 -123.65 46.95
C LYS N 34 -66.12 -123.17 45.53
N ARG N 35 -65.18 -122.24 45.41
CA ARG N 35 -65.02 -121.44 44.21
C ARG N 35 -64.61 -122.29 43.02
N SER N 36 -64.76 -121.72 41.83
CA SER N 36 -64.63 -122.47 40.59
C SER N 36 -63.19 -122.83 40.30
N ARG N 37 -62.99 -124.03 39.78
CA ARG N 37 -61.69 -124.53 39.35
C ARG N 37 -61.09 -123.66 38.27
N LYS N 38 -60.01 -122.95 38.57
CA LYS N 38 -59.33 -122.09 37.60
C LYS N 38 -57.93 -122.65 37.34
N GLU N 39 -57.72 -123.18 36.15
CA GLU N 39 -56.45 -123.82 35.85
C GLU N 39 -55.37 -122.74 35.69
N SER N 40 -54.11 -123.17 35.67
CA SER N 40 -52.96 -122.29 35.51
C SER N 40 -51.69 -123.14 35.47
N TYR N 41 -50.59 -122.50 35.12
CA TYR N 41 -49.28 -123.12 34.97
C TYR N 41 -48.40 -122.95 36.22
N SER N 42 -49.01 -122.64 37.37
CA SER N 42 -48.24 -122.23 38.53
C SER N 42 -47.39 -123.35 39.09
N ILE N 43 -47.93 -124.57 39.15
CA ILE N 43 -47.20 -125.68 39.76
C ILE N 43 -45.95 -126.00 38.96
N TYR N 44 -46.02 -125.89 37.63
CA TYR N 44 -44.86 -126.18 36.80
C TYR N 44 -43.83 -125.06 36.86
N VAL N 45 -44.29 -123.82 36.96
CA VAL N 45 -43.38 -122.69 37.12
C VAL N 45 -42.63 -122.79 38.44
N TYR N 46 -43.32 -123.20 39.51
CA TYR N 46 -42.65 -123.43 40.78
C TYR N 46 -41.59 -124.53 40.66
N LYS N 47 -41.88 -125.57 39.88
CA LYS N 47 -40.95 -126.68 39.75
C LYS N 47 -39.69 -126.26 39.00
N VAL N 48 -39.86 -125.64 37.82
CA VAL N 48 -38.71 -125.16 37.06
C VAL N 48 -37.90 -124.18 37.87
N LEU N 49 -38.58 -123.29 38.62
CA LEU N 49 -37.87 -122.34 39.47
C LEU N 49 -37.03 -123.04 40.53
N LYS N 50 -37.55 -124.14 41.08
CA LYS N 50 -36.80 -124.87 42.10
C LYS N 50 -35.62 -125.64 41.51
N GLN N 51 -35.71 -126.07 40.25
CA GLN N 51 -34.54 -126.65 39.59
C GLN N 51 -33.46 -125.61 39.36
N VAL N 52 -33.85 -124.41 38.94
CA VAL N 52 -32.87 -123.41 38.55
C VAL N 52 -32.47 -122.51 39.72
N HIS N 53 -33.36 -122.31 40.68
CA HIS N 53 -33.08 -121.52 41.86
C HIS N 53 -33.80 -122.17 43.04
N PRO N 54 -33.15 -123.14 43.70
CA PRO N 54 -33.86 -123.93 44.71
C PRO N 54 -34.29 -123.14 45.93
N ASP N 55 -33.71 -121.96 46.16
CA ASP N 55 -34.03 -121.15 47.32
C ASP N 55 -34.78 -119.88 46.97
N THR N 56 -35.16 -119.69 45.70
CA THR N 56 -35.81 -118.47 45.24
C THR N 56 -37.32 -118.67 45.15
N GLY N 57 -38.06 -117.61 45.49
CA GLY N 57 -39.51 -117.63 45.43
C GLY N 57 -40.08 -116.71 44.37
N ILE N 58 -41.40 -116.59 44.40
CA ILE N 58 -42.14 -115.83 43.40
C ILE N 58 -43.44 -115.34 44.02
N SER N 59 -43.82 -114.10 43.67
CA SER N 59 -45.01 -113.48 44.23
C SER N 59 -46.23 -113.79 43.35
N SER N 60 -47.40 -113.33 43.81
CA SER N 60 -48.64 -113.54 43.07
C SER N 60 -48.61 -112.88 41.71
N LYS N 61 -48.26 -111.59 41.67
CA LYS N 61 -48.26 -110.86 40.40
C LYS N 61 -47.24 -111.42 39.42
N ALA N 62 -46.03 -111.73 39.91
CA ALA N 62 -45.01 -112.29 39.04
C ALA N 62 -45.45 -113.65 38.48
N MET N 63 -46.15 -114.44 39.29
CA MET N 63 -46.69 -115.71 38.80
C MET N 63 -47.75 -115.47 37.73
N GLY N 64 -48.55 -114.42 37.89
CA GLY N 64 -49.55 -114.10 36.88
C GLY N 64 -48.93 -113.71 35.56
N ILE N 65 -47.81 -112.98 35.61
CA ILE N 65 -47.10 -112.62 34.38
C ILE N 65 -46.49 -113.85 33.74
N MET N 66 -45.88 -114.73 34.56
CA MET N 66 -45.37 -115.99 34.02
C MET N 66 -46.49 -116.81 33.41
N ASN N 67 -47.67 -116.81 34.03
CA ASN N 67 -48.81 -117.54 33.48
C ASN N 67 -49.27 -116.92 32.17
N SER N 68 -49.25 -115.58 32.09
CA SER N 68 -49.60 -114.91 30.85
C SER N 68 -48.52 -115.09 29.79
N PHE N 69 -47.26 -115.19 30.21
CA PHE N 69 -46.17 -115.45 29.27
C PHE N 69 -46.34 -116.83 28.62
N VAL N 70 -46.66 -117.84 29.42
CA VAL N 70 -46.80 -119.20 28.89
C VAL N 70 -47.99 -119.27 27.94
N ASN N 71 -49.11 -118.66 28.30
CA ASN N 71 -50.29 -118.69 27.43
C ASN N 71 -50.05 -117.93 26.14
N ASP N 72 -49.36 -116.78 26.22
CA ASP N 72 -49.09 -115.99 25.02
C ASP N 72 -48.25 -116.78 24.02
N ILE N 73 -47.10 -117.31 24.48
CA ILE N 73 -46.22 -118.04 23.58
C ILE N 73 -46.89 -119.31 23.09
N PHE N 74 -47.72 -119.92 23.93
CA PHE N 74 -48.53 -121.06 23.48
C PHE N 74 -49.37 -120.67 22.27
N GLU N 75 -50.13 -119.58 22.39
CA GLU N 75 -51.00 -119.15 21.30
C GLU N 75 -50.20 -118.74 20.07
N ARG N 76 -49.03 -118.12 20.27
CA ARG N 76 -48.21 -117.70 19.14
C ARG N 76 -47.71 -118.90 18.35
N ILE N 77 -47.14 -119.89 19.05
CA ILE N 77 -46.63 -121.09 18.38
C ILE N 77 -47.77 -121.88 17.77
N ALA N 78 -48.82 -122.14 18.55
CA ALA N 78 -49.95 -122.90 18.06
C ALA N 78 -50.62 -122.22 16.88
N GLY N 79 -50.69 -120.89 16.91
CA GLY N 79 -51.26 -120.17 15.78
C GLY N 79 -50.42 -120.31 14.52
N GLU N 80 -49.10 -120.20 14.67
CA GLU N 80 -48.21 -120.34 13.52
C GLU N 80 -48.25 -121.76 12.96
N ALA N 81 -48.32 -122.77 13.82
CA ALA N 81 -48.41 -124.15 13.36
C ALA N 81 -49.73 -124.39 12.63
N SER N 82 -50.82 -123.83 13.15
CA SER N 82 -52.11 -123.96 12.48
C SER N 82 -52.05 -123.37 11.07
N ARG N 83 -51.37 -122.24 10.92
CA ARG N 83 -51.23 -121.63 9.60
C ARG N 83 -50.37 -122.50 8.69
N LEU N 84 -49.26 -123.03 9.19
CA LEU N 84 -48.38 -123.89 8.39
C LEU N 84 -49.13 -125.09 7.83
N ALA N 85 -49.92 -125.77 8.67
CA ALA N 85 -50.69 -126.91 8.19
C ALA N 85 -51.71 -126.49 7.14
N HIS N 86 -52.41 -125.37 7.37
CA HIS N 86 -53.34 -124.85 6.38
C HIS N 86 -52.61 -124.49 5.10
N TYR N 87 -51.40 -123.92 5.22
CA TYR N 87 -50.62 -123.53 4.05
C TYR N 87 -50.25 -124.71 3.18
N ASN N 88 -50.03 -125.88 3.78
CA ASN N 88 -49.61 -127.06 3.05
C ASN N 88 -50.74 -128.07 2.88
N LYS N 89 -51.98 -127.65 3.13
CA LYS N 89 -53.16 -128.50 2.95
C LYS N 89 -53.07 -129.75 3.81
N ARG N 90 -52.54 -129.59 5.03
CA ARG N 90 -52.47 -130.68 5.99
C ARG N 90 -53.51 -130.48 7.06
N SER N 91 -54.18 -131.56 7.43
CA SER N 91 -55.16 -131.58 8.49
C SER N 91 -54.50 -131.88 9.84
N THR N 92 -53.20 -132.10 9.85
CA THR N 92 -52.49 -132.56 11.04
C THR N 92 -51.40 -131.56 11.44
N ILE N 93 -51.31 -131.32 12.74
CA ILE N 93 -50.20 -130.58 13.35
C ILE N 93 -49.32 -131.58 14.07
N THR N 94 -48.16 -131.85 13.50
CA THR N 94 -47.15 -132.75 14.06
C THR N 94 -46.02 -131.94 14.67
N SER N 95 -45.11 -132.63 15.36
CA SER N 95 -43.96 -131.97 15.95
C SER N 95 -43.14 -131.21 14.92
N ARG N 96 -43.24 -131.59 13.65
CA ARG N 96 -42.56 -130.85 12.59
C ARG N 96 -43.15 -129.45 12.43
N GLU N 97 -44.48 -129.33 12.52
CA GLU N 97 -45.11 -128.01 12.45
C GLU N 97 -44.71 -127.15 13.64
N ILE N 98 -44.67 -127.74 14.84
CA ILE N 98 -44.23 -127.00 16.02
C ILE N 98 -42.79 -126.55 15.86
N GLN N 99 -41.94 -127.40 15.28
CA GLN N 99 -40.53 -127.06 15.10
C GLN N 99 -40.35 -125.85 14.20
N THR N 100 -41.00 -125.86 13.03
CA THR N 100 -40.89 -124.72 12.12
C THR N 100 -41.51 -123.46 12.72
N ALA N 101 -42.59 -123.61 13.50
CA ALA N 101 -43.18 -122.47 14.16
C ALA N 101 -42.22 -121.85 15.16
N VAL N 102 -41.41 -122.67 15.83
CA VAL N 102 -40.40 -122.16 16.75
C VAL N 102 -39.31 -121.42 16.00
N ARG N 103 -38.92 -121.93 14.82
CA ARG N 103 -37.87 -121.28 14.05
C ARG N 103 -38.32 -119.92 13.53
N LEU N 104 -39.59 -119.82 13.12
CA LEU N 104 -40.11 -118.56 12.61
C LEU N 104 -40.31 -117.55 13.73
N LEU N 105 -40.70 -118.01 14.91
CA LEU N 105 -41.12 -117.12 15.99
C LEU N 105 -39.94 -116.72 16.89
N LEU N 106 -39.10 -117.66 17.24
CA LEU N 106 -38.09 -117.33 18.23
C LEU N 106 -36.86 -116.72 17.55
N PRO N 107 -36.15 -115.84 18.24
CA PRO N 107 -34.93 -115.25 17.67
C PRO N 107 -33.75 -116.19 17.81
N GLY N 108 -33.04 -116.39 16.69
CA GLY N 108 -31.79 -117.13 16.58
C GLY N 108 -31.43 -118.11 17.68
N GLU N 109 -30.69 -117.64 18.70
CA GLU N 109 -30.18 -118.53 19.73
C GLU N 109 -31.31 -119.15 20.54
N LEU N 110 -32.35 -118.37 20.85
CA LEU N 110 -33.49 -118.90 21.58
C LEU N 110 -34.17 -120.03 20.82
N ALA N 111 -34.33 -119.87 19.51
CA ALA N 111 -34.91 -120.93 18.69
C ALA N 111 -34.00 -122.15 18.66
N LYS N 112 -32.69 -121.92 18.51
CA LYS N 112 -31.72 -123.01 18.43
C LYS N 112 -31.82 -123.94 19.64
N HIS N 113 -31.81 -123.38 20.85
CA HIS N 113 -31.89 -124.21 22.05
C HIS N 113 -33.26 -124.84 22.20
N ALA N 114 -34.31 -124.09 21.84
CA ALA N 114 -35.67 -124.63 21.92
C ALA N 114 -35.87 -125.78 20.96
N VAL N 115 -35.23 -125.72 19.78
CA VAL N 115 -35.37 -126.79 18.81
C VAL N 115 -34.70 -128.07 19.32
N SER N 116 -33.50 -127.94 19.89
CA SER N 116 -32.80 -129.12 20.39
C SER N 116 -33.50 -129.69 21.62
N GLU N 117 -33.99 -128.82 22.53
CA GLU N 117 -34.72 -129.31 23.69
C GLU N 117 -36.05 -129.94 23.31
N GLY N 118 -36.62 -129.60 22.16
CA GLY N 118 -37.87 -130.19 21.73
C GLY N 118 -37.66 -131.50 21.00
N THR N 119 -36.70 -131.51 20.07
CA THR N 119 -36.35 -132.75 19.38
C THR N 119 -35.85 -133.78 20.37
N LYS N 120 -35.12 -133.33 21.41
CA LYS N 120 -34.66 -134.24 22.44
C LYS N 120 -35.82 -134.91 23.16
N ALA N 121 -36.89 -134.16 23.41
CA ALA N 121 -38.03 -134.73 24.11
C ALA N 121 -38.86 -135.63 23.22
N VAL N 122 -38.99 -135.30 21.93
CA VAL N 122 -39.77 -136.13 21.03
C VAL N 122 -39.09 -137.49 20.82
N THR N 123 -37.76 -137.48 20.67
CA THR N 123 -37.03 -138.73 20.50
C THR N 123 -37.25 -139.65 21.68
N LYS N 124 -37.16 -139.11 22.90
CA LYS N 124 -37.40 -139.92 24.09
C LYS N 124 -38.81 -140.49 24.08
N TYR N 125 -39.82 -139.64 23.86
CA TYR N 125 -41.21 -140.06 23.91
C TYR N 125 -41.52 -141.16 22.89
N THR N 126 -40.95 -141.04 21.69
CA THR N 126 -41.17 -142.04 20.65
C THR N 126 -40.61 -143.40 21.06
N SER N 127 -39.42 -143.40 21.66
CA SER N 127 -38.77 -144.66 22.02
C SER N 127 -39.45 -145.33 23.21
N ALA N 128 -39.81 -144.57 24.24
CA ALA N 128 -40.44 -145.16 25.41
C ALA N 128 -41.95 -145.03 25.40
N PRO O 42 -31.76 -69.85 52.02
CA PRO O 42 -30.66 -70.62 52.58
C PRO O 42 -29.86 -71.37 51.50
N HIS O 43 -30.37 -72.51 51.05
CA HIS O 43 -29.72 -73.33 50.04
C HIS O 43 -30.65 -73.55 48.87
N ARG O 44 -30.09 -73.60 47.66
CA ARG O 44 -30.88 -73.73 46.44
C ARG O 44 -30.08 -74.50 45.40
N TYR O 45 -30.66 -75.58 44.89
CA TYR O 45 -30.04 -76.34 43.81
C TYR O 45 -30.27 -75.64 42.46
N ARG O 46 -29.40 -75.95 41.50
CA ARG O 46 -29.54 -75.36 40.18
C ARG O 46 -30.62 -76.09 39.38
N PRO O 47 -31.29 -75.38 38.47
CA PRO O 47 -32.34 -76.02 37.66
C PRO O 47 -31.77 -77.18 36.84
N GLY O 48 -32.36 -78.37 37.05
CA GLY O 48 -31.90 -79.60 36.45
C GLY O 48 -31.41 -80.62 37.46
N THR O 49 -30.98 -80.18 38.64
CA THR O 49 -30.42 -81.09 39.63
C THR O 49 -31.50 -81.98 40.23
N VAL O 50 -32.61 -81.38 40.68
CA VAL O 50 -33.68 -82.17 41.28
C VAL O 50 -34.41 -83.00 40.23
N ALA O 51 -34.48 -82.51 38.99
CA ALA O 51 -35.13 -83.28 37.93
C ALA O 51 -34.38 -84.59 37.68
N LEU O 52 -33.06 -84.50 37.55
CA LEU O 52 -32.24 -85.70 37.41
C LEU O 52 -32.39 -86.61 38.61
N ARG O 53 -32.46 -86.03 39.81
CA ARG O 53 -32.61 -86.82 41.02
C ARG O 53 -33.94 -87.57 41.00
N GLU O 54 -34.99 -86.94 40.47
CA GLU O 54 -36.28 -87.60 40.37
C GLU O 54 -36.28 -88.66 39.29
N ILE O 55 -35.52 -88.47 38.21
CA ILE O 55 -35.46 -89.49 37.17
C ILE O 55 -34.89 -90.78 37.73
N ARG O 56 -33.77 -90.68 38.45
CA ARG O 56 -33.15 -91.85 39.03
C ARG O 56 -34.06 -92.52 40.06
N ARG O 57 -34.80 -91.71 40.83
CA ARG O 57 -35.68 -92.29 41.85
C ARG O 57 -36.79 -93.11 41.23
N TYR O 58 -37.51 -92.53 40.26
CA TYR O 58 -38.68 -93.18 39.69
C TYR O 58 -38.32 -94.26 38.69
N GLN O 59 -37.08 -94.31 38.23
CA GLN O 59 -36.60 -95.42 37.42
C GLN O 59 -36.10 -96.58 38.27
N LYS O 60 -35.99 -96.38 39.58
CA LYS O 60 -35.67 -97.46 40.51
C LYS O 60 -36.90 -98.21 40.99
N SER O 61 -38.04 -97.54 41.09
CA SER O 61 -39.25 -98.10 41.67
C SER O 61 -40.23 -98.57 40.59
N THR O 62 -41.29 -99.26 41.04
CA THR O 62 -42.31 -99.79 40.16
C THR O 62 -43.72 -99.38 40.53
N GLU O 63 -43.90 -98.59 41.57
CA GLU O 63 -45.24 -98.21 42.01
C GLU O 63 -45.92 -97.34 40.95
N LEU O 64 -47.24 -97.35 40.97
CA LEU O 64 -48.00 -96.50 40.06
C LEU O 64 -47.87 -95.04 40.49
N LEU O 65 -47.78 -94.15 39.50
CA LEU O 65 -47.48 -92.76 39.75
C LEU O 65 -48.71 -91.86 39.72
N ILE O 66 -49.81 -92.34 39.18
CA ILE O 66 -51.08 -91.62 39.23
C ILE O 66 -51.83 -92.07 40.48
N ARG O 67 -52.39 -91.11 41.20
CA ARG O 67 -53.15 -91.43 42.40
C ARG O 67 -54.37 -92.28 42.04
N LYS O 68 -54.64 -93.29 42.85
CA LYS O 68 -55.61 -94.32 42.49
C LYS O 68 -57.01 -93.75 42.32
N LEU O 69 -57.44 -92.91 43.27
CA LEU O 69 -58.81 -92.39 43.22
C LEU O 69 -59.07 -91.51 42.01
N PRO O 70 -58.22 -90.52 41.67
CA PRO O 70 -58.49 -89.73 40.46
C PRO O 70 -58.52 -90.57 39.20
N PHE O 71 -57.66 -91.58 39.12
CA PHE O 71 -57.66 -92.44 37.94
C PHE O 71 -58.94 -93.26 37.84
N GLN O 72 -59.40 -93.81 38.97
CA GLN O 72 -60.60 -94.63 38.97
C GLN O 72 -61.83 -93.81 38.59
N ARG O 73 -61.91 -92.58 39.10
CA ARG O 73 -63.01 -91.69 38.71
C ARG O 73 -62.97 -91.38 37.22
N LEU O 74 -61.78 -91.26 36.64
CA LEU O 74 -61.68 -91.03 35.21
C LEU O 74 -62.11 -92.26 34.42
N VAL O 75 -61.81 -93.46 34.94
CA VAL O 75 -62.21 -94.68 34.26
C VAL O 75 -63.73 -94.84 34.27
N ARG O 76 -64.36 -94.58 35.42
CA ARG O 76 -65.80 -94.73 35.52
C ARG O 76 -66.54 -93.73 34.63
N GLU O 77 -66.00 -92.52 34.47
CA GLU O 77 -66.67 -91.52 33.64
C GLU O 77 -66.59 -91.88 32.15
N ILE O 78 -65.40 -92.28 31.69
CA ILE O 78 -65.23 -92.64 30.29
C ILE O 78 -66.09 -93.86 29.95
N ALA O 79 -66.09 -94.87 30.82
CA ALA O 79 -66.92 -96.04 30.59
C ALA O 79 -68.40 -95.70 30.67
N GLN O 80 -68.78 -94.74 31.52
CA GLN O 80 -70.17 -94.33 31.63
C GLN O 80 -70.66 -93.72 30.33
N ASP O 81 -69.79 -92.99 29.62
CA ASP O 81 -70.15 -92.43 28.32
C ASP O 81 -70.19 -93.49 27.23
N PHE O 82 -69.83 -94.73 27.53
CA PHE O 82 -70.03 -95.85 26.61
C PHE O 82 -71.26 -96.67 26.97
N LYS O 83 -71.42 -97.00 28.24
CA LYS O 83 -72.59 -97.74 28.71
C LYS O 83 -72.86 -97.36 30.15
N THR O 84 -74.12 -97.05 30.45
CA THR O 84 -74.50 -96.64 31.79
C THR O 84 -74.59 -97.85 32.71
N ASP O 85 -74.51 -97.58 34.01
CA ASP O 85 -74.57 -98.59 35.06
C ASP O 85 -73.60 -99.75 34.78
N LEU O 86 -72.32 -99.44 34.94
CA LEU O 86 -71.26 -100.41 34.79
C LEU O 86 -70.50 -100.52 36.10
N ARG O 87 -70.28 -101.75 36.56
CA ARG O 87 -69.45 -102.00 37.72
C ARG O 87 -68.08 -102.48 37.28
N PHE O 88 -67.08 -102.25 38.13
CA PHE O 88 -65.70 -102.56 37.83
C PHE O 88 -65.10 -103.43 38.92
N GLN O 89 -64.53 -104.56 38.53
CA GLN O 89 -63.59 -105.25 39.41
C GLN O 89 -62.43 -104.31 39.73
N SER O 90 -62.04 -104.28 41.00
CA SER O 90 -60.93 -103.40 41.39
C SER O 90 -59.66 -103.74 40.63
N SER O 91 -59.47 -105.02 40.29
CA SER O 91 -58.32 -105.43 39.50
C SER O 91 -58.43 -104.95 38.06
N ALA O 92 -59.66 -104.79 37.56
CA ALA O 92 -59.84 -104.25 36.21
C ALA O 92 -59.38 -102.81 36.13
N VAL O 93 -59.60 -102.03 37.19
CA VAL O 93 -59.10 -100.65 37.21
C VAL O 93 -57.57 -100.65 37.35
N MET O 94 -57.04 -101.56 38.17
CA MET O 94 -55.59 -101.66 38.31
C MET O 94 -54.95 -102.13 37.01
N ALA O 95 -55.62 -103.02 36.28
CA ALA O 95 -55.11 -103.45 34.98
C ALA O 95 -55.09 -102.30 33.98
N LEU O 96 -56.15 -101.47 33.98
CA LEU O 96 -56.16 -100.30 33.12
C LEU O 96 -55.10 -99.28 33.53
N GLN O 97 -54.80 -99.18 34.82
CA GLN O 97 -53.81 -98.20 35.25
C GLN O 97 -52.41 -98.70 34.95
N GLU O 98 -52.19 -100.01 35.10
CA GLU O 98 -50.90 -100.59 34.77
C GLU O 98 -50.56 -100.37 33.29
N ALA O 99 -51.53 -100.60 32.40
CA ALA O 99 -51.27 -100.44 30.97
C ALA O 99 -51.11 -98.97 30.59
N CYS O 100 -51.96 -98.10 31.15
CA CYS O 100 -51.91 -96.69 30.78
C CYS O 100 -50.61 -96.04 31.22
N GLU O 101 -50.19 -96.29 32.46
CA GLU O 101 -48.94 -95.69 32.93
C GLU O 101 -47.75 -96.24 32.15
N ALA O 102 -47.78 -97.53 31.82
CA ALA O 102 -46.71 -98.10 31.00
C ALA O 102 -46.71 -97.51 29.60
N TYR O 103 -47.91 -97.29 29.04
CA TYR O 103 -48.00 -96.68 27.71
C TYR O 103 -47.43 -95.27 27.70
N LEU O 104 -47.74 -94.48 28.74
CA LEU O 104 -47.29 -93.10 28.78
C LEU O 104 -45.79 -93.00 29.07
N VAL O 105 -45.26 -93.90 29.91
CA VAL O 105 -43.82 -93.90 30.18
C VAL O 105 -43.05 -94.18 28.89
N GLY O 106 -43.44 -95.24 28.18
CA GLY O 106 -42.78 -95.56 26.92
C GLY O 106 -43.00 -94.48 25.88
N LEU O 107 -44.16 -93.83 25.91
CA LEU O 107 -44.39 -92.72 25.00
C LEU O 107 -43.52 -91.53 25.35
N PHE O 108 -43.33 -91.27 26.65
CA PHE O 108 -42.42 -90.21 27.06
C PHE O 108 -40.98 -90.54 26.69
N GLU O 109 -40.64 -91.83 26.60
CA GLU O 109 -39.32 -92.22 26.13
C GLU O 109 -39.13 -91.81 24.67
N ASP O 110 -40.10 -92.16 23.81
CA ASP O 110 -40.04 -91.74 22.42
C ASP O 110 -40.13 -90.23 22.29
N THR O 111 -40.97 -89.60 23.11
CA THR O 111 -41.08 -88.14 23.10
C THR O 111 -39.75 -87.49 23.46
N ASN O 112 -39.03 -88.07 24.43
CA ASN O 112 -37.76 -87.49 24.85
C ASN O 112 -36.73 -87.56 23.73
N LEU O 113 -36.72 -88.66 22.98
CA LEU O 113 -35.78 -88.80 21.87
C LEU O 113 -36.09 -87.81 20.74
N CYS O 114 -37.38 -87.54 20.50
CA CYS O 114 -37.75 -86.55 19.50
C CYS O 114 -37.26 -85.16 19.87
N ALA O 115 -37.37 -84.79 21.15
CA ALA O 115 -36.88 -83.49 21.58
C ALA O 115 -35.36 -83.39 21.42
N ILE O 116 -34.66 -84.44 21.80
CA ILE O 116 -33.20 -84.47 21.66
C ILE O 116 -32.80 -84.41 20.20
N HIS O 117 -33.57 -85.05 19.33
CA HIS O 117 -33.29 -85.00 17.90
C HIS O 117 -33.35 -83.58 17.38
N ALA O 118 -34.21 -82.76 17.97
CA ALA O 118 -34.28 -81.33 17.66
C ALA O 118 -33.31 -80.52 18.51
N LYS O 119 -32.25 -81.15 19.01
CA LYS O 119 -31.20 -80.47 19.79
C LYS O 119 -31.77 -79.76 21.02
N ARG O 120 -32.90 -80.25 21.53
CA ARG O 120 -33.58 -79.64 22.65
C ARG O 120 -33.54 -80.56 23.87
N VAL O 121 -33.57 -79.95 25.05
CA VAL O 121 -33.69 -80.69 26.30
C VAL O 121 -35.14 -80.75 26.78
N THR O 122 -35.97 -79.81 26.36
CA THR O 122 -37.37 -79.74 26.79
C THR O 122 -38.25 -80.51 25.82
N ILE O 123 -39.13 -81.35 26.35
CA ILE O 123 -40.14 -82.02 25.54
C ILE O 123 -41.29 -81.05 25.31
N MET O 124 -41.88 -81.11 24.12
CA MET O 124 -42.96 -80.22 23.73
C MET O 124 -44.04 -81.02 23.04
N PRO O 125 -45.27 -80.50 22.99
CA PRO O 125 -46.37 -81.27 22.36
C PRO O 125 -46.06 -81.72 20.94
N LYS O 126 -45.17 -81.02 20.23
CA LYS O 126 -44.79 -81.47 18.89
C LYS O 126 -43.94 -82.74 18.95
N ASP O 127 -43.19 -82.95 20.04
CA ASP O 127 -42.44 -84.18 20.20
C ASP O 127 -43.36 -85.37 20.37
N ILE O 128 -44.43 -85.21 21.16
CA ILE O 128 -45.40 -86.29 21.34
C ILE O 128 -46.07 -86.63 20.01
N GLN O 129 -46.53 -85.61 19.28
CA GLN O 129 -47.24 -85.84 18.03
C GLN O 129 -46.34 -86.48 16.98
N LEU O 130 -45.05 -86.16 17.00
CA LEU O 130 -44.11 -86.86 16.11
C LEU O 130 -43.98 -88.32 16.50
N ALA O 131 -43.88 -88.60 17.80
CA ALA O 131 -43.77 -89.99 18.26
C ALA O 131 -45.01 -90.78 17.87
N ARG O 132 -46.20 -90.26 18.18
CA ARG O 132 -47.43 -90.97 17.89
C ARG O 132 -47.64 -91.13 16.39
N ARG O 133 -47.25 -90.13 15.60
CA ARG O 133 -47.36 -90.23 14.15
C ARG O 133 -46.49 -91.36 13.62
N ILE O 134 -45.23 -91.42 14.06
CA ILE O 134 -44.33 -92.49 13.63
C ILE O 134 -44.83 -93.84 14.16
N ARG O 135 -45.34 -93.87 15.39
CA ARG O 135 -45.88 -95.09 15.96
C ARG O 135 -47.05 -95.65 15.16
N GLY O 136 -47.68 -94.83 14.31
CA GLY O 136 -48.89 -95.23 13.64
C GLY O 136 -50.16 -94.97 14.43
N GLU O 137 -50.05 -94.30 15.58
CA GLU O 137 -51.23 -93.96 16.37
C GLU O 137 -51.94 -92.74 15.82
N ARG O 138 -51.18 -91.74 15.36
CA ARG O 138 -51.72 -90.44 14.97
C ARG O 138 -52.53 -89.79 16.10
N VAL P 25 -73.60 -86.13 39.01
CA VAL P 25 -72.92 -85.80 37.77
C VAL P 25 -71.41 -85.92 37.99
N LEU P 26 -70.67 -86.11 36.89
CA LEU P 26 -69.21 -86.15 36.90
C LEU P 26 -68.67 -85.38 35.71
N ARG P 27 -67.72 -84.49 35.97
CA ARG P 27 -67.32 -83.48 34.99
C ARG P 27 -65.89 -83.02 35.31
N ASP P 28 -65.09 -82.85 34.25
CA ASP P 28 -63.68 -82.42 34.35
C ASP P 28 -62.72 -83.43 35.00
N ASN P 29 -63.14 -84.68 35.13
CA ASN P 29 -62.31 -85.69 35.78
C ASN P 29 -60.88 -85.87 35.25
N ILE P 30 -60.66 -85.42 33.98
CA ILE P 30 -59.34 -85.64 33.37
C ILE P 30 -58.29 -84.85 34.14
N GLN P 31 -58.69 -83.77 34.80
CA GLN P 31 -57.78 -83.00 35.66
C GLN P 31 -57.31 -83.80 36.86
N GLY P 32 -57.98 -84.91 37.19
CA GLY P 32 -57.49 -85.79 38.23
C GLY P 32 -56.11 -86.35 37.95
N ILE P 33 -55.73 -86.43 36.67
CA ILE P 33 -54.37 -86.76 36.27
C ILE P 33 -53.57 -85.47 36.39
N THR P 34 -52.90 -85.28 37.53
CA THR P 34 -52.37 -83.98 37.89
C THR P 34 -51.00 -83.74 37.24
N LYS P 35 -50.51 -82.52 37.44
CA LYS P 35 -49.18 -82.16 36.95
C LYS P 35 -48.06 -82.97 37.58
N PRO P 36 -48.00 -83.15 38.90
CA PRO P 36 -46.93 -84.00 39.45
C PRO P 36 -47.05 -85.46 39.07
N ALA P 37 -48.26 -85.94 38.80
CA ALA P 37 -48.43 -87.33 38.37
C ALA P 37 -47.86 -87.52 36.97
N ILE P 38 -48.21 -86.62 36.04
CA ILE P 38 -47.61 -86.64 34.71
C ILE P 38 -46.09 -86.46 34.81
N ARG P 39 -45.64 -85.65 35.78
CA ARG P 39 -44.21 -85.45 35.98
C ARG P 39 -43.52 -86.75 36.34
N ARG P 40 -44.10 -87.52 37.26
CA ARG P 40 -43.49 -88.78 37.68
C ARG P 40 -43.40 -89.77 36.52
N LEU P 41 -44.45 -89.82 35.69
CA LEU P 41 -44.42 -90.71 34.53
C LEU P 41 -43.33 -90.31 33.56
N ALA P 42 -43.12 -89.01 33.37
CA ALA P 42 -42.04 -88.55 32.49
C ALA P 42 -40.68 -88.90 33.06
N ARG P 43 -40.54 -88.85 34.39
CA ARG P 43 -39.27 -89.21 35.02
C ARG P 43 -38.95 -90.68 34.77
N ARG P 44 -39.94 -91.56 34.96
CA ARG P 44 -39.74 -92.98 34.67
C ARG P 44 -39.43 -93.19 33.19
N GLY P 45 -39.94 -92.33 32.32
CA GLY P 45 -39.56 -92.36 30.93
C GLY P 45 -38.21 -91.75 30.62
N GLY P 46 -37.52 -91.20 31.61
CA GLY P 46 -36.22 -90.62 31.44
C GLY P 46 -36.22 -89.16 31.04
N VAL P 47 -37.32 -88.45 31.27
CA VAL P 47 -37.44 -87.04 30.87
C VAL P 47 -36.94 -86.17 32.01
N LYS P 48 -36.10 -85.20 31.68
CA LYS P 48 -35.54 -84.25 32.63
C LYS P 48 -36.30 -82.95 32.68
N ARG P 49 -36.60 -82.37 31.54
CA ARG P 49 -37.23 -81.06 31.47
C ARG P 49 -38.53 -81.18 30.69
N ILE P 50 -39.57 -80.53 31.21
CA ILE P 50 -40.92 -80.69 30.71
C ILE P 50 -41.49 -79.31 30.44
N SER P 51 -41.88 -79.05 29.19
CA SER P 51 -42.54 -77.81 28.87
C SER P 51 -43.88 -77.70 29.61
N GLY P 52 -44.34 -76.46 29.75
CA GLY P 52 -45.60 -76.24 30.45
C GLY P 52 -46.80 -76.77 29.70
N LEU P 53 -46.72 -76.81 28.37
CA LEU P 53 -47.83 -77.25 27.54
C LEU P 53 -47.95 -78.77 27.47
N ILE P 54 -47.02 -79.52 28.07
CA ILE P 54 -47.03 -80.97 27.98
C ILE P 54 -48.23 -81.56 28.70
N TYR P 55 -48.60 -80.97 29.84
CA TYR P 55 -49.55 -81.63 30.74
C TYR P 55 -50.93 -81.77 30.12
N GLU P 56 -51.47 -80.68 29.57
CA GLU P 56 -52.75 -80.78 28.88
C GLU P 56 -52.65 -81.64 27.63
N GLU P 57 -51.51 -81.60 26.95
CA GLU P 57 -51.31 -82.49 25.80
C GLU P 57 -51.33 -83.95 26.23
N THR P 58 -50.70 -84.27 27.36
CA THR P 58 -50.70 -85.63 27.87
C THR P 58 -52.10 -86.08 28.24
N ARG P 59 -52.91 -85.18 28.80
CA ARG P 59 -54.28 -85.54 29.16
C ARG P 59 -55.10 -85.89 27.92
N GLY P 60 -54.91 -85.14 26.83
CA GLY P 60 -55.59 -85.46 25.60
C GLY P 60 -55.16 -86.80 25.03
N VAL P 61 -53.87 -87.11 25.15
CA VAL P 61 -53.36 -88.39 24.68
C VAL P 61 -53.93 -89.55 25.49
N LEU P 62 -53.86 -89.43 26.82
CA LEU P 62 -54.36 -90.49 27.69
C LEU P 62 -55.85 -90.72 27.47
N LYS P 63 -56.60 -89.65 27.22
CA LYS P 63 -58.04 -89.78 27.00
C LYS P 63 -58.32 -90.55 25.71
N VAL P 64 -57.59 -90.24 24.64
CA VAL P 64 -57.72 -91.00 23.40
C VAL P 64 -57.36 -92.46 23.61
N PHE P 65 -56.31 -92.71 24.39
CA PHE P 65 -55.90 -94.09 24.69
C PHE P 65 -57.01 -94.83 25.44
N LEU P 66 -57.51 -94.22 26.53
CA LEU P 66 -58.56 -94.86 27.32
C LEU P 66 -59.85 -95.02 26.51
N GLU P 67 -60.17 -94.05 25.66
CA GLU P 67 -61.40 -94.15 24.87
C GLU P 67 -61.34 -95.36 23.95
N ASN P 68 -60.22 -95.54 23.25
CA ASN P 68 -60.09 -96.66 22.32
C ASN P 68 -60.14 -97.99 23.06
N VAL P 69 -59.52 -98.08 24.23
CA VAL P 69 -59.46 -99.34 24.96
C VAL P 69 -60.81 -99.65 25.62
N ILE P 70 -61.37 -98.68 26.35
CA ILE P 70 -62.63 -98.90 27.03
C ILE P 70 -63.76 -99.17 26.03
N ARG P 71 -63.68 -98.57 24.83
CA ARG P 71 -64.69 -98.84 23.81
C ARG P 71 -64.75 -100.31 23.45
N ASP P 72 -63.59 -100.93 23.25
CA ASP P 72 -63.56 -102.35 22.92
C ASP P 72 -63.90 -103.22 24.12
N ALA P 73 -63.46 -102.81 25.32
CA ALA P 73 -63.77 -103.56 26.52
C ALA P 73 -65.29 -103.61 26.77
N VAL P 74 -65.97 -102.48 26.57
CA VAL P 74 -67.42 -102.46 26.72
C VAL P 74 -68.07 -103.32 25.64
N THR P 75 -67.51 -103.29 24.42
CA THR P 75 -68.04 -104.10 23.33
C THR P 75 -67.99 -105.58 23.68
N TYR P 76 -66.90 -106.02 24.32
CA TYR P 76 -66.83 -107.37 24.84
C TYR P 76 -67.84 -107.60 25.96
N THR P 77 -67.91 -106.66 26.91
CA THR P 77 -68.81 -106.80 28.05
C THR P 77 -70.26 -106.90 27.61
N GLU P 78 -70.67 -106.08 26.64
CA GLU P 78 -72.05 -106.12 26.16
C GLU P 78 -72.34 -107.46 25.48
N HIS P 79 -71.36 -108.00 24.77
CA HIS P 79 -71.54 -109.28 24.09
C HIS P 79 -71.72 -110.43 25.08
N ALA P 80 -71.10 -110.35 26.25
CA ALA P 80 -71.28 -111.37 27.27
C ALA P 80 -72.55 -111.17 28.07
N LYS P 81 -73.36 -110.16 27.75
CA LYS P 81 -74.61 -109.87 28.43
C LYS P 81 -74.37 -109.63 29.93
N ARG P 82 -73.41 -108.76 30.21
CA ARG P 82 -73.07 -108.40 31.58
C ARG P 82 -73.19 -106.88 31.76
N LYS P 83 -73.37 -106.49 33.02
CA LYS P 83 -73.35 -105.08 33.40
C LYS P 83 -72.08 -104.70 34.14
N THR P 84 -71.15 -105.64 34.33
CA THR P 84 -69.89 -105.40 35.03
C THR P 84 -68.73 -105.68 34.08
N VAL P 85 -67.84 -104.71 33.96
CA VAL P 85 -66.66 -104.87 33.09
C VAL P 85 -65.62 -105.68 33.85
N THR P 86 -65.27 -106.84 33.31
CA THR P 86 -64.29 -107.72 33.94
C THR P 86 -62.89 -107.37 33.45
N ALA P 87 -61.90 -107.79 34.23
CA ALA P 87 -60.51 -107.60 33.83
C ALA P 87 -60.19 -108.34 32.54
N MET P 88 -60.89 -109.45 32.28
CA MET P 88 -60.67 -110.16 31.04
C MET P 88 -61.13 -109.35 29.83
N ASP P 89 -62.22 -108.58 29.99
CA ASP P 89 -62.66 -107.68 28.93
C ASP P 89 -61.56 -106.67 28.60
N VAL P 90 -60.90 -106.13 29.62
CA VAL P 90 -59.81 -105.19 29.39
C VAL P 90 -58.62 -105.89 28.75
N VAL P 91 -58.29 -107.09 29.25
CA VAL P 91 -57.14 -107.83 28.72
C VAL P 91 -57.35 -108.17 27.25
N TYR P 92 -58.56 -108.62 26.90
CA TYR P 92 -58.88 -108.93 25.51
C TYR P 92 -58.78 -107.68 24.64
N ALA P 93 -59.23 -106.53 25.16
CA ALA P 93 -59.17 -105.29 24.39
C ALA P 93 -57.73 -104.83 24.18
N LEU P 94 -56.90 -104.94 25.21
CA LEU P 94 -55.49 -104.54 25.07
C LEU P 94 -54.77 -105.39 24.02
N LYS P 95 -55.09 -106.69 23.98
CA LYS P 95 -54.51 -107.54 22.94
C LYS P 95 -55.03 -107.19 21.55
N ARG P 96 -56.26 -106.70 21.46
CA ARG P 96 -56.80 -106.25 20.18
C ARG P 96 -55.95 -105.14 19.58
N GLN P 97 -55.64 -104.11 20.37
CA GLN P 97 -54.88 -102.97 19.87
C GLN P 97 -53.40 -103.28 19.69
N GLY P 98 -52.97 -104.50 19.98
CA GLY P 98 -51.56 -104.84 19.96
C GLY P 98 -50.79 -104.35 21.15
N ARG P 99 -51.41 -104.30 22.33
CA ARG P 99 -50.76 -103.90 23.57
C ARG P 99 -51.03 -104.95 24.65
N THR P 100 -50.57 -106.17 24.40
CA THR P 100 -50.86 -107.29 25.28
C THR P 100 -50.35 -107.03 26.69
N LEU P 101 -51.14 -107.43 27.68
CA LEU P 101 -50.84 -107.17 29.09
C LEU P 101 -50.77 -108.50 29.83
N TYR P 102 -49.69 -108.69 30.59
CA TYR P 102 -49.49 -109.88 31.41
C TYR P 102 -49.86 -109.58 32.87
N GLY P 103 -50.42 -110.57 33.54
CA GLY P 103 -50.64 -110.50 34.97
C GLY P 103 -52.07 -110.25 35.42
N PHE P 104 -53.05 -110.28 34.51
CA PHE P 104 -54.44 -110.08 34.89
C PHE P 104 -55.36 -111.14 34.30
N GLY P 105 -54.83 -112.23 33.78
CA GLY P 105 -55.60 -113.27 33.16
C GLY P 105 -55.19 -113.51 31.72
N GLY P 106 -55.86 -114.49 31.11
CA GLY P 106 -55.61 -114.82 29.71
C GLY P 106 -54.39 -115.68 29.50
N THR Q 20 -80.42 -121.20 -3.56
CA THR Q 20 -79.15 -120.87 -2.93
C THR Q 20 -79.35 -120.00 -1.69
N ARG Q 21 -78.43 -120.09 -0.74
CA ARG Q 21 -78.53 -119.30 0.48
C ARG Q 21 -78.26 -117.82 0.22
N SER Q 22 -77.59 -117.48 -0.88
CA SER Q 22 -77.33 -116.08 -1.19
C SER Q 22 -78.61 -115.35 -1.56
N SER Q 23 -79.45 -115.98 -2.40
CA SER Q 23 -80.70 -115.36 -2.80
C SER Q 23 -81.66 -115.22 -1.62
N ARG Q 24 -81.75 -116.25 -0.77
CA ARG Q 24 -82.62 -116.17 0.40
C ARG Q 24 -82.23 -115.02 1.31
N ALA Q 25 -80.93 -114.71 1.40
CA ALA Q 25 -80.47 -113.55 2.15
C ALA Q 25 -80.38 -112.29 1.31
N GLY Q 26 -80.56 -112.38 0.00
CA GLY Q 26 -80.46 -111.23 -0.87
C GLY Q 26 -79.05 -110.71 -1.05
N LEU Q 27 -78.11 -111.61 -1.28
CA LEU Q 27 -76.70 -111.25 -1.38
C LEU Q 27 -76.13 -111.76 -2.70
N GLN Q 28 -75.14 -111.03 -3.22
CA GLN Q 28 -74.35 -111.50 -4.35
C GLN Q 28 -73.21 -112.39 -3.92
N PHE Q 29 -72.77 -112.28 -2.66
CA PHE Q 29 -71.65 -113.05 -2.17
C PHE Q 29 -72.11 -114.43 -1.72
N PRO Q 30 -71.28 -115.46 -1.88
CA PRO Q 30 -71.73 -116.84 -1.63
C PRO Q 30 -71.78 -117.15 -0.14
N VAL Q 31 -72.98 -117.42 0.37
CA VAL Q 31 -73.13 -117.80 1.77
C VAL Q 31 -72.59 -119.22 1.99
N GLY Q 32 -72.78 -120.10 1.01
CA GLY Q 32 -72.30 -121.47 1.17
C GLY Q 32 -70.79 -121.55 1.27
N ARG Q 33 -70.08 -120.78 0.44
CA ARG Q 33 -68.62 -120.77 0.51
C ARG Q 33 -68.13 -120.22 1.85
N VAL Q 34 -68.79 -119.18 2.36
CA VAL Q 34 -68.37 -118.57 3.61
C VAL Q 34 -68.58 -119.53 4.77
N HIS Q 35 -69.70 -120.25 4.78
CA HIS Q 35 -69.94 -121.25 5.81
C HIS Q 35 -68.92 -122.37 5.75
N ARG Q 36 -68.50 -122.75 4.54
CA ARG Q 36 -67.48 -123.78 4.39
C ARG Q 36 -66.15 -123.33 4.98
N LEU Q 37 -65.71 -122.11 4.62
CA LEU Q 37 -64.41 -121.63 5.11
C LEU Q 37 -64.41 -121.42 6.62
N LEU Q 38 -65.56 -121.06 7.20
CA LEU Q 38 -65.62 -120.84 8.64
C LEU Q 38 -65.38 -122.14 9.41
N ARG Q 39 -65.91 -123.26 8.91
CA ARG Q 39 -65.65 -124.54 9.56
C ARG Q 39 -64.30 -125.10 9.16
N LYS Q 40 -63.89 -124.89 7.90
CA LYS Q 40 -62.59 -125.37 7.44
C LYS Q 40 -61.43 -124.63 8.08
N GLY Q 41 -61.68 -123.42 8.59
CA GLY Q 41 -60.59 -122.59 9.07
C GLY Q 41 -60.26 -122.73 10.54
N ASN Q 42 -60.90 -123.66 11.24
CA ASN Q 42 -60.66 -123.91 12.65
C ASN Q 42 -60.79 -122.63 13.48
N TYR Q 43 -61.99 -122.05 13.42
CA TYR Q 43 -62.32 -120.89 14.24
C TYR Q 43 -63.10 -121.26 15.49
N SER Q 44 -63.98 -122.25 15.40
CA SER Q 44 -64.65 -122.79 16.57
C SER Q 44 -65.16 -124.17 16.22
N GLU Q 45 -65.62 -124.88 17.25
CA GLU Q 45 -66.26 -126.18 17.06
C GLU Q 45 -67.39 -126.09 16.04
N ARG Q 46 -68.38 -125.24 16.31
CA ARG Q 46 -69.58 -125.15 15.51
C ARG Q 46 -69.76 -123.73 14.99
N VAL Q 47 -70.34 -123.62 13.80
CA VAL Q 47 -70.64 -122.34 13.17
C VAL Q 47 -72.15 -122.26 12.98
N GLY Q 48 -72.76 -121.23 13.56
CA GLY Q 48 -74.19 -121.05 13.45
C GLY Q 48 -74.64 -120.84 12.01
N ALA Q 49 -75.95 -120.95 11.82
CA ALA Q 49 -76.53 -120.79 10.48
C ALA Q 49 -76.53 -119.33 10.04
N GLY Q 50 -76.62 -118.40 10.98
CA GLY Q 50 -76.64 -116.99 10.65
C GLY Q 50 -75.28 -116.36 10.48
N ALA Q 51 -74.25 -117.01 11.04
CA ALA Q 51 -72.90 -116.47 10.96
C ALA Q 51 -72.40 -116.31 9.53
N PRO Q 52 -72.51 -117.30 8.64
CA PRO Q 52 -72.05 -117.08 7.25
C PRO Q 52 -72.85 -116.01 6.53
N VAL Q 53 -74.16 -115.92 6.79
CA VAL Q 53 -74.98 -114.89 6.15
C VAL Q 53 -74.52 -113.51 6.59
N TYR Q 54 -74.39 -113.31 7.90
CA TYR Q 54 -73.92 -112.04 8.43
C TYR Q 54 -72.55 -111.68 7.85
N LEU Q 55 -71.62 -112.63 7.87
CA LEU Q 55 -70.26 -112.36 7.42
C LEU Q 55 -70.21 -112.08 5.92
N ALA Q 56 -70.94 -112.86 5.12
CA ALA Q 56 -70.97 -112.62 3.67
C ALA Q 56 -71.61 -111.28 3.33
N ALA Q 57 -72.54 -110.81 4.16
CA ALA Q 57 -73.13 -109.49 3.92
C ALA Q 57 -72.16 -108.38 4.26
N VAL Q 58 -71.40 -108.53 5.35
CA VAL Q 58 -70.38 -107.55 5.71
C VAL Q 58 -69.31 -107.48 4.63
N LEU Q 59 -68.85 -108.64 4.18
CA LEU Q 59 -67.86 -108.69 3.09
C LEU Q 59 -68.41 -108.04 1.82
N GLU Q 60 -69.68 -108.30 1.51
CA GLU Q 60 -70.26 -107.69 0.31
C GLU Q 60 -70.42 -106.19 0.46
N TYR Q 61 -70.75 -105.72 1.66
CA TYR Q 61 -70.90 -104.27 1.87
C TYR Q 61 -69.57 -103.57 1.68
N LEU Q 62 -68.53 -104.03 2.40
CA LEU Q 62 -67.22 -103.39 2.28
C LEU Q 62 -66.73 -103.43 0.85
N THR Q 63 -67.02 -104.52 0.13
CA THR Q 63 -66.69 -104.60 -1.29
C THR Q 63 -67.36 -103.47 -2.07
N ALA Q 64 -68.65 -103.25 -1.83
CA ALA Q 64 -69.36 -102.18 -2.53
C ALA Q 64 -68.82 -100.81 -2.17
N GLU Q 65 -68.43 -100.62 -0.91
CA GLU Q 65 -67.91 -99.33 -0.47
C GLU Q 65 -66.62 -98.98 -1.19
N ILE Q 66 -65.72 -99.94 -1.34
CA ILE Q 66 -64.44 -99.69 -2.01
C ILE Q 66 -64.66 -99.52 -3.51
N LEU Q 67 -65.46 -100.42 -4.12
CA LEU Q 67 -65.73 -100.32 -5.54
C LEU Q 67 -66.45 -99.01 -5.88
N GLU Q 68 -67.30 -98.54 -4.97
CA GLU Q 68 -67.97 -97.25 -5.16
C GLU Q 68 -66.94 -96.13 -5.28
N LEU Q 69 -66.08 -96.02 -4.26
CA LEU Q 69 -65.09 -94.95 -4.23
C LEU Q 69 -63.98 -95.15 -5.26
N ALA Q 70 -63.68 -96.40 -5.62
CA ALA Q 70 -62.65 -96.65 -6.63
C ALA Q 70 -63.16 -96.42 -8.04
N GLY Q 71 -64.43 -96.74 -8.31
CA GLY Q 71 -65.01 -96.39 -9.59
C GLY Q 71 -65.14 -94.88 -9.77
N ASN Q 72 -65.36 -94.16 -8.68
CA ASN Q 72 -65.33 -92.70 -8.73
C ASN Q 72 -63.95 -92.19 -9.11
N ALA Q 73 -62.91 -92.75 -8.49
CA ALA Q 73 -61.55 -92.35 -8.81
C ALA Q 73 -61.21 -92.65 -10.27
N ALA Q 74 -61.72 -93.76 -10.80
CA ALA Q 74 -61.49 -94.09 -12.20
C ALA Q 74 -62.13 -93.05 -13.12
N ARG Q 75 -63.33 -92.58 -12.76
CA ARG Q 75 -64.00 -91.58 -13.60
C ARG Q 75 -63.32 -90.22 -13.48
N ASP Q 76 -62.82 -89.87 -12.30
CA ASP Q 76 -62.09 -88.62 -12.14
C ASP Q 76 -60.83 -88.61 -12.99
N ASN Q 77 -60.18 -89.76 -13.14
CA ASN Q 77 -58.99 -89.89 -13.97
C ASN Q 77 -59.32 -90.26 -15.41
N LYS Q 78 -60.58 -90.11 -15.82
CA LYS Q 78 -61.01 -90.31 -17.21
C LYS Q 78 -60.79 -91.74 -17.68
N LYS Q 79 -60.96 -92.70 -16.78
CA LYS Q 79 -60.86 -94.11 -17.12
C LYS Q 79 -62.22 -94.79 -16.99
N THR Q 80 -62.40 -95.87 -17.74
CA THR Q 80 -63.58 -96.72 -17.63
C THR Q 80 -63.28 -98.04 -16.95
N ARG Q 81 -62.04 -98.27 -16.52
CA ARG Q 81 -61.64 -99.51 -15.87
C ARG Q 81 -60.82 -99.19 -14.63
N ILE Q 82 -61.07 -99.91 -13.55
CA ILE Q 82 -60.42 -99.66 -12.27
C ILE Q 82 -59.07 -100.37 -12.25
N ILE Q 83 -58.00 -99.60 -12.02
CA ILE Q 83 -56.65 -100.13 -11.88
C ILE Q 83 -56.25 -100.00 -10.42
N PRO Q 84 -55.15 -100.64 -9.97
CA PRO Q 84 -54.80 -100.55 -8.54
C PRO Q 84 -54.64 -99.14 -8.01
N ARG Q 85 -54.19 -98.19 -8.83
CA ARG Q 85 -54.06 -96.82 -8.35
C ARG Q 85 -55.41 -96.24 -7.95
N HIS Q 86 -56.47 -96.60 -8.67
CA HIS Q 86 -57.80 -96.13 -8.32
C HIS Q 86 -58.23 -96.67 -6.96
N LEU Q 87 -57.89 -97.93 -6.66
CA LEU Q 87 -58.15 -98.47 -5.33
C LEU Q 87 -57.32 -97.76 -4.27
N GLN Q 88 -56.09 -97.39 -4.59
CA GLN Q 88 -55.25 -96.67 -3.64
C GLN Q 88 -55.79 -95.27 -3.38
N LEU Q 89 -56.16 -94.55 -4.43
CA LEU Q 89 -56.75 -93.22 -4.26
C LEU Q 89 -58.02 -93.28 -3.43
N ALA Q 90 -58.84 -94.31 -3.64
CA ALA Q 90 -60.11 -94.41 -2.92
C ALA Q 90 -59.88 -94.64 -1.43
N ILE Q 91 -58.99 -95.58 -1.09
CA ILE Q 91 -58.79 -95.97 0.29
C ILE Q 91 -58.06 -94.86 1.06
N ARG Q 92 -56.99 -94.31 0.49
CA ARG Q 92 -56.18 -93.34 1.22
C ARG Q 92 -56.86 -91.97 1.32
N ASN Q 93 -57.83 -91.67 0.46
CA ASN Q 93 -58.61 -90.45 0.58
C ASN Q 93 -59.81 -90.59 1.51
N ASP Q 94 -60.28 -91.81 1.75
CA ASP Q 94 -61.36 -92.04 2.70
C ASP Q 94 -60.74 -92.30 4.06
N GLU Q 95 -61.16 -91.52 5.06
CA GLU Q 95 -60.54 -91.58 6.38
C GLU Q 95 -60.64 -92.97 6.98
N GLU Q 96 -61.84 -93.56 6.97
CA GLU Q 96 -62.06 -94.84 7.63
C GLU Q 96 -61.48 -96.02 6.84
N LEU Q 97 -61.56 -95.98 5.51
CA LEU Q 97 -60.93 -97.05 4.73
C LEU Q 97 -59.42 -97.00 4.93
N ASN Q 98 -58.85 -95.80 4.98
CA ASN Q 98 -57.42 -95.67 5.24
C ASN Q 98 -57.05 -96.20 6.62
N LYS Q 99 -57.95 -96.05 7.60
CA LYS Q 99 -57.68 -96.61 8.92
C LYS Q 99 -57.80 -98.13 8.91
N LEU Q 100 -58.79 -98.67 8.20
CA LEU Q 100 -58.96 -100.11 8.15
C LEU Q 100 -57.76 -100.79 7.49
N LEU Q 101 -57.21 -100.16 6.45
CA LEU Q 101 -56.04 -100.67 5.74
C LEU Q 101 -54.79 -99.87 6.07
N GLY Q 102 -54.63 -99.52 7.36
CA GLY Q 102 -53.49 -98.72 7.76
C GLY Q 102 -52.17 -99.46 7.66
N ARG Q 103 -52.19 -100.78 7.90
CA ARG Q 103 -51.00 -101.61 7.81
C ARG Q 103 -51.01 -102.48 6.56
N VAL Q 104 -51.58 -101.97 5.46
CA VAL Q 104 -51.75 -102.72 4.23
C VAL Q 104 -51.07 -101.96 3.10
N THR Q 105 -50.40 -102.70 2.21
CA THR Q 105 -49.75 -102.15 1.03
C THR Q 105 -50.52 -102.58 -0.21
N ILE Q 106 -50.96 -101.60 -0.99
CA ILE Q 106 -51.70 -101.86 -2.22
C ILE Q 106 -50.70 -101.85 -3.37
N ALA Q 107 -50.51 -103.03 -3.99
CA ALA Q 107 -49.52 -103.14 -5.06
C ALA Q 107 -49.88 -102.22 -6.22
N GLN Q 108 -48.87 -101.54 -6.75
CA GLN Q 108 -49.03 -100.59 -7.87
C GLN Q 108 -50.04 -99.51 -7.53
N GLY Q 109 -50.01 -99.03 -6.28
CA GLY Q 109 -50.98 -98.05 -5.83
C GLY Q 109 -50.40 -96.65 -5.74
N GLY Q 110 -49.09 -96.56 -5.49
CA GLY Q 110 -48.45 -95.27 -5.33
C GLY Q 110 -48.86 -94.58 -4.03
N VAL Q 111 -48.74 -93.25 -4.05
CA VAL Q 111 -49.06 -92.42 -2.90
C VAL Q 111 -49.93 -91.25 -3.38
N LEU Q 112 -50.48 -90.51 -2.41
CA LEU Q 112 -51.23 -89.30 -2.70
C LEU Q 112 -50.28 -88.14 -2.97
N PRO Q 113 -50.54 -87.34 -4.01
CA PRO Q 113 -49.73 -86.13 -4.22
C PRO Q 113 -49.83 -85.18 -3.04
N ASN Q 114 -48.73 -85.01 -2.30
CA ASN Q 114 -48.74 -84.16 -1.10
C ASN Q 114 -47.32 -83.67 -0.87
N ILE Q 115 -47.09 -82.40 -1.18
CA ILE Q 115 -45.82 -81.73 -0.94
C ILE Q 115 -45.96 -80.85 0.29
N GLN Q 116 -45.00 -80.95 1.21
CA GLN Q 116 -45.02 -80.12 2.41
C GLN Q 116 -44.92 -78.64 2.07
N ALA Q 117 -45.56 -77.82 2.90
CA ALA Q 117 -45.71 -76.40 2.58
C ALA Q 117 -44.36 -75.69 2.55
N VAL Q 118 -43.51 -75.94 3.55
CA VAL Q 118 -42.24 -75.24 3.66
C VAL Q 118 -41.32 -75.53 2.47
N LEU Q 119 -41.62 -76.57 1.70
CA LEU Q 119 -40.83 -76.89 0.51
C LEU Q 119 -41.23 -76.07 -0.72
N LEU Q 120 -42.39 -75.39 -0.68
CA LEU Q 120 -42.85 -74.61 -1.82
C LEU Q 120 -42.09 -73.29 -1.92
N PRO Q 121 -41.74 -72.84 -3.13
CA PRO Q 121 -41.07 -71.55 -3.26
C PRO Q 121 -42.02 -70.40 -2.91
N LYS Q 122 -41.46 -69.36 -2.30
CA LYS Q 122 -42.25 -68.20 -1.87
C LYS Q 122 -41.95 -66.98 -2.72
N LYS R 34 -54.35 -131.85 -18.79
CA LYS R 34 -55.26 -131.92 -17.67
C LYS R 34 -55.60 -130.52 -17.17
N ARG R 35 -56.06 -130.42 -15.93
CA ARG R 35 -56.48 -129.16 -15.37
C ARG R 35 -56.34 -129.20 -13.85
N SER R 36 -56.21 -128.00 -13.28
CA SER R 36 -56.20 -127.83 -11.82
C SER R 36 -57.17 -126.73 -11.45
N ARG R 37 -57.80 -126.90 -10.29
CA ARG R 37 -58.96 -126.10 -9.93
C ARG R 37 -58.61 -125.27 -8.70
N LYS R 38 -58.71 -123.95 -8.83
CA LYS R 38 -58.44 -123.02 -7.74
C LYS R 38 -59.61 -122.05 -7.60
N GLU R 39 -60.16 -121.95 -6.40
CA GLU R 39 -61.32 -121.11 -6.16
C GLU R 39 -60.90 -119.66 -5.91
N SER R 40 -61.79 -118.74 -6.26
CA SER R 40 -61.60 -117.33 -5.98
C SER R 40 -62.95 -116.63 -6.00
N TYR R 41 -62.99 -115.43 -5.42
CA TYR R 41 -64.19 -114.60 -5.37
C TYR R 41 -64.39 -113.78 -6.64
N SER R 42 -63.77 -114.17 -7.75
CA SER R 42 -63.74 -113.31 -8.93
C SER R 42 -65.13 -113.07 -9.51
N ILE R 43 -65.98 -114.10 -9.52
CA ILE R 43 -67.30 -113.93 -10.12
C ILE R 43 -68.20 -113.07 -9.25
N TYR R 44 -68.04 -113.13 -7.92
CA TYR R 44 -68.87 -112.33 -7.04
C TYR R 44 -68.41 -110.88 -7.00
N VAL R 45 -67.10 -110.65 -7.12
CA VAL R 45 -66.60 -109.28 -7.25
C VAL R 45 -67.13 -108.64 -8.53
N TYR R 46 -67.19 -109.43 -9.61
CA TYR R 46 -67.75 -108.92 -10.86
C TYR R 46 -69.23 -108.58 -10.68
N LYS R 47 -69.99 -109.48 -10.04
CA LYS R 47 -71.42 -109.23 -9.83
C LYS R 47 -71.65 -107.97 -9.00
N VAL R 48 -70.81 -107.72 -8.00
CA VAL R 48 -70.94 -106.51 -7.19
C VAL R 48 -70.46 -105.28 -7.97
N LEU R 49 -69.41 -105.44 -8.78
CA LEU R 49 -68.93 -104.32 -9.58
C LEU R 49 -70.01 -103.83 -10.54
N LYS R 50 -70.81 -104.75 -11.09
CA LYS R 50 -71.88 -104.34 -11.99
C LYS R 50 -73.00 -103.61 -11.26
N GLN R 51 -73.17 -103.88 -9.96
CA GLN R 51 -74.15 -103.13 -9.18
C GLN R 51 -73.71 -101.68 -9.00
N VAL R 52 -72.46 -101.47 -8.57
CA VAL R 52 -72.00 -100.13 -8.24
C VAL R 52 -71.49 -99.39 -9.47
N HIS R 53 -70.96 -100.11 -10.47
CA HIS R 53 -70.43 -99.49 -11.68
C HIS R 53 -70.70 -100.39 -12.87
N PRO R 54 -71.91 -100.32 -13.43
CA PRO R 54 -72.26 -101.23 -14.54
C PRO R 54 -71.39 -101.04 -15.77
N ASP R 55 -70.90 -99.83 -16.01
CA ASP R 55 -70.16 -99.51 -17.22
C ASP R 55 -68.64 -99.48 -17.00
N THR R 56 -68.16 -100.23 -16.01
CA THR R 56 -66.74 -100.23 -15.68
C THR R 56 -66.29 -101.65 -15.36
N GLY R 57 -65.13 -102.02 -15.90
CA GLY R 57 -64.53 -103.32 -15.69
C GLY R 57 -63.38 -103.28 -14.71
N ILE R 58 -62.56 -104.33 -14.76
CA ILE R 58 -61.48 -104.51 -13.80
C ILE R 58 -60.40 -105.38 -14.44
N SER R 59 -59.15 -105.09 -14.09
CA SER R 59 -58.01 -105.85 -14.61
C SER R 59 -57.80 -107.12 -13.78
N SER R 60 -56.90 -107.99 -14.28
CA SER R 60 -56.61 -109.22 -13.56
C SER R 60 -55.81 -108.95 -12.30
N LYS R 61 -54.83 -108.04 -12.38
CA LYS R 61 -54.05 -107.68 -11.20
C LYS R 61 -54.94 -107.07 -10.13
N ALA R 62 -55.80 -106.13 -10.51
CA ALA R 62 -56.75 -105.56 -9.56
C ALA R 62 -57.71 -106.62 -9.04
N MET R 63 -58.05 -107.61 -9.87
CA MET R 63 -58.91 -108.70 -9.41
C MET R 63 -58.20 -109.56 -8.37
N GLY R 64 -56.89 -109.75 -8.50
CA GLY R 64 -56.14 -110.49 -7.50
C GLY R 64 -56.02 -109.75 -6.19
N ILE R 65 -56.04 -108.41 -6.23
CA ILE R 65 -55.97 -107.63 -5.00
C ILE R 65 -57.29 -107.71 -4.25
N MET R 66 -58.41 -107.64 -4.98
CA MET R 66 -59.72 -107.81 -4.37
C MET R 66 -59.86 -109.19 -3.74
N ASN R 67 -59.28 -110.21 -4.37
CA ASN R 67 -59.32 -111.55 -3.81
C ASN R 67 -58.53 -111.63 -2.52
N SER R 68 -57.34 -111.04 -2.49
CA SER R 68 -56.56 -110.97 -1.26
C SER R 68 -57.30 -110.18 -0.19
N PHE R 69 -57.99 -109.12 -0.61
CA PHE R 69 -58.70 -108.26 0.34
C PHE R 69 -59.84 -109.03 1.02
N VAL R 70 -60.62 -109.76 0.24
CA VAL R 70 -61.73 -110.51 0.81
C VAL R 70 -61.22 -111.59 1.75
N ASN R 71 -60.21 -112.35 1.31
CA ASN R 71 -59.65 -113.39 2.17
C ASN R 71 -59.11 -112.83 3.48
N ASP R 72 -58.34 -111.74 3.43
CA ASP R 72 -57.76 -111.19 4.65
C ASP R 72 -58.85 -110.73 5.61
N ILE R 73 -59.83 -109.96 5.10
CA ILE R 73 -60.90 -109.49 5.96
C ILE R 73 -61.71 -110.67 6.46
N PHE R 74 -61.85 -111.70 5.64
CA PHE R 74 -62.43 -112.95 6.11
C PHE R 74 -61.65 -113.49 7.31
N GLU R 75 -60.34 -113.65 7.14
CA GLU R 75 -59.50 -114.18 8.22
C GLU R 75 -59.59 -113.32 9.48
N ARG R 76 -59.59 -111.99 9.32
CA ARG R 76 -59.54 -111.12 10.48
C ARG R 76 -60.84 -111.15 11.27
N ILE R 77 -61.99 -111.14 10.59
CA ILE R 77 -63.27 -111.23 11.30
C ILE R 77 -63.43 -112.61 11.92
N ALA R 78 -63.17 -113.66 11.13
CA ALA R 78 -63.33 -115.02 11.63
C ALA R 78 -62.36 -115.30 12.78
N GLY R 79 -61.13 -114.80 12.67
CA GLY R 79 -60.18 -114.99 13.76
C GLY R 79 -60.60 -114.25 15.02
N GLU R 80 -61.09 -113.02 14.87
CA GLU R 80 -61.62 -112.28 16.01
C GLU R 80 -62.83 -112.99 16.60
N ALA R 81 -63.71 -113.51 15.75
CA ALA R 81 -64.88 -114.25 16.23
C ALA R 81 -64.46 -115.54 16.91
N SER R 82 -63.36 -116.14 16.46
CA SER R 82 -62.85 -117.34 17.11
C SER R 82 -62.41 -117.06 18.54
N ARG R 83 -61.74 -115.93 18.76
CA ARG R 83 -61.30 -115.57 20.09
C ARG R 83 -62.49 -115.19 20.98
N LEU R 84 -63.48 -114.50 20.41
CA LEU R 84 -64.69 -114.16 21.16
C LEU R 84 -65.35 -115.40 21.76
N ALA R 85 -65.49 -116.45 20.97
CA ALA R 85 -66.13 -117.67 21.46
C ALA R 85 -65.29 -118.32 22.56
N HIS R 86 -63.97 -118.36 22.39
CA HIS R 86 -63.10 -118.92 23.41
C HIS R 86 -63.11 -118.07 24.67
N TYR R 87 -63.16 -116.74 24.51
CA TYR R 87 -63.14 -115.84 25.66
C TYR R 87 -64.35 -116.05 26.56
N ASN R 88 -65.52 -116.32 25.97
CA ASN R 88 -66.76 -116.52 26.72
C ASN R 88 -67.09 -117.99 26.90
N LYS R 89 -66.17 -118.90 26.62
CA LYS R 89 -66.34 -120.33 26.83
C LYS R 89 -67.54 -120.88 26.05
N ARG R 90 -67.64 -120.50 24.78
CA ARG R 90 -68.70 -120.97 23.91
C ARG R 90 -68.11 -121.79 22.77
N SER R 91 -68.82 -122.83 22.36
CA SER R 91 -68.38 -123.72 21.29
C SER R 91 -68.86 -123.28 19.91
N THR R 92 -69.67 -122.23 19.84
CA THR R 92 -70.33 -121.83 18.60
C THR R 92 -69.96 -120.40 18.23
N ILE R 93 -69.75 -120.19 16.93
CA ILE R 93 -69.62 -118.85 16.36
C ILE R 93 -70.93 -118.54 15.67
N THR R 94 -71.75 -117.72 16.31
CA THR R 94 -73.04 -117.31 15.76
C THR R 94 -72.92 -115.92 15.14
N SER R 95 -74.01 -115.47 14.52
CA SER R 95 -74.02 -114.15 13.91
C SER R 95 -73.70 -113.06 14.93
N ARG R 96 -74.04 -113.29 16.21
CA ARG R 96 -73.72 -112.33 17.25
C ARG R 96 -72.22 -112.21 17.46
N GLU R 97 -71.47 -113.28 17.22
CA GLU R 97 -70.01 -113.20 17.30
C GLU R 97 -69.44 -112.48 16.09
N ILE R 98 -69.98 -112.74 14.89
CA ILE R 98 -69.56 -112.00 13.71
C ILE R 98 -69.89 -110.53 13.86
N GLN R 99 -70.99 -110.21 14.54
CA GLN R 99 -71.38 -108.82 14.74
C GLN R 99 -70.38 -108.07 15.61
N THR R 100 -70.03 -108.64 16.77
CA THR R 100 -69.07 -108.00 17.65
C THR R 100 -67.70 -107.91 17.00
N ALA R 101 -67.31 -108.94 16.24
CA ALA R 101 -66.02 -108.91 15.55
C ALA R 101 -65.94 -107.77 14.56
N VAL R 102 -67.04 -107.48 13.87
CA VAL R 102 -67.07 -106.35 12.94
C VAL R 102 -66.91 -105.04 13.69
N ARG R 103 -67.48 -104.93 14.89
CA ARG R 103 -67.40 -103.67 15.63
C ARG R 103 -66.04 -103.47 16.27
N LEU R 104 -65.37 -104.56 16.65
CA LEU R 104 -64.00 -104.45 17.14
C LEU R 104 -63.04 -104.15 16.01
N LEU R 105 -63.22 -104.82 14.87
CA LEU R 105 -62.30 -104.67 13.74
C LEU R 105 -62.53 -103.36 13.00
N LEU R 106 -63.71 -103.22 12.39
CA LEU R 106 -63.94 -102.13 11.46
C LEU R 106 -64.01 -100.79 12.18
N PRO R 107 -63.62 -99.70 11.51
CA PRO R 107 -63.69 -98.38 12.13
C PRO R 107 -65.05 -97.71 11.96
N GLY R 108 -65.53 -97.12 13.05
CA GLY R 108 -66.74 -96.31 13.15
C GLY R 108 -67.80 -96.43 12.07
N GLU R 109 -67.80 -95.51 11.10
CA GLU R 109 -68.85 -95.47 10.09
C GLU R 109 -68.82 -96.71 9.22
N LEU R 110 -67.62 -97.28 8.99
CA LEU R 110 -67.51 -98.51 8.22
C LEU R 110 -68.19 -99.67 8.95
N ALA R 111 -68.11 -99.68 10.28
CA ALA R 111 -68.73 -100.76 11.05
C ALA R 111 -70.24 -100.58 11.16
N LYS R 112 -70.70 -99.33 11.26
CA LYS R 112 -72.13 -99.08 11.39
C LYS R 112 -72.89 -99.59 10.17
N HIS R 113 -72.40 -99.30 8.97
CA HIS R 113 -73.04 -99.81 7.77
C HIS R 113 -72.90 -101.32 7.66
N ALA R 114 -71.77 -101.87 8.11
CA ALA R 114 -71.54 -103.30 8.00
C ALA R 114 -72.48 -104.09 8.90
N VAL R 115 -72.74 -103.58 10.11
CA VAL R 115 -73.70 -104.23 10.99
C VAL R 115 -75.09 -104.22 10.38
N SER R 116 -75.42 -103.15 9.65
CA SER R 116 -76.72 -103.06 8.99
C SER R 116 -76.89 -104.13 7.92
N GLU R 117 -75.95 -104.18 6.97
CA GLU R 117 -76.02 -105.16 5.90
C GLU R 117 -76.02 -106.59 6.43
N GLY R 118 -75.31 -106.83 7.53
CA GLY R 118 -75.29 -108.17 8.09
C GLY R 118 -76.61 -108.55 8.73
N THR R 119 -77.13 -107.67 9.61
CA THR R 119 -78.43 -107.93 10.22
C THR R 119 -79.54 -107.97 9.16
N LYS R 120 -79.42 -107.15 8.12
CA LYS R 120 -80.42 -107.15 7.05
C LYS R 120 -80.46 -108.49 6.34
N ALA R 121 -79.30 -108.99 5.91
CA ALA R 121 -79.26 -110.26 5.19
C ALA R 121 -79.68 -111.43 6.07
N VAL R 122 -79.35 -111.37 7.36
CA VAL R 122 -79.78 -112.44 8.28
C VAL R 122 -81.28 -112.45 8.42
N THR R 123 -81.89 -111.27 8.54
CA THR R 123 -83.35 -111.19 8.65
C THR R 123 -84.02 -111.71 7.39
N LYS R 124 -83.56 -111.24 6.22
CA LYS R 124 -84.12 -111.71 4.96
C LYS R 124 -83.91 -113.20 4.76
N TYR R 125 -82.86 -113.76 5.37
CA TYR R 125 -82.58 -115.19 5.22
C TYR R 125 -83.55 -116.02 6.05
N THR R 126 -83.67 -115.70 7.34
CA THR R 126 -84.57 -116.47 8.21
C THR R 126 -86.03 -116.26 7.86
N SER R 127 -86.39 -115.14 7.22
CA SER R 127 -87.74 -114.92 6.73
C SER R 127 -87.93 -115.48 5.32
N ALA R 128 -87.06 -116.38 4.89
CA ALA R 128 -87.25 -117.13 3.64
C ALA R 128 -86.92 -118.60 3.82
N LYS R 129 -86.91 -119.09 5.07
CA LYS R 129 -86.48 -120.43 5.46
C LYS R 129 -86.71 -121.53 4.41
N PRO S 42 70.88 29.59 7.75
CA PRO S 42 70.69 30.68 8.72
C PRO S 42 70.19 31.96 8.08
N HIS S 43 71.05 32.67 7.36
CA HIS S 43 70.72 33.94 6.75
C HIS S 43 71.11 33.92 5.27
N ARG S 44 70.41 34.75 4.49
CA ARG S 44 70.58 34.78 3.05
C ARG S 44 70.33 36.21 2.59
N TYR S 45 70.87 36.55 1.41
CA TYR S 45 70.85 37.92 0.93
C TYR S 45 70.23 37.94 -0.46
N ARG S 46 69.40 38.95 -0.72
CA ARG S 46 68.55 38.89 -1.90
C ARG S 46 69.42 39.05 -3.14
N PRO S 47 69.30 38.16 -4.13
CA PRO S 47 70.02 38.36 -5.40
C PRO S 47 69.81 39.75 -5.96
N GLY S 48 70.90 40.52 -5.98
CA GLY S 48 70.87 41.96 -6.21
C GLY S 48 71.45 42.76 -5.06
N THR S 49 71.32 42.25 -3.84
CA THR S 49 71.82 42.91 -2.64
C THR S 49 73.34 42.99 -2.66
N VAL S 50 73.99 41.85 -2.48
CA VAL S 50 75.46 41.81 -2.46
C VAL S 50 76.03 42.39 -3.75
N ALA S 51 75.30 42.27 -4.86
CA ALA S 51 75.73 42.93 -6.08
C ALA S 51 75.73 44.44 -5.93
N LEU S 52 74.61 45.01 -5.45
CA LEU S 52 74.57 46.44 -5.16
C LEU S 52 75.63 46.82 -4.15
N ARG S 53 75.81 46.00 -3.11
CA ARG S 53 76.83 46.26 -2.10
C ARG S 53 78.22 46.25 -2.72
N GLU S 54 78.46 45.34 -3.67
CA GLU S 54 79.74 45.29 -4.34
C GLU S 54 79.93 46.46 -5.29
N ILE S 55 78.84 46.97 -5.88
CA ILE S 55 78.95 48.13 -6.76
C ILE S 55 79.47 49.33 -5.97
N ARG S 56 78.88 49.58 -4.80
CA ARG S 56 79.31 50.71 -3.98
C ARG S 56 80.74 50.53 -3.48
N ARG S 57 81.14 49.29 -3.19
CA ARG S 57 82.49 49.04 -2.70
C ARG S 57 83.54 49.36 -3.75
N TYR S 58 83.39 48.77 -4.94
CA TYR S 58 84.41 48.91 -5.98
C TYR S 58 84.36 50.25 -6.69
N GLN S 59 83.30 51.04 -6.48
CA GLN S 59 83.25 52.41 -6.93
C GLN S 59 83.84 53.38 -5.92
N LYS S 60 84.14 52.92 -4.71
CA LYS S 60 84.87 53.71 -3.72
C LYS S 60 86.38 53.58 -3.85
N SER S 61 86.88 52.44 -4.32
CA SER S 61 88.30 52.14 -4.37
C SER S 61 88.86 52.33 -5.77
N THR S 62 90.20 52.26 -5.85
CA THR S 62 90.91 52.42 -7.12
C THR S 62 91.87 51.29 -7.44
N GLU S 63 91.98 50.28 -6.58
CA GLU S 63 92.95 49.22 -6.80
C GLU S 63 92.56 48.42 -8.05
N LEU S 64 93.56 47.78 -8.65
CA LEU S 64 93.30 46.94 -9.81
C LEU S 64 92.55 45.69 -9.39
N LEU S 65 91.60 45.28 -10.22
CA LEU S 65 90.70 44.18 -9.88
C LEU S 65 91.12 42.85 -10.49
N ILE S 66 92.05 42.86 -11.45
CA ILE S 66 92.62 41.64 -12.00
C ILE S 66 93.89 41.31 -11.23
N ARG S 67 94.07 40.04 -10.89
CA ARG S 67 95.27 39.61 -10.17
C ARG S 67 96.51 39.80 -11.05
N LYS S 68 97.61 40.25 -10.42
CA LYS S 68 98.76 40.74 -11.17
C LYS S 68 99.42 39.66 -12.02
N LEU S 69 99.66 38.46 -11.46
CA LEU S 69 100.37 37.45 -12.23
C LEU S 69 99.57 36.90 -13.39
N PRO S 70 98.29 36.55 -13.25
CA PRO S 70 97.55 36.07 -14.44
C PRO S 70 97.53 37.09 -15.56
N PHE S 71 97.43 38.38 -15.23
CA PHE S 71 97.45 39.41 -16.25
C PHE S 71 98.81 39.47 -16.94
N GLN S 72 99.88 39.40 -16.14
CA GLN S 72 101.23 39.49 -16.71
C GLN S 72 101.53 38.29 -17.60
N ARG S 73 101.12 37.10 -17.18
CA ARG S 73 101.29 35.92 -18.03
C ARG S 73 100.52 36.07 -19.34
N LEU S 74 99.35 36.72 -19.29
CA LEU S 74 98.61 36.99 -20.52
C LEU S 74 99.32 38.03 -21.37
N VAL S 75 99.91 39.04 -20.75
CA VAL S 75 100.66 40.05 -21.49
C VAL S 75 101.86 39.41 -22.17
N ARG S 76 102.60 38.58 -21.44
CA ARG S 76 103.79 37.96 -22.01
C ARG S 76 103.45 37.01 -23.15
N GLU S 77 102.30 36.32 -23.08
CA GLU S 77 101.95 35.41 -24.16
C GLU S 77 101.50 36.17 -25.40
N ILE S 78 100.66 37.19 -25.24
CA ILE S 78 100.21 37.95 -26.38
C ILE S 78 101.39 38.62 -27.08
N ALA S 79 102.31 39.20 -26.29
CA ALA S 79 103.49 39.81 -26.88
C ALA S 79 104.42 38.78 -27.51
N GLN S 80 104.50 37.58 -26.94
CA GLN S 80 105.35 36.54 -27.49
C GLN S 80 104.87 36.11 -28.88
N ASP S 81 103.56 36.17 -29.13
CA ASP S 81 103.04 35.90 -30.47
C ASP S 81 103.28 37.05 -31.44
N PHE S 82 103.85 38.16 -30.97
CA PHE S 82 104.31 39.23 -31.85
C PHE S 82 105.81 39.19 -32.08
N LYS S 83 106.60 38.95 -31.03
CA LYS S 83 108.05 38.87 -31.16
C LYS S 83 108.60 38.02 -30.01
N THR S 84 109.49 37.10 -30.36
CA THR S 84 110.04 36.18 -29.36
C THR S 84 111.14 36.86 -28.56
N ASP S 85 111.39 36.35 -27.37
CA ASP S 85 112.41 36.86 -26.45
C ASP S 85 112.27 38.38 -26.27
N LEU S 86 111.20 38.75 -25.60
CA LEU S 86 110.88 40.14 -25.33
C LEU S 86 111.00 40.43 -23.83
N ARG S 87 111.53 41.59 -23.50
CA ARG S 87 111.65 42.01 -22.10
C ARG S 87 110.68 43.13 -21.80
N PHE S 88 110.24 43.20 -20.54
CA PHE S 88 109.11 44.03 -20.11
C PHE S 88 109.45 44.77 -18.82
N GLN S 89 109.42 46.11 -18.87
CA GLN S 89 109.40 46.86 -17.63
C GLN S 89 108.20 46.45 -16.78
N SER S 90 108.43 46.29 -15.47
CA SER S 90 107.34 45.99 -14.57
C SER S 90 106.28 47.09 -14.58
N SER S 91 106.70 48.34 -14.76
CA SER S 91 105.76 49.45 -14.90
C SER S 91 105.05 49.40 -16.25
N ALA S 92 105.68 48.79 -17.26
CA ALA S 92 105.02 48.64 -18.55
C ALA S 92 103.84 47.67 -18.44
N VAL S 93 103.97 46.62 -17.62
CA VAL S 93 102.85 45.72 -17.39
C VAL S 93 101.78 46.43 -16.56
N MET S 94 102.20 47.23 -15.58
CA MET S 94 101.24 47.97 -14.77
C MET S 94 100.55 49.04 -15.61
N ALA S 95 101.27 49.63 -16.56
CA ALA S 95 100.66 50.60 -17.46
C ALA S 95 99.61 49.93 -18.36
N LEU S 96 99.91 48.71 -18.82
CA LEU S 96 98.95 47.98 -19.62
C LEU S 96 97.73 47.56 -18.81
N GLN S 97 97.91 47.26 -17.53
CA GLN S 97 96.78 46.80 -16.73
C GLN S 97 95.89 47.96 -16.33
N GLU S 98 96.50 49.11 -16.05
CA GLU S 98 95.72 50.31 -15.74
C GLU S 98 94.80 50.69 -16.89
N ALA S 99 95.32 50.69 -18.12
CA ALA S 99 94.51 51.07 -19.27
C ALA S 99 93.44 50.02 -19.58
N CYS S 100 93.78 48.74 -19.48
CA CYS S 100 92.83 47.69 -19.80
C CYS S 100 91.66 47.68 -18.82
N GLU S 101 91.97 47.72 -17.52
CA GLU S 101 90.88 47.74 -16.53
C GLU S 101 90.03 48.98 -16.68
N ALA S 102 90.65 50.13 -16.96
CA ALA S 102 89.89 51.35 -17.19
C ALA S 102 89.05 51.23 -18.47
N TYR S 103 89.61 50.61 -19.51
CA TYR S 103 88.87 50.41 -20.74
C TYR S 103 87.66 49.50 -20.51
N LEU S 104 87.84 48.43 -19.74
CA LEU S 104 86.74 47.49 -19.50
C LEU S 104 85.70 48.06 -18.54
N VAL S 105 86.13 48.86 -17.56
CA VAL S 105 85.17 49.50 -16.66
C VAL S 105 84.27 50.44 -17.44
N GLY S 106 84.86 51.31 -18.25
CA GLY S 106 84.07 52.23 -19.06
C GLY S 106 83.23 51.51 -20.09
N LEU S 107 83.73 50.38 -20.61
CA LEU S 107 82.94 49.59 -21.54
C LEU S 107 81.74 48.94 -20.84
N PHE S 108 81.95 48.47 -19.61
CA PHE S 108 80.83 47.93 -18.84
C PHE S 108 79.81 49.01 -18.51
N GLU S 109 80.24 50.27 -18.45
CA GLU S 109 79.30 51.37 -18.26
C GLU S 109 78.39 51.51 -19.47
N ASP S 110 78.98 51.59 -20.66
CA ASP S 110 78.17 51.65 -21.88
C ASP S 110 77.35 50.38 -22.06
N THR S 111 77.95 49.22 -21.73
CA THR S 111 77.22 47.96 -21.78
C THR S 111 76.01 47.97 -20.85
N ASN S 112 76.17 48.54 -19.65
CA ASN S 112 75.07 48.57 -18.69
C ASN S 112 73.94 49.43 -19.19
N LEU S 113 74.27 50.55 -19.84
CA LEU S 113 73.26 51.43 -20.39
C LEU S 113 72.51 50.78 -21.54
N CYS S 114 73.19 49.96 -22.35
CA CYS S 114 72.53 49.24 -23.44
C CYS S 114 71.51 48.25 -22.89
N ALA S 115 71.85 47.56 -21.81
CA ALA S 115 70.92 46.59 -21.21
C ALA S 115 69.69 47.28 -20.64
N ILE S 116 69.90 48.40 -19.93
CA ILE S 116 68.77 49.14 -19.39
C ILE S 116 67.89 49.67 -20.51
N HIS S 117 68.51 50.04 -21.63
CA HIS S 117 67.75 50.53 -22.78
C HIS S 117 66.81 49.46 -23.29
N ALA S 118 67.20 48.19 -23.19
CA ALA S 118 66.34 47.08 -23.55
C ALA S 118 65.45 46.64 -22.39
N LYS S 119 65.20 47.54 -21.43
CA LYS S 119 64.31 47.27 -20.29
C LYS S 119 64.79 46.06 -19.49
N ARG S 120 66.09 45.78 -19.55
CA ARG S 120 66.70 44.64 -18.88
C ARG S 120 67.64 45.13 -17.79
N VAL S 121 67.85 44.27 -16.80
CA VAL S 121 68.82 44.51 -15.73
C VAL S 121 70.11 43.73 -15.97
N THR S 122 70.02 42.62 -16.71
CA THR S 122 71.18 41.78 -16.97
C THR S 122 71.90 42.24 -18.24
N ILE S 123 73.22 42.35 -18.16
CA ILE S 123 74.03 42.61 -19.33
C ILE S 123 74.25 41.31 -20.08
N MET S 124 74.26 41.39 -21.41
CA MET S 124 74.40 40.25 -22.28
C MET S 124 75.40 40.58 -23.38
N PRO S 125 76.01 39.58 -24.01
CA PRO S 125 77.01 39.86 -25.05
C PRO S 125 76.53 40.77 -26.16
N LYS S 126 75.22 40.79 -26.44
CA LYS S 126 74.69 41.71 -27.42
C LYS S 126 74.79 43.17 -26.96
N ASP S 127 74.76 43.40 -25.64
CA ASP S 127 74.96 44.74 -25.13
C ASP S 127 76.37 45.24 -25.40
N ILE S 128 77.37 44.37 -25.19
CA ILE S 128 78.76 44.72 -25.47
C ILE S 128 78.95 45.02 -26.95
N GLN S 129 78.43 44.15 -27.81
CA GLN S 129 78.62 44.32 -29.25
C GLN S 129 77.92 45.56 -29.76
N LEU S 130 76.80 45.94 -29.14
CA LEU S 130 76.15 47.20 -29.49
C LEU S 130 77.02 48.39 -29.09
N ALA S 131 77.61 48.35 -27.89
CA ALA S 131 78.45 49.44 -27.43
C ALA S 131 79.68 49.60 -28.32
N ARG S 132 80.37 48.49 -28.61
CA ARG S 132 81.58 48.57 -29.43
C ARG S 132 81.28 49.02 -30.85
N ARG S 133 80.12 48.62 -31.38
CA ARG S 133 79.73 49.05 -32.72
C ARG S 133 79.54 50.56 -32.77
N ILE S 134 78.84 51.11 -31.77
CA ILE S 134 78.60 52.55 -31.74
C ILE S 134 79.90 53.30 -31.50
N ARG S 135 80.75 52.78 -30.61
CA ARG S 135 82.04 53.40 -30.34
C ARG S 135 82.92 53.47 -31.58
N GLY S 136 82.61 52.71 -32.61
CA GLY S 136 83.48 52.59 -33.77
C GLY S 136 84.55 51.54 -33.65
N GLU S 137 84.48 50.69 -32.61
CA GLU S 137 85.46 49.61 -32.45
C GLU S 137 85.08 48.39 -33.26
N ARG S 138 83.78 48.06 -33.31
CA ARG S 138 83.30 46.82 -33.90
C ARG S 138 83.99 45.60 -33.29
N VAL T 25 106.90 27.02 -23.99
CA VAL T 25 105.70 27.38 -24.74
C VAL T 25 104.72 28.07 -23.79
N LEU T 26 103.81 28.85 -24.37
CA LEU T 26 102.74 29.52 -23.64
C LEU T 26 101.44 29.42 -24.43
N ARG T 27 100.37 28.99 -23.76
CA ARG T 27 99.16 28.57 -24.45
C ARG T 27 97.97 28.70 -23.49
N ASP T 28 96.84 29.18 -24.01
CA ASP T 28 95.59 29.41 -23.26
C ASP T 28 95.65 30.52 -22.21
N ASN T 29 96.64 31.43 -22.26
CA ASN T 29 96.81 32.34 -21.13
C ASN T 29 95.61 33.29 -20.91
N ILE T 30 94.71 33.33 -21.89
CA ILE T 30 93.60 34.26 -21.77
C ILE T 30 92.67 33.82 -20.64
N GLN T 31 92.66 32.52 -20.33
CA GLN T 31 91.90 32.01 -19.19
C GLN T 31 92.45 32.53 -17.87
N GLY T 32 93.66 33.08 -17.86
CA GLY T 32 94.17 33.74 -16.67
C GLY T 32 93.35 34.93 -16.25
N ILE T 33 92.57 35.51 -17.17
CA ILE T 33 91.57 36.52 -16.80
C ILE T 33 90.33 35.74 -16.38
N THR T 34 90.12 35.63 -15.06
CA THR T 34 89.24 34.62 -14.52
C THR T 34 87.81 35.15 -14.34
N LYS T 35 86.91 34.23 -14.03
CA LYS T 35 85.51 34.62 -13.79
C LYS T 35 85.36 35.61 -12.64
N PRO T 36 85.95 35.39 -11.46
CA PRO T 36 85.83 36.40 -10.40
C PRO T 36 86.52 37.72 -10.75
N ALA T 37 87.56 37.69 -11.58
CA ALA T 37 88.23 38.92 -11.96
C ALA T 37 87.34 39.76 -12.87
N ILE T 38 86.77 39.15 -13.91
CA ILE T 38 85.81 39.84 -14.77
C ILE T 38 84.62 40.31 -13.95
N ARG T 39 84.22 39.53 -12.94
CA ARG T 39 83.13 39.94 -12.07
C ARG T 39 83.45 41.24 -11.34
N ARG T 40 84.66 41.34 -10.81
CA ARG T 40 85.03 42.55 -10.07
C ARG T 40 85.03 43.77 -10.98
N LEU T 41 85.53 43.62 -12.20
CA LEU T 41 85.51 44.73 -13.15
C LEU T 41 84.07 45.13 -13.48
N ALA T 42 83.17 44.15 -13.59
CA ALA T 42 81.77 44.48 -13.84
C ALA T 42 81.16 45.21 -12.65
N ARG T 43 81.55 44.83 -11.44
CA ARG T 43 81.03 45.50 -10.24
C ARG T 43 81.44 46.96 -10.22
N ARG T 44 82.73 47.24 -10.46
CA ARG T 44 83.18 48.63 -10.54
C ARG T 44 82.48 49.39 -11.65
N GLY T 45 82.08 48.69 -12.71
CA GLY T 45 81.25 49.28 -13.75
C GLY T 45 79.79 49.43 -13.39
N GLY T 46 79.39 48.98 -12.20
CA GLY T 46 78.01 49.10 -11.76
C GLY T 46 77.10 47.97 -12.17
N VAL T 47 77.66 46.82 -12.53
CA VAL T 47 76.87 45.69 -13.01
C VAL T 47 76.41 44.88 -11.81
N LYS T 48 75.11 44.55 -11.78
CA LYS T 48 74.50 43.80 -10.70
C LYS T 48 74.44 42.31 -11.02
N ARG T 49 73.99 41.96 -12.22
CA ARG T 49 73.81 40.56 -12.61
C ARG T 49 74.54 40.31 -13.92
N ILE T 50 75.20 39.16 -14.03
CA ILE T 50 76.07 38.84 -15.14
C ILE T 50 75.64 37.51 -15.73
N SER T 51 75.33 37.51 -17.02
CA SER T 51 75.01 36.28 -17.72
C SER T 51 76.24 35.36 -17.77
N GLY T 52 75.99 34.07 -18.04
CA GLY T 52 77.08 33.11 -18.07
C GLY T 52 78.00 33.28 -19.27
N LEU T 53 77.46 33.78 -20.38
CA LEU T 53 78.23 33.92 -21.61
C LEU T 53 79.09 35.18 -21.64
N ILE T 54 79.05 36.02 -20.61
CA ILE T 54 79.77 37.28 -20.62
C ILE T 54 81.29 37.05 -20.57
N TYR T 55 81.72 36.04 -19.80
CA TYR T 55 83.13 35.94 -19.45
C TYR T 55 84.00 35.62 -20.66
N GLU T 56 83.62 34.62 -21.46
CA GLU T 56 84.35 34.35 -22.69
C GLU T 56 84.23 35.50 -23.68
N GLU T 57 83.08 36.17 -23.71
CA GLU T 57 82.94 37.35 -24.55
C GLU T 57 83.89 38.45 -24.11
N THR T 58 84.01 38.66 -22.79
CA THR T 58 84.91 39.68 -22.27
C THR T 58 86.36 39.34 -22.61
N ARG T 59 86.71 38.05 -22.58
CA ARG T 59 88.07 37.65 -22.94
C ARG T 59 88.36 37.95 -24.40
N GLY T 60 87.39 37.72 -25.28
CA GLY T 60 87.58 38.07 -26.68
C GLY T 60 87.72 39.57 -26.88
N VAL T 61 86.96 40.36 -26.11
CA VAL T 61 87.07 41.81 -26.21
C VAL T 61 88.41 42.30 -25.72
N LEU T 62 88.83 41.85 -24.53
CA LEU T 62 90.11 42.28 -23.96
C LEU T 62 91.27 41.93 -24.88
N LYS T 63 91.19 40.77 -25.54
CA LYS T 63 92.26 40.35 -26.44
C LYS T 63 92.35 41.26 -27.66
N VAL T 64 91.20 41.63 -28.24
CA VAL T 64 91.20 42.58 -29.34
C VAL T 64 91.78 43.91 -28.90
N PHE T 65 91.45 44.36 -27.68
CA PHE T 65 91.99 45.61 -27.16
C PHE T 65 93.50 45.51 -27.00
N LEU T 66 93.98 44.45 -26.34
CA LEU T 66 95.42 44.28 -26.14
C LEU T 66 96.16 44.12 -27.46
N GLU T 67 95.57 43.42 -28.42
CA GLU T 67 96.22 43.23 -29.72
C GLU T 67 96.44 44.58 -30.41
N ASN T 68 95.41 45.43 -30.42
CA ASN T 68 95.51 46.71 -31.11
C ASN T 68 96.55 47.61 -30.43
N VAL T 69 96.61 47.60 -29.11
CA VAL T 69 97.51 48.48 -28.39
C VAL T 69 98.95 47.96 -28.44
N ILE T 70 99.13 46.66 -28.15
CA ILE T 70 100.47 46.08 -28.16
C ILE T 70 101.07 46.15 -29.56
N ARG T 71 100.24 46.01 -30.60
CA ARG T 71 100.74 46.13 -31.96
C ARG T 71 101.41 47.48 -32.21
N ASP T 72 100.79 48.56 -31.73
CA ASP T 72 101.35 49.88 -31.93
C ASP T 72 102.56 50.12 -31.02
N ALA T 73 102.50 49.62 -29.79
CA ALA T 73 103.64 49.78 -28.88
C ALA T 73 104.89 49.10 -29.42
N VAL T 74 104.73 47.90 -30.00
CA VAL T 74 105.88 47.20 -30.58
C VAL T 74 106.40 47.96 -31.79
N THR T 75 105.50 48.51 -32.62
CA THR T 75 105.93 49.28 -33.78
C THR T 75 106.77 50.48 -33.36
N TYR T 76 106.38 51.15 -32.29
CA TYR T 76 107.24 52.20 -31.72
C TYR T 76 108.54 51.61 -31.23
N THR T 77 108.47 50.49 -30.51
CA THR T 77 109.67 49.86 -29.97
C THR T 77 110.64 49.45 -31.08
N GLU T 78 110.11 48.87 -32.16
CA GLU T 78 110.98 48.45 -33.26
C GLU T 78 111.64 49.65 -33.94
N HIS T 79 110.90 50.75 -34.09
CA HIS T 79 111.46 51.93 -34.72
C HIS T 79 112.60 52.52 -33.89
N ALA T 80 112.54 52.35 -32.57
CA ALA T 80 113.60 52.84 -31.69
C ALA T 80 114.79 51.89 -31.60
N LYS T 81 114.77 50.80 -32.36
CA LYS T 81 115.87 49.83 -32.37
C LYS T 81 116.13 49.28 -30.96
N ARG T 82 115.05 48.89 -30.29
CA ARG T 82 115.13 48.33 -28.95
C ARG T 82 114.51 46.94 -28.93
N LYS T 83 115.00 46.11 -28.01
CA LYS T 83 114.39 44.82 -27.72
C LYS T 83 113.52 44.85 -26.46
N THR T 84 113.30 46.03 -25.87
CA THR T 84 112.50 46.18 -24.67
C THR T 84 111.37 47.16 -24.92
N VAL T 85 110.15 46.75 -24.58
CA VAL T 85 108.99 47.63 -24.68
C VAL T 85 108.94 48.52 -23.45
N THR T 86 109.03 49.82 -23.65
CA THR T 86 108.99 50.79 -22.57
C THR T 86 107.55 51.23 -22.30
N ALA T 87 107.35 51.80 -21.10
CA ALA T 87 106.04 52.35 -20.77
C ALA T 87 105.67 53.50 -21.70
N MET T 88 106.67 54.21 -22.23
CA MET T 88 106.39 55.29 -23.17
C MET T 88 105.86 54.77 -24.50
N ASP T 89 106.34 53.60 -24.94
CA ASP T 89 105.77 52.97 -26.11
C ASP T 89 104.29 52.68 -25.91
N VAL T 90 103.93 52.17 -24.74
CA VAL T 90 102.52 51.92 -24.44
C VAL T 90 101.75 53.23 -24.36
N VAL T 91 102.32 54.23 -23.68
CA VAL T 91 101.65 55.53 -23.54
C VAL T 91 101.42 56.17 -24.91
N TYR T 92 102.45 56.14 -25.76
CA TYR T 92 102.29 56.65 -27.12
C TYR T 92 101.23 55.87 -27.88
N ALA T 93 101.19 54.54 -27.67
CA ALA T 93 100.20 53.71 -28.35
C ALA T 93 98.79 54.01 -27.86
N LEU T 94 98.62 54.16 -26.54
CA LEU T 94 97.30 54.47 -26.00
C LEU T 94 96.79 55.81 -26.50
N LYS T 95 97.70 56.80 -26.63
CA LYS T 95 97.29 58.08 -27.18
C LYS T 95 96.95 57.97 -28.66
N ARG T 96 97.58 57.04 -29.38
CA ARG T 96 97.23 56.81 -30.77
C ARG T 96 95.77 56.39 -30.92
N GLN T 97 95.31 55.46 -30.09
CA GLN T 97 93.96 54.95 -30.18
C GLN T 97 92.91 55.90 -29.60
N GLY T 98 93.33 57.06 -29.10
CA GLY T 98 92.42 57.95 -28.41
C GLY T 98 92.04 57.49 -27.03
N ARG T 99 92.97 56.84 -26.32
CA ARG T 99 92.75 56.40 -24.95
C ARG T 99 93.93 56.86 -24.09
N THR T 100 94.11 58.18 -24.02
CA THR T 100 95.26 58.76 -23.35
C THR T 100 95.30 58.34 -21.88
N LEU T 101 96.52 58.09 -21.38
CA LEU T 101 96.73 57.59 -20.04
C LEU T 101 97.69 58.53 -19.30
N TYR T 102 97.30 58.94 -18.10
CA TYR T 102 98.15 59.76 -17.25
C TYR T 102 98.84 58.90 -16.20
N GLY T 103 100.06 59.29 -15.85
CA GLY T 103 100.78 58.68 -14.75
C GLY T 103 101.88 57.71 -15.08
N PHE T 104 102.27 57.57 -16.34
CA PHE T 104 103.38 56.68 -16.70
C PHE T 104 104.40 57.38 -17.59
N GLY T 105 104.34 58.69 -17.68
CA GLY T 105 105.23 59.46 -18.54
C GLY T 105 104.44 60.27 -19.55
N GLY T 106 105.18 61.01 -20.36
CA GLY T 106 104.58 61.81 -21.42
C GLY T 106 103.98 63.12 -20.98
N THR U 20 113.57 65.21 -62.96
CA THR U 20 112.68 65.29 -61.81
C THR U 20 112.90 64.11 -60.87
N ARG U 21 112.63 64.31 -59.58
CA ARG U 21 112.80 63.23 -58.61
C ARG U 21 111.70 62.18 -58.71
N SER U 22 110.56 62.50 -59.33
CA SER U 22 109.50 61.52 -59.48
C SER U 22 109.90 60.42 -60.47
N SER U 23 110.50 60.80 -61.59
CA SER U 23 110.91 59.82 -62.58
C SER U 23 112.02 58.93 -62.05
N ARG U 24 112.99 59.51 -61.35
CA ARG U 24 114.07 58.72 -60.77
C ARG U 24 113.54 57.67 -59.81
N ALA U 25 112.45 57.98 -59.10
CA ALA U 25 111.80 57.03 -58.21
C ALA U 25 110.71 56.21 -58.90
N GLY U 26 110.33 56.57 -60.11
CA GLY U 26 109.28 55.85 -60.81
C GLY U 26 107.89 56.11 -60.26
N LEU U 27 107.58 57.37 -59.98
CA LEU U 27 106.32 57.75 -59.36
C LEU U 27 105.61 58.78 -60.22
N GLN U 28 104.28 58.73 -60.20
CA GLN U 28 103.48 59.78 -60.82
C GLN U 28 103.28 60.97 -59.89
N PHE U 29 103.38 60.77 -58.56
CA PHE U 29 103.19 61.79 -57.54
C PHE U 29 104.48 62.59 -57.34
N PRO U 30 104.37 63.91 -57.13
CA PRO U 30 105.55 64.78 -57.13
C PRO U 30 106.35 64.65 -55.84
N VAL U 31 107.61 64.18 -55.99
CA VAL U 31 108.50 64.08 -54.82
C VAL U 31 108.95 65.47 -54.38
N GLY U 32 109.16 66.37 -55.33
CA GLY U 32 109.61 67.72 -54.98
C GLY U 32 108.58 68.48 -54.15
N ARG U 33 107.31 68.38 -54.53
CA ARG U 33 106.26 69.04 -53.76
C ARG U 33 106.13 68.44 -52.37
N VAL U 34 106.26 67.12 -52.25
CA VAL U 34 106.15 66.47 -50.95
C VAL U 34 107.30 66.88 -50.05
N HIS U 35 108.51 66.96 -50.60
CA HIS U 35 109.65 67.43 -49.81
C HIS U 35 109.47 68.87 -49.35
N ARG U 36 108.85 69.70 -50.20
CA ARG U 36 108.58 71.09 -49.84
C ARG U 36 107.60 71.17 -48.68
N LEU U 37 106.48 70.43 -48.77
CA LEU U 37 105.46 70.50 -47.73
C LEU U 37 105.97 69.95 -46.40
N LEU U 38 106.88 68.99 -46.43
CA LEU U 38 107.40 68.42 -45.18
C LEU U 38 108.23 69.44 -44.41
N ARG U 39 109.04 70.23 -45.09
CA ARG U 39 109.82 71.26 -44.40
C ARG U 39 108.96 72.46 -44.07
N LYS U 40 108.04 72.82 -44.96
CA LYS U 40 107.14 73.95 -44.71
C LYS U 40 106.17 73.68 -43.57
N GLY U 41 105.87 72.41 -43.28
CA GLY U 41 104.84 72.09 -42.33
C GLY U 41 105.26 71.99 -40.88
N ASN U 42 106.52 72.30 -40.56
CA ASN U 42 107.04 72.24 -39.20
C ASN U 42 106.77 70.87 -38.57
N TYR U 43 107.29 69.84 -39.23
CA TYR U 43 107.24 68.49 -38.69
C TYR U 43 108.53 68.09 -37.99
N SER U 44 109.66 68.60 -38.45
CA SER U 44 110.94 68.37 -37.81
C SER U 44 111.91 69.42 -38.33
N GLU U 45 113.07 69.50 -37.68
CA GLU U 45 114.14 70.36 -38.15
C GLU U 45 114.48 70.06 -39.62
N ARG U 46 114.65 68.78 -39.94
CA ARG U 46 115.09 68.38 -41.27
C ARG U 46 114.25 67.23 -41.80
N VAL U 47 114.35 67.03 -43.12
CA VAL U 47 113.67 65.94 -43.81
C VAL U 47 114.71 65.22 -44.65
N GLY U 48 114.87 63.92 -44.40
CA GLY U 48 115.79 63.12 -45.17
C GLY U 48 115.44 63.10 -46.65
N ALA U 49 116.42 62.66 -47.46
CA ALA U 49 116.21 62.62 -48.90
C ALA U 49 115.23 61.52 -49.30
N GLY U 50 115.18 60.43 -48.53
CA GLY U 50 114.29 59.32 -48.85
C GLY U 50 112.87 59.49 -48.37
N ALA U 51 112.66 60.34 -47.37
CA ALA U 51 111.32 60.52 -46.82
C ALA U 51 110.29 61.01 -47.83
N PRO U 52 110.55 62.06 -48.63
CA PRO U 52 109.51 62.48 -49.59
C PRO U 52 109.24 61.43 -50.65
N VAL U 53 110.27 60.70 -51.09
CA VAL U 53 110.06 59.62 -52.05
C VAL U 53 109.15 58.56 -51.44
N TYR U 54 109.50 58.07 -50.25
CA TYR U 54 108.67 57.09 -49.56
C TYR U 54 107.25 57.61 -49.40
N LEU U 55 107.12 58.86 -48.92
CA LEU U 55 105.79 59.41 -48.67
C LEU U 55 104.99 59.58 -49.96
N ALA U 56 105.63 60.10 -51.01
CA ALA U 56 104.93 60.26 -52.29
C ALA U 56 104.54 58.92 -52.88
N ALA U 57 105.31 57.87 -52.61
CA ALA U 57 104.95 56.54 -53.11
C ALA U 57 103.75 55.97 -52.35
N VAL U 58 103.73 56.14 -51.03
CA VAL U 58 102.59 55.67 -50.25
C VAL U 58 101.33 56.43 -50.65
N LEU U 59 101.45 57.75 -50.80
CA LEU U 59 100.31 58.55 -51.25
C LEU U 59 99.81 58.08 -52.61
N GLU U 60 100.73 57.80 -53.53
CA GLU U 60 100.34 57.32 -54.85
C GLU U 60 99.72 55.93 -54.78
N TYR U 61 100.23 55.07 -53.91
CA TYR U 61 99.66 53.73 -53.80
C TYR U 61 98.22 53.77 -53.31
N LEU U 62 97.99 54.46 -52.19
CA LEU U 62 96.63 54.58 -51.66
C LEU U 62 95.71 55.24 -52.67
N THR U 63 96.23 56.23 -53.41
CA THR U 63 95.45 56.85 -54.48
C THR U 63 95.01 55.81 -55.51
N ALA U 64 95.94 54.96 -55.96
CA ALA U 64 95.59 53.92 -56.92
C ALA U 64 94.59 52.94 -56.34
N GLU U 65 94.74 52.59 -55.07
CA GLU U 65 93.83 51.62 -54.44
C GLU U 65 92.40 52.14 -54.44
N ILE U 66 92.21 53.42 -54.13
CA ILE U 66 90.87 53.99 -54.09
C ILE U 66 90.33 54.14 -55.51
N LEU U 67 91.14 54.68 -56.42
CA LEU U 67 90.70 54.83 -57.81
C LEU U 67 90.38 53.48 -58.44
N GLU U 68 91.14 52.44 -58.07
CA GLU U 68 90.85 51.10 -58.57
C GLU U 68 89.45 50.67 -58.18
N LEU U 69 89.14 50.71 -56.87
CA LEU U 69 87.86 50.24 -56.39
C LEU U 69 86.73 51.20 -56.75
N ALA U 70 87.04 52.49 -56.89
CA ALA U 70 86.01 53.45 -57.29
C ALA U 70 85.70 53.36 -58.78
N GLY U 71 86.71 53.09 -59.60
CA GLY U 71 86.46 52.84 -61.01
C GLY U 71 85.66 51.57 -61.24
N ASN U 72 85.86 50.56 -60.40
CA ASN U 72 85.03 49.37 -60.45
C ASN U 72 83.58 49.70 -60.11
N ALA U 73 83.37 50.48 -59.05
CA ALA U 73 82.02 50.88 -58.66
C ALA U 73 81.34 51.68 -59.77
N ALA U 74 82.10 52.52 -60.47
CA ALA U 74 81.53 53.30 -61.57
C ALA U 74 81.07 52.37 -62.69
N ARG U 75 81.84 51.33 -62.98
CA ARG U 75 81.46 50.39 -64.03
C ARG U 75 80.27 49.53 -63.60
N ASP U 76 80.20 49.16 -62.32
CA ASP U 76 79.05 48.42 -61.83
C ASP U 76 77.76 49.21 -61.95
N ASN U 77 77.84 50.54 -61.79
CA ASN U 77 76.69 51.41 -61.92
C ASN U 77 76.54 51.94 -63.35
N LYS U 78 77.20 51.30 -64.32
CA LYS U 78 77.05 51.63 -65.74
C LYS U 78 77.49 53.06 -66.05
N LYS U 79 78.47 53.57 -65.31
CA LYS U 79 79.04 54.87 -65.56
C LYS U 79 80.46 54.74 -66.09
N THR U 80 80.87 55.74 -66.87
CA THR U 80 82.25 55.90 -67.30
C THR U 80 82.98 56.98 -66.53
N ARG U 81 82.35 57.53 -65.48
CA ARG U 81 82.92 58.62 -64.71
C ARG U 81 82.70 58.38 -63.23
N ILE U 82 83.71 58.66 -62.43
CA ILE U 82 83.65 58.46 -60.97
C ILE U 82 83.04 59.70 -60.33
N ILE U 83 81.91 59.53 -59.65
CA ILE U 83 81.28 60.60 -58.87
C ILE U 83 81.52 60.30 -57.40
N PRO U 84 81.23 61.23 -56.47
CA PRO U 84 81.51 60.96 -55.06
C PRO U 84 80.86 59.69 -54.52
N ARG U 85 79.70 59.30 -55.04
CA ARG U 85 79.05 58.09 -54.58
C ARG U 85 79.90 56.86 -54.87
N HIS U 86 80.60 56.86 -56.01
CA HIS U 86 81.48 55.73 -56.35
C HIS U 86 82.64 55.62 -55.37
N LEU U 87 83.17 56.76 -54.92
CA LEU U 87 84.22 56.72 -53.89
C LEU U 87 83.68 56.21 -52.57
N GLN U 88 82.45 56.59 -52.23
CA GLN U 88 81.84 56.12 -50.97
C GLN U 88 81.58 54.62 -51.00
N LEU U 89 81.00 54.12 -52.11
CA LEU U 89 80.81 52.68 -52.25
C LEU U 89 82.11 51.92 -52.15
N ALA U 90 83.19 52.44 -52.74
CA ALA U 90 84.47 51.74 -52.72
C ALA U 90 85.02 51.65 -51.30
N ILE U 91 84.97 52.76 -50.57
CA ILE U 91 85.58 52.82 -49.24
C ILE U 91 84.75 52.02 -48.24
N ARG U 92 83.43 52.20 -48.22
CA ARG U 92 82.61 51.56 -47.21
C ARG U 92 82.45 50.06 -47.45
N ASN U 93 82.66 49.59 -48.68
CA ASN U 93 82.63 48.17 -48.97
C ASN U 93 83.97 47.48 -48.74
N ASP U 94 85.07 48.23 -48.76
CA ASP U 94 86.39 47.68 -48.47
C ASP U 94 86.66 47.82 -46.98
N GLU U 95 86.96 46.70 -46.32
CA GLU U 95 87.12 46.69 -44.87
C GLU U 95 88.21 47.66 -44.43
N GLU U 96 89.39 47.57 -45.05
CA GLU U 96 90.54 48.36 -44.58
C GLU U 96 90.39 49.83 -44.94
N LEU U 97 89.86 50.14 -46.12
CA LEU U 97 89.60 51.54 -46.47
C LEU U 97 88.54 52.14 -45.55
N ASN U 98 87.49 51.38 -45.25
CA ASN U 98 86.47 51.88 -44.34
C ASN U 98 87.04 52.13 -42.95
N LYS U 99 88.05 51.35 -42.54
CA LYS U 99 88.70 51.59 -41.25
C LYS U 99 89.60 52.82 -41.30
N LEU U 100 90.33 53.00 -42.39
CA LEU U 100 91.22 54.15 -42.51
C LEU U 100 90.43 55.46 -42.52
N LEU U 101 89.25 55.45 -43.13
CA LEU U 101 88.37 56.61 -43.18
C LEU U 101 87.15 56.43 -42.28
N GLY U 102 87.37 55.91 -41.07
CA GLY U 102 86.24 55.66 -40.17
C GLY U 102 85.61 56.92 -39.62
N ARG U 103 86.41 57.97 -39.41
CA ARG U 103 85.91 59.25 -38.91
C ARG U 103 85.92 60.33 -39.99
N VAL U 104 85.64 59.93 -41.23
CA VAL U 104 85.66 60.82 -42.39
C VAL U 104 84.30 60.79 -43.07
N THR U 105 83.85 61.96 -43.52
CA THR U 105 82.59 62.10 -44.23
C THR U 105 82.88 62.44 -45.69
N ILE U 106 82.36 61.62 -46.59
CA ILE U 106 82.53 61.82 -48.02
C ILE U 106 81.33 62.62 -48.52
N ALA U 107 81.57 63.87 -48.93
CA ALA U 107 80.46 64.72 -49.36
C ALA U 107 79.78 64.10 -50.58
N GLN U 108 78.45 64.14 -50.56
CA GLN U 108 77.63 63.56 -51.63
C GLN U 108 77.95 62.07 -51.84
N GLY U 109 78.14 61.35 -50.74
CA GLY U 109 78.50 59.94 -50.82
C GLY U 109 77.37 58.99 -50.49
N GLY U 110 76.47 59.43 -49.62
CA GLY U 110 75.37 58.60 -49.18
C GLY U 110 75.83 57.50 -48.24
N VAL U 111 75.01 56.44 -48.17
CA VAL U 111 75.29 55.30 -47.32
C VAL U 111 75.10 54.02 -48.12
N LEU U 112 75.52 52.91 -47.53
CA LEU U 112 75.29 51.60 -48.13
C LEU U 112 73.85 51.14 -47.91
N PRO U 113 73.16 50.65 -48.94
CA PRO U 113 71.83 50.08 -48.74
C PRO U 113 71.88 48.89 -47.77
N ASN U 114 71.26 49.05 -46.60
CA ASN U 114 71.28 48.00 -45.59
C ASN U 114 70.05 48.15 -44.71
N ILE U 115 69.06 47.29 -44.94
CA ILE U 115 67.86 47.21 -44.13
C ILE U 115 68.03 46.06 -43.13
N GLN U 116 67.77 46.34 -41.86
CA GLN U 116 67.85 45.31 -40.84
C GLN U 116 66.79 44.23 -41.09
N ALA U 117 67.12 43.01 -40.69
CA ALA U 117 66.29 41.86 -41.07
C ALA U 117 64.90 41.92 -40.45
N VAL U 118 64.83 42.26 -39.16
CA VAL U 118 63.55 42.24 -38.45
C VAL U 118 62.56 43.23 -39.04
N LEU U 119 63.03 44.16 -39.86
CA LEU U 119 62.17 45.11 -40.54
C LEU U 119 61.56 44.54 -41.82
N LEU U 120 62.09 43.42 -42.33
CA LEU U 120 61.54 42.81 -43.54
C LEU U 120 60.25 42.05 -43.22
N PRO U 121 59.25 42.13 -44.10
CA PRO U 121 58.01 41.38 -43.89
C PRO U 121 58.22 39.88 -44.05
N LYS U 122 57.43 39.11 -43.30
CA LYS U 122 57.53 37.66 -43.30
C LYS U 122 56.27 37.04 -43.89
N LYS V 34 92.73 89.91 -63.44
CA LYS V 34 93.92 89.26 -62.89
C LYS V 34 93.68 87.79 -62.61
N ARG V 35 94.52 87.19 -61.78
CA ARG V 35 94.46 85.76 -61.53
C ARG V 35 95.20 85.44 -60.24
N SER V 36 94.69 84.44 -59.54
CA SER V 36 95.30 83.91 -58.32
C SER V 36 95.50 82.42 -58.50
N ARG V 37 96.53 81.89 -57.84
CA ARG V 37 97.05 80.56 -58.13
C ARG V 37 96.90 79.66 -56.90
N LYS V 38 96.27 78.50 -57.08
CA LYS V 38 96.07 77.54 -56.01
C LYS V 38 96.48 76.16 -56.49
N GLU V 39 97.30 75.47 -55.70
CA GLU V 39 97.82 74.16 -56.07
C GLU V 39 96.87 73.04 -55.65
N SER V 40 96.93 71.94 -56.39
CA SER V 40 96.18 70.73 -56.08
C SER V 40 96.84 69.56 -56.77
N TYR V 41 96.52 68.35 -56.30
CA TYR V 41 97.03 67.12 -56.86
C TYR V 41 96.23 66.65 -58.07
N SER V 42 95.52 67.56 -58.75
CA SER V 42 94.54 67.15 -59.76
C SER V 42 95.22 66.47 -60.95
N ILE V 43 96.37 66.98 -61.40
CA ILE V 43 97.00 66.43 -62.58
C ILE V 43 97.58 65.04 -62.30
N TYR V 44 98.04 64.80 -61.08
CA TYR V 44 98.63 63.51 -60.74
C TYR V 44 97.57 62.44 -60.50
N VAL V 45 96.41 62.82 -59.95
CA VAL V 45 95.31 61.88 -59.82
C VAL V 45 94.81 61.45 -61.19
N TYR V 46 94.75 62.39 -62.13
CA TYR V 46 94.39 62.05 -63.51
C TYR V 46 95.39 61.07 -64.10
N LYS V 47 96.68 61.36 -63.95
CA LYS V 47 97.71 60.46 -64.47
C LYS V 47 97.60 59.07 -63.87
N VAL V 48 97.28 59.00 -62.57
CA VAL V 48 97.09 57.70 -61.92
C VAL V 48 95.77 57.08 -62.35
N LEU V 49 94.73 57.90 -62.54
CA LEU V 49 93.45 57.37 -63.01
C LEU V 49 93.59 56.73 -64.39
N LYS V 50 94.45 57.29 -65.24
CA LYS V 50 94.64 56.72 -66.57
C LYS V 50 95.40 55.41 -66.51
N GLN V 51 96.24 55.21 -65.49
CA GLN V 51 96.91 53.93 -65.32
C GLN V 51 95.90 52.84 -64.97
N VAL V 52 95.04 53.10 -63.99
CA VAL V 52 94.14 52.07 -63.49
C VAL V 52 92.84 51.98 -64.28
N HIS V 53 92.39 53.10 -64.86
CA HIS V 53 91.13 53.12 -65.63
C HIS V 53 91.29 54.08 -66.80
N PRO V 54 91.88 53.62 -67.90
CA PRO V 54 92.12 54.53 -69.04
C PRO V 54 90.86 55.07 -69.69
N ASP V 55 89.76 54.34 -69.66
CA ASP V 55 88.53 54.72 -70.36
C ASP V 55 87.50 55.32 -69.42
N THR V 56 87.95 55.94 -68.33
CA THR V 56 87.05 56.48 -67.32
C THR V 56 87.59 57.80 -66.81
N GLY V 57 86.69 58.79 -66.67
CA GLY V 57 87.03 60.10 -66.17
C GLY V 57 86.56 60.32 -64.75
N ILE V 58 86.46 61.60 -64.38
CA ILE V 58 86.15 61.98 -63.01
C ILE V 58 85.55 63.38 -63.03
N SER V 59 84.61 63.63 -62.11
CA SER V 59 83.98 64.93 -61.96
C SER V 59 84.81 65.85 -61.07
N SER V 60 84.42 67.12 -61.03
CA SER V 60 85.14 68.10 -60.24
C SER V 60 84.92 67.88 -58.74
N LYS V 61 83.68 67.55 -58.34
CA LYS V 61 83.41 67.27 -56.93
C LYS V 61 84.22 66.09 -56.44
N ALA V 62 84.23 64.99 -57.21
CA ALA V 62 85.04 63.84 -56.84
C ALA V 62 86.52 64.19 -56.87
N MET V 63 86.92 65.13 -57.74
CA MET V 63 88.32 65.57 -57.78
C MET V 63 88.68 66.34 -56.51
N GLY V 64 87.74 67.11 -55.97
CA GLY V 64 88.00 67.82 -54.73
C GLY V 64 88.11 66.87 -53.55
N ILE V 65 87.45 65.73 -53.62
CA ILE V 65 87.53 64.75 -52.54
C ILE V 65 88.87 64.02 -52.57
N MET V 66 89.33 63.63 -53.76
CA MET V 66 90.66 63.03 -53.88
C MET V 66 91.74 64.01 -53.42
N ASN V 67 91.54 65.30 -53.68
CA ASN V 67 92.50 66.30 -53.20
C ASN V 67 92.52 66.37 -51.69
N SER V 68 91.34 66.37 -51.06
CA SER V 68 91.26 66.31 -49.61
C SER V 68 91.86 65.01 -49.08
N PHE V 69 91.65 63.90 -49.81
CA PHE V 69 92.15 62.61 -49.37
C PHE V 69 93.68 62.59 -49.33
N VAL V 70 94.32 63.08 -50.40
CA VAL V 70 95.78 63.05 -50.45
C VAL V 70 96.37 63.97 -49.37
N ASN V 71 95.80 65.17 -49.23
CA ASN V 71 96.26 66.10 -48.20
C ASN V 71 96.11 65.51 -46.80
N ASP V 72 94.95 64.93 -46.50
CA ASP V 72 94.73 64.38 -45.16
C ASP V 72 95.71 63.26 -44.85
N ILE V 73 95.88 62.32 -45.78
CA ILE V 73 96.82 61.23 -45.56
C ILE V 73 98.24 61.75 -45.51
N PHE V 74 98.54 62.81 -46.27
CA PHE V 74 99.83 63.48 -46.14
C PHE V 74 100.06 63.96 -44.71
N GLU V 75 99.09 64.70 -44.17
CA GLU V 75 99.23 65.23 -42.82
C GLU V 75 99.38 64.12 -41.79
N ARG V 76 98.61 63.03 -41.94
CA ARG V 76 98.61 62.00 -40.91
C ARG V 76 99.94 61.26 -40.87
N ILE V 77 100.51 60.91 -42.02
CA ILE V 77 101.82 60.26 -42.03
C ILE V 77 102.89 61.22 -41.58
N ALA V 78 102.86 62.46 -42.10
CA ALA V 78 103.88 63.44 -41.73
C ALA V 78 103.81 63.78 -40.25
N GLY V 79 102.60 63.90 -39.70
CA GLY V 79 102.48 64.15 -38.27
C GLY V 79 102.96 62.97 -37.45
N GLU V 80 102.62 61.76 -37.88
CA GLU V 80 103.11 60.57 -37.19
C GLU V 80 104.63 60.47 -37.28
N ALA V 81 105.19 60.73 -38.47
CA ALA V 81 106.64 60.72 -38.62
C ALA V 81 107.29 61.84 -37.82
N SER V 82 106.59 62.97 -37.66
CA SER V 82 107.12 64.06 -36.84
C SER V 82 107.24 63.62 -35.38
N ARG V 83 106.24 62.91 -34.87
CA ARG V 83 106.29 62.43 -33.49
C ARG V 83 107.34 61.33 -33.33
N LEU V 84 107.50 60.48 -34.34
CA LEU V 84 108.52 59.44 -34.29
C LEU V 84 109.91 60.03 -34.08
N ALA V 85 110.23 61.11 -34.82
CA ALA V 85 111.54 61.72 -34.68
C ALA V 85 111.72 62.34 -33.30
N HIS V 86 110.69 63.02 -32.79
CA HIS V 86 110.77 63.61 -31.46
C HIS V 86 110.90 62.56 -30.38
N TYR V 87 110.19 61.43 -30.52
CA TYR V 87 110.24 60.38 -29.52
C TYR V 87 111.65 59.82 -29.36
N ASN V 88 112.38 59.72 -30.47
CA ASN V 88 113.72 59.14 -30.48
C ASN V 88 114.81 60.20 -30.49
N LYS V 89 114.45 61.46 -30.25
CA LYS V 89 115.43 62.55 -30.12
C LYS V 89 116.23 62.72 -31.42
N ARG V 90 115.55 62.59 -32.54
CA ARG V 90 116.12 62.87 -33.86
C ARG V 90 115.38 64.04 -34.47
N SER V 91 116.09 64.81 -35.28
CA SER V 91 115.51 66.01 -35.88
C SER V 91 115.21 65.82 -37.36
N THR V 92 115.57 64.67 -37.93
CA THR V 92 115.27 64.38 -39.32
C THR V 92 114.10 63.40 -39.40
N ILE V 93 113.34 63.53 -40.48
CA ILE V 93 112.37 62.52 -40.89
C ILE V 93 112.94 61.87 -42.15
N THR V 94 113.52 60.68 -41.99
CA THR V 94 114.03 59.92 -43.12
C THR V 94 112.95 58.95 -43.61
N SER V 95 113.25 58.23 -44.70
CA SER V 95 112.31 57.25 -45.23
C SER V 95 111.97 56.20 -44.18
N ARG V 96 112.90 55.92 -43.26
CA ARG V 96 112.61 54.97 -42.19
C ARG V 96 111.52 55.49 -41.26
N GLU V 97 111.43 56.81 -41.08
CA GLU V 97 110.34 57.37 -40.30
C GLU V 97 109.02 57.32 -41.07
N ILE V 98 109.06 57.58 -42.38
CA ILE V 98 107.87 57.45 -43.20
C ILE V 98 107.42 55.99 -43.24
N GLN V 99 108.38 55.06 -43.22
CA GLN V 99 108.04 53.63 -43.26
C GLN V 99 107.28 53.21 -42.01
N THR V 100 107.80 53.57 -40.83
CA THR V 100 107.11 53.21 -39.58
C THR V 100 105.78 53.92 -39.47
N ALA V 101 105.71 55.18 -39.93
CA ALA V 101 104.46 55.92 -39.88
C ALA V 101 103.37 55.25 -40.71
N VAL V 102 103.76 54.66 -41.85
CA VAL V 102 102.79 53.94 -42.68
C VAL V 102 102.29 52.70 -41.96
N ARG V 103 103.18 52.02 -41.22
CA ARG V 103 102.78 50.80 -40.53
C ARG V 103 101.92 51.10 -39.31
N LEU V 104 102.15 52.23 -38.64
CA LEU V 104 101.27 52.63 -37.54
C LEU V 104 99.92 53.09 -38.06
N LEU V 105 99.91 53.87 -39.14
CA LEU V 105 98.67 54.43 -39.66
C LEU V 105 97.86 53.39 -40.43
N LEU V 106 98.42 52.90 -41.53
CA LEU V 106 97.64 52.09 -42.46
C LEU V 106 97.29 50.74 -41.85
N PRO V 107 96.14 50.18 -42.21
CA PRO V 107 95.77 48.85 -41.72
C PRO V 107 96.42 47.74 -42.54
N GLY V 108 96.94 46.74 -41.83
CA GLY V 108 97.50 45.51 -42.37
C GLY V 108 97.85 45.46 -43.85
N GLU V 109 96.92 44.94 -44.66
CA GLU V 109 97.22 44.72 -46.07
C GLU V 109 97.47 46.03 -46.81
N LEU V 110 96.80 47.11 -46.39
CA LEU V 110 97.05 48.42 -46.99
C LEU V 110 98.48 48.88 -46.72
N ALA V 111 99.01 48.56 -45.54
CA ALA V 111 100.37 48.98 -45.19
C ALA V 111 101.42 48.12 -45.90
N LYS V 112 101.15 46.82 -46.04
CA LYS V 112 102.12 45.93 -46.68
C LYS V 112 102.41 46.36 -48.11
N HIS V 113 101.37 46.63 -48.89
CA HIS V 113 101.57 47.13 -50.24
C HIS V 113 102.22 48.50 -50.24
N ALA V 114 101.85 49.35 -49.27
CA ALA V 114 102.40 50.69 -49.21
C ALA V 114 103.89 50.67 -48.91
N VAL V 115 104.32 49.78 -48.02
CA VAL V 115 105.75 49.66 -47.73
C VAL V 115 106.50 49.18 -48.97
N SER V 116 105.88 48.31 -49.76
CA SER V 116 106.52 47.83 -50.98
C SER V 116 106.72 48.96 -51.99
N GLU V 117 105.64 49.65 -52.35
CA GLU V 117 105.74 50.77 -53.28
C GLU V 117 106.71 51.83 -52.80
N GLY V 118 106.77 52.05 -51.48
CA GLY V 118 107.71 53.03 -50.95
C GLY V 118 109.16 52.59 -51.07
N THR V 119 109.46 51.37 -50.61
CA THR V 119 110.81 50.84 -50.73
C THR V 119 111.20 50.68 -52.20
N LYS V 120 110.25 50.30 -53.05
CA LYS V 120 110.53 50.16 -54.48
C LYS V 120 110.94 51.50 -55.08
N ALA V 121 110.17 52.56 -54.79
CA ALA V 121 110.47 53.86 -55.37
C ALA V 121 111.77 54.45 -54.82
N VAL V 122 112.06 54.20 -53.54
CA VAL V 122 113.31 54.70 -52.97
C VAL V 122 114.50 54.00 -53.62
N THR V 123 114.38 52.68 -53.84
CA THR V 123 115.46 51.94 -54.48
C THR V 123 115.70 52.44 -55.90
N LYS V 124 114.63 52.57 -56.69
CA LYS V 124 114.75 53.05 -58.06
C LYS V 124 115.29 54.48 -58.10
N TYR V 125 115.05 55.26 -57.05
CA TYR V 125 115.50 56.65 -57.03
C TYR V 125 117.00 56.75 -56.81
N THR V 126 117.51 56.10 -55.76
CA THR V 126 118.94 56.14 -55.48
C THR V 126 119.76 55.41 -56.54
N SER V 127 119.16 54.46 -57.26
CA SER V 127 119.81 53.80 -58.39
C SER V 127 119.66 54.59 -59.69
N ALA V 128 119.32 55.87 -59.60
CA ALA V 128 119.31 56.75 -60.76
C ALA V 128 119.90 58.12 -60.43
N LYS V 129 120.69 58.19 -59.35
CA LYS V 129 121.23 59.42 -58.77
C LYS V 129 121.54 60.54 -59.76
N PRO W 42 39.99 52.13 -53.49
CA PRO W 42 41.28 52.79 -53.31
C PRO W 42 42.45 51.84 -53.54
N HIS W 43 43.48 51.96 -52.70
CA HIS W 43 44.61 51.03 -52.64
C HIS W 43 45.51 51.42 -51.48
N ARG W 44 45.75 50.50 -50.55
CA ARG W 44 46.49 50.78 -49.32
C ARG W 44 47.64 49.81 -49.20
N TYR W 45 48.86 50.34 -49.12
CA TYR W 45 50.01 49.51 -48.79
C TYR W 45 49.98 49.12 -47.31
N ARG W 46 50.78 48.11 -46.97
CA ARG W 46 50.81 47.77 -45.55
C ARG W 46 51.75 48.71 -44.80
N PRO W 47 51.45 48.97 -43.53
CA PRO W 47 52.31 49.88 -42.73
C PRO W 47 53.76 49.43 -42.73
N GLY W 48 54.63 50.26 -43.30
CA GLY W 48 56.05 49.97 -43.39
C GLY W 48 56.57 49.76 -44.79
N THR W 49 55.71 49.67 -45.79
CA THR W 49 56.19 49.41 -47.15
C THR W 49 56.81 50.66 -47.77
N VAL W 50 56.13 51.80 -47.64
CA VAL W 50 56.68 53.04 -48.17
C VAL W 50 57.90 53.47 -47.38
N ALA W 51 57.97 53.09 -46.09
CA ALA W 51 59.16 53.38 -45.30
C ALA W 51 60.38 52.64 -45.85
N LEU W 52 60.21 51.36 -46.18
CA LEU W 52 61.33 50.60 -46.77
C LEU W 52 61.70 51.15 -48.14
N ARG W 53 60.69 51.55 -48.93
CA ARG W 53 60.97 52.17 -50.22
C ARG W 53 61.77 53.46 -50.06
N GLU W 54 61.42 54.25 -49.06
CA GLU W 54 62.14 55.50 -48.83
C GLU W 54 63.55 55.24 -48.28
N ILE W 55 63.72 54.15 -47.52
CA ILE W 55 65.06 53.80 -47.04
C ILE W 55 65.96 53.46 -48.22
N ARG W 56 65.49 52.56 -49.09
CA ARG W 56 66.25 52.22 -50.29
C ARG W 56 66.49 53.43 -51.17
N ARG W 57 65.50 54.32 -51.29
CA ARG W 57 65.63 55.50 -52.13
C ARG W 57 66.71 56.44 -51.60
N TYR W 58 66.60 56.84 -50.34
CA TYR W 58 67.52 57.83 -49.78
C TYR W 58 68.88 57.26 -49.43
N GLN W 59 69.02 55.93 -49.37
CA GLN W 59 70.34 55.33 -49.25
C GLN W 59 71.02 55.15 -50.60
N LYS W 60 70.28 55.36 -51.71
CA LYS W 60 70.85 55.34 -53.05
C LYS W 60 71.33 56.71 -53.49
N SER W 61 70.75 57.78 -52.95
CA SER W 61 71.04 59.13 -53.41
C SER W 61 71.98 59.82 -52.43
N THR W 62 72.48 60.98 -52.84
CA THR W 62 73.45 61.70 -52.04
C THR W 62 73.08 63.16 -51.79
N GLU W 63 71.97 63.64 -52.33
CA GLU W 63 71.61 65.04 -52.17
C GLU W 63 71.19 65.34 -50.73
N LEU W 64 71.34 66.61 -50.35
CA LEU W 64 70.99 67.01 -49.00
C LEU W 64 69.49 66.87 -48.77
N LEU W 65 69.11 66.60 -47.53
CA LEU W 65 67.74 66.30 -47.19
C LEU W 65 67.04 67.42 -46.44
N ILE W 66 67.78 68.39 -45.92
CA ILE W 66 67.21 69.57 -45.27
C ILE W 66 67.10 70.68 -46.30
N ARG W 67 65.96 71.40 -46.28
CA ARG W 67 65.77 72.53 -47.17
C ARG W 67 66.75 73.64 -46.84
N LYS W 68 67.39 74.19 -47.89
CA LYS W 68 68.59 75.00 -47.70
C LYS W 68 68.30 76.31 -46.98
N LEU W 69 67.20 76.99 -47.32
CA LEU W 69 66.96 78.31 -46.74
C LEU W 69 66.59 78.23 -45.26
N PRO W 70 65.72 77.29 -44.84
CA PRO W 70 65.50 77.14 -43.38
C PRO W 70 66.78 76.82 -42.63
N PHE W 71 67.64 75.97 -43.17
CA PHE W 71 68.91 75.67 -42.52
C PHE W 71 69.79 76.91 -42.47
N GLN W 72 69.79 77.71 -43.54
CA GLN W 72 70.61 78.92 -43.57
C GLN W 72 70.16 79.93 -42.53
N ARG W 73 68.85 80.13 -42.38
CA ARG W 73 68.35 81.07 -41.39
C ARG W 73 68.61 80.57 -39.96
N LEU W 74 68.61 79.25 -39.76
CA LEU W 74 68.96 78.71 -38.44
C LEU W 74 70.42 78.96 -38.11
N VAL W 75 71.31 78.82 -39.10
CA VAL W 75 72.73 79.07 -38.87
C VAL W 75 72.96 80.52 -38.50
N ARG W 76 72.28 81.45 -39.19
CA ARG W 76 72.47 82.86 -38.90
C ARG W 76 71.94 83.22 -37.52
N GLU W 77 70.85 82.59 -37.08
CA GLU W 77 70.33 82.87 -35.75
C GLU W 77 71.28 82.36 -34.66
N ILE W 78 71.82 81.15 -34.85
CA ILE W 78 72.74 80.60 -33.85
C ILE W 78 74.03 81.41 -33.81
N ALA W 79 74.52 81.84 -34.96
CA ALA W 79 75.79 82.57 -35.00
C ALA W 79 75.65 83.97 -34.41
N GLN W 80 74.48 84.59 -34.55
CA GLN W 80 74.27 85.93 -34.01
C GLN W 80 74.41 85.95 -32.50
N ASP W 81 74.03 84.86 -31.82
CA ASP W 81 74.18 84.78 -30.37
C ASP W 81 75.63 84.68 -29.93
N PHE W 82 76.57 84.52 -30.86
CA PHE W 82 78.00 84.53 -30.58
C PHE W 82 78.66 85.84 -30.96
N LYS W 83 78.39 86.33 -32.16
CA LYS W 83 78.90 87.62 -32.61
C LYS W 83 77.87 88.26 -33.54
N THR W 84 77.55 89.52 -33.28
CA THR W 84 76.57 90.22 -34.08
C THR W 84 77.21 90.78 -35.36
N ASP W 85 76.36 91.05 -36.34
CA ASP W 85 76.78 91.57 -37.65
C ASP W 85 77.85 90.68 -38.28
N LEU W 86 77.40 89.53 -38.75
CA LEU W 86 78.28 88.56 -39.39
C LEU W 86 77.69 88.15 -40.75
N ARG W 87 78.58 87.83 -41.67
CA ARG W 87 78.21 87.31 -42.97
C ARG W 87 78.78 85.90 -43.15
N PHE W 88 78.18 85.16 -44.07
CA PHE W 88 78.57 83.78 -44.33
C PHE W 88 78.82 83.59 -45.82
N GLN W 89 79.96 82.98 -46.15
CA GLN W 89 80.14 82.47 -47.50
C GLN W 89 79.10 81.39 -47.76
N SER W 90 78.57 81.36 -48.99
CA SER W 90 77.60 80.32 -49.34
C SER W 90 78.22 78.94 -49.14
N SER W 91 79.49 78.79 -49.47
CA SER W 91 80.18 77.51 -49.25
C SER W 91 80.30 77.18 -47.77
N ALA W 92 80.38 78.20 -46.91
CA ALA W 92 80.44 77.94 -45.47
C ALA W 92 79.14 77.34 -44.97
N VAL W 93 78.00 77.85 -45.45
CA VAL W 93 76.72 77.28 -45.06
C VAL W 93 76.55 75.88 -45.65
N MET W 94 77.03 75.68 -46.88
CA MET W 94 76.97 74.35 -47.49
C MET W 94 77.85 73.36 -46.73
N ALA W 95 79.00 73.82 -46.23
CA ALA W 95 79.85 72.96 -45.42
C ALA W 95 79.16 72.59 -44.11
N LEU W 96 78.47 73.55 -43.49
CA LEU W 96 77.78 73.26 -42.24
C LEU W 96 76.62 72.31 -42.45
N GLN W 97 75.97 72.36 -43.62
CA GLN W 97 74.83 71.49 -43.87
C GLN W 97 75.26 70.07 -44.21
N GLU W 98 76.33 69.92 -45.01
CA GLU W 98 76.86 68.60 -45.30
C GLU W 98 77.26 67.88 -44.01
N ALA W 99 77.94 68.59 -43.11
CA ALA W 99 78.40 67.97 -41.87
C ALA W 99 77.25 67.63 -40.93
N CYS W 100 76.27 68.53 -40.79
CA CYS W 100 75.16 68.27 -39.88
C CYS W 100 74.33 67.09 -40.32
N GLU W 101 74.03 67.00 -41.61
CA GLU W 101 73.21 65.90 -42.10
C GLU W 101 73.94 64.58 -41.97
N ALA W 102 75.24 64.56 -42.27
CA ALA W 102 76.03 63.34 -42.09
C ALA W 102 76.08 62.95 -40.61
N TYR W 103 76.23 63.93 -39.73
CA TYR W 103 76.18 63.66 -38.29
C TYR W 103 74.82 63.10 -37.90
N LEU W 104 73.74 63.66 -38.45
CA LEU W 104 72.40 63.21 -38.08
C LEU W 104 72.11 61.83 -38.66
N VAL W 105 72.55 61.58 -39.90
CA VAL W 105 72.35 60.27 -40.51
C VAL W 105 73.08 59.20 -39.71
N GLY W 106 74.35 59.46 -39.37
CA GLY W 106 75.10 58.50 -38.59
C GLY W 106 74.53 58.31 -37.20
N LEU W 107 74.05 59.40 -36.59
CA LEU W 107 73.43 59.28 -35.27
C LEU W 107 72.14 58.47 -35.35
N PHE W 108 71.40 58.61 -36.45
CA PHE W 108 70.20 57.80 -36.63
C PHE W 108 70.55 56.33 -36.84
N GLU W 109 71.72 56.05 -37.41
CA GLU W 109 72.19 54.67 -37.50
C GLU W 109 72.40 54.09 -36.11
N ASP W 110 73.13 54.81 -35.26
CA ASP W 110 73.34 54.36 -33.89
C ASP W 110 72.02 54.33 -33.11
N THR W 111 71.17 55.34 -33.33
CA THR W 111 69.86 55.35 -32.69
C THR W 111 69.03 54.13 -33.08
N ASN W 112 69.11 53.73 -34.35
CA ASN W 112 68.34 52.56 -34.81
C ASN W 112 68.85 51.27 -34.18
N LEU W 113 70.16 51.15 -33.99
CA LEU W 113 70.71 49.96 -33.35
C LEU W 113 70.29 49.85 -31.89
N CYS W 114 70.12 50.98 -31.21
CA CYS W 114 69.66 50.94 -29.83
C CYS W 114 68.22 50.45 -29.74
N ALA W 115 67.37 50.89 -30.67
CA ALA W 115 65.97 50.45 -30.66
C ALA W 115 65.85 48.95 -30.93
N ILE W 116 66.60 48.46 -31.93
CA ILE W 116 66.62 47.02 -32.20
C ILE W 116 67.13 46.26 -30.98
N HIS W 117 68.06 46.87 -30.23
CA HIS W 117 68.60 46.21 -29.05
C HIS W 117 67.52 46.01 -28.00
N ALA W 118 66.62 46.98 -27.88
CA ALA W 118 65.45 46.87 -27.00
C ALA W 118 64.30 46.11 -27.64
N LYS W 119 64.59 45.24 -28.62
CA LYS W 119 63.59 44.40 -29.27
C LYS W 119 62.53 45.23 -29.97
N ARG W 120 62.87 46.47 -30.33
CA ARG W 120 61.92 47.43 -30.86
C ARG W 120 62.26 47.78 -32.30
N VAL W 121 61.22 48.18 -33.04
CA VAL W 121 61.36 48.65 -34.42
C VAL W 121 61.37 50.18 -34.46
N THR W 122 60.72 50.81 -33.49
CA THR W 122 60.58 52.26 -33.46
C THR W 122 61.71 52.90 -32.64
N ILE W 123 62.33 53.92 -33.21
CA ILE W 123 63.33 54.72 -32.48
C ILE W 123 62.61 55.70 -31.57
N MET W 124 63.21 55.95 -30.41
CA MET W 124 62.65 56.81 -29.38
C MET W 124 63.75 57.69 -28.82
N PRO W 125 63.39 58.81 -28.17
CA PRO W 125 64.42 59.70 -27.61
C PRO W 125 65.40 58.99 -26.70
N LYS W 126 64.96 57.91 -26.02
CA LYS W 126 65.89 57.13 -25.20
C LYS W 126 66.98 56.50 -26.06
N ASP W 127 66.68 56.15 -27.31
CA ASP W 127 67.71 55.59 -28.19
C ASP W 127 68.76 56.63 -28.54
N ILE W 128 68.33 57.86 -28.81
CA ILE W 128 69.27 58.94 -29.11
C ILE W 128 70.13 59.26 -27.90
N GLN W 129 69.50 59.39 -26.73
CA GLN W 129 70.24 59.74 -25.52
C GLN W 129 71.23 58.65 -25.15
N LEU W 130 70.87 57.38 -25.38
CA LEU W 130 71.81 56.29 -25.16
C LEU W 130 72.96 56.34 -26.15
N ALA W 131 72.67 56.65 -27.42
CA ALA W 131 73.72 56.74 -28.42
C ALA W 131 74.71 57.84 -28.09
N ARG W 132 74.21 59.03 -27.76
CA ARG W 132 75.08 60.14 -27.43
C ARG W 132 75.85 59.89 -26.13
N ARG W 133 75.21 59.21 -25.17
CA ARG W 133 75.90 58.86 -23.93
C ARG W 133 77.11 57.98 -24.21
N ILE W 134 76.95 56.97 -25.07
CA ILE W 134 78.07 56.10 -25.40
C ILE W 134 79.08 56.82 -26.27
N ARG W 135 78.62 57.68 -27.17
CA ARG W 135 79.51 58.45 -28.03
C ARG W 135 80.41 59.40 -27.25
N GLY W 136 80.10 59.66 -25.99
CA GLY W 136 80.85 60.62 -25.20
C GLY W 136 80.38 62.05 -25.32
N GLU W 137 79.34 62.29 -26.12
CA GLU W 137 78.78 63.63 -26.23
C GLU W 137 77.95 63.99 -25.01
N ARG W 138 77.00 63.13 -24.65
CA ARG W 138 76.24 63.29 -23.43
C ARG W 138 77.05 62.79 -22.24
N ALA W 139 76.68 63.25 -21.05
CA ALA W 139 77.39 62.86 -19.83
C ALA W 139 76.65 61.73 -19.10
N VAL X 25 64.58 91.08 -36.68
CA VAL X 25 64.77 90.04 -35.68
C VAL X 25 64.57 88.67 -36.33
N LEU X 26 65.15 87.65 -35.71
CA LEU X 26 64.99 86.26 -36.15
C LEU X 26 64.79 85.37 -34.93
N ARG X 27 63.76 84.52 -34.98
CA ARG X 27 63.29 83.83 -33.80
C ARG X 27 62.55 82.56 -34.22
N ASP X 28 62.78 81.47 -33.49
CA ASP X 28 62.17 80.16 -33.74
C ASP X 28 62.62 79.46 -35.03
N ASN X 29 63.70 79.92 -35.63
CA ASN X 29 64.18 79.34 -36.89
C ASN X 29 64.38 77.82 -36.93
N ILE X 30 64.54 77.20 -35.75
CA ILE X 30 64.82 75.77 -35.70
C ILE X 30 63.62 74.97 -36.21
N GLN X 31 62.42 75.54 -36.11
CA GLN X 31 61.23 74.89 -36.64
C GLN X 31 61.24 74.81 -38.17
N GLY X 32 62.10 75.61 -38.82
CA GLY X 32 62.30 75.46 -40.25
C GLY X 32 62.83 74.09 -40.63
N ILE X 33 63.48 73.41 -39.70
CA ILE X 33 63.83 72.01 -39.87
C ILE X 33 62.54 71.22 -39.68
N THR X 34 61.82 70.99 -40.77
CA THR X 34 60.44 70.54 -40.69
C THR X 34 60.36 69.05 -40.37
N LYS X 35 59.13 68.60 -40.10
CA LYS X 35 58.89 67.18 -39.86
C LYS X 35 59.23 66.31 -41.07
N PRO X 36 58.84 66.64 -42.30
CA PRO X 36 59.24 65.79 -43.43
C PRO X 36 60.74 65.78 -43.69
N ALA X 37 61.45 66.84 -43.34
CA ALA X 37 62.91 66.85 -43.54
C ALA X 37 63.59 65.87 -42.60
N ILE X 38 63.20 65.88 -41.31
CA ILE X 38 63.70 64.90 -40.36
C ILE X 38 63.35 63.48 -40.80
N ARG X 39 62.19 63.31 -41.43
CA ARG X 39 61.79 61.98 -41.89
C ARG X 39 62.74 61.47 -42.97
N ARG X 40 63.11 62.33 -43.94
CA ARG X 40 64.03 61.91 -44.98
C ARG X 40 65.39 61.50 -44.42
N LEU X 41 65.89 62.25 -43.43
CA LEU X 41 67.16 61.88 -42.80
C LEU X 41 67.08 60.54 -42.10
N ALA X 42 65.98 60.28 -41.39
CA ALA X 42 65.81 59.00 -40.72
C ALA X 42 65.69 57.86 -41.73
N ARG X 43 65.04 58.11 -42.86
CA ARG X 43 64.94 57.09 -43.90
C ARG X 43 66.32 56.72 -44.43
N ARG X 44 67.16 57.73 -44.71
CA ARG X 44 68.53 57.47 -45.12
C ARG X 44 69.32 56.78 -44.01
N GLY X 45 68.97 57.03 -42.76
CA GLY X 45 69.52 56.31 -41.63
C GLY X 45 68.99 54.91 -41.44
N GLY X 46 68.01 54.51 -42.25
CA GLY X 46 67.44 53.17 -42.16
C GLY X 46 66.32 53.01 -41.16
N VAL X 47 65.68 54.09 -40.74
CA VAL X 47 64.61 54.03 -39.75
C VAL X 47 63.28 53.80 -40.46
N LYS X 48 62.51 52.83 -39.97
CA LYS X 48 61.23 52.46 -40.55
C LYS X 48 60.07 53.19 -39.88
N ARG X 49 60.03 53.18 -38.56
CA ARG X 49 58.94 53.77 -37.80
C ARG X 49 59.50 54.85 -36.88
N ILE X 50 58.80 55.97 -36.78
CA ILE X 50 59.29 57.15 -36.08
C ILE X 50 58.24 57.62 -35.09
N SER X 51 58.64 57.72 -33.82
CA SER X 51 57.75 58.27 -32.80
C SER X 51 57.48 59.74 -33.06
N GLY X 52 56.37 60.22 -32.47
CA GLY X 52 56.00 61.61 -32.62
C GLY X 52 56.92 62.57 -31.89
N LEU X 53 57.52 62.12 -30.79
CA LEU X 53 58.40 62.96 -29.98
C LEU X 53 59.80 63.09 -30.57
N ILE X 54 60.09 62.40 -31.67
CA ILE X 54 61.44 62.39 -32.22
C ILE X 54 61.77 63.76 -32.83
N TYR X 55 60.80 64.41 -33.44
CA TYR X 55 61.08 65.58 -34.27
C TYR X 55 61.63 66.74 -33.45
N GLU X 56 61.01 67.04 -32.30
CA GLU X 56 61.55 68.08 -31.43
C GLU X 56 62.87 67.66 -30.82
N GLU X 57 63.02 66.37 -30.49
CA GLU X 57 64.29 65.88 -29.95
C GLU X 57 65.42 66.08 -30.95
N THR X 58 65.15 65.83 -32.24
CA THR X 58 66.17 66.02 -33.27
C THR X 58 66.50 67.49 -33.48
N ARG X 59 65.54 68.39 -33.23
CA ARG X 59 65.81 69.81 -33.39
C ARG X 59 66.76 70.31 -32.30
N GLY X 60 66.62 69.78 -31.08
CA GLY X 60 67.55 70.15 -30.02
C GLY X 60 68.94 69.59 -30.24
N VAL X 61 69.02 68.34 -30.71
CA VAL X 61 70.32 67.73 -30.98
C VAL X 61 71.04 68.49 -32.09
N LEU X 62 70.33 68.77 -33.20
CA LEU X 62 70.92 69.52 -34.30
C LEU X 62 71.35 70.90 -33.86
N LYS X 63 70.62 71.51 -32.92
CA LYS X 63 71.00 72.83 -32.41
C LYS X 63 72.32 72.76 -31.66
N VAL X 64 72.46 71.79 -30.74
CA VAL X 64 73.69 71.64 -29.99
C VAL X 64 74.87 71.36 -30.93
N PHE X 65 74.65 70.50 -31.93
CA PHE X 65 75.71 70.19 -32.88
C PHE X 65 76.17 71.45 -33.60
N LEU X 66 75.22 72.21 -34.17
CA LEU X 66 75.57 73.45 -34.84
C LEU X 66 76.20 74.45 -33.88
N GLU X 67 75.71 74.51 -32.65
CA GLU X 67 76.30 75.41 -31.66
C GLU X 67 77.79 75.12 -31.48
N ASN X 68 78.12 73.86 -31.17
CA ASN X 68 79.52 73.51 -30.92
C ASN X 68 80.39 73.75 -32.16
N VAL X 69 79.86 73.50 -33.35
CA VAL X 69 80.65 73.67 -34.57
C VAL X 69 80.81 75.15 -34.91
N ILE X 70 79.69 75.88 -34.95
CA ILE X 70 79.73 77.28 -35.34
C ILE X 70 80.52 78.10 -34.32
N ARG X 71 80.44 77.73 -33.04
CA ARG X 71 81.23 78.42 -32.02
C ARG X 71 82.71 78.37 -32.32
N ASP X 72 83.23 77.16 -32.60
CA ASP X 72 84.64 77.04 -32.96
C ASP X 72 84.93 77.73 -34.29
N ALA X 73 83.99 77.66 -35.24
CA ALA X 73 84.18 78.30 -36.52
C ALA X 73 84.30 79.81 -36.36
N VAL X 74 83.46 80.41 -35.51
CA VAL X 74 83.53 81.85 -35.27
C VAL X 74 84.83 82.20 -34.55
N THR X 75 85.26 81.35 -33.62
CA THR X 75 86.52 81.58 -32.92
C THR X 75 87.69 81.64 -33.90
N TYR X 76 87.65 80.81 -34.94
CA TYR X 76 88.67 80.89 -35.99
C TYR X 76 88.53 82.16 -36.80
N THR X 77 87.29 82.55 -37.14
CA THR X 77 87.08 83.76 -37.93
C THR X 77 87.56 85.00 -37.18
N GLU X 78 87.30 85.07 -35.88
CA GLU X 78 87.74 86.22 -35.09
C GLU X 78 89.26 86.32 -35.07
N HIS X 79 89.96 85.18 -34.91
CA HIS X 79 91.41 85.21 -34.85
C HIS X 79 92.01 85.65 -36.18
N ALA X 80 91.34 85.35 -37.30
CA ALA X 80 91.77 85.83 -38.60
C ALA X 80 91.37 87.29 -38.85
N LYS X 81 90.70 87.91 -37.89
CA LYS X 81 90.26 89.31 -38.00
C LYS X 81 89.41 89.53 -39.25
N ARG X 82 88.42 88.65 -39.43
CA ARG X 82 87.48 88.72 -40.53
C ARG X 82 86.06 88.84 -39.98
N LYS X 83 85.15 89.35 -40.82
CA LYS X 83 83.74 89.38 -40.50
C LYS X 83 82.94 88.31 -41.25
N THR X 84 83.59 87.46 -42.02
CA THR X 84 82.90 86.43 -42.79
C THR X 84 83.51 85.07 -42.47
N VAL X 85 82.66 84.12 -42.08
CA VAL X 85 83.12 82.76 -41.80
C VAL X 85 83.40 82.07 -43.12
N THR X 86 84.65 81.70 -43.35
CA THR X 86 84.99 80.98 -44.56
C THR X 86 84.70 79.49 -44.39
N ALA X 87 84.64 78.79 -45.52
CA ALA X 87 84.47 77.34 -45.47
C ALA X 87 85.63 76.68 -44.75
N MET X 88 86.81 77.31 -44.77
CA MET X 88 87.96 76.75 -44.07
C MET X 88 87.77 76.84 -42.56
N ASP X 89 87.13 77.91 -42.08
CA ASP X 89 86.82 78.02 -40.66
C ASP X 89 85.93 76.87 -40.20
N VAL X 90 84.93 76.51 -41.02
CA VAL X 90 84.06 75.39 -40.69
C VAL X 90 84.84 74.08 -40.75
N VAL X 91 85.69 73.91 -41.76
CA VAL X 91 86.46 72.67 -41.89
C VAL X 91 87.38 72.50 -40.70
N TYR X 92 88.07 73.58 -40.30
CA TYR X 92 88.94 73.52 -39.13
C TYR X 92 88.15 73.17 -37.87
N ALA X 93 86.93 73.69 -37.76
CA ALA X 93 86.11 73.43 -36.57
C ALA X 93 85.62 72.00 -36.56
N LEU X 94 85.16 71.49 -37.71
CA LEU X 94 84.75 70.09 -37.80
C LEU X 94 85.91 69.16 -37.48
N LYS X 95 87.12 69.51 -37.95
CA LYS X 95 88.30 68.72 -37.63
C LYS X 95 88.61 68.78 -36.14
N ARG X 96 88.40 69.94 -35.52
CA ARG X 96 88.53 70.06 -34.07
C ARG X 96 87.63 69.06 -33.35
N GLN X 97 86.36 68.97 -33.78
CA GLN X 97 85.37 68.16 -33.09
C GLN X 97 85.43 66.68 -33.48
N GLY X 98 86.43 66.27 -34.25
CA GLY X 98 86.51 64.88 -34.68
C GLY X 98 85.47 64.49 -35.71
N ARG X 99 85.07 65.42 -36.58
CA ARG X 99 84.13 65.14 -37.65
C ARG X 99 84.68 65.71 -38.96
N THR X 100 85.85 65.20 -39.36
CA THR X 100 86.55 65.73 -40.53
C THR X 100 85.68 65.60 -41.78
N LEU X 101 85.74 66.63 -42.62
CA LEU X 101 84.92 66.72 -43.83
C LEU X 101 85.82 66.90 -45.04
N TYR X 102 85.61 66.06 -46.07
CA TYR X 102 86.34 66.14 -47.32
C TYR X 102 85.52 66.88 -48.37
N GLY X 103 86.20 67.59 -49.25
CA GLY X 103 85.56 68.22 -50.39
C GLY X 103 85.24 69.69 -50.23
N PHE X 104 85.78 70.36 -49.21
CA PHE X 104 85.56 71.78 -49.02
C PHE X 104 86.84 72.55 -48.71
N GLY X 105 88.01 71.93 -48.88
CA GLY X 105 89.27 72.61 -48.65
C GLY X 105 90.16 71.91 -47.66
N GLY X 106 89.86 70.65 -47.34
CA GLY X 106 90.62 69.90 -46.36
C GLY X 106 92.09 69.75 -46.71
N ALA Y 18 114.81 91.03 -9.90
CA ALA Y 18 114.04 90.12 -10.74
C ALA Y 18 114.86 89.68 -11.94
N LYS Y 19 115.57 88.55 -11.79
CA LYS Y 19 116.38 88.03 -12.89
C LYS Y 19 115.61 87.05 -13.77
N THR Y 20 114.73 86.24 -13.18
CA THR Y 20 114.01 85.26 -13.97
C THR Y 20 112.86 85.91 -14.73
N ARG Y 21 112.48 85.25 -15.82
CA ARG Y 21 111.27 85.63 -16.55
C ARG Y 21 110.00 85.23 -15.83
N SER Y 22 110.08 84.28 -14.90
CA SER Y 22 108.92 83.94 -14.08
C SER Y 22 108.60 85.03 -13.07
N SER Y 23 109.63 85.56 -12.40
CA SER Y 23 109.41 86.66 -11.47
C SER Y 23 108.92 87.91 -12.20
N ARG Y 24 109.49 88.19 -13.36
CA ARG Y 24 109.05 89.33 -14.17
C ARG Y 24 107.59 89.24 -14.57
N ALA Y 25 107.03 88.03 -14.62
CA ALA Y 25 105.63 87.83 -14.93
C ALA Y 25 104.77 87.49 -13.72
N GLY Y 26 105.39 87.28 -12.56
CA GLY Y 26 104.65 86.89 -11.37
C GLY Y 26 104.04 85.51 -11.46
N LEU Y 27 104.86 84.52 -11.86
CA LEU Y 27 104.40 83.16 -12.06
C LEU Y 27 105.27 82.20 -11.27
N GLN Y 28 104.68 81.05 -10.92
CA GLN Y 28 105.43 79.96 -10.32
C GLN Y 28 105.98 78.99 -11.35
N PHE Y 29 105.43 78.99 -12.58
CA PHE Y 29 105.77 78.13 -13.70
C PHE Y 29 106.90 78.75 -14.53
N PRO Y 30 107.77 77.90 -15.11
CA PRO Y 30 109.00 78.39 -15.75
C PRO Y 30 108.74 78.95 -17.14
N VAL Y 31 108.86 80.27 -17.28
CA VAL Y 31 108.72 80.88 -18.59
C VAL Y 31 109.88 80.50 -19.49
N GLY Y 32 111.09 80.41 -18.92
CA GLY Y 32 112.26 80.07 -19.71
C GLY Y 32 112.16 78.69 -20.33
N ARG Y 33 111.81 77.69 -19.50
CA ARG Y 33 111.68 76.33 -20.01
C ARG Y 33 110.56 76.22 -21.04
N VAL Y 34 109.42 76.86 -20.77
CA VAL Y 34 108.32 76.85 -21.72
C VAL Y 34 108.75 77.47 -23.04
N HIS Y 35 109.53 78.55 -22.98
CA HIS Y 35 110.08 79.13 -24.21
C HIS Y 35 111.00 78.16 -24.92
N ARG Y 36 111.79 77.40 -24.15
CA ARG Y 36 112.66 76.39 -24.76
C ARG Y 36 111.85 75.31 -25.47
N LEU Y 37 110.86 74.73 -24.78
CA LEU Y 37 110.06 73.66 -25.38
C LEU Y 37 109.30 74.13 -26.61
N LEU Y 38 108.87 75.40 -26.63
CA LEU Y 38 108.18 75.92 -27.80
C LEU Y 38 109.10 75.98 -29.02
N ARG Y 39 110.37 76.29 -28.81
CA ARG Y 39 111.31 76.33 -29.94
C ARG Y 39 111.77 74.94 -30.34
N LYS Y 40 112.06 74.07 -29.37
CA LYS Y 40 112.50 72.72 -29.65
C LYS Y 40 111.32 71.79 -29.94
N GLY Y 41 110.21 72.34 -30.43
CA GLY Y 41 109.02 71.55 -30.63
C GLY Y 41 108.45 71.62 -32.03
N ASN Y 42 109.07 72.43 -32.89
CA ASN Y 42 108.67 72.59 -34.28
C ASN Y 42 107.18 72.94 -34.40
N TYR Y 43 106.81 74.01 -33.71
CA TYR Y 43 105.46 74.56 -33.82
C TYR Y 43 105.38 75.70 -34.82
N SER Y 44 106.41 76.53 -34.88
CA SER Y 44 106.57 77.53 -35.92
C SER Y 44 108.05 77.84 -36.04
N GLU Y 45 108.41 78.51 -37.13
CA GLU Y 45 109.77 79.04 -37.24
C GLU Y 45 110.10 79.91 -36.04
N ARG Y 46 109.13 80.67 -35.55
CA ARG Y 46 109.39 81.80 -34.66
C ARG Y 46 108.39 81.76 -33.51
N VAL Y 47 108.89 82.01 -32.30
CA VAL Y 47 108.10 81.96 -31.09
C VAL Y 47 108.22 83.30 -30.39
N GLY Y 48 107.12 84.05 -30.33
CA GLY Y 48 107.16 85.37 -29.73
C GLY Y 48 107.54 85.32 -28.26
N ALA Y 49 107.92 86.49 -27.75
CA ALA Y 49 108.36 86.59 -26.37
C ALA Y 49 107.21 86.44 -25.39
N GLY Y 50 105.99 86.83 -25.79
CA GLY Y 50 104.85 86.73 -24.89
C GLY Y 50 104.22 85.37 -24.84
N ALA Y 51 104.47 84.53 -25.85
CA ALA Y 51 103.88 83.20 -25.89
C ALA Y 51 104.25 82.34 -24.70
N PRO Y 52 105.52 82.20 -24.30
CA PRO Y 52 105.81 81.37 -23.14
C PRO Y 52 105.24 81.92 -21.84
N VAL Y 53 105.16 83.25 -21.73
CA VAL Y 53 104.54 83.85 -20.55
C VAL Y 53 103.07 83.51 -20.48
N TYR Y 54 102.35 83.74 -21.59
CA TYR Y 54 100.93 83.41 -21.65
C TYR Y 54 100.71 81.92 -21.35
N LEU Y 55 101.51 81.06 -21.99
CA LEU Y 55 101.31 79.62 -21.86
C LEU Y 55 101.63 79.14 -20.45
N ALA Y 56 102.76 79.58 -19.89
CA ALA Y 56 103.13 79.18 -18.54
C ALA Y 56 102.11 79.66 -17.50
N ALA Y 57 101.43 80.77 -17.79
CA ALA Y 57 100.38 81.23 -16.87
C ALA Y 57 99.13 80.36 -16.97
N VAL Y 58 98.75 80.00 -18.20
CA VAL Y 58 97.57 79.16 -18.38
C VAL Y 58 97.81 77.78 -17.77
N LEU Y 59 99.00 77.22 -17.99
CA LEU Y 59 99.36 75.95 -17.36
C LEU Y 59 99.29 76.05 -15.85
N GLU Y 60 99.70 77.19 -15.29
CA GLU Y 60 99.64 77.37 -13.84
C GLU Y 60 98.20 77.48 -13.33
N TYR Y 61 97.33 78.15 -14.09
CA TYR Y 61 95.94 78.28 -13.67
C TYR Y 61 95.25 76.92 -13.61
N LEU Y 62 95.33 76.15 -14.71
CA LEU Y 62 94.72 74.83 -14.72
C LEU Y 62 95.31 73.95 -13.63
N THR Y 63 96.62 74.07 -13.39
CA THR Y 63 97.25 73.32 -12.31
C THR Y 63 96.59 73.66 -10.97
N ALA Y 64 96.46 74.94 -10.66
CA ALA Y 64 95.79 75.34 -9.43
C ALA Y 64 94.34 74.88 -9.40
N GLU Y 65 93.65 74.96 -10.54
CA GLU Y 65 92.25 74.57 -10.60
C GLU Y 65 92.07 73.10 -10.21
N ILE Y 66 92.96 72.23 -10.68
CA ILE Y 66 92.83 70.81 -10.38
C ILE Y 66 93.31 70.51 -8.97
N LEU Y 67 94.44 71.10 -8.56
CA LEU Y 67 94.96 70.84 -7.22
C LEU Y 67 94.02 71.37 -6.15
N GLU Y 68 93.28 72.44 -6.45
CA GLU Y 68 92.27 72.92 -5.53
C GLU Y 68 91.21 71.86 -5.28
N LEU Y 69 90.62 71.33 -6.35
CA LEU Y 69 89.57 70.33 -6.22
C LEU Y 69 90.11 68.99 -5.73
N ALA Y 70 91.39 68.71 -6.00
CA ALA Y 70 91.97 67.44 -5.56
C ALA Y 70 92.35 67.49 -4.08
N GLY Y 71 92.86 68.63 -3.61
CA GLY Y 71 93.11 68.78 -2.20
C GLY Y 71 91.83 68.77 -1.37
N ASN Y 72 90.74 69.27 -1.94
CA ASN Y 72 89.44 69.17 -1.27
C ASN Y 72 88.98 67.73 -1.18
N ALA Y 73 89.13 66.97 -2.28
CA ALA Y 73 88.74 65.57 -2.26
C ALA Y 73 89.58 64.77 -1.27
N ALA Y 74 90.87 65.10 -1.16
CA ALA Y 74 91.73 64.43 -0.20
C ALA Y 74 91.28 64.70 1.23
N ARG Y 75 90.83 65.94 1.50
CA ARG Y 75 90.37 66.29 2.84
C ARG Y 75 89.04 65.59 3.17
N ASP Y 76 88.16 65.45 2.18
CA ASP Y 76 86.92 64.72 2.39
C ASP Y 76 87.18 63.27 2.76
N ASN Y 77 88.28 62.70 2.28
CA ASN Y 77 88.65 61.32 2.58
C ASN Y 77 89.62 61.20 3.73
N LYS Y 78 89.79 62.26 4.52
CA LYS Y 78 90.63 62.24 5.73
C LYS Y 78 92.08 61.89 5.41
N LYS Y 79 92.61 62.50 4.35
CA LYS Y 79 93.95 62.21 3.88
C LYS Y 79 94.76 63.50 3.76
N THR Y 80 96.06 63.38 4.06
CA THR Y 80 96.97 64.52 3.94
C THR Y 80 97.54 64.67 2.53
N ARG Y 81 97.70 63.58 1.78
CA ARG Y 81 98.31 63.65 0.46
C ARG Y 81 97.27 63.41 -0.63
N ILE Y 82 97.49 64.05 -1.79
CA ILE Y 82 96.68 63.80 -2.97
C ILE Y 82 97.20 62.54 -3.67
N ILE Y 83 96.35 61.53 -3.77
CA ILE Y 83 96.64 60.31 -4.52
C ILE Y 83 95.84 60.39 -5.82
N PRO Y 84 96.11 59.52 -6.81
CA PRO Y 84 95.42 59.66 -8.11
C PRO Y 84 93.91 59.65 -8.03
N ARG Y 85 93.30 58.94 -7.06
CA ARG Y 85 91.85 58.93 -6.97
C ARG Y 85 91.30 60.32 -6.68
N HIS Y 86 92.01 61.10 -5.87
CA HIS Y 86 91.58 62.46 -5.58
C HIS Y 86 91.57 63.32 -6.85
N LEU Y 87 92.52 63.08 -7.74
CA LEU Y 87 92.50 63.75 -9.04
C LEU Y 87 91.32 63.29 -9.88
N GLN Y 88 90.98 62.00 -9.82
CA GLN Y 88 89.86 61.48 -10.59
C GLN Y 88 88.53 61.99 -10.07
N LEU Y 89 88.32 61.95 -8.75
CA LEU Y 89 87.10 62.50 -8.16
C LEU Y 89 86.96 63.98 -8.47
N ALA Y 90 88.06 64.72 -8.46
CA ALA Y 90 87.99 66.17 -8.71
C ALA Y 90 87.61 66.46 -10.15
N ILE Y 91 88.25 65.79 -11.10
CA ILE Y 91 88.04 66.05 -12.52
C ILE Y 91 86.65 65.58 -12.96
N ARG Y 92 86.28 64.36 -12.60
CA ARG Y 92 85.02 63.80 -13.10
C ARG Y 92 83.80 64.40 -12.43
N ASN Y 93 83.96 65.06 -11.27
CA ASN Y 93 82.87 65.77 -10.63
C ASN Y 93 82.71 67.19 -11.16
N ASP Y 94 83.79 67.79 -11.66
CA ASP Y 94 83.74 69.11 -12.26
C ASP Y 94 83.38 68.95 -13.73
N GLU Y 95 82.32 69.64 -14.17
CA GLU Y 95 81.82 69.43 -15.52
C GLU Y 95 82.86 69.77 -16.57
N GLU Y 96 83.51 70.93 -16.42
CA GLU Y 96 84.48 71.39 -17.42
C GLU Y 96 85.79 70.61 -17.35
N LEU Y 97 86.27 70.30 -16.15
CA LEU Y 97 87.46 69.45 -16.04
C LEU Y 97 87.19 68.10 -16.67
N ASN Y 98 85.98 67.57 -16.47
CA ASN Y 98 85.60 66.29 -17.08
C ASN Y 98 85.56 66.39 -18.60
N LYS Y 99 85.17 67.54 -19.14
CA LYS Y 99 85.15 67.69 -20.60
C LYS Y 99 86.55 67.85 -21.16
N LEU Y 100 87.40 68.64 -20.50
CA LEU Y 100 88.76 68.84 -20.98
C LEU Y 100 89.54 67.54 -21.03
N LEU Y 101 89.31 66.64 -20.08
CA LEU Y 101 89.94 65.32 -20.06
C LEU Y 101 88.94 64.24 -20.40
N GLY Y 102 88.04 64.51 -21.34
CA GLY Y 102 87.04 63.54 -21.73
C GLY Y 102 87.62 62.30 -22.39
N ARG Y 103 88.72 62.46 -23.11
CA ARG Y 103 89.41 61.33 -23.75
C ARG Y 103 90.69 60.96 -23.01
N VAL Y 104 90.69 61.11 -21.68
CA VAL Y 104 91.87 60.89 -20.86
C VAL Y 104 91.54 59.84 -19.81
N THR Y 105 92.49 58.95 -19.55
CA THR Y 105 92.39 57.91 -18.53
C THR Y 105 93.37 58.21 -17.41
N ILE Y 106 92.87 58.34 -16.19
CA ILE Y 106 93.68 58.64 -15.02
C ILE Y 106 94.02 57.33 -14.32
N ALA Y 107 95.31 56.99 -14.27
CA ALA Y 107 95.72 55.72 -13.69
C ALA Y 107 95.39 55.69 -12.20
N GLN Y 108 94.88 54.54 -11.74
CA GLN Y 108 94.47 54.35 -10.35
C GLN Y 108 93.47 55.42 -9.92
N GLY Y 109 92.53 55.74 -10.81
CA GLY Y 109 91.56 56.76 -10.50
C GLY Y 109 90.20 56.18 -10.19
N GLY Y 110 89.91 55.01 -10.76
CA GLY Y 110 88.61 54.43 -10.50
C GLY Y 110 87.52 55.21 -11.22
N VAL Y 111 86.30 55.07 -10.70
CA VAL Y 111 85.13 55.70 -11.27
C VAL Y 111 84.32 56.37 -10.17
N LEU Y 112 83.36 57.19 -10.59
CA LEU Y 112 82.41 57.79 -9.67
C LEU Y 112 81.34 56.78 -9.30
N PRO Y 113 80.97 56.69 -8.02
CA PRO Y 113 79.85 55.83 -7.63
C PRO Y 113 78.55 56.28 -8.29
N ASN Y 114 78.00 55.40 -9.13
CA ASN Y 114 76.77 55.72 -9.86
C ASN Y 114 76.05 54.41 -10.17
N ILE Y 115 74.98 54.13 -9.43
CA ILE Y 115 74.14 52.97 -9.67
C ILE Y 115 72.87 53.45 -10.35
N GLN Y 116 72.49 52.78 -11.44
CA GLN Y 116 71.30 53.17 -12.16
C GLN Y 116 70.04 52.92 -11.34
N ALA Y 117 69.01 53.72 -11.60
CA ALA Y 117 67.82 53.72 -10.74
C ALA Y 117 67.07 52.39 -10.83
N VAL Y 118 66.88 51.87 -12.04
CA VAL Y 118 66.09 50.66 -12.22
C VAL Y 118 66.74 49.45 -11.57
N LEU Y 119 68.03 49.54 -11.23
CA LEU Y 119 68.71 48.47 -10.52
C LEU Y 119 68.45 48.48 -9.02
N LEU Y 120 67.87 49.55 -8.49
CA LEU Y 120 67.60 49.63 -7.05
C LEU Y 120 66.39 48.78 -6.68
N PRO Y 121 66.42 48.12 -5.52
CA PRO Y 121 65.27 47.31 -5.10
C PRO Y 121 64.08 48.19 -4.74
N LYS Y 122 62.90 47.74 -5.13
CA LYS Y 122 61.67 48.48 -4.84
C LYS Y 122 60.91 47.82 -3.69
N LYS Z 34 126.03 58.09 -12.23
CA LYS Z 34 125.28 59.35 -12.13
C LYS Z 34 124.25 59.44 -13.25
N ARG Z 35 123.00 59.12 -12.91
CA ARG Z 35 121.98 58.88 -13.91
C ARG Z 35 121.64 60.14 -14.69
N SER Z 36 120.94 59.96 -15.81
CA SER Z 36 120.76 61.02 -16.78
C SER Z 36 119.73 62.03 -16.30
N ARG Z 37 119.97 63.28 -16.68
CA ARG Z 37 119.07 64.39 -16.38
C ARG Z 37 117.72 64.21 -17.07
N LYS Z 38 116.68 63.94 -16.30
CA LYS Z 38 115.33 63.75 -16.83
C LYS Z 38 114.45 64.88 -16.30
N GLU Z 39 114.16 65.86 -17.15
CA GLU Z 39 113.42 67.02 -16.71
C GLU Z 39 111.98 66.62 -16.36
N SER Z 40 111.29 67.50 -15.64
CA SER Z 40 109.91 67.27 -15.23
C SER Z 40 109.38 68.51 -14.53
N TYR Z 41 108.05 68.63 -14.50
CA TYR Z 41 107.32 69.77 -13.93
C TYR Z 41 107.09 69.63 -12.43
N SER Z 42 107.87 68.77 -11.77
CA SER Z 42 107.56 68.38 -10.39
C SER Z 42 107.69 69.54 -9.42
N ILE Z 43 108.75 70.36 -9.56
CA ILE Z 43 108.99 71.42 -8.59
C ILE Z 43 107.88 72.47 -8.67
N TYR Z 44 107.37 72.75 -9.86
CA TYR Z 44 106.32 73.76 -10.00
C TYR Z 44 104.99 73.23 -9.52
N VAL Z 45 104.73 71.94 -9.75
CA VAL Z 45 103.52 71.31 -9.20
C VAL Z 45 103.56 71.34 -7.68
N TYR Z 46 104.72 71.05 -7.09
CA TYR Z 46 104.88 71.17 -5.65
C TYR Z 46 104.61 72.60 -5.17
N LYS Z 47 105.05 73.59 -5.95
CA LYS Z 47 104.85 74.98 -5.56
C LYS Z 47 103.38 75.36 -5.61
N VAL Z 48 102.71 75.09 -6.73
CA VAL Z 48 101.29 75.39 -6.86
C VAL Z 48 100.49 74.67 -5.77
N LEU Z 49 100.84 73.41 -5.49
CA LEU Z 49 100.14 72.66 -4.46
C LEU Z 49 100.31 73.30 -3.08
N LYS Z 50 101.50 73.80 -2.78
CA LYS Z 50 101.74 74.42 -1.48
C LYS Z 50 101.02 75.75 -1.35
N GLN Z 51 100.81 76.45 -2.47
CA GLN Z 51 99.96 77.64 -2.45
C GLN Z 51 98.51 77.29 -2.14
N VAL Z 52 98.03 76.19 -2.73
CA VAL Z 52 96.60 75.87 -2.64
C VAL Z 52 96.31 74.94 -1.48
N HIS Z 53 97.27 74.09 -1.09
CA HIS Z 53 97.10 73.19 0.05
C HIS Z 53 98.46 73.07 0.74
N PRO Z 54 98.74 73.95 1.71
CA PRO Z 54 100.10 74.02 2.27
C PRO Z 54 100.49 72.81 3.08
N ASP Z 55 99.54 71.99 3.51
CA ASP Z 55 99.83 70.82 4.33
C ASP Z 55 99.61 69.53 3.57
N THR Z 56 99.37 69.60 2.27
CA THR Z 56 99.05 68.43 1.46
C THR Z 56 100.26 67.95 0.66
N GLY Z 57 100.49 66.64 0.67
CA GLY Z 57 101.52 66.03 -0.12
C GLY Z 57 101.01 65.43 -1.40
N ILE Z 58 101.91 64.74 -2.11
CA ILE Z 58 101.59 64.11 -3.39
C ILE Z 58 102.53 62.91 -3.57
N SER Z 59 101.98 61.83 -4.12
CA SER Z 59 102.76 60.61 -4.28
C SER Z 59 103.49 60.61 -5.62
N SER Z 60 104.29 59.56 -5.84
CA SER Z 60 105.03 59.44 -7.09
C SER Z 60 104.08 59.34 -8.27
N LYS Z 61 103.15 58.39 -8.21
CA LYS Z 61 102.23 58.16 -9.33
C LYS Z 61 101.37 59.39 -9.59
N ALA Z 62 100.87 60.03 -8.53
CA ALA Z 62 100.07 61.24 -8.71
C ALA Z 62 100.89 62.34 -9.38
N MET Z 63 102.17 62.46 -9.00
CA MET Z 63 103.03 63.42 -9.67
C MET Z 63 103.24 63.05 -11.13
N GLY Z 64 103.30 61.75 -11.42
CA GLY Z 64 103.44 61.33 -12.81
C GLY Z 64 102.21 61.67 -13.62
N ILE Z 65 101.03 61.56 -13.02
CA ILE Z 65 99.79 61.95 -13.69
C ILE Z 65 99.79 63.45 -13.96
N MET Z 66 100.21 64.24 -12.97
CA MET Z 66 100.27 65.68 -13.14
C MET Z 66 101.28 66.07 -14.22
N ASN Z 67 102.42 65.38 -14.27
CA ASN Z 67 103.41 65.67 -15.31
C ASN Z 67 102.89 65.30 -16.69
N SER Z 68 102.16 64.20 -16.80
CA SER Z 68 101.56 63.84 -18.07
C SER Z 68 100.44 64.81 -18.44
N PHE Z 69 99.70 65.30 -17.45
CA PHE Z 69 98.65 66.28 -17.71
C PHE Z 69 99.24 67.58 -18.27
N VAL Z 70 100.31 68.08 -17.65
CA VAL Z 70 100.93 69.32 -18.10
C VAL Z 70 101.48 69.19 -19.50
N ASN Z 71 102.18 68.07 -19.78
CA ASN Z 71 102.72 67.86 -21.11
C ASN Z 71 101.61 67.67 -22.14
N ASP Z 72 100.54 66.95 -21.77
CA ASP Z 72 99.43 66.72 -22.68
C ASP Z 72 98.80 68.04 -23.11
N ILE Z 73 98.41 68.87 -22.13
CA ILE Z 73 97.77 70.14 -22.45
C ILE Z 73 98.74 71.07 -23.16
N PHE Z 74 100.04 70.97 -22.84
CA PHE Z 74 101.05 71.71 -23.57
C PHE Z 74 100.98 71.40 -25.06
N GLU Z 75 100.99 70.11 -25.41
CA GLU Z 75 101.00 69.72 -26.81
C GLU Z 75 99.69 70.09 -27.51
N ARG Z 76 98.57 70.02 -26.78
CA ARG Z 76 97.28 70.35 -27.39
C ARG Z 76 97.21 71.83 -27.76
N ILE Z 77 97.59 72.71 -26.83
CA ILE Z 77 97.54 74.14 -27.10
C ILE Z 77 98.56 74.52 -28.16
N ALA Z 78 99.80 74.06 -28.01
CA ALA Z 78 100.84 74.38 -28.97
C ALA Z 78 100.49 73.86 -30.36
N GLY Z 79 99.86 72.69 -30.43
CA GLY Z 79 99.45 72.18 -31.73
C GLY Z 79 98.37 73.02 -32.37
N GLU Z 80 97.36 73.43 -31.59
CA GLU Z 80 96.31 74.28 -32.12
C GLU Z 80 96.84 75.64 -32.54
N ALA Z 81 97.77 76.19 -31.75
CA ALA Z 81 98.38 77.47 -32.13
C ALA Z 81 99.20 77.32 -33.41
N SER Z 82 99.92 76.20 -33.54
CA SER Z 82 100.68 75.96 -34.77
C SER Z 82 99.75 75.89 -35.97
N ARG Z 83 98.59 75.25 -35.81
CA ARG Z 83 97.64 75.18 -36.91
C ARG Z 83 97.06 76.55 -37.23
N LEU Z 84 96.73 77.34 -36.20
CA LEU Z 84 96.19 78.68 -36.42
C LEU Z 84 97.14 79.53 -37.24
N ALA Z 85 98.44 79.51 -36.89
CA ALA Z 85 99.42 80.28 -37.64
C ALA Z 85 99.51 79.81 -39.09
N HIS Z 86 99.56 78.48 -39.28
CA HIS Z 86 99.60 77.93 -40.64
C HIS Z 86 98.34 78.31 -41.43
N TYR Z 87 97.18 78.32 -40.76
CA TYR Z 87 95.93 78.65 -41.43
C TYR Z 87 95.93 80.08 -41.96
N ASN Z 88 96.60 80.99 -41.26
CA ASN Z 88 96.62 82.40 -41.63
C ASN Z 88 97.94 82.82 -42.27
N LYS Z 89 98.78 81.87 -42.66
CA LYS Z 89 100.04 82.15 -43.35
C LYS Z 89 100.96 83.00 -42.48
N ARG Z 90 101.00 82.72 -41.19
CA ARG Z 90 101.89 83.40 -40.25
C ARG Z 90 103.02 82.47 -39.85
N SER Z 91 104.24 83.02 -39.78
CA SER Z 91 105.42 82.28 -39.37
C SER Z 91 105.67 82.33 -37.87
N THR Z 92 104.85 83.06 -37.11
CA THR Z 92 105.09 83.29 -35.70
C THR Z 92 103.92 82.79 -34.87
N ILE Z 93 104.23 82.22 -33.71
CA ILE Z 93 103.23 81.87 -32.70
C ILE Z 93 103.34 82.92 -31.60
N THR Z 94 102.38 83.83 -31.57
CA THR Z 94 102.31 84.87 -30.55
C THR Z 94 101.30 84.47 -29.48
N SER Z 95 101.26 85.27 -28.40
CA SER Z 95 100.29 85.04 -27.35
C SER Z 95 98.85 85.09 -27.87
N ARG Z 96 98.61 85.75 -29.00
CA ARG Z 96 97.28 85.74 -29.60
C ARG Z 96 96.93 84.36 -30.12
N GLU Z 97 97.90 83.65 -30.69
CA GLU Z 97 97.66 82.28 -31.14
C GLU Z 97 97.40 81.35 -29.96
N ILE Z 98 98.16 81.54 -28.88
CA ILE Z 98 97.93 80.74 -27.67
C ILE Z 98 96.53 81.02 -27.12
N GLN Z 99 96.10 82.28 -27.17
CA GLN Z 99 94.78 82.64 -26.64
C GLN Z 99 93.66 81.95 -27.41
N THR Z 100 93.68 82.06 -28.74
CA THR Z 100 92.64 81.42 -29.53
C THR Z 100 92.68 79.90 -29.41
N ALA Z 101 93.88 79.33 -29.25
CA ALA Z 101 94.00 77.90 -29.02
C ALA Z 101 93.33 77.50 -27.72
N VAL Z 102 93.44 78.36 -26.69
CA VAL Z 102 92.79 78.08 -25.41
C VAL Z 102 91.28 78.15 -25.55
N ARG Z 103 90.77 79.09 -26.35
CA ARG Z 103 89.33 79.22 -26.51
C ARG Z 103 88.75 78.04 -27.28
N LEU Z 104 89.47 77.54 -28.27
CA LEU Z 104 88.99 76.39 -29.02
C LEU Z 104 89.08 75.11 -28.20
N LEU Z 105 90.07 75.00 -27.32
CA LEU Z 105 90.36 73.75 -26.63
C LEU Z 105 89.62 73.64 -25.30
N LEU Z 106 89.62 74.71 -24.52
CA LEU Z 106 89.09 74.56 -23.17
C LEU Z 106 87.57 74.77 -23.17
N PRO Z 107 86.86 74.11 -22.24
CA PRO Z 107 85.40 74.31 -22.16
C PRO Z 107 85.06 75.58 -21.39
N GLY Z 108 84.20 76.40 -21.98
CA GLY Z 108 83.62 77.62 -21.42
C GLY Z 108 84.31 78.31 -20.25
N GLU Z 109 83.92 77.94 -19.02
CA GLU Z 109 84.41 78.65 -17.84
C GLU Z 109 85.93 78.45 -17.67
N LEU Z 110 86.41 77.23 -17.92
CA LEU Z 110 87.85 76.97 -17.82
C LEU Z 110 88.63 77.86 -18.79
N ALA Z 111 88.13 78.00 -20.02
CA ALA Z 111 88.78 78.90 -20.97
C ALA Z 111 88.72 80.34 -20.49
N LYS Z 112 87.54 80.75 -19.99
CA LYS Z 112 87.33 82.12 -19.53
C LYS Z 112 88.38 82.52 -18.49
N HIS Z 113 88.58 81.69 -17.47
CA HIS Z 113 89.56 82.02 -16.44
C HIS Z 113 90.98 81.92 -16.96
N ALA Z 114 91.26 80.90 -17.79
CA ALA Z 114 92.59 80.73 -18.34
C ALA Z 114 92.97 81.89 -19.24
N VAL Z 115 92.00 82.45 -19.97
CA VAL Z 115 92.29 83.59 -20.83
C VAL Z 115 92.68 84.80 -19.99
N SER Z 116 91.92 85.07 -18.93
CA SER Z 116 92.22 86.22 -18.07
C SER Z 116 93.54 86.03 -17.33
N GLU Z 117 93.83 84.81 -16.87
CA GLU Z 117 95.09 84.55 -16.17
C GLU Z 117 96.28 84.63 -17.11
N GLY Z 118 96.08 84.41 -18.41
CA GLY Z 118 97.16 84.51 -19.38
C GLY Z 118 97.39 85.95 -19.80
N THR Z 119 96.30 86.66 -20.10
CA THR Z 119 96.41 88.07 -20.45
C THR Z 119 97.02 88.87 -19.30
N LYS Z 120 96.68 88.52 -18.06
CA LYS Z 120 97.25 89.18 -16.90
C LYS Z 120 98.77 89.00 -16.84
N ALA Z 121 99.25 87.80 -17.21
CA ALA Z 121 100.69 87.55 -17.18
C ALA Z 121 101.42 88.27 -18.31
N VAL Z 122 100.79 88.35 -19.48
CA VAL Z 122 101.43 89.04 -20.61
C VAL Z 122 101.46 90.54 -20.35
N THR Z 123 100.37 91.10 -19.83
CA THR Z 123 100.34 92.53 -19.53
C THR Z 123 101.45 92.91 -18.57
N LYS Z 124 101.61 92.12 -17.50
CA LYS Z 124 102.69 92.37 -16.55
C LYS Z 124 104.06 92.22 -17.21
N TYR Z 125 104.24 91.12 -17.96
CA TYR Z 125 105.54 90.86 -18.60
C TYR Z 125 105.92 91.97 -19.57
N THR Z 126 104.95 92.50 -20.31
CA THR Z 126 105.24 93.56 -21.27
C THR Z 126 105.73 94.81 -20.56
N SER Z 127 105.09 95.16 -19.44
CA SER Z 127 105.50 96.37 -18.71
C SER Z 127 106.81 96.16 -17.98
N ALA Z 128 107.01 95.00 -17.37
CA ALA Z 128 108.23 94.70 -16.65
C ALA Z 128 109.18 93.85 -17.49
N PRO AA 42 -58.18 -48.93 -12.72
CA PRO AA 42 -59.18 -49.70 -11.99
C PRO AA 42 -60.30 -48.83 -11.44
N HIS AA 43 -60.66 -49.08 -10.18
CA HIS AA 43 -61.67 -48.29 -9.46
C HIS AA 43 -61.74 -48.79 -8.02
N ARG AA 44 -61.81 -47.86 -7.05
CA ARG AA 44 -61.80 -48.24 -5.65
C ARG AA 44 -62.61 -47.25 -4.84
N TYR AA 45 -63.59 -47.75 -4.10
CA TYR AA 45 -64.30 -46.95 -3.12
C TYR AA 45 -63.44 -46.78 -1.87
N ARG AA 46 -63.59 -45.63 -1.22
CA ARG AA 46 -62.88 -45.41 0.03
C ARG AA 46 -63.35 -46.45 1.06
N PRO AA 47 -62.43 -47.03 1.84
CA PRO AA 47 -62.84 -47.98 2.89
C PRO AA 47 -63.93 -47.43 3.80
N GLY AA 48 -65.04 -48.16 3.89
CA GLY AA 48 -66.22 -47.73 4.62
C GLY AA 48 -67.41 -47.45 3.74
N THR AA 49 -67.23 -47.38 2.42
CA THR AA 49 -68.33 -47.07 1.52
C THR AA 49 -69.21 -48.28 1.29
N VAL AA 50 -68.63 -49.40 0.87
CA VAL AA 50 -69.40 -50.62 0.67
C VAL AA 50 -69.87 -51.18 2.01
N ALA AA 51 -69.16 -50.87 3.09
CA ALA AA 51 -69.65 -51.23 4.42
C ALA AA 51 -71.00 -50.60 4.69
N LEU AA 52 -71.15 -49.31 4.38
CA LEU AA 52 -72.44 -48.65 4.53
C LEU AA 52 -73.45 -49.17 3.53
N ARG AA 53 -73.02 -49.48 2.30
CA ARG AA 53 -73.94 -50.05 1.32
C ARG AA 53 -74.49 -51.37 1.81
N GLU AA 54 -73.65 -52.18 2.44
CA GLU AA 54 -74.11 -53.46 2.97
C GLU AA 54 -75.00 -53.27 4.20
N ILE AA 55 -74.73 -52.24 5.01
CA ILE AA 55 -75.59 -51.98 6.16
C ILE AA 55 -76.99 -51.64 5.69
N ARG AA 56 -77.11 -50.69 4.76
CA ARG AA 56 -78.40 -50.33 4.20
C ARG AA 56 -79.07 -51.54 3.54
N ARG AA 57 -78.27 -52.35 2.84
CA ARG AA 57 -78.82 -53.52 2.16
C ARG AA 57 -79.39 -54.52 3.14
N TYR AA 58 -78.61 -54.92 4.14
CA TYR AA 58 -79.03 -55.98 5.05
C TYR AA 58 -80.01 -55.50 6.10
N GLN AA 59 -80.12 -54.19 6.32
CA GLN AA 59 -81.19 -53.64 7.13
C GLN AA 59 -82.48 -53.46 6.35
N LYS AA 60 -82.44 -53.64 5.02
CA LYS AA 60 -83.63 -53.62 4.20
C LYS AA 60 -84.28 -55.00 4.06
N SER AA 61 -83.51 -56.07 4.18
CA SER AA 61 -83.99 -57.42 3.94
C SER AA 61 -84.20 -58.18 5.25
N THR AA 62 -84.85 -59.35 5.13
CA THR AA 62 -85.17 -60.18 6.28
C THR AA 62 -84.70 -61.62 6.16
N GLU AA 63 -84.06 -62.00 5.07
CA GLU AA 63 -83.63 -63.38 4.91
C GLU AA 63 -82.49 -63.70 5.87
N LEU AA 64 -82.35 -64.97 6.21
CA LEU AA 64 -81.30 -65.40 7.12
C LEU AA 64 -79.93 -65.18 6.50
N LEU AA 65 -78.95 -64.89 7.34
CA LEU AA 65 -77.62 -64.54 6.89
C LEU AA 65 -76.61 -65.65 7.07
N ILE AA 66 -76.91 -66.67 7.87
CA ILE AA 66 -76.06 -67.82 8.03
C ILE AA 66 -76.49 -68.91 7.05
N ARG AA 67 -75.51 -69.56 6.42
CA ARG AA 67 -75.82 -70.66 5.53
C ARG AA 67 -76.47 -71.80 6.32
N LYS AA 68 -77.55 -72.36 5.78
CA LYS AA 68 -78.44 -73.20 6.57
C LYS AA 68 -77.77 -74.50 6.98
N LEU AA 69 -77.02 -75.13 6.08
CA LEU AA 69 -76.47 -76.44 6.38
C LEU AA 69 -75.35 -76.37 7.42
N PRO AA 70 -74.42 -75.40 7.35
CA PRO AA 70 -73.44 -75.27 8.44
C PRO AA 70 -74.09 -75.04 9.80
N PHE AA 71 -75.14 -74.22 9.86
CA PHE AA 71 -75.84 -74.00 11.12
C PHE AA 71 -76.51 -75.28 11.60
N GLN AA 72 -77.08 -76.06 10.67
CA GLN AA 72 -77.76 -77.29 11.04
C GLN AA 72 -76.79 -78.31 11.64
N ARG AA 73 -75.62 -78.46 11.03
CA ARG AA 73 -74.62 -79.38 11.56
C ARG AA 73 -74.11 -78.93 12.92
N LEU AA 74 -74.00 -77.62 13.13
CA LEU AA 74 -73.61 -77.10 14.44
C LEU AA 74 -74.66 -77.42 15.50
N VAL AA 75 -75.93 -77.31 15.15
CA VAL AA 75 -77.00 -77.61 16.10
C VAL AA 75 -76.97 -79.09 16.47
N ARG AA 76 -76.77 -79.96 15.49
CA ARG AA 76 -76.74 -81.39 15.76
C ARG AA 76 -75.55 -81.76 16.63
N GLU AA 77 -74.40 -81.11 16.43
CA GLU AA 77 -73.25 -81.40 17.27
C GLU AA 77 -73.46 -80.96 18.71
N ILE AA 78 -74.02 -79.76 18.91
CA ILE AA 78 -74.27 -79.28 20.26
C ILE AA 78 -75.32 -80.13 20.96
N ALA AA 79 -76.37 -80.54 20.24
CA ALA AA 79 -77.43 -81.32 20.87
C ALA AA 79 -76.96 -82.73 21.22
N GLN AA 80 -76.06 -83.30 20.42
CA GLN AA 80 -75.56 -84.64 20.69
C GLN AA 80 -74.79 -84.69 22.03
N ASP AA 81 -74.11 -83.60 22.42
CA ASP AA 81 -73.45 -83.58 23.73
C ASP AA 81 -74.44 -83.54 24.89
N PHE AA 82 -75.73 -83.41 24.61
CA PHE AA 82 -76.76 -83.49 25.64
C PHE AA 82 -77.50 -84.82 25.61
N LYS AA 83 -77.86 -85.31 24.42
CA LYS AA 83 -78.48 -86.62 24.28
C LYS AA 83 -78.10 -87.20 22.94
N THR AA 84 -77.65 -88.45 22.94
CA THR AA 84 -77.23 -89.10 21.71
C THR AA 84 -78.44 -89.64 20.94
N ASP AA 85 -78.26 -89.82 19.63
CA ASP AA 85 -79.29 -90.32 18.74
C ASP AA 85 -80.56 -89.46 18.80
N LEU AA 86 -80.52 -88.29 18.17
CA LEU AA 86 -81.65 -87.36 18.16
C LEU AA 86 -81.93 -86.90 16.75
N ARG AA 87 -83.22 -86.73 16.44
CA ARG AA 87 -83.67 -86.17 15.17
C ARG AA 87 -84.24 -84.78 15.38
N PHE AA 88 -84.21 -83.96 14.33
CA PHE AA 88 -84.66 -82.57 14.38
C PHE AA 88 -85.68 -82.29 13.28
N GLN AA 89 -86.83 -81.73 13.64
CA GLN AA 89 -87.70 -81.18 12.62
C GLN AA 89 -87.00 -80.05 11.86
N SER AA 90 -87.26 -79.97 10.56
CA SER AA 90 -86.69 -78.89 9.77
C SER AA 90 -87.11 -77.54 10.32
N SER AA 91 -88.36 -77.43 10.76
CA SER AA 91 -88.85 -76.18 11.33
C SER AA 91 -88.18 -75.86 12.66
N ALA AA 92 -87.76 -76.89 13.40
CA ALA AA 92 -87.06 -76.65 14.66
C ALA AA 92 -85.70 -76.00 14.41
N VAL AA 93 -84.97 -76.46 13.40
CA VAL AA 93 -83.69 -75.83 13.07
C VAL AA 93 -83.91 -74.42 12.56
N MET AA 94 -84.99 -74.20 11.82
CA MET AA 94 -85.32 -72.85 11.36
C MET AA 94 -85.65 -71.94 12.52
N ALA AA 95 -86.35 -72.46 13.54
CA ALA AA 95 -86.65 -71.65 14.71
C ALA AA 95 -85.38 -71.29 15.48
N LEU AA 96 -84.45 -72.24 15.61
CA LEU AA 96 -83.19 -71.96 16.29
C LEU AA 96 -82.37 -70.95 15.50
N GLN AA 97 -82.40 -71.02 14.17
CA GLN AA 97 -81.62 -70.09 13.36
C GLN AA 97 -82.21 -68.70 13.41
N GLU AA 98 -83.54 -68.60 13.32
CA GLU AA 98 -84.22 -67.32 13.45
C GLU AA 98 -83.88 -66.67 14.78
N ALA AA 99 -83.90 -67.44 15.86
CA ALA AA 99 -83.66 -66.87 17.18
C ALA AA 99 -82.23 -66.40 17.36
N CYS AA 100 -81.27 -67.22 16.93
CA CYS AA 100 -79.85 -66.93 17.09
C CYS AA 100 -79.43 -65.71 16.28
N GLU AA 101 -79.91 -65.59 15.04
CA GLU AA 101 -79.50 -64.46 14.22
C GLU AA 101 -80.08 -63.16 14.79
N ALA AA 102 -81.33 -63.20 15.25
CA ALA AA 102 -81.91 -62.03 15.89
C ALA AA 102 -81.14 -61.66 17.16
N TYR AA 103 -80.74 -62.65 17.95
CA TYR AA 103 -79.92 -62.39 19.12
C TYR AA 103 -78.58 -61.77 18.72
N LEU AA 104 -77.95 -62.29 17.68
CA LEU AA 104 -76.65 -61.78 17.27
C LEU AA 104 -76.76 -60.39 16.65
N VAL AA 105 -77.81 -60.15 15.86
CA VAL AA 105 -78.00 -58.83 15.28
C VAL AA 105 -78.22 -57.80 16.38
N GLY AA 106 -79.09 -58.12 17.33
CA GLY AA 106 -79.33 -57.21 18.44
C GLY AA 106 -78.09 -57.02 19.31
N LEU AA 107 -77.34 -58.09 19.53
CA LEU AA 107 -76.10 -57.98 20.30
C LEU AA 107 -75.08 -57.12 19.60
N PHE AA 108 -75.05 -57.15 18.26
CA PHE AA 108 -74.14 -56.29 17.51
C PHE AA 108 -74.58 -54.84 17.58
N GLU AA 109 -75.87 -54.59 17.73
CA GLU AA 109 -76.36 -53.23 17.95
C GLU AA 109 -75.80 -52.67 19.26
N ASP AA 110 -75.94 -53.42 20.35
CA ASP AA 110 -75.38 -52.99 21.63
C ASP AA 110 -73.86 -52.93 21.56
N THR AA 111 -73.24 -53.91 20.91
CA THR AA 111 -71.79 -53.90 20.74
C THR AA 111 -71.34 -52.65 20.00
N ASN AA 112 -72.10 -52.24 18.98
CA ASN AA 112 -71.76 -51.04 18.23
C ASN AA 112 -71.87 -49.80 19.11
N LEU AA 113 -72.88 -49.76 20.00
CA LEU AA 113 -73.05 -48.63 20.89
C LEU AA 113 -71.89 -48.51 21.87
N CYS AA 114 -71.33 -49.64 22.30
CA CYS AA 114 -70.18 -49.60 23.19
C CYS AA 114 -68.94 -49.06 22.49
N ALA AA 115 -68.71 -49.49 21.24
CA ALA AA 115 -67.54 -49.01 20.51
C ALA AA 115 -67.60 -47.50 20.29
N ILE AA 116 -68.77 -47.00 19.89
CA ILE AA 116 -68.96 -45.57 19.74
C ILE AA 116 -68.74 -44.83 21.05
N HIS AA 117 -69.11 -45.46 22.17
CA HIS AA 117 -68.94 -44.81 23.46
C HIS AA 117 -67.47 -44.59 23.77
N ALA AA 118 -66.61 -45.51 23.34
CA ALA AA 118 -65.16 -45.38 23.44
C ALA AA 118 -64.57 -44.53 22.33
N LYS AA 119 -65.37 -43.64 21.75
CA LYS AA 119 -64.92 -42.74 20.68
C LYS AA 119 -64.41 -43.53 19.48
N ARG AA 120 -64.84 -44.79 19.35
CA ARG AA 120 -64.33 -45.70 18.34
C ARG AA 120 -65.41 -46.06 17.33
N VAL AA 121 -64.94 -46.40 16.13
CA VAL AA 121 -65.79 -46.89 15.04
C VAL AA 121 -65.72 -48.41 14.97
N THR AA 122 -64.63 -48.99 15.45
CA THR AA 122 -64.42 -50.43 15.36
C THR AA 122 -64.95 -51.14 16.60
N ILE AA 123 -65.75 -52.20 16.39
CA ILE AA 123 -66.17 -53.03 17.51
C ILE AA 123 -65.05 -53.99 17.84
N MET AA 124 -64.92 -54.31 19.12
CA MET AA 124 -63.85 -55.15 19.63
C MET AA 124 -64.45 -56.11 20.64
N PRO AA 125 -63.78 -57.22 20.93
CA PRO AA 125 -64.32 -58.17 21.90
C PRO AA 125 -64.67 -57.52 23.24
N LYS AA 126 -63.97 -56.45 23.62
CA LYS AA 126 -64.32 -55.74 24.83
C LYS AA 126 -65.70 -55.11 24.74
N ASP AA 127 -66.13 -54.70 23.54
CA ASP AA 127 -67.48 -54.18 23.39
C ASP AA 127 -68.53 -55.26 23.62
N ILE AA 128 -68.26 -56.47 23.10
CA ILE AA 128 -69.19 -57.58 23.30
C ILE AA 128 -69.24 -57.99 24.76
N GLN AA 129 -68.07 -58.11 25.39
CA GLN AA 129 -68.02 -58.53 26.79
C GLN AA 129 -68.68 -57.50 27.69
N LEU AA 130 -68.51 -56.21 27.39
CA LEU AA 130 -69.21 -55.19 28.14
C LEU AA 130 -70.72 -55.27 27.92
N ALA AA 131 -71.14 -55.56 26.69
CA ALA AA 131 -72.57 -55.65 26.39
C ALA AA 131 -73.21 -56.81 27.15
N ARG AA 132 -72.60 -58.00 27.06
CA ARG AA 132 -73.15 -59.15 27.77
C ARG AA 132 -73.05 -58.98 29.28
N ARG AA 133 -72.02 -58.27 29.75
CA ARG AA 133 -71.91 -57.97 31.18
C ARG AA 133 -73.11 -57.15 31.65
N ILE AA 134 -73.47 -56.11 30.89
CA ILE AA 134 -74.62 -55.29 31.24
C ILE AA 134 -75.92 -56.07 31.01
N ARG AA 135 -75.96 -56.90 29.96
CA ARG AA 135 -77.16 -57.69 29.69
C ARG AA 135 -77.47 -58.70 30.78
N GLY AA 136 -76.54 -58.98 31.68
CA GLY AA 136 -76.72 -60.00 32.69
C GLY AA 136 -76.37 -61.40 32.25
N GLU AA 137 -75.93 -61.57 31.00
CA GLU AA 137 -75.49 -62.88 30.54
C GLU AA 137 -74.11 -63.22 31.08
N ARG AA 138 -73.16 -62.30 30.92
CA ARG AA 138 -71.84 -62.45 31.53
C ARG AA 138 -71.90 -62.01 32.99
N ALA AA 139 -70.94 -62.51 33.76
CA ALA AA 139 -70.88 -62.19 35.18
C ALA AA 139 -69.90 -61.05 35.44
N VAL BA 25 -69.53 -89.31 13.46
CA VAL BA 25 -69.09 -88.34 14.45
C VAL BA 25 -69.24 -86.93 13.87
N LEU BA 26 -69.34 -85.94 14.76
CA LEU BA 26 -69.42 -84.53 14.39
C LEU BA 26 -68.53 -83.71 15.32
N ARG BA 27 -67.69 -82.86 14.73
CA ARG BA 27 -66.60 -82.23 15.46
C ARG BA 27 -66.19 -80.94 14.74
N ASP BA 28 -65.93 -79.89 15.56
CA ASP BA 28 -65.54 -78.54 15.10
C ASP BA 28 -66.60 -77.80 14.33
N ASN BA 29 -67.85 -78.20 14.47
CA ASN BA 29 -68.96 -77.57 13.75
C ASN BA 29 -69.10 -76.04 13.86
N ILE BA 30 -68.71 -75.46 14.99
CA ILE BA 30 -68.83 -74.04 15.20
C ILE BA 30 -68.04 -73.25 14.14
N GLN BA 31 -66.92 -73.82 13.66
CA GLN BA 31 -66.16 -73.17 12.59
C GLN BA 31 -66.98 -73.05 11.30
N GLY BA 32 -68.06 -73.82 11.18
CA GLY BA 32 -69.00 -73.61 10.09
C GLY BA 32 -69.64 -72.24 10.10
N ILE BA 33 -69.67 -71.58 11.26
CA ILE BA 33 -70.04 -70.18 11.35
C ILE BA 33 -68.83 -69.39 10.88
N THR BA 34 -68.81 -69.05 9.59
CA THR BA 34 -67.59 -68.60 8.93
C THR BA 34 -67.34 -67.12 9.19
N LYS BA 35 -66.13 -66.68 8.80
CA LYS BA 35 -65.76 -65.27 8.91
C LYS BA 35 -66.65 -64.36 8.07
N PRO BA 36 -66.94 -64.64 6.79
CA PRO BA 36 -67.85 -63.74 6.06
C PRO BA 36 -69.27 -63.76 6.61
N ALA BA 37 -69.68 -64.84 7.25
CA ALA BA 37 -71.01 -64.89 7.85
C ALA BA 37 -71.10 -63.95 9.05
N ILE BA 38 -70.10 -64.01 9.93
CA ILE BA 38 -70.02 -63.07 11.05
C ILE BA 38 -69.92 -61.63 10.53
N ARG BA 39 -69.25 -61.44 9.39
CA ARG BA 39 -69.14 -60.10 8.82
C ARG BA 39 -70.50 -59.55 8.39
N ARG BA 40 -71.33 -60.38 7.77
CA ARG BA 40 -72.65 -59.91 7.33
C ARG BA 40 -73.53 -59.51 8.50
N LEU BA 41 -73.47 -60.27 9.60
CA LEU BA 41 -74.27 -59.92 10.77
C LEU BA 41 -73.83 -58.59 11.37
N ALA BA 42 -72.52 -58.36 11.42
CA ALA BA 42 -72.02 -57.08 11.95
C ALA BA 42 -72.41 -55.93 11.05
N ARG BA 43 -72.44 -56.15 9.74
CA ARG BA 43 -72.88 -55.10 8.83
C ARG BA 43 -74.34 -54.75 9.10
N ARG BA 44 -75.19 -55.77 9.26
CA ARG BA 44 -76.57 -55.51 9.65
C ARG BA 44 -76.65 -54.88 11.02
N GLY BA 45 -75.68 -55.18 11.89
CA GLY BA 45 -75.58 -54.50 13.16
C GLY BA 45 -75.00 -53.11 13.09
N GLY BA 46 -74.58 -52.68 11.90
CA GLY BA 46 -74.06 -51.34 11.72
C GLY BA 46 -72.57 -51.17 11.96
N VAL BA 47 -71.80 -52.24 11.93
CA VAL BA 47 -70.36 -52.16 12.21
C VAL BA 47 -69.60 -51.91 10.92
N LYS BA 48 -68.65 -50.96 10.97
CA LYS BA 48 -67.84 -50.61 9.81
C LYS BA 48 -66.52 -51.37 9.80
N ARG BA 49 -65.83 -51.41 10.93
CA ARG BA 49 -64.52 -52.04 11.05
C ARG BA 49 -64.55 -53.13 12.11
N ILE BA 50 -63.91 -54.27 11.81
CA ILE BA 50 -64.00 -55.47 12.63
C ILE BA 50 -62.60 -55.98 12.96
N SER BA 51 -62.32 -56.16 14.25
CA SER BA 51 -61.06 -56.73 14.68
C SER BA 51 -60.93 -58.19 14.27
N GLY BA 52 -59.69 -58.67 14.23
CA GLY BA 52 -59.44 -60.06 13.88
C GLY BA 52 -59.87 -61.03 14.94
N LEU BA 53 -59.82 -60.62 16.21
CA LEU BA 53 -60.19 -61.48 17.33
C LEU BA 53 -61.69 -61.54 17.55
N ILE BA 54 -62.48 -60.81 16.76
CA ILE BA 54 -63.92 -60.77 16.96
C ILE BA 54 -64.55 -62.11 16.58
N TYR BA 55 -64.04 -62.75 15.53
CA TYR BA 55 -64.74 -63.89 14.93
C TYR BA 55 -64.80 -65.07 15.89
N GLU BA 56 -63.67 -65.42 16.52
CA GLU BA 56 -63.70 -66.47 17.52
C GLU BA 56 -64.50 -66.06 18.74
N GLU BA 57 -64.43 -64.78 19.13
CA GLU BA 57 -65.23 -64.29 20.24
C GLU BA 57 -66.71 -64.45 19.95
N THR BA 58 -67.13 -64.19 18.71
CA THR BA 58 -68.54 -64.32 18.34
C THR BA 58 -68.98 -65.78 18.30
N ARG BA 59 -68.06 -66.70 17.97
CA ARG BA 59 -68.42 -68.12 17.94
C ARG BA 59 -68.67 -68.65 19.34
N GLY BA 60 -67.92 -68.18 20.33
CA GLY BA 60 -68.16 -68.57 21.71
C GLY BA 60 -69.47 -68.02 22.24
N VAL BA 61 -69.76 -66.76 21.93
CA VAL BA 61 -71.01 -66.15 22.38
C VAL BA 61 -72.20 -66.88 21.77
N LEU BA 62 -72.15 -67.13 20.45
CA LEU BA 62 -73.23 -67.86 19.79
C LEU BA 62 -73.38 -69.26 20.35
N LYS BA 63 -72.27 -69.90 20.74
CA LYS BA 63 -72.36 -71.23 21.32
C LYS BA 63 -73.12 -71.20 22.64
N VAL BA 64 -72.77 -70.25 23.52
CA VAL BA 64 -73.45 -70.14 24.80
C VAL BA 64 -74.94 -69.86 24.57
N PHE BA 65 -75.27 -68.97 23.63
CA PHE BA 65 -76.66 -68.65 23.37
C PHE BA 65 -77.47 -69.87 22.93
N LEU BA 66 -76.99 -70.60 21.92
CA LEU BA 66 -77.63 -71.86 21.53
C LEU BA 66 -77.51 -72.93 22.59
N GLU BA 67 -76.68 -72.75 23.59
CA GLU BA 67 -76.65 -73.75 24.65
C GLU BA 67 -77.82 -73.54 25.59
N ASN BA 68 -77.96 -72.30 26.07
CA ASN BA 68 -79.02 -71.97 27.00
C ASN BA 68 -80.38 -72.18 26.36
N VAL BA 69 -80.50 -71.91 25.07
CA VAL BA 69 -81.79 -72.07 24.41
C VAL BA 69 -82.10 -73.53 24.13
N ILE BA 70 -81.16 -74.26 23.53
CA ILE BA 70 -81.43 -75.66 23.18
C ILE BA 70 -81.60 -76.50 24.43
N ARG BA 71 -80.87 -76.18 25.51
CA ARG BA 71 -81.03 -76.91 26.76
C ARG BA 71 -82.47 -76.84 27.26
N ASP BA 72 -83.03 -75.63 27.33
CA ASP BA 72 -84.42 -75.48 27.74
C ASP BA 72 -85.36 -76.14 26.74
N ALA BA 73 -85.05 -76.01 25.44
CA ALA BA 73 -85.88 -76.61 24.42
C ALA BA 73 -85.91 -78.14 24.54
N VAL BA 74 -84.75 -78.75 24.79
CA VAL BA 74 -84.71 -80.21 24.94
C VAL BA 74 -85.46 -80.65 26.19
N THR BA 75 -85.31 -79.91 27.30
CA THR BA 75 -86.02 -80.25 28.52
C THR BA 75 -87.54 -80.20 28.30
N TYR BA 76 -88.01 -79.26 27.47
CA TYR BA 76 -89.42 -79.25 27.12
C TYR BA 76 -89.77 -80.47 26.29
N THR BA 77 -88.90 -80.83 25.33
CA THR BA 77 -89.16 -82.00 24.51
C THR BA 77 -89.21 -83.27 25.35
N GLU BA 78 -88.33 -83.37 26.35
CA GLU BA 78 -88.34 -84.54 27.22
C GLU BA 78 -89.63 -84.65 28.00
N HIS BA 79 -90.13 -83.53 28.54
CA HIS BA 79 -91.36 -83.61 29.33
C HIS BA 79 -92.56 -83.99 28.47
N ALA BA 80 -92.56 -83.65 27.19
CA ALA BA 80 -93.61 -84.08 26.29
C ALA BA 80 -93.43 -85.52 25.84
N LYS BA 81 -92.38 -86.19 26.30
CA LYS BA 81 -92.08 -87.57 25.94
C LYS BA 81 -92.01 -87.74 24.43
N ARG BA 82 -91.21 -86.88 23.80
CA ARG BA 82 -91.00 -86.91 22.37
C ARG BA 82 -89.52 -87.07 22.07
N LYS BA 83 -89.22 -87.56 20.87
CA LYS BA 83 -87.85 -87.62 20.37
C LYS BA 83 -87.57 -86.54 19.33
N THR BA 84 -88.57 -85.75 18.99
CA THR BA 84 -88.42 -84.69 18.00
C THR BA 84 -88.70 -83.35 18.66
N VAL BA 85 -87.72 -82.44 18.58
CA VAL BA 85 -87.87 -81.09 19.12
C VAL BA 85 -88.73 -80.27 18.17
N THR BA 86 -89.85 -79.78 18.68
CA THR BA 86 -90.77 -78.98 17.87
C THR BA 86 -90.40 -77.50 17.94
N ALA BA 87 -90.91 -76.75 16.96
CA ALA BA 87 -90.71 -75.30 16.95
C ALA BA 87 -91.33 -74.66 18.18
N MET BA 88 -92.35 -75.31 18.76
CA MET BA 88 -92.97 -74.79 19.97
C MET BA 88 -92.03 -74.90 21.17
N ASP BA 89 -91.24 -75.97 21.22
CA ASP BA 89 -90.23 -76.10 22.26
C ASP BA 89 -89.23 -74.97 22.22
N VAL BA 90 -88.80 -74.58 21.02
CA VAL BA 90 -87.88 -73.46 20.89
C VAL BA 90 -88.55 -72.15 21.26
N VAL BA 91 -89.79 -71.94 20.78
CA VAL BA 91 -90.52 -70.71 21.11
C VAL BA 91 -90.70 -70.58 22.61
N TYR BA 92 -91.11 -71.67 23.27
CA TYR BA 92 -91.24 -71.65 24.72
C TYR BA 92 -89.92 -71.37 25.40
N ALA BA 93 -88.83 -71.92 24.86
CA ALA BA 93 -87.51 -71.71 25.45
C ALA BA 93 -87.05 -70.27 25.26
N LEU BA 94 -87.26 -69.73 24.07
CA LEU BA 94 -86.92 -68.32 23.82
C LEU BA 94 -87.72 -67.40 24.73
N LYS BA 95 -89.01 -67.72 24.95
CA LYS BA 95 -89.82 -66.93 25.86
C LYS BA 95 -89.31 -67.03 27.29
N ARG BA 96 -88.84 -68.22 27.68
CA ARG BA 96 -88.21 -68.40 28.99
C ARG BA 96 -87.05 -67.43 29.17
N GLN BA 97 -86.17 -67.32 28.18
CA GLN BA 97 -84.96 -66.53 28.28
C GLN BA 97 -85.19 -65.05 28.06
N GLY BA 98 -86.45 -64.62 27.97
CA GLY BA 98 -86.77 -63.24 27.70
C GLY BA 98 -86.45 -62.82 26.28
N ARG BA 99 -86.52 -63.75 25.33
CA ARG BA 99 -86.29 -63.49 23.91
C ARG BA 99 -87.46 -64.08 23.12
N THR BA 100 -88.67 -63.59 23.43
CA THR BA 100 -89.87 -64.13 22.83
C THR BA 100 -89.80 -64.01 21.31
N LEU BA 101 -90.27 -65.05 20.62
CA LEU BA 101 -90.16 -65.09 19.18
C LEU BA 101 -91.56 -65.22 18.59
N TYR BA 102 -91.88 -64.30 17.71
CA TYR BA 102 -93.13 -64.29 16.98
C TYR BA 102 -92.92 -64.90 15.60
N GLY BA 103 -93.93 -65.62 15.12
CA GLY BA 103 -93.92 -66.16 13.77
C GLY BA 103 -93.60 -67.63 13.63
N PHE BA 104 -93.56 -68.38 14.73
CA PHE BA 104 -93.36 -69.82 14.67
C PHE BA 104 -94.33 -70.60 15.54
N GLY BA 105 -95.36 -69.96 16.09
CA GLY BA 105 -96.31 -70.71 16.89
C GLY BA 105 -96.57 -70.24 18.30
N GLY BA 106 -96.18 -69.04 18.69
CA GLY BA 106 -96.35 -68.64 20.09
C GLY BA 106 -97.71 -68.65 20.72
N ALA CA 18 -95.76 -92.66 63.03
CA ALA CA 18 -95.64 -91.69 61.95
C ALA CA 18 -97.01 -91.30 61.42
N LYS CA 19 -97.56 -90.21 61.96
CA LYS CA 19 -98.87 -89.72 61.55
C LYS CA 19 -98.77 -88.64 60.47
N THR CA 20 -97.82 -87.72 60.60
CA THR CA 20 -97.66 -86.65 59.63
C THR CA 20 -97.06 -87.17 58.33
N ARG CA 21 -97.40 -86.50 57.23
CA ARG CA 21 -96.80 -86.84 55.95
C ARG CA 21 -95.36 -86.37 55.85
N SER CA 22 -94.94 -85.43 56.69
CA SER CA 22 -93.54 -85.02 56.73
C SER CA 22 -92.67 -86.11 57.34
N SER CA 23 -93.14 -86.73 58.43
CA SER CA 23 -92.38 -87.83 59.03
C SER CA 23 -92.31 -89.01 58.07
N ARG CA 24 -93.42 -89.30 57.40
CA ARG CA 24 -93.47 -90.38 56.42
C ARG CA 24 -92.49 -90.19 55.28
N ALA CA 25 -92.06 -88.94 55.03
CA ALA CA 25 -91.07 -88.66 54.00
C ALA CA 25 -89.70 -88.29 54.56
N GLY CA 26 -89.59 -88.10 55.88
CA GLY CA 26 -88.33 -87.74 56.49
C GLY CA 26 -87.95 -86.30 56.19
N LEU CA 27 -88.90 -85.39 56.37
CA LEU CA 27 -88.71 -83.98 56.03
C LEU CA 27 -89.06 -83.11 57.23
N GLN CA 28 -88.45 -81.92 57.28
CA GLN CA 28 -88.82 -80.91 58.25
C GLN CA 28 -89.90 -79.96 57.75
N PHE CA 29 -90.09 -79.87 56.42
CA PHE CA 29 -91.05 -79.04 55.72
C PHE CA 29 -92.41 -79.73 55.60
N PRO CA 30 -93.50 -78.97 55.66
CA PRO CA 30 -94.85 -79.55 55.75
C PRO CA 30 -95.36 -80.04 54.41
N VAL CA 31 -95.48 -81.35 54.25
CA VAL CA 31 -96.03 -81.91 53.02
C VAL CA 31 -97.51 -81.55 52.90
N GLY CA 32 -98.23 -81.58 54.02
CA GLY CA 32 -99.66 -81.27 53.98
C GLY CA 32 -99.95 -79.85 53.54
N ARG CA 33 -99.22 -78.88 54.11
CA ARG CA 33 -99.42 -77.49 53.72
C ARG CA 33 -99.05 -77.26 52.27
N VAL CA 34 -97.98 -77.90 51.80
CA VAL CA 34 -97.62 -77.78 50.38
C VAL CA 34 -98.70 -78.41 49.52
N HIS CA 35 -99.27 -79.54 49.96
CA HIS CA 35 -100.37 -80.16 49.23
C HIS CA 35 -101.58 -79.24 49.18
N ARG CA 36 -101.85 -78.52 50.27
CA ARG CA 36 -102.94 -77.54 50.28
C ARG CA 36 -102.68 -76.42 49.29
N LEU CA 37 -101.52 -75.77 49.38
CA LEU CA 37 -101.22 -74.64 48.51
C LEU CA 37 -101.23 -75.05 47.05
N LEU CA 38 -100.84 -76.29 46.75
CA LEU CA 38 -100.87 -76.75 45.37
C LEU CA 38 -102.30 -76.86 44.85
N ARG CA 39 -103.23 -77.28 45.72
CA ARG CA 39 -104.63 -77.37 45.29
C ARG CA 39 -105.31 -76.02 45.27
N LYS CA 40 -105.05 -75.18 46.28
CA LYS CA 40 -105.66 -73.85 46.37
C LYS CA 40 -104.91 -72.83 45.52
N GLY CA 41 -104.26 -73.28 44.44
CA GLY CA 41 -103.45 -72.38 43.64
C GLY CA 41 -103.78 -72.36 42.16
N ASN CA 42 -104.74 -73.19 41.75
CA ASN CA 42 -105.17 -73.28 40.35
C ASN CA 42 -103.98 -73.56 39.44
N TYR CA 43 -103.24 -74.63 39.76
CA TYR CA 43 -102.15 -75.08 38.92
C TYR CA 43 -102.56 -76.20 37.98
N SER CA 44 -103.45 -77.08 38.43
CA SER CA 44 -104.06 -78.09 37.58
C SER CA 44 -105.33 -78.58 38.28
N GLU CA 45 -106.14 -79.33 37.52
CA GLU CA 45 -107.31 -79.96 38.11
C GLU CA 45 -106.90 -80.88 39.25
N ARG CA 46 -105.86 -81.68 39.03
CA ARG CA 46 -105.52 -82.75 39.96
C ARG CA 46 -104.05 -82.68 40.37
N VAL CA 47 -103.81 -82.89 41.66
CA VAL CA 47 -102.47 -82.87 42.24
C VAL CA 47 -102.12 -84.26 42.77
N GLY CA 48 -101.02 -84.82 42.29
CA GLY CA 48 -100.59 -86.12 42.73
C GLY CA 48 -100.15 -86.13 44.18
N ALA CA 49 -100.08 -87.35 44.74
CA ALA CA 49 -99.69 -87.50 46.14
C ALA CA 49 -98.19 -87.24 46.35
N GLY CA 50 -97.38 -87.51 45.33
CA GLY CA 50 -95.94 -87.32 45.44
C GLY CA 50 -95.48 -85.90 45.19
N ALA CA 51 -96.31 -85.09 44.52
CA ALA CA 51 -95.91 -83.72 44.21
C ALA CA 51 -95.62 -82.89 45.44
N PRO CA 52 -96.47 -82.85 46.48
CA PRO CA 52 -96.12 -82.04 47.66
C PRO CA 52 -94.90 -82.56 48.39
N VAL CA 53 -94.68 -83.89 48.35
CA VAL CA 53 -93.49 -84.47 48.97
C VAL CA 53 -92.24 -84.01 48.23
N TYR CA 54 -92.22 -84.20 46.91
CA TYR CA 54 -91.08 -83.76 46.10
C TYR CA 54 -90.82 -82.27 46.29
N LEU CA 55 -91.88 -81.46 46.24
CA LEU CA 55 -91.72 -80.01 46.32
C LEU CA 55 -91.21 -79.58 47.68
N ALA CA 56 -91.81 -80.10 48.75
CA ALA CA 56 -91.37 -79.76 50.10
C ALA CA 56 -89.93 -80.17 50.36
N ALA CA 57 -89.46 -81.23 49.68
CA ALA CA 57 -88.08 -81.65 49.85
C ALA CA 57 -87.11 -80.71 49.11
N VAL CA 58 -87.48 -80.31 47.89
CA VAL CA 58 -86.64 -79.37 47.15
C VAL CA 58 -86.59 -78.03 47.86
N LEU CA 59 -87.73 -77.55 48.34
CA LEU CA 59 -87.77 -76.33 49.15
C LEU CA 59 -86.86 -76.45 50.38
N GLU CA 60 -86.82 -77.65 50.97
CA GLU CA 60 -85.97 -77.85 52.15
C GLU CA 60 -84.49 -77.86 51.78
N TYR CA 61 -84.14 -78.49 50.64
CA TYR CA 61 -82.75 -78.53 50.22
C TYR CA 61 -82.21 -77.13 49.94
N LEU CA 62 -82.95 -76.34 49.17
CA LEU CA 62 -82.52 -74.97 48.89
C LEU CA 62 -82.46 -74.14 50.18
N THR CA 63 -83.40 -74.35 51.09
CA THR CA 63 -83.36 -73.65 52.37
C THR CA 63 -82.08 -73.97 53.13
N ALA CA 64 -81.73 -75.25 53.21
CA ALA CA 64 -80.49 -75.63 53.88
C ALA CA 64 -79.27 -75.08 53.16
N GLU CA 65 -79.32 -75.04 51.83
CA GLU CA 65 -78.19 -74.54 51.06
C GLU CA 65 -77.91 -73.07 51.36
N ILE CA 66 -78.97 -72.28 51.53
CA ILE CA 66 -78.79 -70.85 51.77
C ILE CA 66 -78.42 -70.59 53.23
N LEU CA 67 -79.10 -71.27 54.16
CA LEU CA 67 -78.80 -71.07 55.57
C LEU CA 67 -77.39 -71.56 55.93
N GLU CA 68 -76.88 -72.55 55.20
CA GLU CA 68 -75.51 -72.99 55.40
C GLU CA 68 -74.52 -71.86 55.12
N LEU CA 69 -74.65 -71.23 53.95
CA LEU CA 69 -73.74 -70.17 53.56
C LEU CA 69 -73.99 -68.88 54.34
N ALA CA 70 -75.23 -68.65 54.77
CA ALA CA 70 -75.54 -67.45 55.53
C ALA CA 70 -75.07 -67.56 56.97
N GLY CA 71 -75.15 -68.75 57.56
CA GLY CA 71 -74.55 -68.97 58.87
C GLY CA 71 -73.04 -68.86 58.84
N ASN CA 72 -72.42 -69.27 57.74
CA ASN CA 72 -70.99 -69.07 57.58
C ASN CA 72 -70.65 -67.58 57.47
N ALA CA 73 -71.45 -66.84 56.68
CA ALA CA 73 -71.22 -65.40 56.57
C ALA CA 73 -71.42 -64.69 57.90
N ALA CA 74 -72.44 -65.10 58.66
CA ALA CA 74 -72.66 -64.50 59.98
C ALA CA 74 -71.49 -64.78 60.91
N ARG CA 75 -70.91 -65.98 60.82
CA ARG CA 75 -69.77 -66.32 61.67
C ARG CA 75 -68.53 -65.54 61.26
N ASP CA 76 -68.34 -65.32 59.97
CA ASP CA 76 -67.23 -64.48 59.51
C ASP CA 76 -67.34 -63.06 60.02
N ASN CA 77 -68.56 -62.58 60.26
CA ASN CA 77 -68.79 -61.23 60.78
C ASN CA 77 -68.91 -61.20 62.29
N LYS CA 78 -68.50 -62.27 62.98
CA LYS CA 78 -68.56 -62.33 64.44
C LYS CA 78 -69.99 -62.16 64.94
N LYS CA 79 -70.93 -62.79 64.24
CA LYS CA 79 -72.35 -62.67 64.57
C LYS CA 79 -72.96 -64.05 64.70
N THR CA 80 -73.78 -64.19 65.75
CA THR CA 80 -74.56 -65.40 65.99
C THR CA 80 -75.89 -65.41 65.23
N ARG CA 81 -76.37 -64.26 64.77
CA ARG CA 81 -77.66 -64.17 64.08
C ARG CA 81 -77.45 -63.86 62.60
N ILE CA 82 -78.27 -64.49 61.76
CA ILE CA 82 -78.29 -64.16 60.34
C ILE CA 82 -79.15 -62.91 60.16
N ILE CA 83 -78.53 -61.82 59.72
CA ILE CA 83 -79.26 -60.62 59.33
C ILE CA 83 -79.33 -60.62 57.81
N PRO CA 84 -80.19 -59.79 57.19
CA PRO CA 84 -80.33 -59.85 55.72
C PRO CA 84 -79.04 -59.71 54.95
N ARG CA 85 -78.08 -58.94 55.46
CA ARG CA 85 -76.79 -58.80 54.79
C ARG CA 85 -76.09 -60.16 54.64
N HIS CA 86 -76.21 -61.01 55.66
CA HIS CA 86 -75.62 -62.34 55.59
C HIS CA 86 -76.27 -63.19 54.50
N LEU CA 87 -77.58 -63.02 54.28
CA LEU CA 87 -78.23 -63.71 53.17
C LEU CA 87 -77.75 -63.16 51.83
N GLN CA 88 -77.51 -61.84 51.76
CA GLN CA 88 -77.05 -61.24 50.51
C GLN CA 88 -75.63 -61.68 50.18
N LEU CA 89 -74.74 -61.63 51.18
CA LEU CA 89 -73.37 -62.10 50.97
C LEU CA 89 -73.34 -63.55 50.53
N ALA CA 90 -74.19 -64.39 51.10
CA ALA CA 90 -74.19 -65.81 50.76
C ALA CA 90 -74.64 -66.04 49.32
N ILE CA 91 -75.74 -65.39 48.94
CA ILE CA 91 -76.33 -65.61 47.62
C ILE CA 91 -75.43 -65.04 46.53
N ARG CA 92 -74.97 -63.80 46.69
CA ARG CA 92 -74.22 -63.15 45.62
C ARG CA 92 -72.80 -63.67 45.48
N ASN CA 93 -72.28 -64.38 46.49
CA ASN CA 93 -70.97 -65.00 46.39
C ASN CA 93 -71.04 -66.40 45.78
N ASP CA 94 -72.17 -67.07 45.91
CA ASP CA 94 -72.36 -68.37 45.30
C ASP CA 94 -72.90 -68.18 43.89
N GLU CA 95 -72.21 -68.77 42.91
CA GLU CA 95 -72.54 -68.54 41.51
C GLU CA 95 -73.96 -68.99 41.21
N GLU CA 96 -74.33 -70.19 41.65
CA GLU CA 96 -75.65 -70.73 41.32
C GLU CA 96 -76.75 -70.03 42.10
N LEU CA 97 -76.52 -69.74 43.39
CA LEU CA 97 -77.49 -68.98 44.16
C LEU CA 97 -77.66 -67.58 43.56
N ASN CA 98 -76.56 -66.98 43.10
CA ASN CA 98 -76.65 -65.66 42.47
C ASN CA 98 -77.48 -65.69 41.20
N LYS CA 99 -77.42 -66.81 40.46
CA LYS CA 99 -78.21 -66.93 39.23
C LYS CA 99 -79.68 -67.19 39.53
N LEU CA 100 -79.96 -68.07 40.50
CA LEU CA 100 -81.35 -68.38 40.81
C LEU CA 100 -82.12 -67.14 41.27
N LEU CA 101 -81.47 -66.25 42.01
CA LEU CA 101 -82.04 -64.98 42.45
C LEU CA 101 -81.46 -63.80 41.66
N GLY CA 102 -81.28 -63.99 40.35
CA GLY CA 102 -80.71 -62.94 39.52
C GLY CA 102 -81.59 -61.71 39.38
N ARG CA 103 -82.90 -61.88 39.39
CA ARG CA 103 -83.85 -60.78 39.28
C ARG CA 103 -84.51 -60.49 40.63
N VAL CA 104 -83.77 -60.65 41.72
CA VAL CA 104 -84.28 -60.50 43.08
C VAL CA 104 -83.45 -59.46 43.82
N THR CA 105 -84.12 -58.64 44.63
CA THR CA 105 -83.47 -57.65 45.48
C THR CA 105 -83.71 -58.03 46.94
N ILE CA 106 -82.62 -58.20 47.68
CA ILE CA 106 -82.69 -58.56 49.09
C ILE CA 106 -82.62 -57.28 49.91
N ALA CA 107 -83.70 -56.96 50.62
CA ALA CA 107 -83.76 -55.71 51.36
C ALA CA 107 -82.74 -55.71 52.48
N GLN CA 108 -82.09 -54.56 52.64
CA GLN CA 108 -81.04 -54.37 53.64
C GLN CA 108 -79.93 -55.40 53.45
N GLY CA 109 -79.60 -55.66 52.19
CA GLY CA 109 -78.60 -56.66 51.84
C GLY CA 109 -77.32 -56.01 51.37
N GLY CA 110 -77.44 -54.82 50.79
CA GLY CA 110 -76.27 -54.14 50.28
C GLY CA 110 -75.74 -54.76 49.00
N VAL CA 111 -74.45 -54.52 48.77
CA VAL CA 111 -73.75 -55.00 47.59
C VAL CA 111 -72.44 -55.64 48.03
N LEU CA 112 -71.82 -56.35 47.10
CA LEU CA 112 -70.49 -56.90 47.33
C LEU CA 112 -69.43 -55.83 47.12
N PRO CA 113 -68.44 -55.73 48.01
CA PRO CA 113 -67.32 -54.80 47.78
C PRO CA 113 -66.57 -55.18 46.51
N ASN CA 114 -66.59 -54.26 45.54
CA ASN CA 114 -65.92 -54.50 44.26
C ASN CA 114 -65.58 -53.15 43.64
N ILE CA 115 -64.30 -52.79 43.68
CA ILE CA 115 -63.80 -51.56 43.08
C ILE CA 115 -63.10 -51.91 41.78
N GLN CA 116 -63.42 -51.18 40.71
CA GLN CA 116 -62.79 -51.45 39.43
C GLN CA 116 -61.30 -51.15 39.49
N ALA CA 117 -60.54 -51.88 38.67
CA ALA CA 117 -59.08 -51.81 38.75
C ALA CA 117 -58.56 -50.44 38.33
N VAL CA 118 -59.08 -49.90 37.23
CA VAL CA 118 -58.58 -48.62 36.72
C VAL CA 118 -58.85 -47.48 37.69
N LEU CA 119 -59.76 -47.67 38.64
CA LEU CA 119 -60.01 -46.66 39.66
C LEU CA 119 -58.96 -46.70 40.77
N LEU CA 120 -58.15 -47.75 40.84
CA LEU CA 120 -57.14 -47.86 41.87
C LEU CA 120 -55.96 -46.92 41.57
N PRO CA 121 -55.40 -46.27 42.59
CA PRO CA 121 -54.25 -45.39 42.36
C PRO CA 121 -53.03 -46.20 41.93
N LYS CA 122 -52.28 -45.65 40.97
CA LYS CA 122 -51.08 -46.29 40.48
C LYS CA 122 -49.83 -45.63 41.06
N LYS DA 34 -107.56 -59.53 68.73
CA LYS DA 34 -106.79 -60.74 68.42
C LYS DA 34 -106.54 -60.82 66.91
N ARG DA 35 -105.33 -60.46 66.51
CA ARG DA 35 -105.04 -60.15 65.12
C ARG DA 35 -105.17 -61.39 64.24
N SER DA 36 -105.22 -61.16 62.93
CA SER DA 36 -105.56 -62.19 61.97
C SER DA 36 -104.42 -63.17 61.78
N ARG DA 37 -104.77 -64.45 61.63
CA ARG DA 37 -103.84 -65.51 61.32
C ARG DA 37 -103.11 -65.27 60.01
N LYS DA 38 -101.81 -64.97 60.07
CA LYS DA 38 -100.98 -64.76 58.88
C LYS DA 38 -99.95 -65.88 58.77
N GLU DA 39 -100.16 -66.79 57.83
CA GLU DA 39 -99.32 -67.96 57.71
C GLU DA 39 -97.91 -67.52 57.27
N SER DA 40 -96.94 -68.40 57.50
CA SER DA 40 -95.55 -68.16 57.08
C SER DA 40 -94.77 -69.48 57.13
N TYR DA 41 -93.60 -69.46 56.48
CA TYR DA 41 -92.66 -70.58 56.53
C TYR DA 41 -91.64 -70.44 57.66
N SER DA 42 -91.92 -69.58 58.64
CA SER DA 42 -90.91 -69.23 59.63
C SER DA 42 -90.50 -70.41 60.50
N ILE DA 43 -91.46 -71.22 60.93
CA ILE DA 43 -91.15 -72.33 61.83
C ILE DA 43 -90.22 -73.32 61.14
N TYR DA 44 -90.44 -73.55 59.84
CA TYR DA 44 -89.62 -74.52 59.11
C TYR DA 44 -88.24 -73.94 58.78
N VAL DA 45 -88.16 -72.64 58.51
CA VAL DA 45 -86.87 -71.99 58.30
C VAL DA 45 -86.03 -72.06 59.56
N TYR DA 46 -86.65 -71.81 60.72
CA TYR DA 46 -85.95 -71.97 61.99
C TYR DA 46 -85.45 -73.39 62.18
N LYS DA 47 -86.26 -74.39 61.79
CA LYS DA 47 -85.87 -75.78 61.97
C LYS DA 47 -84.66 -76.12 61.11
N VAL DA 48 -84.74 -75.82 59.81
CA VAL DA 48 -83.62 -76.08 58.90
C VAL DA 48 -82.37 -75.34 59.38
N LEU DA 49 -82.55 -74.09 59.85
CA LEU DA 49 -81.41 -73.33 60.36
C LEU DA 49 -80.77 -74.00 61.56
N LYS DA 50 -81.58 -74.61 62.43
CA LYS DA 50 -81.03 -75.27 63.61
C LYS DA 50 -80.33 -76.58 63.25
N GLN DA 51 -80.75 -77.24 62.17
CA GLN DA 51 -80.01 -78.42 61.71
C GLN DA 51 -78.65 -78.04 61.15
N VAL DA 52 -78.59 -76.95 60.38
CA VAL DA 52 -77.37 -76.59 59.69
C VAL DA 52 -76.48 -75.68 60.53
N HIS DA 53 -77.08 -74.87 61.41
CA HIS DA 53 -76.34 -73.98 62.30
C HIS DA 53 -77.07 -73.93 63.62
N PRO DA 54 -76.75 -74.86 64.54
CA PRO DA 54 -77.57 -75.00 65.76
C PRO DA 54 -77.49 -73.82 66.69
N ASP DA 55 -76.46 -72.99 66.57
CA ASP DA 55 -76.30 -71.83 67.45
C ASP DA 55 -76.56 -70.52 66.74
N THR DA 56 -76.95 -70.55 65.47
CA THR DA 56 -77.15 -69.34 64.68
C THR DA 56 -78.63 -68.96 64.66
N GLY DA 57 -78.90 -67.66 64.67
CA GLY DA 57 -80.26 -67.16 64.63
C GLY DA 57 -80.57 -66.33 63.41
N ILE DA 58 -81.72 -65.66 63.42
CA ILE DA 58 -82.21 -64.96 62.23
C ILE DA 58 -83.09 -63.81 62.68
N SER DA 59 -82.98 -62.68 61.97
CA SER DA 59 -83.71 -61.47 62.32
C SER DA 59 -85.07 -61.45 61.64
N SER DA 60 -85.87 -60.42 61.95
CA SER DA 60 -87.18 -60.27 61.35
C SER DA 60 -87.09 -60.08 59.85
N LYS DA 61 -86.27 -59.13 59.40
CA LYS DA 61 -86.18 -58.84 57.97
C LYS DA 61 -85.59 -60.04 57.21
N ALA DA 62 -84.58 -60.68 57.79
CA ALA DA 62 -84.00 -61.85 57.13
C ALA DA 62 -85.02 -62.99 57.01
N MET DA 63 -85.84 -63.19 58.04
CA MET DA 63 -86.91 -64.18 57.94
C MET DA 63 -87.94 -63.80 56.88
N GLY DA 64 -88.20 -62.50 56.72
CA GLY DA 64 -89.12 -62.07 55.69
C GLY DA 64 -88.55 -62.32 54.31
N ILE DA 65 -87.23 -62.16 54.18
CA ILE DA 65 -86.56 -62.45 52.92
C ILE DA 65 -86.60 -63.95 52.62
N MET DA 66 -86.37 -64.78 53.64
CA MET DA 66 -86.48 -66.22 53.45
C MET DA 66 -87.91 -66.61 53.06
N ASN DA 67 -88.91 -65.97 53.68
CA ASN DA 67 -90.30 -66.28 53.35
C ASN DA 67 -90.64 -65.87 51.92
N SER DA 68 -90.11 -64.73 51.47
CA SER DA 68 -90.33 -64.33 50.07
C SER DA 68 -89.58 -65.23 49.11
N PHE DA 69 -88.40 -65.72 49.51
CA PHE DA 69 -87.67 -66.66 48.68
C PHE DA 69 -88.46 -67.95 48.49
N VAL DA 70 -89.00 -68.50 49.58
CA VAL DA 70 -89.75 -69.75 49.49
C VAL DA 70 -90.99 -69.57 48.63
N ASN DA 71 -91.73 -68.47 48.84
CA ASN DA 71 -92.93 -68.23 48.04
C ASN DA 71 -92.59 -67.98 46.57
N ASP DA 72 -91.49 -67.26 46.31
CA ASP DA 72 -91.10 -66.98 44.93
C ASP DA 72 -90.79 -68.29 44.20
N ILE DA 73 -89.92 -69.12 44.78
CA ILE DA 73 -89.54 -70.37 44.13
C ILE DA 73 -90.72 -71.32 44.05
N PHE DA 74 -91.60 -71.29 45.05
CA PHE DA 74 -92.85 -72.05 44.99
C PHE DA 74 -93.63 -71.70 43.72
N GLU DA 75 -93.84 -70.40 43.49
CA GLU DA 75 -94.62 -69.96 42.34
C GLU DA 75 -93.92 -70.26 41.02
N ARG DA 76 -92.58 -70.20 40.99
CA ARG DA 76 -91.85 -70.47 39.76
C ARG DA 76 -91.97 -71.94 39.36
N ILE DA 77 -91.71 -72.85 40.31
CA ILE DA 77 -91.79 -74.28 40.01
C ILE DA 77 -93.22 -74.67 39.66
N ALA DA 78 -94.18 -74.25 40.49
CA ALA DA 78 -95.58 -74.59 40.24
C ALA DA 78 -96.06 -74.02 38.92
N GLY DA 79 -95.60 -72.81 38.56
CA GLY DA 79 -95.98 -72.24 37.28
C GLY DA 79 -95.44 -73.04 36.11
N GLU DA 80 -94.18 -73.49 36.20
CA GLU DA 80 -93.61 -74.28 35.11
C GLU DA 80 -94.28 -75.64 34.99
N ALA DA 81 -94.58 -76.29 36.12
CA ALA DA 81 -95.27 -77.57 36.08
C ALA DA 81 -96.65 -77.44 35.47
N SER DA 82 -97.37 -76.36 35.79
CA SER DA 82 -98.69 -76.13 35.21
C SER DA 82 -98.59 -76.02 33.69
N ARG DA 83 -97.59 -75.30 33.20
CA ARG DA 83 -97.39 -75.20 31.75
C ARG DA 83 -97.07 -76.55 31.15
N LEU DA 84 -96.22 -77.33 31.82
CA LEU DA 84 -95.86 -78.66 31.33
C LEU DA 84 -97.09 -79.54 31.15
N ALA DA 85 -97.96 -79.59 32.17
CA ALA DA 85 -99.18 -80.39 32.05
C ALA DA 85 -100.07 -79.87 30.93
N HIS DA 86 -100.22 -78.55 30.83
CA HIS DA 86 -101.02 -77.96 29.76
C HIS DA 86 -100.43 -78.29 28.40
N TYR DA 87 -99.10 -78.22 28.27
CA TYR DA 87 -98.45 -78.54 27.00
C TYR DA 87 -98.72 -79.98 26.57
N ASN DA 88 -98.84 -80.89 27.53
CA ASN DA 88 -99.03 -82.30 27.25
C ASN DA 88 -100.48 -82.73 27.43
N LYS DA 89 -101.40 -81.76 27.55
CA LYS DA 89 -102.83 -82.02 27.69
C LYS DA 89 -103.12 -82.91 28.91
N ARG DA 90 -102.34 -82.71 29.97
CA ARG DA 90 -102.55 -83.43 31.22
C ARG DA 90 -103.27 -82.53 32.20
N SER DA 91 -104.27 -83.08 32.88
CA SER DA 91 -105.03 -82.40 33.91
C SER DA 91 -104.41 -82.58 35.29
N THR DA 92 -103.30 -83.32 35.40
CA THR DA 92 -102.72 -83.68 36.68
C THR DA 92 -101.27 -83.21 36.73
N ILE DA 93 -100.90 -82.63 37.87
CA ILE DA 93 -99.52 -82.29 38.18
C ILE DA 93 -98.99 -83.37 39.12
N THR DA 94 -98.12 -84.23 38.59
CA THR DA 94 -97.50 -85.28 39.36
C THR DA 94 -96.07 -84.88 39.71
N SER DA 95 -95.44 -85.69 40.57
CA SER DA 95 -94.06 -85.44 40.93
C SER DA 95 -93.14 -85.42 39.71
N ARG DA 96 -93.56 -86.06 38.61
CA ARG DA 96 -92.80 -85.98 37.37
C ARG DA 96 -92.83 -84.57 36.79
N GLU DA 97 -93.97 -83.90 36.89
CA GLU DA 97 -94.05 -82.50 36.44
C GLU DA 97 -93.19 -81.60 37.32
N ILE DA 98 -93.18 -81.85 38.63
CA ILE DA 98 -92.33 -81.08 39.54
C ILE DA 98 -90.86 -81.32 39.22
N GLN DA 99 -90.51 -82.57 38.89
CA GLN DA 99 -89.12 -82.90 38.60
C GLN DA 99 -88.61 -82.17 37.36
N THR DA 100 -89.38 -82.22 36.27
CA THR DA 100 -88.97 -81.53 35.05
C THR DA 100 -88.94 -80.01 35.24
N ALA DA 101 -89.86 -79.47 36.04
CA ALA DA 101 -89.84 -78.05 36.32
C ALA DA 101 -88.57 -77.64 37.04
N VAL DA 102 -88.04 -78.51 37.90
CA VAL DA 102 -86.80 -78.22 38.60
C VAL DA 102 -85.63 -78.22 37.63
N ARG DA 103 -85.64 -79.12 36.64
CA ARG DA 103 -84.54 -79.17 35.68
C ARG DA 103 -84.53 -77.93 34.80
N LEU DA 104 -85.70 -77.41 34.43
CA LEU DA 104 -85.75 -76.19 33.61
C LEU DA 104 -85.37 -74.96 34.42
N LEU DA 105 -85.75 -74.92 35.70
CA LEU DA 105 -85.60 -73.70 36.47
C LEU DA 105 -84.23 -73.61 37.15
N LEU DA 106 -83.79 -74.70 37.76
CA LEU DA 106 -82.59 -74.59 38.57
C LEU DA 106 -81.33 -74.76 37.71
N PRO DA 107 -80.24 -74.10 38.09
CA PRO DA 107 -78.97 -74.26 37.37
C PRO DA 107 -78.26 -75.54 37.78
N GLY DA 108 -77.86 -76.32 36.77
CA GLY DA 108 -77.04 -77.52 36.90
C GLY DA 108 -76.94 -78.22 38.25
N GLU DA 109 -75.93 -77.85 39.05
CA GLU DA 109 -75.66 -78.55 40.29
C GLU DA 109 -76.81 -78.42 41.28
N LEU DA 110 -77.40 -77.22 41.38
CA LEU DA 110 -78.55 -77.03 42.26
C LEU DA 110 -79.70 -77.95 41.87
N ALA DA 111 -79.97 -78.07 40.58
CA ALA DA 111 -81.01 -78.98 40.11
C ALA DA 111 -80.66 -80.43 40.44
N LYS DA 112 -79.40 -80.82 40.21
CA LYS DA 112 -78.97 -82.19 40.48
C LYS DA 112 -79.26 -82.61 41.92
N HIS DA 113 -78.86 -81.78 42.89
CA HIS DA 113 -79.09 -82.13 44.29
C HIS DA 113 -80.57 -82.04 44.64
N ALA DA 114 -81.28 -81.06 44.09
CA ALA DA 114 -82.71 -80.93 44.37
C ALA DA 114 -83.48 -82.11 43.81
N VAL DA 115 -83.07 -82.62 42.65
CA VAL DA 115 -83.75 -83.77 42.05
C VAL DA 115 -83.57 -85.01 42.93
N SER DA 116 -82.33 -85.24 43.40
CA SER DA 116 -82.07 -86.41 44.23
C SER DA 116 -82.76 -86.28 45.58
N GLU DA 117 -82.75 -85.09 46.17
CA GLU DA 117 -83.44 -84.88 47.44
C GLU DA 117 -84.95 -84.99 47.31
N GLY DA 118 -85.48 -84.83 46.10
CA GLY DA 118 -86.91 -84.96 45.88
C GLY DA 118 -87.34 -86.38 45.61
N THR DA 119 -86.62 -87.07 44.72
CA THR DA 119 -86.91 -88.48 44.45
C THR DA 119 -86.74 -89.32 45.70
N LYS DA 120 -85.76 -88.98 46.55
CA LYS DA 120 -85.57 -89.69 47.80
C LYS DA 120 -86.80 -89.55 48.70
N ALA DA 121 -87.43 -88.39 48.69
CA ALA DA 121 -88.61 -88.17 49.53
C ALA DA 121 -89.83 -88.88 48.98
N VAL DA 122 -89.98 -88.89 47.65
CA VAL DA 122 -91.13 -89.57 47.03
C VAL DA 122 -91.02 -91.07 47.22
N THR DA 123 -89.82 -91.63 47.03
CA THR DA 123 -89.62 -93.06 47.22
C THR DA 123 -90.02 -93.48 48.64
N LYS DA 124 -89.58 -92.72 49.63
CA LYS DA 124 -89.93 -93.03 51.02
C LYS DA 124 -91.43 -92.90 51.25
N TYR DA 125 -92.03 -91.80 50.79
CA TYR DA 125 -93.46 -91.58 51.00
C TYR DA 125 -94.31 -92.66 50.36
N THR DA 126 -93.90 -93.14 49.18
CA THR DA 126 -94.66 -94.20 48.51
C THR DA 126 -94.63 -95.49 49.31
N SER DA 127 -93.48 -95.84 49.88
CA SER DA 127 -93.38 -97.09 50.63
C SER DA 127 -94.08 -96.99 51.97
N ALA DA 128 -93.93 -95.85 52.65
CA ALA DA 128 -94.57 -95.65 53.95
C ALA DA 128 -95.84 -94.83 53.80
N PRO EA 42 -52.81 -27.34 56.66
CA PRO EA 42 -52.04 -28.36 57.37
C PRO EA 42 -51.78 -29.59 56.52
N HIS EA 43 -52.78 -30.47 56.40
CA HIS EA 43 -52.67 -31.70 55.64
C HIS EA 43 -53.76 -31.74 54.58
N ARG EA 44 -53.39 -32.23 53.39
CA ARG EA 44 -54.32 -32.29 52.26
C ARG EA 44 -54.04 -33.57 51.47
N TYR EA 45 -55.08 -34.38 51.28
CA TYR EA 45 -54.97 -35.56 50.45
C TYR EA 45 -55.07 -35.17 48.98
N ARG EA 46 -54.55 -36.04 48.12
CA ARG EA 46 -54.59 -35.77 46.69
C ARG EA 46 -55.95 -36.21 46.13
N PRO EA 47 -56.43 -35.53 45.10
CA PRO EA 47 -57.77 -35.82 44.56
C PRO EA 47 -57.88 -37.26 44.08
N GLY EA 48 -58.92 -37.95 44.57
CA GLY EA 48 -59.13 -39.36 44.34
C GLY EA 48 -58.95 -40.22 45.56
N THR EA 49 -58.20 -39.75 46.57
CA THR EA 49 -57.92 -40.57 47.74
C THR EA 49 -59.15 -40.77 48.61
N VAL EA 50 -59.84 -39.68 48.97
CA VAL EA 50 -61.03 -39.82 49.80
C VAL EA 50 -62.17 -40.46 49.02
N ALA EA 51 -62.26 -40.23 47.72
CA ALA EA 51 -63.31 -40.86 46.93
C ALA EA 51 -63.15 -42.38 46.95
N LEU EA 52 -61.92 -42.86 46.70
CA LEU EA 52 -61.65 -44.29 46.82
C LEU EA 52 -61.96 -44.77 48.23
N ARG EA 53 -61.61 -43.97 49.24
CA ARG EA 53 -61.93 -44.34 50.62
C ARG EA 53 -63.43 -44.46 50.81
N GLU EA 54 -64.20 -43.55 50.18
CA GLU EA 54 -65.65 -43.61 50.27
C GLU EA 54 -66.19 -44.80 49.50
N ILE EA 55 -65.52 -45.20 48.42
CA ILE EA 55 -65.95 -46.36 47.65
C ILE EA 55 -65.91 -47.61 48.53
N ARG EA 56 -64.80 -47.80 49.25
CA ARG EA 56 -64.67 -48.96 50.12
C ARG EA 56 -65.64 -48.91 51.29
N ARG EA 57 -65.90 -47.71 51.82
CA ARG EA 57 -66.79 -47.60 52.98
C ARG EA 57 -68.21 -48.01 52.64
N TYR EA 58 -68.77 -47.43 51.58
CA TYR EA 58 -70.17 -47.66 51.24
C TYR EA 58 -70.41 -48.99 50.53
N GLN EA 59 -69.34 -49.66 50.07
CA GLN EA 59 -69.51 -51.03 49.57
C GLN EA 59 -69.44 -52.05 50.69
N LYS EA 60 -69.11 -51.62 51.91
CA LYS EA 60 -69.14 -52.48 53.09
C LYS EA 60 -70.48 -52.49 53.79
N SER EA 61 -71.23 -51.38 53.72
CA SER EA 61 -72.47 -51.21 54.46
C SER EA 61 -73.70 -51.49 53.60
N THR EA 62 -74.87 -51.53 54.25
CA THR EA 62 -76.12 -51.79 53.58
C THR EA 62 -77.20 -50.74 53.84
N GLU EA 63 -76.92 -49.71 54.63
CA GLU EA 63 -77.93 -48.72 54.97
C GLU EA 63 -78.31 -47.87 53.75
N LEU EA 64 -79.51 -47.31 53.79
CA LEU EA 64 -79.94 -46.43 52.70
C LEU EA 64 -79.17 -45.11 52.74
N LEU EA 65 -78.85 -44.59 51.56
CA LEU EA 65 -77.99 -43.42 51.42
C LEU EA 65 -78.77 -42.13 51.15
N ILE EA 66 -80.03 -42.22 50.78
CA ILE EA 66 -80.87 -41.03 50.65
C ILE EA 66 -81.53 -40.79 51.98
N ARG EA 67 -81.55 -39.53 52.42
CA ARG EA 67 -82.19 -39.22 53.69
C ARG EA 67 -83.68 -39.53 53.58
N LYS EA 68 -84.22 -40.10 54.65
CA LYS EA 68 -85.55 -40.71 54.58
C LYS EA 68 -86.62 -39.66 54.28
N LEU EA 69 -86.58 -38.53 54.98
CA LEU EA 69 -87.62 -37.52 54.82
C LEU EA 69 -87.65 -36.91 53.43
N PRO EA 70 -86.53 -36.48 52.83
CA PRO EA 70 -86.62 -35.97 51.44
C PRO EA 70 -87.16 -36.99 50.45
N PHE EA 71 -86.79 -38.26 50.62
CA PHE EA 71 -87.30 -39.29 49.71
C PHE EA 71 -88.80 -39.47 49.85
N GLN EA 72 -89.30 -39.49 51.09
CA GLN EA 72 -90.73 -39.70 51.30
C GLN EA 72 -91.54 -38.54 50.74
N ARG EA 73 -91.06 -37.31 50.91
CA ARG EA 73 -91.73 -36.16 50.32
C ARG EA 73 -91.77 -36.26 48.80
N LEU EA 74 -90.72 -36.82 48.20
CA LEU EA 74 -90.72 -37.03 46.76
C LEU EA 74 -91.71 -38.11 46.35
N VAL EA 75 -91.84 -39.15 47.17
CA VAL EA 75 -92.78 -40.23 46.85
C VAL EA 75 -94.21 -39.71 46.93
N ARG EA 76 -94.54 -38.96 47.99
CA ARG EA 76 -95.90 -38.46 48.13
C ARG EA 76 -96.27 -37.47 47.03
N GLU EA 77 -95.31 -36.70 46.52
CA GLU EA 77 -95.60 -35.75 45.46
C GLU EA 77 -95.86 -36.45 44.13
N ILE EA 78 -95.02 -37.42 43.78
CA ILE EA 78 -95.20 -38.15 42.53
C ILE EA 78 -96.51 -38.92 42.54
N ALA EA 79 -96.83 -39.57 43.66
CA ALA EA 79 -98.09 -40.31 43.75
C ALA EA 79 -99.29 -39.37 43.74
N GLN EA 80 -99.14 -38.17 44.31
CA GLN EA 80 -100.24 -37.22 44.33
C GLN EA 80 -100.62 -36.75 42.93
N ASP EA 81 -99.65 -36.65 42.02
CA ASP EA 81 -99.93 -36.29 40.64
C ASP EA 81 -100.56 -37.46 39.87
N PHE EA 82 -100.64 -38.62 40.48
CA PHE EA 82 -101.40 -39.74 39.93
C PHE EA 82 -102.79 -39.85 40.53
N LYS EA 83 -102.89 -39.74 41.86
CA LYS EA 83 -104.18 -39.79 42.53
C LYS EA 83 -104.07 -39.00 43.82
N THR EA 84 -105.03 -38.11 44.04
CA THR EA 84 -105.02 -37.26 45.23
C THR EA 84 -105.49 -38.04 46.45
N ASP EA 85 -105.08 -37.55 47.62
CA ASP EA 85 -105.42 -38.14 48.91
C ASP EA 85 -105.08 -39.63 48.94
N LEU EA 86 -103.78 -39.88 49.01
CA LEU EA 86 -103.24 -41.23 49.12
C LEU EA 86 -102.42 -41.34 50.40
N ARG EA 87 -102.68 -42.37 51.19
CA ARG EA 87 -101.87 -42.67 52.35
C ARG EA 87 -100.90 -43.80 52.03
N PHE EA 88 -99.80 -43.84 52.76
CA PHE EA 88 -98.73 -44.80 52.51
C PHE EA 88 -98.39 -45.55 53.79
N GLN EA 89 -98.41 -46.88 53.72
CA GLN EA 89 -97.71 -47.67 54.71
C GLN EA 89 -96.24 -47.27 54.73
N SER EA 90 -95.69 -47.12 55.93
CA SER EA 90 -94.28 -46.73 56.05
C SER EA 90 -93.37 -47.76 55.39
N SER EA 91 -93.78 -49.03 55.38
CA SER EA 91 -92.99 -50.06 54.73
C SER EA 91 -93.07 -49.96 53.21
N ALA EA 92 -94.15 -49.40 52.68
CA ALA EA 92 -94.26 -49.18 51.24
C ALA EA 92 -93.24 -48.15 50.76
N VAL EA 93 -92.99 -47.11 51.57
CA VAL EA 93 -91.98 -46.13 51.21
C VAL EA 93 -90.59 -46.73 51.31
N MET EA 94 -90.35 -47.57 52.33
CA MET EA 94 -89.07 -48.24 52.47
C MET EA 94 -88.86 -49.23 51.34
N ALA EA 95 -89.93 -49.91 50.93
CA ALA EA 95 -89.83 -50.81 49.78
C ALA EA 95 -89.47 -50.04 48.52
N LEU EA 96 -90.07 -48.86 48.34
CA LEU EA 96 -89.73 -48.04 47.18
C LEU EA 96 -88.30 -47.51 47.28
N GLN EA 97 -87.84 -47.19 48.49
CA GLN EA 97 -86.49 -46.65 48.64
C GLN EA 97 -85.44 -47.74 48.51
N GLU EA 98 -85.72 -48.94 49.03
CA GLU EA 98 -84.81 -50.06 48.85
C GLU EA 98 -84.62 -50.35 47.36
N ALA EA 99 -85.71 -50.37 46.60
CA ALA EA 99 -85.62 -50.66 45.17
C ALA EA 99 -84.96 -49.52 44.40
N CYS EA 100 -85.29 -48.27 44.74
CA CYS EA 100 -84.73 -47.14 43.99
C CYS EA 100 -83.23 -47.05 44.15
N GLU EA 101 -82.74 -47.16 45.39
CA GLU EA 101 -81.31 -47.08 45.61
C GLU EA 101 -80.58 -48.25 44.95
N ALA EA 102 -81.18 -49.44 44.99
CA ALA EA 102 -80.57 -50.59 44.32
C ALA EA 102 -80.53 -50.39 42.81
N TYR EA 103 -81.58 -49.79 42.25
CA TYR EA 103 -81.60 -49.50 40.81
C TYR EA 103 -80.50 -48.52 40.43
N LEU EA 104 -80.35 -47.44 41.22
CA LEU EA 104 -79.36 -46.43 40.88
C LEU EA 104 -77.94 -46.92 41.15
N VAL EA 105 -77.75 -47.74 42.18
CA VAL EA 105 -76.44 -48.34 42.42
C VAL EA 105 -76.02 -49.20 41.24
N GLY EA 106 -76.90 -50.12 40.83
CA GLY EA 106 -76.60 -50.95 39.68
C GLY EA 106 -76.49 -50.15 38.40
N LEU EA 107 -77.24 -49.05 38.29
CA LEU EA 107 -77.14 -48.18 37.13
C LEU EA 107 -75.80 -47.44 37.11
N PHE EA 108 -75.36 -46.96 38.27
CA PHE EA 108 -74.04 -46.33 38.37
C PHE EA 108 -72.92 -47.31 38.08
N GLU EA 109 -73.15 -48.61 38.28
CA GLU EA 109 -72.15 -49.61 37.92
C GLU EA 109 -71.98 -49.69 36.42
N ASP EA 110 -73.09 -49.83 35.68
CA ASP EA 110 -73.03 -49.84 34.22
C ASP EA 110 -72.51 -48.51 33.70
N THR EA 111 -72.91 -47.40 34.33
CA THR EA 111 -72.42 -46.08 33.95
C THR EA 111 -70.91 -46.00 34.11
N ASN EA 112 -70.38 -46.59 35.18
CA ASN EA 112 -68.94 -46.53 35.42
C ASN EA 112 -68.17 -47.31 34.36
N LEU EA 113 -68.71 -48.46 33.93
CA LEU EA 113 -68.06 -49.24 32.88
C LEU EA 113 -68.06 -48.50 31.56
N CYS EA 114 -69.14 -47.76 31.26
CA CYS EA 114 -69.18 -46.97 30.04
C CYS EA 114 -68.13 -45.88 30.05
N ALA EA 115 -67.95 -45.20 31.19
CA ALA EA 115 -66.92 -44.18 31.28
C ALA EA 115 -65.53 -44.77 31.12
N ILE EA 116 -65.28 -45.91 31.77
CA ILE EA 116 -64.01 -46.60 31.64
C ILE EA 116 -63.79 -47.03 30.20
N HIS EA 117 -64.86 -47.44 29.53
CA HIS EA 117 -64.77 -47.86 28.14
C HIS EA 117 -64.33 -46.71 27.23
N ALA EA 118 -64.68 -45.48 27.58
CA ALA EA 118 -64.24 -44.30 26.85
C ALA EA 118 -62.92 -43.76 27.35
N LYS EA 119 -62.10 -44.60 27.98
CA LYS EA 119 -60.78 -44.22 28.48
C LYS EA 119 -60.87 -43.07 29.47
N ARG EA 120 -62.01 -42.95 30.14
CA ARG EA 120 -62.26 -41.89 31.09
C ARG EA 120 -62.47 -42.44 32.49
N VAL EA 121 -62.12 -41.63 33.48
CA VAL EA 121 -62.37 -41.97 34.88
C VAL EA 121 -63.65 -41.30 35.40
N THR EA 122 -64.08 -40.20 34.78
CA THR EA 122 -65.25 -39.46 35.22
C THR EA 122 -66.50 -39.96 34.49
N ILE EA 123 -67.58 -40.20 35.25
CA ILE EA 123 -68.86 -40.54 34.66
C ILE EA 123 -69.56 -39.26 34.19
N MET EA 124 -70.26 -39.36 33.07
CA MET EA 124 -70.93 -38.23 32.44
C MET EA 124 -72.33 -38.66 32.03
N PRO EA 125 -73.26 -37.70 31.86
CA PRO EA 125 -74.62 -38.07 31.47
C PRO EA 125 -74.70 -38.91 30.20
N LYS EA 126 -73.73 -38.79 29.29
CA LYS EA 126 -73.73 -39.64 28.12
C LYS EA 126 -73.46 -41.10 28.48
N ASP EA 127 -72.71 -41.33 29.56
CA ASP EA 127 -72.52 -42.69 30.06
C ASP EA 127 -73.83 -43.28 30.55
N ILE EA 128 -74.61 -42.49 31.29
CA ILE EA 128 -75.91 -42.95 31.77
C ILE EA 128 -76.82 -43.27 30.60
N GLN EA 129 -76.89 -42.38 29.62
CA GLN EA 129 -77.79 -42.56 28.49
C GLN EA 129 -77.39 -43.75 27.62
N LEU EA 130 -76.10 -44.04 27.52
CA LEU EA 130 -75.69 -45.25 26.81
C LEU EA 130 -76.16 -46.50 27.55
N ALA EA 131 -76.02 -46.52 28.87
CA ALA EA 131 -76.41 -47.69 29.65
C ALA EA 131 -77.92 -47.94 29.54
N ARG EA 132 -78.72 -46.90 29.72
CA ARG EA 132 -80.17 -47.09 29.67
C ARG EA 132 -80.63 -47.49 28.28
N ARG EA 133 -79.96 -46.98 27.24
CA ARG EA 133 -80.29 -47.37 25.87
C ARG EA 133 -80.04 -48.87 25.66
N ILE EA 134 -78.87 -49.35 26.09
CA ILE EA 134 -78.56 -50.77 25.94
C ILE EA 134 -79.48 -51.63 26.79
N ARG EA 135 -79.77 -51.17 28.01
CA ARG EA 135 -80.67 -51.90 28.90
C ARG EA 135 -82.05 -52.07 28.29
N GLY EA 136 -82.39 -51.30 27.27
CA GLY EA 136 -83.74 -51.27 26.75
C GLY EA 136 -84.66 -50.30 27.46
N GLU EA 137 -84.13 -49.49 28.38
CA GLU EA 137 -84.95 -48.51 29.08
C GLU EA 137 -85.16 -47.26 28.24
N ARG EA 138 -84.13 -46.80 27.53
CA ARG EA 138 -84.14 -45.51 26.84
C ARG EA 138 -84.46 -44.37 27.78
N VAL FA 25 -100.42 -27.33 48.42
CA VAL FA 25 -99.78 -27.68 47.16
C VAL FA 25 -98.40 -28.25 47.44
N LEU FA 26 -97.89 -29.04 46.49
CA LEU FA 26 -96.54 -29.61 46.56
C LEU FA 26 -95.89 -29.50 45.18
N ARG FA 27 -94.66 -28.98 45.15
CA ARG FA 27 -94.03 -28.56 43.90
C ARG FA 27 -92.52 -28.57 44.08
N ASP FA 28 -91.82 -29.05 43.06
CA ASP FA 28 -90.35 -29.15 43.03
C ASP FA 28 -89.73 -30.17 44.01
N ASN FA 29 -90.54 -31.07 44.54
CA ASN FA 29 -90.06 -32.05 45.52
C ASN FA 29 -88.83 -32.88 45.12
N ILE FA 30 -88.64 -32.95 43.76
CA ILE FA 30 -87.56 -33.80 43.26
C ILE FA 30 -86.22 -33.29 43.74
N GLN FA 31 -86.13 -31.98 44.02
CA GLN FA 31 -84.92 -31.39 44.57
C GLN FA 31 -84.62 -31.87 45.99
N GLY FA 32 -85.60 -32.47 46.67
CA GLY FA 32 -85.32 -33.06 47.97
C GLY FA 32 -84.24 -34.14 47.92
N ILE FA 33 -84.07 -34.78 46.77
CA ILE FA 33 -82.94 -35.67 46.56
C ILE FA 33 -81.72 -34.81 46.27
N THR FA 34 -80.95 -34.51 47.31
CA THR FA 34 -79.95 -33.46 47.23
C THR FA 34 -78.67 -33.96 46.54
N LYS FA 35 -77.78 -33.01 46.29
CA LYS FA 35 -76.47 -33.33 45.72
C LYS FA 35 -75.65 -34.29 46.58
N PRO FA 36 -75.48 -34.07 47.90
CA PRO FA 36 -74.73 -35.06 48.69
C PRO FA 36 -75.42 -36.40 48.80
N ALA FA 37 -76.75 -36.44 48.71
CA ALA FA 37 -77.44 -37.72 48.77
C ALA FA 37 -77.14 -38.55 47.54
N ILE FA 38 -77.24 -37.93 46.36
CA ILE FA 38 -76.82 -38.60 45.13
C ILE FA 38 -75.35 -38.97 45.20
N ARG FA 39 -74.55 -38.11 45.84
CA ARG FA 39 -73.12 -38.39 46.00
C ARG FA 39 -72.91 -39.67 46.80
N ARG FA 40 -73.64 -39.84 47.90
CA ARG FA 40 -73.48 -41.03 48.72
C ARG FA 40 -73.86 -42.28 47.94
N LEU FA 41 -74.93 -42.21 47.14
CA LEU FA 41 -75.32 -43.34 46.31
C LEU FA 41 -74.26 -43.67 45.28
N ALA FA 42 -73.63 -42.66 44.68
CA ALA FA 42 -72.57 -42.91 43.71
C ALA FA 42 -71.36 -43.55 44.37
N ARG FA 43 -71.07 -43.16 45.61
CA ARG FA 43 -69.94 -43.74 46.32
C ARG FA 43 -70.15 -45.23 46.56
N ARG FA 44 -71.35 -45.62 47.00
CA ARG FA 44 -71.66 -47.04 47.16
C ARG FA 44 -71.64 -47.79 45.84
N GLY FA 45 -71.92 -47.10 44.76
CA GLY FA 45 -71.74 -47.71 43.46
C GLY FA 45 -70.31 -47.75 42.99
N GLY FA 46 -69.38 -47.23 43.78
CA GLY FA 46 -67.98 -47.27 43.43
C GLY FA 46 -67.50 -46.11 42.59
N VAL FA 47 -68.23 -45.00 42.58
CA VAL FA 47 -67.89 -43.85 41.76
C VAL FA 47 -66.91 -42.97 42.51
N LYS FA 48 -65.82 -42.60 41.83
CA LYS FA 48 -64.78 -41.75 42.37
C LYS FA 48 -64.97 -40.29 41.99
N ARG FA 49 -65.25 -40.02 40.73
CA ARG FA 49 -65.36 -38.66 40.23
C ARG FA 49 -66.73 -38.47 39.60
N ILE FA 50 -67.38 -37.35 39.90
CA ILE FA 50 -68.75 -37.09 39.50
C ILE FA 50 -68.82 -35.76 38.77
N SER FA 51 -69.32 -35.78 37.54
CA SER FA 51 -69.57 -34.55 36.81
C SER FA 51 -70.69 -33.73 37.47
N GLY FA 52 -70.71 -32.44 37.16
CA GLY FA 52 -71.71 -31.56 37.74
C GLY FA 52 -73.10 -31.81 37.20
N LEU FA 53 -73.21 -32.31 35.98
CA LEU FA 53 -74.49 -32.53 35.33
C LEU FA 53 -75.15 -33.84 35.76
N ILE FA 54 -74.47 -34.66 36.55
CA ILE FA 54 -75.00 -35.97 36.94
C ILE FA 54 -76.25 -35.81 37.81
N TYR FA 55 -76.27 -34.80 38.66
CA TYR FA 55 -77.28 -34.73 39.72
C TYR FA 55 -78.68 -34.54 39.14
N GLU FA 56 -78.85 -33.58 38.23
CA GLU FA 56 -80.15 -33.42 37.59
C GLU FA 56 -80.48 -34.61 36.70
N GLU FA 57 -79.46 -35.24 36.10
CA GLU FA 57 -79.70 -36.44 35.30
C GLU FA 57 -80.19 -37.59 36.17
N THR FA 58 -79.58 -37.77 37.35
CA THR FA 58 -80.02 -38.83 38.25
C THR FA 58 -81.44 -38.58 38.74
N ARG FA 59 -81.81 -37.32 38.95
CA ARG FA 59 -83.17 -37.01 39.39
C ARG FA 59 -84.19 -37.39 38.33
N GLY FA 60 -83.89 -37.12 37.06
CA GLY FA 60 -84.78 -37.54 36.00
C GLY FA 60 -84.88 -39.05 35.90
N VAL FA 61 -83.75 -39.74 36.13
CA VAL FA 61 -83.76 -41.20 36.12
C VAL FA 61 -84.62 -41.74 37.26
N LEU FA 62 -84.37 -41.25 38.48
CA LEU FA 62 -85.12 -41.71 39.64
C LEU FA 62 -86.62 -41.43 39.48
N LYS FA 63 -86.95 -40.28 38.90
CA LYS FA 63 -88.37 -39.94 38.71
C LYS FA 63 -89.03 -40.90 37.73
N VAL FA 64 -88.35 -41.21 36.62
CA VAL FA 64 -88.86 -42.21 35.69
C VAL FA 64 -89.03 -43.55 36.38
N PHE FA 65 -88.06 -43.93 37.23
CA PHE FA 65 -88.16 -45.20 37.95
C PHE FA 65 -89.36 -45.19 38.89
N LEU FA 66 -89.49 -44.14 39.71
CA LEU FA 66 -90.61 -44.05 40.64
C LEU FA 66 -91.95 -44.01 39.93
N GLU FA 67 -92.02 -43.31 38.78
CA GLU FA 67 -93.27 -43.23 38.06
C GLU FA 67 -93.74 -44.61 37.59
N ASN FA 68 -92.82 -45.41 37.04
CA ASN FA 68 -93.20 -46.73 36.53
C ASN FA 68 -93.64 -47.66 37.64
N VAL FA 69 -92.97 -47.62 38.79
CA VAL FA 69 -93.31 -48.54 39.88
C VAL FA 69 -94.58 -48.09 40.59
N ILE FA 70 -94.67 -46.81 40.93
CA ILE FA 70 -95.85 -46.29 41.62
C ILE FA 70 -97.09 -46.46 40.76
N ARG FA 71 -96.95 -46.32 39.43
CA ARG FA 71 -98.08 -46.53 38.53
C ARG FA 71 -98.66 -47.93 38.69
N ASP FA 72 -97.81 -48.95 38.78
CA ASP FA 72 -98.30 -50.32 38.93
C ASP FA 72 -98.81 -50.57 40.34
N ALA FA 73 -98.16 -49.99 41.36
CA ALA FA 73 -98.62 -50.16 42.73
C ALA FA 73 -99.99 -49.55 42.95
N VAL FA 74 -100.25 -48.37 42.40
CA VAL FA 74 -101.56 -47.75 42.55
C VAL FA 74 -102.63 -48.55 41.81
N THR FA 75 -102.29 -49.06 40.62
CA THR FA 75 -103.25 -49.85 39.87
C THR FA 75 -103.65 -51.10 40.64
N TYR FA 76 -102.70 -51.73 41.33
CA TYR FA 76 -103.04 -52.83 42.22
C TYR FA 76 -103.92 -52.33 43.36
N THR FA 77 -103.54 -51.20 43.96
CA THR FA 77 -104.31 -50.64 45.07
C THR FA 77 -105.73 -50.31 44.66
N GLU FA 78 -105.91 -49.72 43.48
CA GLU FA 78 -107.26 -49.38 43.03
C GLU FA 78 -108.06 -50.65 42.78
N HIS FA 79 -107.42 -51.69 42.25
CA HIS FA 79 -108.11 -52.94 42.00
C HIS FA 79 -108.61 -53.58 43.29
N ALA FA 80 -107.87 -53.41 44.39
CA ALA FA 80 -108.29 -53.94 45.67
C ALA FA 80 -109.31 -53.05 46.37
N LYS FA 81 -109.73 -51.97 45.72
CA LYS FA 81 -110.72 -51.04 46.25
C LYS FA 81 -110.26 -50.48 47.60
N ARG FA 82 -109.01 -50.02 47.62
CA ARG FA 82 -108.41 -49.43 48.81
C ARG FA 82 -107.97 -48.01 48.53
N LYS FA 83 -107.87 -47.22 49.59
CA LYS FA 83 -107.33 -45.87 49.51
C LYS FA 83 -105.92 -45.77 50.09
N THR FA 84 -105.38 -46.85 50.62
CA THR FA 84 -104.03 -46.88 51.19
C THR FA 84 -103.17 -47.84 50.39
N VAL FA 85 -102.03 -47.37 49.93
CA VAL FA 85 -101.08 -48.21 49.20
C VAL FA 85 -100.31 -49.06 50.20
N THR FA 86 -100.44 -50.38 50.08
CA THR FA 86 -99.75 -51.30 50.97
C THR FA 86 -98.37 -51.65 50.43
N ALA FA 87 -97.52 -52.14 51.33
CA ALA FA 87 -96.20 -52.60 50.92
C ALA FA 87 -96.30 -53.76 49.93
N MET FA 88 -97.37 -54.56 50.03
CA MET FA 88 -97.55 -55.65 49.10
C MET FA 88 -97.83 -55.14 47.69
N ASP FA 89 -98.55 -54.03 47.57
CA ASP FA 89 -98.75 -53.41 46.27
C ASP FA 89 -97.42 -53.03 45.63
N VAL FA 90 -96.51 -52.44 46.42
CA VAL FA 90 -95.19 -52.10 45.89
C VAL FA 90 -94.41 -53.37 45.56
N VAL FA 91 -94.46 -54.37 46.45
CA VAL FA 91 -93.73 -55.61 46.22
C VAL FA 91 -94.22 -56.28 44.95
N TYR FA 92 -95.54 -56.33 44.76
CA TYR FA 92 -96.09 -56.89 43.53
C TYR FA 92 -95.67 -56.06 42.32
N ALA FA 93 -95.63 -54.74 42.47
CA ALA FA 93 -95.22 -53.88 41.37
C ALA FA 93 -93.76 -54.07 41.03
N LEU FA 94 -92.89 -54.16 42.05
CA LEU FA 94 -91.47 -54.36 41.80
C LEU FA 94 -91.22 -55.69 41.12
N LYS FA 95 -91.94 -56.74 41.51
CA LYS FA 95 -91.81 -58.03 40.83
C LYS FA 95 -92.32 -57.95 39.40
N ARG FA 96 -93.29 -57.08 39.13
CA ARG FA 96 -93.77 -56.89 37.76
C ARG FA 96 -92.66 -56.40 36.85
N GLN FA 97 -91.90 -55.40 37.28
CA GLN FA 97 -90.84 -54.81 36.47
C GLN FA 97 -89.59 -55.68 36.42
N GLY FA 98 -89.59 -56.84 37.06
CA GLY FA 98 -88.41 -57.66 37.17
C GLY FA 98 -87.38 -57.14 38.16
N ARG FA 99 -87.84 -56.51 39.24
CA ARG FA 99 -86.96 -56.03 40.30
C ARG FA 99 -87.51 -56.53 41.65
N THR FA 100 -87.58 -57.85 41.77
CA THR FA 100 -88.19 -58.47 42.94
C THR FA 100 -87.48 -58.03 44.20
N LEU FA 101 -88.26 -57.79 45.26
CA LEU FA 101 -87.73 -57.28 46.51
C LEU FA 101 -88.09 -58.24 47.64
N TYR FA 102 -87.09 -58.62 48.41
CA TYR FA 102 -87.24 -59.47 49.58
C TYR FA 102 -87.26 -58.61 50.83
N GLY FA 103 -88.04 -59.01 51.82
CA GLY FA 103 -88.02 -58.38 53.13
C GLY FA 103 -89.17 -57.46 53.47
N PHE FA 104 -90.21 -57.41 52.64
CA PHE FA 104 -91.39 -56.60 52.93
C PHE FA 104 -92.68 -57.37 52.68
N GLY FA 105 -92.60 -58.69 52.56
CA GLY FA 105 -93.77 -59.51 52.30
C GLY FA 105 -93.61 -60.30 51.02
N GLY FA 106 -94.62 -61.12 50.74
CA GLY FA 106 -94.63 -61.91 49.52
C GLY FA 106 -93.78 -63.17 49.62
N THR GA 20 -125.12 -65.18 18.34
CA THR GA 20 -123.76 -65.25 18.88
C THR GA 20 -123.46 -64.06 19.77
N ARG GA 21 -122.56 -64.25 20.74
CA ARG GA 21 -122.23 -63.15 21.65
C ARG GA 21 -121.35 -62.10 20.98
N SER GA 22 -120.70 -62.44 19.86
CA SER GA 22 -119.87 -61.45 19.17
C SER GA 22 -120.72 -60.36 18.51
N SER GA 23 -121.81 -60.77 17.86
CA SER GA 23 -122.69 -59.80 17.21
C SER GA 23 -123.38 -58.91 18.23
N ARG GA 24 -123.84 -59.51 19.34
CA ARG GA 24 -124.48 -58.71 20.38
C ARG GA 24 -123.54 -57.66 20.94
N ALA GA 25 -122.24 -57.95 20.98
CA ALA GA 25 -121.23 -56.98 21.39
C ALA GA 25 -120.66 -56.19 20.22
N GLY GA 26 -120.95 -56.59 18.98
CA GLY GA 26 -120.44 -55.89 17.82
C GLY GA 26 -118.98 -56.13 17.56
N LEU GA 27 -118.53 -57.37 17.68
CA LEU GA 27 -117.13 -57.73 17.54
C LEU GA 27 -116.94 -58.78 16.46
N GLN GA 28 -115.78 -58.74 15.79
CA GLN GA 28 -115.37 -59.82 14.92
C GLN GA 28 -114.72 -60.95 15.68
N PHE GA 29 -114.24 -60.69 16.88
CA PHE GA 29 -113.54 -61.70 17.65
C PHE GA 29 -114.54 -62.52 18.46
N PRO GA 30 -114.27 -63.81 18.64
CA PRO GA 30 -115.28 -64.70 19.23
C PRO GA 30 -115.34 -64.53 20.74
N VAL GA 31 -116.50 -64.06 21.23
CA VAL GA 31 -116.69 -63.94 22.67
C VAL GA 31 -116.83 -65.31 23.31
N GLY GA 32 -117.45 -66.25 22.60
CA GLY GA 32 -117.62 -67.59 23.15
C GLY GA 32 -116.30 -68.31 23.39
N ARG GA 33 -115.38 -68.22 22.43
CA ARG GA 33 -114.09 -68.87 22.60
C ARG GA 33 -113.29 -68.26 23.74
N VAL GA 34 -113.35 -66.93 23.88
CA VAL GA 34 -112.58 -66.26 24.93
C VAL GA 34 -113.10 -66.66 26.31
N HIS GA 35 -114.42 -66.72 26.48
CA HIS GA 35 -114.99 -67.14 27.75
C HIS GA 35 -114.57 -68.58 28.08
N ARG GA 36 -114.48 -69.44 27.06
CA ARG GA 36 -114.03 -70.81 27.26
C ARG GA 36 -112.60 -70.85 27.77
N LEU GA 37 -111.70 -70.14 27.09
CA LEU GA 37 -110.29 -70.16 27.47
C LEU GA 37 -110.05 -69.56 28.85
N LEU GA 38 -110.86 -68.59 29.25
CA LEU GA 38 -110.68 -67.97 30.57
C LEU GA 38 -110.99 -68.96 31.68
N ARG GA 39 -112.05 -69.76 31.51
CA ARG GA 39 -112.36 -70.78 32.51
C ARG GA 39 -111.44 -71.98 32.37
N LYS GA 40 -111.09 -72.36 31.14
CA LYS GA 40 -110.18 -73.46 30.90
C LYS GA 40 -108.76 -73.15 31.37
N GLY GA 41 -108.42 -71.87 31.55
CA GLY GA 41 -107.06 -71.48 31.83
C GLY GA 41 -106.69 -71.33 33.29
N ASN GA 42 -107.60 -71.65 34.21
CA ASN GA 42 -107.34 -71.58 35.65
C ASN GA 42 -106.82 -70.20 36.05
N TYR GA 43 -107.61 -69.17 35.72
CA TYR GA 43 -107.29 -67.82 36.14
C TYR GA 43 -108.03 -67.42 37.41
N SER GA 44 -109.25 -67.92 37.59
CA SER GA 44 -110.01 -67.75 38.82
C SER GA 44 -111.11 -68.80 38.85
N GLU GA 45 -111.77 -68.88 40.00
CA GLU GA 45 -112.95 -69.73 40.14
C GLU GA 45 -113.98 -69.43 39.06
N ARG GA 46 -114.47 -68.20 39.05
CA ARG GA 46 -115.57 -67.79 38.20
C ARG GA 46 -115.14 -66.66 37.26
N VAL GA 47 -115.75 -66.64 36.08
CA VAL GA 47 -115.50 -65.62 35.07
C VAL GA 47 -116.81 -64.89 34.80
N GLY GA 48 -116.80 -63.58 35.00
CA GLY GA 48 -117.98 -62.78 34.78
C GLY GA 48 -118.45 -62.79 33.34
N ALA GA 49 -119.69 -62.33 33.14
CA ALA GA 49 -120.26 -62.33 31.80
C ALA GA 49 -119.66 -61.23 30.93
N GLY GA 50 -119.23 -60.13 31.54
CA GLY GA 50 -118.65 -59.01 30.81
C GLY GA 50 -117.17 -59.16 30.53
N ALA GA 51 -116.49 -60.00 31.32
CA ALA GA 51 -115.05 -60.16 31.15
C ALA GA 51 -114.65 -60.68 29.77
N PRO GA 52 -115.25 -61.74 29.22
CA PRO GA 52 -114.84 -62.19 27.88
C PRO GA 52 -115.15 -61.19 26.79
N VAL GA 53 -116.26 -60.45 26.91
CA VAL GA 53 -116.59 -59.43 25.92
C VAL GA 53 -115.54 -58.32 25.95
N TYR GA 54 -115.24 -57.81 27.14
CA TYR GA 54 -114.20 -56.79 27.29
C TYR GA 54 -112.88 -57.26 26.69
N LEU GA 55 -112.46 -58.46 27.05
CA LEU GA 55 -111.16 -58.97 26.60
C LEU GA 55 -111.13 -59.19 25.10
N ALA GA 56 -112.22 -59.76 24.54
CA ALA GA 56 -112.26 -59.98 23.09
C ALA GA 56 -112.25 -58.67 22.31
N ALA GA 57 -112.80 -57.61 22.88
CA ALA GA 57 -112.76 -56.31 22.21
C ALA GA 57 -111.36 -55.70 22.26
N VAL GA 58 -110.67 -55.85 23.40
CA VAL GA 58 -109.30 -55.35 23.50
C VAL GA 58 -108.41 -56.09 22.51
N LEU GA 59 -108.55 -57.42 22.47
CA LEU GA 59 -107.78 -58.22 21.51
C LEU GA 59 -108.07 -57.78 20.08
N GLU GA 60 -109.34 -57.51 19.76
CA GLU GA 60 -109.69 -57.08 18.41
C GLU GA 60 -109.13 -55.70 18.10
N TYR GA 61 -109.12 -54.80 19.08
CA TYR GA 61 -108.59 -53.46 18.85
C TYR GA 61 -107.10 -53.51 18.54
N LEU GA 62 -106.32 -54.15 19.43
CA LEU GA 62 -104.88 -54.25 19.21
C LEU GA 62 -104.60 -54.93 17.88
N THR GA 63 -105.39 -55.94 17.53
CA THR GA 63 -105.27 -56.56 16.22
C THR GA 63 -105.44 -55.53 15.11
N ALA GA 64 -106.48 -54.70 15.22
CA ALA GA 64 -106.70 -53.67 14.22
C ALA GA 64 -105.57 -52.65 14.21
N GLU GA 65 -105.04 -52.30 15.39
CA GLU GA 65 -103.95 -51.32 15.46
C GLU GA 65 -102.71 -51.82 14.75
N ILE GA 66 -102.35 -53.09 14.95
CA ILE GA 66 -101.16 -53.64 14.30
C ILE GA 66 -101.41 -53.82 12.80
N LEU GA 67 -102.55 -54.40 12.45
CA LEU GA 67 -102.88 -54.60 11.04
C LEU GA 67 -102.96 -53.27 10.29
N GLU GA 68 -103.41 -52.21 10.97
CA GLU GA 68 -103.44 -50.89 10.36
C GLU GA 68 -102.04 -50.44 9.97
N LEU GA 69 -101.11 -50.46 10.94
CA LEU GA 69 -99.76 -49.97 10.68
C LEU GA 69 -98.96 -50.92 9.81
N ALA GA 70 -99.27 -52.22 9.85
CA ALA GA 70 -98.55 -53.17 9.02
C ALA GA 70 -99.03 -53.14 7.57
N GLY GA 71 -100.32 -52.93 7.37
CA GLY GA 71 -100.82 -52.72 6.02
C GLY GA 71 -100.28 -51.46 5.39
N ASN GA 72 -100.06 -50.43 6.20
CA ASN GA 72 -99.38 -49.22 5.71
C ASN GA 72 -97.95 -49.53 5.28
N ALA GA 73 -97.22 -50.29 6.11
CA ALA GA 73 -95.86 -50.67 5.76
C ALA GA 73 -95.82 -51.48 4.47
N ALA GA 74 -96.83 -52.35 4.26
CA ALA GA 74 -96.89 -53.12 3.03
C ALA GA 74 -97.08 -52.24 1.81
N ARG GA 75 -97.94 -51.22 1.92
CA ARG GA 75 -98.17 -50.32 0.80
C ARG GA 75 -96.95 -49.46 0.52
N ASP GA 76 -96.24 -49.04 1.58
CA ASP GA 76 -95.00 -48.29 1.39
C ASP GA 76 -93.96 -49.10 0.63
N ASN GA 77 -93.93 -50.41 0.83
CA ASN GA 77 -92.99 -51.29 0.15
C ASN GA 77 -93.57 -51.87 -1.13
N LYS GA 78 -94.67 -51.31 -1.64
CA LYS GA 78 -95.26 -51.68 -2.93
C LYS GA 78 -95.74 -53.13 -2.95
N LYS GA 79 -96.26 -53.60 -1.82
CA LYS GA 79 -96.85 -54.93 -1.73
C LYS GA 79 -98.33 -54.80 -1.40
N THR GA 80 -99.09 -55.84 -1.75
CA THR GA 80 -100.49 -55.93 -1.33
C THR GA 80 -100.70 -57.06 -0.34
N ARG GA 81 -99.63 -57.72 0.12
CA ARG GA 81 -99.78 -58.80 1.09
C ARG GA 81 -98.79 -58.61 2.23
N ILE GA 82 -99.26 -58.84 3.46
CA ILE GA 82 -98.46 -58.59 4.65
C ILE GA 82 -97.59 -59.81 4.92
N ILE GA 83 -96.28 -59.59 5.00
CA ILE GA 83 -95.30 -60.61 5.37
C ILE GA 83 -94.76 -60.23 6.75
N PRO GA 84 -94.00 -61.10 7.42
CA PRO GA 84 -93.54 -60.74 8.78
C PRO GA 84 -92.77 -59.43 8.87
N ARG GA 85 -92.02 -59.04 7.84
CA ARG GA 85 -91.25 -57.81 7.91
C ARG GA 85 -92.14 -56.59 8.07
N HIS GA 86 -93.30 -56.59 7.41
CA HIS GA 86 -94.23 -55.48 7.55
C HIS GA 86 -94.72 -55.36 8.99
N LEU GA 87 -94.92 -56.49 9.66
CA LEU GA 87 -95.27 -56.47 11.08
C LEU GA 87 -94.12 -55.91 11.92
N GLN GA 88 -92.88 -56.24 11.56
CA GLN GA 88 -91.74 -55.73 12.31
C GLN GA 88 -91.54 -54.24 12.09
N LEU GA 89 -91.67 -53.77 10.84
CA LEU GA 89 -91.57 -52.35 10.57
C LEU GA 89 -92.65 -51.56 11.31
N ALA GA 90 -93.87 -52.10 11.36
CA ALA GA 90 -94.96 -51.38 12.02
C ALA GA 90 -94.73 -51.26 13.52
N ILE GA 91 -94.32 -52.36 14.15
CA ILE GA 91 -94.17 -52.38 15.60
C ILE GA 91 -92.96 -51.57 16.04
N ARG GA 92 -91.81 -51.78 15.40
CA ARG GA 92 -90.59 -51.11 15.85
C ARG GA 92 -90.57 -49.63 15.48
N ASN GA 93 -91.43 -49.19 14.56
CA ASN GA 93 -91.56 -47.77 14.26
C ASN GA 93 -92.60 -47.07 15.13
N ASP GA 94 -93.56 -47.82 15.68
CA ASP GA 94 -94.53 -47.25 16.60
C ASP GA 94 -93.99 -47.35 18.02
N GLU GA 95 -93.94 -46.21 18.72
CA GLU GA 95 -93.31 -46.17 20.03
C GLU GA 95 -93.99 -47.10 21.02
N GLU GA 96 -95.32 -47.05 21.10
CA GLU GA 96 -96.04 -47.83 22.09
C GLU GA 96 -96.11 -49.31 21.75
N LEU GA 97 -96.30 -49.65 20.47
CA LEU GA 97 -96.27 -51.05 20.08
C LEU GA 97 -94.89 -51.64 20.33
N ASN GA 98 -93.83 -50.88 20.03
CA ASN GA 98 -92.48 -51.34 20.30
C ASN GA 98 -92.26 -51.55 21.79
N LYS GA 99 -92.91 -50.75 22.63
CA LYS GA 99 -92.82 -50.94 24.07
C LYS GA 99 -93.58 -52.19 24.50
N LEU GA 100 -94.75 -52.42 23.91
CA LEU GA 100 -95.55 -53.58 24.27
C LEU GA 100 -94.84 -54.87 23.90
N LEU GA 101 -94.11 -54.88 22.79
CA LEU GA 101 -93.37 -56.04 22.32
C LEU GA 101 -91.86 -55.85 22.50
N GLY GA 102 -91.46 -55.27 23.64
CA GLY GA 102 -90.06 -55.00 23.88
C GLY GA 102 -89.20 -56.23 24.06
N ARG GA 103 -89.74 -57.28 24.64
CA ARG GA 103 -89.03 -58.54 24.84
C ARG GA 103 -89.51 -59.61 23.85
N VAL GA 104 -89.89 -59.17 22.65
CA VAL GA 104 -90.45 -60.02 21.61
C VAL GA 104 -89.60 -59.91 20.35
N THR GA 105 -89.34 -61.06 19.72
CA THR GA 105 -88.63 -61.13 18.45
C THR GA 105 -89.61 -61.56 17.37
N ILE GA 106 -89.71 -60.76 16.32
CA ILE GA 106 -90.58 -61.07 15.19
C ILE GA 106 -89.78 -61.84 14.14
N ALA GA 107 -90.12 -63.13 13.97
CA ALA GA 107 -89.41 -63.99 13.04
C ALA GA 107 -89.52 -63.46 11.62
N GLN GA 108 -88.42 -63.51 10.90
CA GLN GA 108 -88.32 -63.00 9.53
C GLN GA 108 -88.75 -61.54 9.50
N GLY GA 109 -88.39 -60.81 10.54
CA GLY GA 109 -88.78 -59.43 10.70
C GLY GA 109 -87.62 -58.49 10.45
N GLY GA 110 -86.41 -58.95 10.77
CA GLY GA 110 -85.27 -58.09 10.59
C GLY GA 110 -85.23 -56.97 11.62
N VAL GA 111 -84.53 -55.90 11.25
CA VAL GA 111 -84.34 -54.73 12.09
C VAL GA 111 -84.68 -53.48 11.29
N LEU GA 112 -84.76 -52.36 11.99
CA LEU GA 112 -84.92 -51.07 11.34
C LEU GA 112 -83.59 -50.57 10.79
N PRO GA 113 -83.57 -50.05 9.56
CA PRO GA 113 -82.35 -49.42 9.03
C PRO GA 113 -81.91 -48.23 9.86
N ASN GA 114 -80.75 -48.34 10.51
CA ASN GA 114 -80.26 -47.27 11.38
C ASN GA 114 -78.74 -47.40 11.50
N ILE GA 115 -78.02 -46.53 10.79
CA ILE GA 115 -76.57 -46.46 10.89
C ILE GA 115 -76.21 -45.31 11.82
N GLN GA 116 -75.30 -45.59 12.76
CA GLN GA 116 -74.86 -44.55 13.67
C GLN GA 116 -74.09 -43.48 12.91
N ALA GA 117 -74.14 -42.25 13.42
CA ALA GA 117 -73.67 -41.10 12.66
C ALA GA 117 -72.15 -41.12 12.48
N VAL GA 118 -71.40 -41.42 13.54
CA VAL GA 118 -69.94 -41.36 13.48
C VAL GA 118 -69.36 -42.35 12.50
N LEU GA 119 -70.16 -43.33 12.06
CA LEU GA 119 -69.72 -44.31 11.08
C LEU GA 119 -69.81 -43.80 9.64
N LEU GA 120 -70.51 -42.69 9.40
CA LEU GA 120 -70.67 -42.12 8.08
C LEU GA 120 -69.41 -41.38 7.65
N PRO GA 121 -68.99 -41.51 6.39
CA PRO GA 121 -67.83 -40.75 5.91
C PRO GA 121 -68.12 -39.27 5.87
N LYS GA 122 -67.11 -38.47 6.17
CA LYS GA 122 -67.25 -37.03 6.21
C LYS GA 122 -66.52 -36.35 5.05
N LYS HA 34 -106.79 -90.16 8.20
CA LYS HA 34 -107.50 -89.55 9.32
C LYS HA 34 -107.21 -88.06 9.33
N ARG HA 35 -107.50 -87.39 10.44
CA ARG HA 35 -107.34 -85.95 10.49
C ARG HA 35 -107.14 -85.53 11.94
N SER HA 36 -106.52 -84.36 12.11
CA SER HA 36 -106.31 -83.79 13.43
C SER HA 36 -106.82 -82.37 13.45
N ARG HA 37 -107.30 -81.96 14.62
CA ARG HA 37 -107.99 -80.69 14.76
C ARG HA 37 -107.20 -79.84 15.74
N LYS HA 38 -106.73 -78.69 15.27
CA LYS HA 38 -105.99 -77.74 16.09
C LYS HA 38 -106.62 -76.37 15.88
N GLU HA 39 -106.97 -75.70 16.98
CA GLU HA 39 -107.63 -74.42 16.87
C GLU HA 39 -106.61 -73.30 16.69
N SER HA 40 -107.04 -72.24 16.03
CA SER HA 40 -106.23 -71.03 15.88
C SER HA 40 -107.17 -69.88 15.59
N TYR HA 41 -106.65 -68.66 15.81
CA TYR HA 41 -107.38 -67.43 15.53
C TYR HA 41 -107.31 -67.01 14.07
N SER HA 42 -107.02 -67.95 13.15
CA SER HA 42 -106.70 -67.58 11.78
C SER HA 42 -107.89 -66.93 11.07
N ILE HA 43 -109.11 -67.44 11.29
CA ILE HA 43 -110.26 -66.91 10.58
C ILE HA 43 -110.67 -65.54 11.12
N TYR HA 44 -110.43 -65.28 12.41
CA TYR HA 44 -110.80 -63.99 12.97
C TYR HA 44 -109.78 -62.91 12.62
N VAL HA 45 -108.50 -63.28 12.54
CA VAL HA 45 -107.49 -62.35 12.06
C VAL HA 45 -107.79 -61.94 10.62
N TYR HA 46 -108.24 -62.90 9.82
CA TYR HA 46 -108.66 -62.60 8.46
C TYR HA 46 -109.85 -61.63 8.45
N LYS HA 47 -110.87 -61.91 9.27
CA LYS HA 47 -112.04 -61.04 9.31
C LYS HA 47 -111.68 -59.61 9.72
N VAL HA 48 -110.75 -59.46 10.67
CA VAL HA 48 -110.32 -58.13 11.07
C VAL HA 48 -109.40 -57.51 10.01
N LEU HA 49 -108.57 -58.33 9.37
CA LEU HA 49 -107.73 -57.82 8.30
C LEU HA 49 -108.56 -57.23 7.17
N LYS HA 50 -109.72 -57.83 6.88
CA LYS HA 50 -110.59 -57.29 5.84
C LYS HA 50 -111.20 -55.96 6.26
N GLN HA 51 -111.38 -55.72 7.57
CA GLN HA 51 -111.87 -54.43 8.03
C GLN HA 51 -110.86 -53.32 7.79
N VAL HA 52 -109.61 -53.55 8.18
CA VAL HA 52 -108.62 -52.48 8.13
C VAL HA 52 -107.94 -52.39 6.76
N HIS HA 53 -107.83 -53.50 6.04
CA HIS HA 53 -107.19 -53.52 4.72
C HIS HA 53 -107.90 -54.54 3.85
N PRO HA 54 -109.00 -54.13 3.20
CA PRO HA 54 -109.79 -55.09 2.41
C PRO HA 54 -109.04 -55.69 1.23
N ASP HA 55 -108.07 -54.96 0.66
CA ASP HA 55 -107.40 -55.36 -0.56
C ASP HA 55 -106.02 -55.94 -0.29
N THR HA 56 -105.81 -56.55 0.87
CA THR HA 56 -104.52 -57.06 1.27
C THR HA 56 -104.66 -58.37 2.01
N GLY HA 57 -103.78 -59.33 1.69
CA GLY HA 57 -103.77 -60.64 2.31
C GLY HA 57 -102.61 -60.81 3.26
N ILE HA 58 -102.32 -62.07 3.59
CA ILE HA 58 -101.32 -62.39 4.60
C ILE HA 58 -100.75 -63.78 4.29
N SER HA 59 -99.47 -63.96 4.58
CA SER HA 59 -98.81 -65.25 4.42
C SER HA 59 -99.08 -66.15 5.62
N SER HA 60 -98.73 -67.43 5.48
CA SER HA 60 -98.93 -68.38 6.56
C SER HA 60 -97.99 -68.11 7.72
N LYS HA 61 -96.74 -67.76 7.43
CA LYS HA 61 -95.79 -67.42 8.49
C LYS HA 61 -96.31 -66.20 9.25
N ALA HA 62 -96.73 -65.18 8.51
CA ALA HA 62 -97.35 -64.02 9.13
C ALA HA 62 -98.64 -64.39 9.84
N MET HA 63 -99.36 -65.42 9.37
CA MET HA 63 -100.55 -65.83 10.12
C MET HA 63 -100.17 -66.46 11.45
N GLY HA 64 -99.07 -67.21 11.49
CA GLY HA 64 -98.64 -67.83 12.74
C GLY HA 64 -98.16 -66.81 13.75
N ILE HA 65 -97.63 -65.69 13.28
CA ILE HA 65 -97.17 -64.63 14.18
C ILE HA 65 -98.36 -63.93 14.82
N MET HA 66 -99.41 -63.63 14.04
CA MET HA 66 -100.62 -63.07 14.62
C MET HA 66 -101.21 -64.04 15.64
N ASN HA 67 -101.18 -65.34 15.34
CA ASN HA 67 -101.61 -66.34 16.31
C ASN HA 67 -100.70 -66.32 17.52
N SER HA 68 -99.39 -66.20 17.28
CA SER HA 68 -98.43 -66.04 18.37
C SER HA 68 -98.71 -64.79 19.20
N PHE HA 69 -99.05 -63.69 18.52
CA PHE HA 69 -99.32 -62.43 19.23
C PHE HA 69 -100.57 -62.54 20.12
N VAL HA 70 -101.66 -63.08 19.57
CA VAL HA 70 -102.93 -63.13 20.30
C VAL HA 70 -102.81 -64.02 21.53
N ASN HA 71 -102.25 -65.23 21.38
CA ASN HA 71 -102.10 -66.12 22.54
C ASN HA 71 -101.24 -65.48 23.62
N ASP HA 72 -100.12 -64.86 23.25
CA ASP HA 72 -99.22 -64.26 24.22
C ASP HA 72 -99.91 -63.15 25.00
N ILE HA 73 -100.60 -62.25 24.28
CA ILE HA 73 -101.32 -61.16 24.96
C ILE HA 73 -102.48 -61.71 25.77
N PHE HA 74 -103.12 -62.78 25.31
CA PHE HA 74 -104.14 -63.45 26.10
C PHE HA 74 -103.59 -63.88 27.46
N GLU HA 75 -102.46 -64.61 27.44
CA GLU HA 75 -101.88 -65.10 28.69
C GLU HA 75 -101.50 -63.95 29.61
N ARG HA 76 -100.97 -62.85 29.07
CA ARG HA 76 -100.46 -61.78 29.91
C ARG HA 76 -101.58 -61.02 30.62
N ILE HA 77 -102.67 -60.72 29.91
CA ILE HA 77 -103.80 -60.05 30.54
C ILE HA 77 -104.49 -60.99 31.52
N ALA HA 78 -104.75 -62.23 31.08
CA ALA HA 78 -105.44 -63.19 31.94
C ALA HA 78 -104.59 -63.52 33.17
N GLY HA 79 -103.28 -63.65 32.99
CA GLY HA 79 -102.41 -63.89 34.13
C GLY HA 79 -102.39 -62.71 35.09
N GLU HA 80 -102.36 -61.49 34.55
CA GLU HA 80 -102.42 -60.29 35.39
C GLU HA 80 -103.77 -60.22 36.12
N ALA HA 81 -104.86 -60.54 35.42
CA ALA HA 81 -106.18 -60.55 36.05
C ALA HA 81 -106.29 -61.64 37.11
N SER HA 82 -105.60 -62.77 36.91
CA SER HA 82 -105.62 -63.82 37.92
C SER HA 82 -104.98 -63.35 39.22
N ARG HA 83 -103.86 -62.62 39.11
CA ARG HA 83 -103.20 -62.10 40.30
C ARG HA 83 -104.01 -61.00 40.96
N LEU HA 84 -104.67 -60.16 40.15
CA LEU HA 84 -105.53 -59.11 40.72
C LEU HA 84 -106.61 -59.70 41.62
N ALA HA 85 -107.25 -60.79 41.18
CA ALA HA 85 -108.29 -61.41 41.99
C ALA HA 85 -107.72 -61.99 43.27
N HIS HA 86 -106.57 -62.67 43.17
CA HIS HA 86 -105.95 -63.24 44.37
C HIS HA 86 -105.50 -62.15 45.35
N TYR HA 87 -104.97 -61.04 44.82
CA TYR HA 87 -104.51 -59.96 45.69
C TYR HA 87 -105.65 -59.38 46.51
N ASN HA 88 -106.84 -59.28 45.92
CA ASN HA 88 -108.01 -58.71 46.60
C ASN HA 88 -108.92 -59.79 47.18
N LYS HA 89 -108.45 -61.03 47.23
CA LYS HA 89 -109.18 -62.13 47.86
C LYS HA 89 -110.55 -62.33 47.22
N ARG HA 90 -110.58 -62.31 45.89
CA ARG HA 90 -111.80 -62.53 45.13
C ARG HA 90 -111.68 -63.80 44.31
N SER HA 91 -112.78 -64.53 44.20
CA SER HA 91 -112.82 -65.77 43.44
C SER HA 91 -113.21 -65.55 41.99
N THR HA 92 -113.51 -64.32 41.58
CA THR HA 92 -114.08 -64.04 40.27
C THR HA 92 -113.19 -63.05 39.51
N ILE HA 93 -113.00 -63.33 38.23
CA ILE HA 93 -112.39 -62.40 37.28
C ILE HA 93 -113.51 -61.81 36.43
N THR HA 94 -113.88 -60.57 36.74
CA THR HA 94 -114.91 -59.85 36.00
C THR HA 94 -114.23 -58.89 35.03
N SER HA 95 -115.04 -58.18 34.25
CA SER HA 95 -114.50 -57.22 33.29
C SER HA 95 -113.65 -56.16 33.97
N ARG HA 96 -113.95 -55.85 35.24
CA ARG HA 96 -113.14 -54.89 35.98
C ARG HA 96 -111.73 -55.40 36.19
N GLU HA 97 -111.58 -56.73 36.33
CA GLU HA 97 -110.25 -57.31 36.42
C GLU HA 97 -109.53 -57.25 35.09
N ILE HA 98 -110.24 -57.53 33.98
CA ILE HA 98 -109.65 -57.39 32.66
C ILE HA 98 -109.29 -55.94 32.38
N GLN HA 99 -110.12 -55.00 32.84
CA GLN HA 99 -109.87 -53.58 32.62
C GLN HA 99 -108.59 -53.14 33.32
N THR HA 100 -108.46 -53.48 34.59
CA THR HA 100 -107.26 -53.12 35.35
C THR HA 100 -106.03 -53.82 34.79
N ALA HA 101 -106.18 -55.08 34.37
CA ALA HA 101 -105.06 -55.81 33.78
C ALA HA 101 -104.58 -55.13 32.50
N VAL HA 102 -105.51 -54.59 31.71
CA VAL HA 102 -105.13 -53.88 30.49
C VAL HA 102 -104.33 -52.62 30.83
N ARG HA 103 -104.69 -51.94 31.92
CA ARG HA 103 -104.01 -50.70 32.28
C ARG HA 103 -102.63 -50.95 32.86
N LEU HA 104 -102.42 -52.09 33.54
CA LEU HA 104 -101.08 -52.43 34.00
C LEU HA 104 -100.21 -52.88 32.83
N LEU HA 105 -100.77 -53.66 31.90
CA LEU HA 105 -99.98 -54.23 30.82
C LEU HA 105 -99.70 -53.19 29.74
N LEU HA 106 -100.75 -52.70 29.09
CA LEU HA 106 -100.58 -51.91 27.88
C LEU HA 106 -99.99 -50.53 28.19
N PRO HA 107 -99.25 -49.94 27.24
CA PRO HA 107 -98.70 -48.59 27.45
C PRO HA 107 -99.67 -47.48 27.06
N GLY HA 108 -99.78 -46.47 27.93
CA GLY HA 108 -100.54 -45.24 27.71
C GLY HA 108 -101.62 -45.20 26.64
N GLU HA 109 -101.28 -44.71 25.45
CA GLU HA 109 -102.29 -44.53 24.39
C GLU HA 109 -102.86 -45.86 23.94
N LEU HA 110 -102.05 -46.91 23.93
CA LEU HA 110 -102.55 -48.24 23.57
C LEU HA 110 -103.61 -48.71 24.56
N ALA HA 111 -103.46 -48.34 25.83
CA ALA HA 111 -104.42 -48.78 26.84
C ALA HA 111 -105.70 -47.95 26.81
N LYS HA 112 -105.59 -46.66 26.50
CA LYS HA 112 -106.77 -45.80 26.48
C LYS HA 112 -107.77 -46.26 25.42
N HIS HA 113 -107.29 -46.54 24.20
CA HIS HA 113 -108.18 -47.05 23.17
C HIS HA 113 -108.70 -48.44 23.54
N ALA HA 114 -107.87 -49.25 24.18
CA ALA HA 114 -108.27 -50.61 24.53
C ALA HA 114 -109.38 -50.61 25.57
N VAL HA 115 -109.29 -49.73 26.57
CA VAL HA 115 -110.35 -49.61 27.55
C VAL HA 115 -111.65 -49.16 26.88
N SER HA 116 -111.54 -48.32 25.85
CA SER HA 116 -112.73 -47.88 25.12
C SER HA 116 -113.42 -49.04 24.42
N GLU HA 117 -112.67 -49.76 23.57
CA GLU HA 117 -113.25 -50.89 22.84
C GLU HA 117 -113.79 -51.96 23.78
N GLY HA 118 -113.17 -52.14 24.95
CA GLY HA 118 -113.65 -53.15 25.89
C GLY HA 118 -114.95 -52.74 26.55
N THR HA 119 -115.01 -51.52 27.09
CA THR HA 119 -116.23 -51.02 27.69
C THR HA 119 -117.34 -50.87 26.64
N LYS HA 120 -116.98 -50.53 25.41
CA LYS HA 120 -117.97 -50.39 24.36
C LYS HA 120 -118.65 -51.72 24.06
N ALA HA 121 -117.86 -52.78 23.90
CA ALA HA 121 -118.43 -54.08 23.58
C ALA HA 121 -119.23 -54.65 24.73
N VAL HA 122 -118.80 -54.40 25.97
CA VAL HA 122 -119.54 -54.90 27.13
C VAL HA 122 -120.90 -54.22 27.21
N THR HA 123 -120.95 -52.91 26.93
CA THR HA 123 -122.22 -52.19 26.93
C THR HA 123 -123.15 -52.72 25.85
N LYS HA 124 -122.65 -52.84 24.62
CA LYS HA 124 -123.47 -53.35 23.53
C LYS HA 124 -123.91 -54.78 23.77
N TYR HA 125 -123.12 -55.54 24.54
CA TYR HA 125 -123.47 -56.94 24.82
C TYR HA 125 -124.61 -57.04 25.82
N THR HA 126 -124.49 -56.36 26.96
CA THR HA 126 -125.56 -56.41 27.96
C THR HA 126 -126.82 -55.72 27.47
N SER HA 127 -126.71 -54.79 26.52
CA SER HA 127 -127.87 -54.15 25.91
C SER HA 127 -128.43 -54.96 24.74
N ALA HA 128 -128.07 -56.24 24.64
CA ALA HA 128 -128.68 -57.14 23.67
C ALA HA 128 -128.98 -58.50 24.31
N LYS HA 129 -129.06 -58.54 25.64
CA LYS HA 129 -129.21 -59.75 26.45
C LYS HA 129 -130.00 -60.89 25.80
N PRO IA 42 52.26 61.89 16.06
CA PRO IA 42 51.79 62.48 17.32
C PRO IA 42 50.64 63.46 17.12
N HIS IA 43 50.94 64.66 16.63
CA HIS IA 43 49.94 65.70 16.44
C HIS IA 43 50.00 66.19 14.99
N ARG IA 44 48.84 66.47 14.43
CA ARG IA 44 48.75 66.87 13.02
C ARG IA 44 47.64 67.88 12.85
N TYR IA 45 47.95 69.02 12.23
CA TYR IA 45 46.93 70.03 11.96
C TYR IA 45 46.18 69.69 10.68
N ARG IA 46 44.88 69.98 10.68
CA ARG IA 46 44.10 69.73 9.47
C ARG IA 46 44.52 70.70 8.38
N PRO IA 47 44.54 70.27 7.13
CA PRO IA 47 45.02 71.14 6.05
C PRO IA 47 44.18 72.39 5.91
N GLY IA 48 44.87 73.54 5.81
CA GLY IA 48 44.27 74.84 5.87
C GLY IA 48 44.56 75.57 7.16
N THR IA 49 44.89 74.85 8.24
CA THR IA 49 45.14 75.50 9.52
C THR IA 49 46.46 76.26 9.52
N VAL IA 50 47.54 75.62 9.07
CA VAL IA 50 48.82 76.29 9.01
C VAL IA 50 48.86 77.32 7.89
N ALA IA 51 48.08 77.11 6.83
CA ALA IA 51 48.03 78.09 5.76
C ALA IA 51 47.42 79.39 6.24
N LEU IA 52 46.31 79.30 6.97
CA LEU IA 52 45.72 80.48 7.60
C LEU IA 52 46.68 81.11 8.59
N ARG IA 53 47.44 80.30 9.32
CA ARG IA 53 48.40 80.82 10.28
C ARG IA 53 49.51 81.59 9.57
N GLU IA 54 49.90 81.13 8.38
CA GLU IA 54 50.92 81.84 7.62
C GLU IA 54 50.38 83.12 7.00
N ILE IA 55 49.09 83.14 6.64
CA ILE IA 55 48.50 84.36 6.09
C ILE IA 55 48.57 85.49 7.12
N ARG IA 56 48.14 85.20 8.36
CA ARG IA 56 48.20 86.21 9.41
C ARG IA 56 49.63 86.63 9.70
N ARG IA 57 50.57 85.68 9.64
CA ARG IA 57 51.95 86.00 9.96
C ARG IA 57 52.55 86.95 8.94
N TYR IA 58 52.42 86.62 7.65
CA TYR IA 58 53.05 87.41 6.60
C TYR IA 58 52.29 88.69 6.27
N GLN IA 59 51.04 88.82 6.72
CA GLN IA 59 50.34 90.09 6.63
C GLN IA 59 50.63 91.00 7.81
N LYS IA 60 51.33 90.51 8.83
CA LYS IA 60 51.77 91.34 9.95
C LYS IA 60 53.12 91.99 9.71
N SER IA 61 54.01 91.33 8.99
CA SER IA 61 55.39 91.79 8.81
C SER IA 61 55.54 92.53 7.49
N THR IA 62 56.72 93.13 7.32
CA THR IA 62 57.02 93.91 6.12
C THR IA 62 58.30 93.48 5.43
N GLU IA 63 58.99 92.47 5.93
CA GLU IA 63 60.25 92.02 5.35
C GLU IA 63 60.01 91.39 3.98
N LEU IA 64 61.08 91.39 3.17
CA LEU IA 64 61.01 90.76 1.86
C LEU IA 64 60.99 89.24 2.00
N LEU IA 65 60.23 88.58 1.13
CA LEU IA 65 59.99 87.15 1.25
C LEU IA 65 60.85 86.31 0.31
N ILE IA 66 61.48 86.93 -0.67
CA ILE IA 66 62.41 86.23 -1.56
C ILE IA 66 63.81 86.39 -0.99
N ARG IA 67 64.58 85.29 -0.99
CA ARG IA 67 65.94 85.35 -0.48
C ARG IA 67 66.79 86.27 -1.34
N LYS IA 68 67.65 87.06 -0.67
CA LYS IA 68 68.31 88.18 -1.33
C LYS IA 68 69.26 87.70 -2.42
N LEU IA 69 70.06 86.67 -2.12
CA LEU IA 69 71.05 86.21 -3.11
C LEU IA 69 70.41 85.63 -4.36
N PRO IA 70 69.41 84.74 -4.28
CA PRO IA 70 68.78 84.27 -5.53
C PRO IA 70 68.15 85.37 -6.36
N PHE IA 71 67.54 86.37 -5.72
CA PHE IA 71 66.92 87.46 -6.48
C PHE IA 71 67.97 88.29 -7.22
N GLN IA 72 69.11 88.55 -6.56
CA GLN IA 72 70.15 89.37 -7.17
C GLN IA 72 70.76 88.69 -8.38
N ARG IA 73 70.98 87.37 -8.30
CA ARG IA 73 71.49 86.63 -9.45
C ARG IA 73 70.51 86.66 -10.62
N LEU IA 74 69.21 86.66 -10.33
CA LEU IA 74 68.22 86.76 -11.40
C LEU IA 74 68.23 88.15 -12.03
N VAL IA 75 68.42 89.19 -11.22
CA VAL IA 75 68.48 90.55 -11.76
C VAL IA 75 69.71 90.71 -12.63
N ARG IA 76 70.86 90.22 -12.17
CA ARG IA 76 72.09 90.36 -12.94
C ARG IA 76 72.01 89.59 -14.26
N GLU IA 77 71.31 88.46 -14.28
CA GLU IA 77 71.21 87.68 -15.50
C GLU IA 77 70.26 88.34 -16.50
N ILE IA 78 69.09 88.81 -16.03
CA ILE IA 78 68.15 89.47 -16.92
C ILE IA 78 68.77 90.74 -17.49
N ALA IA 79 69.43 91.53 -16.65
CA ALA IA 79 70.10 92.73 -17.14
C ALA IA 79 71.26 92.41 -18.06
N GLN IA 80 71.96 91.30 -17.80
CA GLN IA 80 73.08 90.91 -18.65
C GLN IA 80 72.62 90.58 -20.06
N ASP IA 81 71.40 90.06 -20.21
CA ASP IA 81 70.83 89.80 -21.53
C ASP IA 81 70.33 91.07 -22.20
N PHE IA 82 70.37 92.20 -21.52
CA PHE IA 82 70.11 93.51 -22.12
C PHE IA 82 71.41 94.25 -22.47
N LYS IA 83 72.38 94.27 -21.55
CA LYS IA 83 73.66 94.91 -21.78
C LYS IA 83 74.72 94.24 -20.92
N THR IA 84 75.86 93.93 -21.52
CA THR IA 84 76.92 93.23 -20.82
C THR IA 84 77.73 94.19 -19.96
N ASP IA 85 78.40 93.63 -18.95
CA ASP IA 85 79.23 94.37 -18.01
C ASP IA 85 78.47 95.55 -17.40
N LEU IA 86 77.49 95.20 -16.56
CA LEU IA 86 76.71 96.17 -15.83
C LEU IA 86 76.92 95.96 -14.34
N ARG IA 87 77.12 97.06 -13.62
CA ARG IA 87 77.20 97.03 -12.17
C ARG IA 87 75.92 97.60 -11.56
N PHE IA 88 75.62 97.16 -10.34
CA PHE IA 88 74.39 97.54 -9.66
C PHE IA 88 74.70 98.10 -8.28
N GLN IA 89 74.17 99.29 -8.00
CA GLN IA 89 74.05 99.73 -6.61
C GLN IA 89 73.22 98.72 -5.83
N SER IA 90 73.68 98.39 -4.62
CA SER IA 90 72.94 97.44 -3.79
C SER IA 90 71.52 97.93 -3.54
N SER IA 91 71.33 99.26 -3.44
CA SER IA 91 69.98 99.79 -3.25
C SER IA 91 69.13 99.66 -4.50
N ALA IA 92 69.76 99.62 -5.68
CA ALA IA 92 69.02 99.41 -6.91
C ALA IA 92 68.42 98.01 -6.96
N VAL IA 93 69.13 97.02 -6.43
CA VAL IA 93 68.58 95.67 -6.36
C VAL IA 93 67.47 95.62 -5.32
N MET IA 94 67.64 96.33 -4.20
CA MET IA 94 66.61 96.37 -3.18
C MET IA 94 65.37 97.10 -3.69
N ALA IA 95 65.55 98.13 -4.51
CA ALA IA 95 64.41 98.83 -5.09
C ALA IA 95 63.66 97.92 -6.06
N LEU IA 96 64.38 97.12 -6.85
CA LEU IA 96 63.74 96.18 -7.74
C LEU IA 96 63.02 95.07 -6.98
N GLN IA 97 63.56 94.66 -5.83
CA GLN IA 97 62.93 93.58 -5.08
C GLN IA 97 61.71 94.06 -4.32
N GLU IA 98 61.78 95.28 -3.77
CA GLU IA 98 60.63 95.86 -3.11
C GLU IA 98 59.45 95.98 -4.07
N ALA IA 99 59.70 96.47 -5.29
CA ALA IA 99 58.62 96.64 -6.25
C ALA IA 99 58.10 95.31 -6.78
N CYS IA 100 58.98 94.35 -7.04
CA CYS IA 100 58.53 93.07 -7.58
C CYS IA 100 57.67 92.31 -6.60
N GLU IA 101 58.10 92.24 -5.34
CA GLU IA 101 57.31 91.52 -4.34
C GLU IA 101 55.97 92.20 -4.11
N ALA IA 102 55.95 93.54 -4.11
CA ALA IA 102 54.69 94.26 -3.99
C ALA IA 102 53.79 94.00 -5.18
N TYR IA 103 54.36 93.93 -6.38
CA TYR IA 103 53.57 93.63 -7.57
C TYR IA 103 52.95 92.24 -7.47
N LEU IA 104 53.73 91.27 -7.00
CA LEU IA 104 53.24 89.90 -6.92
C LEU IA 104 52.24 89.73 -5.78
N VAL IA 105 52.46 90.44 -4.67
CA VAL IA 105 51.50 90.42 -3.57
C VAL IA 105 50.16 90.95 -4.04
N GLY IA 106 50.17 92.14 -4.66
CA GLY IA 106 48.95 92.70 -5.18
C GLY IA 106 48.37 91.88 -6.31
N LEU IA 107 49.22 91.21 -7.09
CA LEU IA 107 48.73 90.32 -8.15
C LEU IA 107 48.10 89.07 -7.55
N PHE IA 108 48.69 88.52 -6.49
CA PHE IA 108 48.09 87.38 -5.82
C PHE IA 108 46.78 87.76 -5.16
N GLU IA 109 46.62 89.03 -4.79
CA GLU IA 109 45.33 89.50 -4.26
C GLU IA 109 44.25 89.42 -5.33
N ASP IA 110 44.52 89.96 -6.51
CA ASP IA 110 43.57 89.86 -7.61
C ASP IA 110 43.39 88.41 -8.03
N THR IA 111 44.48 87.64 -8.01
CA THR IA 111 44.39 86.21 -8.35
C THR IA 111 43.48 85.46 -7.38
N ASN IA 112 43.56 85.80 -6.08
CA ASN IA 112 42.73 85.12 -5.09
C ASN IA 112 41.26 85.43 -5.29
N LEU IA 113 40.93 86.68 -5.63
CA LEU IA 113 39.54 87.04 -5.86
C LEU IA 113 38.97 86.32 -7.09
N CYS IA 114 39.80 86.11 -8.12
CA CYS IA 114 39.35 85.38 -9.29
C CYS IA 114 39.03 83.92 -8.94
N ALA IA 115 39.87 83.30 -8.10
CA ALA IA 115 39.60 81.93 -7.68
C ALA IA 115 38.33 81.84 -6.84
N ILE IA 116 38.15 82.79 -5.92
CA ILE IA 116 36.94 82.80 -5.10
C ILE IA 116 35.72 83.06 -5.98
N HIS IA 117 35.88 83.90 -7.00
CA HIS IA 117 34.79 84.17 -7.92
C HIS IA 117 34.32 82.91 -8.62
N ALA IA 118 35.25 81.97 -8.85
CA ALA IA 118 34.97 80.66 -9.42
C ALA IA 118 34.53 79.64 -8.39
N LYS IA 119 33.99 80.09 -7.26
CA LYS IA 119 33.56 79.20 -6.17
C LYS IA 119 34.69 78.27 -5.76
N ARG IA 120 35.93 78.71 -5.97
CA ARG IA 120 37.11 77.91 -5.67
C ARG IA 120 37.93 78.57 -4.58
N VAL IA 121 38.64 77.73 -3.83
CA VAL IA 121 39.60 78.20 -2.83
C VAL IA 121 41.03 78.18 -3.38
N THR IA 122 41.30 77.33 -4.38
CA THR IA 122 42.63 77.18 -4.94
C THR IA 122 42.83 78.17 -6.09
N ILE IA 123 43.95 78.90 -6.05
CA ILE IA 123 44.32 79.73 -7.19
C ILE IA 123 44.95 78.84 -8.25
N MET IA 124 44.67 79.14 -9.50
CA MET IA 124 45.13 78.39 -10.66
C MET IA 124 45.69 79.35 -11.68
N PRO IA 125 46.56 78.87 -12.58
CA PRO IA 125 47.14 79.77 -13.58
C PRO IA 125 46.10 80.55 -14.36
N LYS IA 126 44.89 80.02 -14.49
CA LYS IA 126 43.80 80.76 -15.13
C LYS IA 126 43.38 81.95 -14.29
N ASP IA 127 43.51 81.86 -12.96
CA ASP IA 127 43.21 83.02 -12.11
C ASP IA 127 44.19 84.15 -12.36
N ILE IA 128 45.48 83.84 -12.51
CA ILE IA 128 46.48 84.86 -12.79
C ILE IA 128 46.23 85.49 -14.16
N GLN IA 129 46.00 84.66 -15.18
CA GLN IA 129 45.85 85.17 -16.54
C GLN IA 129 44.60 86.02 -16.68
N LEU IA 130 43.56 85.71 -15.91
CA LEU IA 130 42.38 86.56 -15.90
C LEU IA 130 42.68 87.93 -15.28
N ALA IA 131 43.47 87.95 -14.20
CA ALA IA 131 43.81 89.21 -13.55
C ALA IA 131 44.65 90.10 -14.47
N ARG IA 132 45.72 89.54 -15.04
CA ARG IA 132 46.60 90.33 -15.89
C ARG IA 132 45.86 90.81 -17.15
N ARG IA 133 44.92 90.02 -17.65
CA ARG IA 133 44.12 90.45 -18.79
C ARG IA 133 43.29 91.67 -18.45
N ILE IA 134 42.56 91.62 -17.33
CA ILE IA 134 41.73 92.75 -16.91
C ILE IA 134 42.60 93.96 -16.57
N ARG IA 135 43.75 93.72 -15.94
CA ARG IA 135 44.68 94.81 -15.61
C ARG IA 135 45.19 95.53 -16.85
N GLY IA 136 45.08 94.91 -18.03
CA GLY IA 136 45.69 95.45 -19.23
C GLY IA 136 47.13 95.04 -19.45
N GLU IA 137 47.66 94.12 -18.64
CA GLU IA 137 49.01 93.64 -18.82
C GLU IA 137 49.09 92.57 -19.89
N ARG IA 138 48.10 91.67 -19.93
CA ARG IA 138 48.14 90.48 -20.77
C ARG IA 138 49.38 89.63 -20.51
N VAL JA 25 79.51 82.24 -16.52
CA VAL JA 25 78.20 82.12 -17.15
C VAL JA 25 77.13 82.06 -16.05
N LEU JA 26 75.90 82.42 -16.43
CA LEU JA 26 74.75 82.35 -15.54
C LEU JA 26 73.55 81.80 -16.31
N ARG JA 27 72.89 80.80 -15.73
CA ARG JA 27 71.93 79.99 -16.48
C ARG JA 27 70.94 79.36 -15.48
N ASP JA 28 69.66 79.34 -15.85
CA ASP JA 28 68.55 78.80 -15.06
C ASP JA 28 68.22 79.60 -13.79
N ASN JA 29 68.70 80.81 -13.65
CA ASN JA 29 68.50 81.51 -12.37
C ASN JA 29 67.09 81.71 -11.91
N ILE JA 30 66.14 81.57 -12.84
CA ILE JA 30 64.73 81.78 -12.51
C ILE JA 30 64.27 80.77 -11.47
N GLN JA 31 64.89 79.60 -11.46
CA GLN JA 31 64.59 78.59 -10.44
C GLN JA 31 65.00 79.02 -9.04
N GLY JA 32 65.84 80.05 -8.92
CA GLY JA 32 66.13 80.61 -7.62
C GLY JA 32 64.90 81.13 -6.91
N ILE JA 33 63.86 81.50 -7.67
CA ILE JA 33 62.55 81.79 -7.10
C ILE JA 33 61.89 80.45 -6.84
N THR JA 34 62.00 79.97 -5.61
CA THR JA 34 61.69 78.58 -5.29
C THR JA 34 60.20 78.40 -5.03
N LYS JA 35 59.81 77.13 -4.90
CA LYS JA 35 58.42 76.81 -4.59
C LYS JA 35 57.96 77.38 -3.24
N PRO JA 36 58.72 77.25 -2.14
CA PRO JA 36 58.25 77.85 -0.88
C PRO JA 36 58.22 79.37 -0.92
N ALA JA 37 59.10 80.01 -1.70
CA ALA JA 37 59.06 81.46 -1.81
C ALA JA 37 57.77 81.92 -2.49
N ILE JA 38 57.43 81.29 -3.61
CA ILE JA 38 56.16 81.58 -4.28
C ILE JA 38 54.99 81.29 -3.34
N ARG JA 39 55.11 80.25 -2.53
CA ARG JA 39 54.06 79.91 -1.56
C ARG JA 39 53.84 81.04 -0.57
N ARG JA 40 54.92 81.59 -0.02
CA ARG JA 40 54.79 82.68 0.95
C ARG JA 40 54.12 83.90 0.33
N LEU JA 41 54.49 84.24 -0.91
CA LEU JA 41 53.84 85.35 -1.59
C LEU JA 41 52.36 85.09 -1.78
N ALA JA 42 51.98 83.86 -2.10
CA ALA JA 42 50.57 83.50 -2.22
C ALA JA 42 49.86 83.61 -0.88
N ARG JA 43 50.55 83.25 0.21
CA ARG JA 43 49.96 83.36 1.53
C ARG JA 43 49.64 84.81 1.87
N ARG JA 44 50.61 85.70 1.65
CA ARG JA 44 50.36 87.13 1.87
C ARG JA 44 49.26 87.65 0.96
N GLY JA 45 49.11 87.05 -0.22
CA GLY JA 45 47.99 87.34 -1.09
C GLY JA 45 46.69 86.70 -0.68
N GLY JA 46 46.68 85.92 0.39
CA GLY JA 46 45.47 85.30 0.87
C GLY JA 46 45.15 83.97 0.24
N VAL JA 47 46.12 83.30 -0.35
CA VAL JA 47 45.88 82.04 -1.04
C VAL JA 47 46.00 80.88 -0.07
N LYS JA 48 45.00 80.00 -0.07
CA LYS JA 48 44.97 78.84 0.82
C LYS JA 48 45.56 77.61 0.14
N ARG JA 49 45.11 77.31 -1.08
CA ARG JA 49 45.51 76.11 -1.80
C ARG JA 49 46.13 76.51 -3.14
N ILE JA 50 47.23 75.83 -3.49
CA ILE JA 50 48.03 76.18 -4.66
C ILE JA 50 48.19 74.93 -5.52
N SER JA 51 47.80 75.05 -6.79
CA SER JA 51 48.02 73.97 -7.75
C SER JA 51 49.51 73.76 -8.01
N GLY JA 52 49.84 72.59 -8.54
CA GLY JA 52 51.23 72.28 -8.81
C GLY JA 52 51.81 73.07 -9.96
N LEU JA 53 50.97 73.45 -10.93
CA LEU JA 53 51.44 74.16 -12.12
C LEU JA 53 51.63 75.66 -11.87
N ILE JA 54 51.27 76.16 -10.69
CA ILE JA 54 51.36 77.59 -10.42
C ILE JA 54 52.81 78.07 -10.45
N TYR JA 55 53.73 77.24 -9.96
CA TYR JA 55 55.08 77.72 -9.68
C TYR JA 55 55.83 78.08 -10.96
N GLU JA 56 55.80 77.21 -11.97
CA GLU JA 56 56.42 77.56 -13.24
C GLU JA 56 55.67 78.69 -13.95
N GLU JA 57 54.35 78.74 -13.79
CA GLU JA 57 53.59 79.85 -14.36
C GLU JA 57 53.98 81.18 -13.72
N THR JA 58 54.16 81.18 -12.39
CA THR JA 58 54.54 82.40 -11.68
C THR JA 58 55.93 82.86 -12.10
N ARG JA 59 56.85 81.93 -12.37
CA ARG JA 59 58.19 82.30 -12.81
C ARG JA 59 58.15 83.00 -14.17
N GLY JA 60 57.30 82.53 -15.07
CA GLY JA 60 57.15 83.21 -16.35
C GLY JA 60 56.58 84.61 -16.19
N VAL JA 61 55.64 84.78 -15.27
CA VAL JA 61 55.04 86.10 -15.04
C VAL JA 61 56.08 87.07 -14.47
N LEU JA 62 56.79 86.65 -13.42
CA LEU JA 62 57.79 87.51 -12.80
C LEU JA 62 58.87 87.90 -13.80
N LYS JA 63 59.25 86.97 -14.68
CA LYS JA 63 60.28 87.27 -15.67
C LYS JA 63 59.80 88.32 -16.67
N VAL JA 64 58.55 88.18 -17.15
CA VAL JA 64 57.97 89.21 -18.01
C VAL JA 64 57.93 90.55 -17.28
N PHE JA 65 57.56 90.53 -16.00
CA PHE JA 65 57.53 91.76 -15.22
C PHE JA 65 58.93 92.36 -15.11
N LEU JA 66 59.91 91.53 -14.73
CA LEU JA 66 61.28 92.01 -14.60
C LEU JA 66 61.84 92.48 -15.93
N GLU JA 67 61.51 91.78 -17.02
CA GLU JA 67 62.00 92.19 -18.33
C GLU JA 67 61.49 93.58 -18.70
N ASN JA 68 60.19 93.83 -18.52
CA ASN JA 68 59.61 95.10 -18.89
C ASN JA 68 60.19 96.25 -18.06
N VAL JA 69 60.41 96.02 -16.77
CA VAL JA 69 60.89 97.08 -15.90
C VAL JA 69 62.38 97.31 -16.10
N ILE JA 70 63.17 96.24 -16.11
CA ILE JA 70 64.61 96.36 -16.26
C ILE JA 70 64.95 96.96 -17.62
N ARG JA 71 64.16 96.65 -18.65
CA ARG JA 71 64.37 97.25 -19.97
C ARG JA 71 64.31 98.76 -19.91
N ASP JA 72 63.31 99.31 -19.21
CA ASP JA 72 63.18 100.75 -19.11
C ASP JA 72 64.26 101.34 -18.19
N ALA JA 73 64.58 100.64 -17.11
CA ALA JA 73 65.62 101.12 -16.19
C ALA JA 73 66.97 101.22 -16.90
N VAL JA 74 67.31 100.22 -17.72
CA VAL JA 74 68.56 100.28 -18.48
C VAL JA 74 68.49 101.41 -19.50
N THR JA 75 67.34 101.59 -20.14
CA THR JA 75 67.17 102.68 -21.10
C THR JA 75 67.43 104.03 -20.43
N TYR JA 76 66.94 104.21 -19.21
CA TYR JA 76 67.30 105.39 -18.43
C TYR JA 76 68.79 105.40 -18.12
N THR JA 77 69.32 104.26 -17.67
CA THR JA 77 70.73 104.19 -17.29
C THR JA 77 71.64 104.49 -18.47
N GLU JA 78 71.31 103.98 -19.67
CA GLU JA 78 72.15 104.25 -20.83
C GLU JA 78 72.09 105.72 -21.21
N HIS JA 79 70.92 106.34 -21.10
CA HIS JA 79 70.78 107.75 -21.43
C HIS JA 79 71.61 108.64 -20.52
N ALA JA 80 71.84 108.22 -19.28
CA ALA JA 80 72.65 108.98 -18.35
C ALA JA 80 74.14 108.73 -18.53
N LYS JA 81 74.52 107.93 -19.53
CA LYS JA 81 75.93 107.60 -19.79
C LYS JA 81 76.57 106.99 -18.56
N ARG JA 82 75.88 106.04 -17.95
CA ARG JA 82 76.35 105.35 -16.76
C ARG JA 82 76.46 103.85 -17.04
N LYS JA 83 77.32 103.20 -16.27
CA LYS JA 83 77.43 101.75 -16.28
C LYS JA 83 76.80 101.12 -15.05
N THR JA 84 76.25 101.92 -14.15
CA THR JA 84 75.61 101.44 -12.93
C THR JA 84 74.14 101.85 -12.93
N VAL JA 85 73.26 100.87 -12.75
CA VAL JA 85 71.83 101.15 -12.68
C VAL JA 85 71.51 101.67 -11.28
N THR JA 86 71.03 102.90 -11.22
CA THR JA 86 70.69 103.50 -9.93
C THR JA 86 69.26 103.17 -9.55
N ALA JA 87 68.95 103.34 -8.26
CA ALA JA 87 67.59 103.13 -7.79
C ALA JA 87 66.63 104.13 -8.43
N MET JA 88 67.12 105.31 -8.80
CA MET JA 88 66.27 106.28 -9.48
C MET JA 88 65.88 105.81 -10.87
N ASP JA 89 66.78 105.08 -11.55
CA ASP JA 89 66.42 104.48 -12.82
C ASP JA 89 65.24 103.52 -12.67
N VAL JA 90 65.26 102.71 -11.62
CA VAL JA 90 64.16 101.77 -11.38
C VAL JA 90 62.89 102.52 -10.99
N VAL JA 91 63.01 103.52 -10.12
CA VAL JA 91 61.84 104.28 -9.68
C VAL JA 91 61.18 104.97 -10.86
N TYR JA 92 61.98 105.60 -11.73
CA TYR JA 92 61.43 106.22 -12.93
C TYR JA 92 60.77 105.20 -13.84
N ALA JA 93 61.35 104.00 -13.93
CA ALA JA 93 60.77 102.95 -14.77
C ALA JA 93 59.46 102.44 -14.19
N LEU JA 94 59.42 102.23 -12.87
CA LEU JA 94 58.19 101.77 -12.23
C LEU JA 94 57.06 102.79 -12.41
N LYS JA 95 57.40 104.08 -12.34
CA LYS JA 95 56.40 105.11 -12.60
C LYS JA 95 56.00 105.12 -14.06
N ARG JA 96 56.92 104.74 -14.95
CA ARG JA 96 56.58 104.64 -16.37
C ARG JA 96 55.47 103.63 -16.60
N GLN JA 97 55.60 102.44 -15.99
CA GLN JA 97 54.61 101.39 -16.17
C GLN JA 97 53.34 101.61 -15.35
N GLY JA 98 53.26 102.71 -14.60
CA GLY JA 98 52.14 102.92 -13.72
C GLY JA 98 52.17 102.09 -12.45
N ARG JA 99 53.37 101.79 -11.93
CA ARG JA 99 53.54 101.04 -10.68
C ARG JA 99 54.48 101.82 -9.76
N THR JA 100 54.08 103.05 -9.42
CA THR JA 100 54.92 103.95 -8.65
C THR JA 100 55.32 103.34 -7.31
N LEU JA 101 56.56 103.63 -6.89
CA LEU JA 101 57.16 103.09 -5.69
C LEU JA 101 57.66 104.21 -4.79
N TYR JA 102 57.24 104.19 -3.53
CA TYR JA 102 57.72 105.14 -2.53
C TYR JA 102 58.82 104.48 -1.72
N GLY JA 103 59.75 105.31 -1.25
CA GLY JA 103 60.77 104.89 -0.32
C GLY JA 103 62.12 104.61 -0.90
N PHE JA 104 62.35 104.94 -2.18
CA PHE JA 104 63.66 104.77 -2.79
C PHE JA 104 64.10 106.00 -3.58
N GLY JA 105 63.45 107.13 -3.37
CA GLY JA 105 63.78 108.36 -4.08
C GLY JA 105 62.61 108.88 -4.89
N GLY JA 106 62.84 110.01 -5.55
CA GLY JA 106 61.84 110.62 -6.39
C GLY JA 106 60.85 111.49 -5.65
N THR KA 20 63.31 125.28 -46.30
CA THR KA 20 62.61 124.76 -45.13
C THR KA 20 63.41 123.67 -44.45
N ARG KA 21 63.22 123.52 -43.14
CA ARG KA 21 63.95 122.50 -42.39
C ARG KA 21 63.44 121.09 -42.68
N SER KA 22 62.21 120.95 -43.19
CA SER KA 22 61.68 119.63 -43.52
C SER KA 22 62.41 119.01 -44.70
N SER KA 23 62.65 119.80 -45.75
CA SER KA 23 63.34 119.28 -46.93
C SER KA 23 64.79 118.92 -46.60
N ARG KA 24 65.47 119.76 -45.83
CA ARG KA 24 66.84 119.47 -45.43
C ARG KA 24 66.92 118.17 -44.65
N ALA KA 25 65.88 117.84 -43.88
CA ALA KA 25 65.81 116.57 -43.18
C ALA KA 25 65.10 115.48 -43.97
N GLY KA 26 64.44 115.84 -45.07
CA GLY KA 26 63.73 114.84 -45.87
C GLY KA 26 62.45 114.35 -45.26
N LEU KA 27 61.63 115.25 -44.73
CA LEU KA 27 60.41 114.89 -44.03
C LEU KA 27 59.21 115.61 -44.66
N GLN KA 28 58.05 114.96 -44.56
CA GLN KA 28 56.80 115.62 -44.93
C GLN KA 28 56.22 116.43 -43.79
N PHE KA 29 56.61 116.13 -42.55
CA PHE KA 29 56.10 116.80 -41.36
C PHE KA 29 56.89 118.08 -41.07
N PRO KA 30 56.24 119.11 -40.54
CA PRO KA 30 56.89 120.43 -40.40
C PRO KA 30 57.83 120.46 -39.20
N VAL KA 31 59.12 120.67 -39.48
CA VAL KA 31 60.10 120.79 -38.41
C VAL KA 31 59.96 122.13 -37.70
N GLY KA 32 59.64 123.18 -38.45
CA GLY KA 32 59.49 124.50 -37.84
C GLY KA 32 58.35 124.55 -36.85
N ARG KA 33 57.21 123.95 -37.20
CA ARG KA 33 56.07 123.93 -36.28
C ARG KA 33 56.40 123.15 -35.02
N VAL KA 34 57.11 122.03 -35.16
CA VAL KA 34 57.45 121.21 -34.00
C VAL KA 34 58.43 121.95 -33.09
N HIS KA 35 59.40 122.65 -33.68
CA HIS KA 35 60.33 123.45 -32.87
C HIS KA 35 59.58 124.55 -32.14
N ARG KA 36 58.56 125.12 -32.78
CA ARG KA 36 57.74 126.15 -32.14
C ARG KA 36 56.99 125.58 -30.94
N LEU KA 37 56.32 124.44 -31.14
CA LEU KA 37 55.49 123.87 -30.08
C LEU KA 37 56.34 123.38 -28.90
N LEU KA 38 57.58 122.95 -29.16
CA LEU KA 38 58.43 122.47 -28.08
C LEU KA 38 58.83 123.60 -27.14
N ARG KA 39 59.11 124.78 -27.68
CA ARG KA 39 59.42 125.92 -26.84
C ARG KA 39 58.16 126.54 -26.26
N LYS KA 40 57.06 126.53 -27.02
CA LYS KA 40 55.80 127.07 -26.54
C LYS KA 40 55.17 126.20 -25.45
N GLY KA 41 55.55 124.93 -25.37
CA GLY KA 41 54.90 124.00 -24.47
C GLY KA 41 55.52 123.86 -23.09
N ASN KA 42 56.51 124.68 -22.75
CA ASN KA 42 57.17 124.64 -21.45
C ASN KA 42 57.65 123.22 -21.11
N TYR KA 43 58.50 122.70 -21.99
CA TYR KA 43 59.12 121.40 -21.74
C TYR KA 43 60.52 121.52 -21.18
N SER KA 44 61.26 122.56 -21.57
CA SER KA 44 62.56 122.86 -20.99
C SER KA 44 62.90 124.31 -21.32
N GLU KA 45 63.97 124.80 -20.68
CA GLU KA 45 64.49 126.13 -21.00
C GLU KA 45 64.79 126.25 -22.49
N ARG KA 46 65.67 125.39 -22.98
CA ARG KA 46 66.19 125.47 -24.34
C ARG KA 46 65.87 124.19 -25.09
N VAL KA 47 65.68 124.31 -26.41
CA VAL KA 47 65.40 123.19 -27.29
C VAL KA 47 66.49 123.12 -28.35
N GLY KA 48 67.19 122.00 -28.42
CA GLY KA 48 68.26 121.83 -29.38
C GLY KA 48 67.75 121.86 -30.82
N ALA KA 49 68.71 122.00 -31.74
CA ALA KA 49 68.37 122.08 -33.15
C ALA KA 49 67.95 120.73 -33.72
N GLY KA 50 68.47 119.63 -33.16
CA GLY KA 50 68.14 118.31 -33.66
C GLY KA 50 66.87 117.72 -33.09
N ALA KA 51 66.44 118.23 -31.93
CA ALA KA 51 65.25 117.70 -31.27
C ALA KA 51 63.99 117.81 -32.13
N PRO KA 52 63.66 118.96 -32.74
CA PRO KA 52 62.44 119.00 -33.58
C PRO KA 52 62.53 118.10 -34.79
N VAL KA 53 63.71 117.95 -35.37
CA VAL KA 53 63.88 117.05 -36.51
C VAL KA 53 63.60 115.62 -36.10
N TYR KA 54 64.24 115.17 -35.01
CA TYR KA 54 64.02 113.82 -34.50
C TYR KA 54 62.55 113.57 -34.20
N LEU KA 55 61.92 114.50 -33.47
CA LEU KA 55 60.53 114.30 -33.07
C LEU KA 55 59.58 114.30 -34.27
N ALA KA 56 59.78 115.23 -35.21
CA ALA KA 56 58.93 115.26 -36.40
C ALA KA 56 59.11 114.01 -37.25
N ALA KA 57 60.29 113.40 -37.22
CA ALA KA 57 60.49 112.15 -37.97
C ALA KA 57 59.77 110.99 -37.29
N VAL KA 58 59.83 110.94 -35.96
CA VAL KA 58 59.11 109.90 -35.22
C VAL KA 58 57.61 110.05 -35.45
N LEU KA 59 57.11 111.28 -35.35
CA LEU KA 59 55.70 111.54 -35.62
C LEU KA 59 55.32 111.12 -37.04
N GLU KA 60 56.17 111.42 -38.02
CA GLU KA 60 55.87 111.05 -39.39
C GLU KA 60 55.92 109.54 -39.59
N TYR KA 61 56.85 108.85 -38.92
CA TYR KA 61 56.93 107.40 -39.07
C TYR KA 61 55.69 106.71 -38.53
N LEU KA 62 55.33 107.01 -37.27
CA LEU KA 62 54.14 106.41 -36.68
C LEU KA 62 52.91 106.72 -37.51
N THR KA 63 52.83 107.93 -38.06
CA THR KA 63 51.75 108.27 -38.97
C THR KA 63 51.71 107.32 -40.16
N ALA KA 64 52.87 107.07 -40.77
CA ALA KA 64 52.93 106.16 -41.91
C ALA KA 64 52.55 104.74 -41.51
N GLU KA 65 52.96 104.32 -40.31
CA GLU KA 65 52.65 102.96 -39.86
C GLU KA 65 51.15 102.76 -39.70
N ILE KA 66 50.46 103.73 -39.11
CA ILE KA 66 49.02 103.61 -38.91
C ILE KA 66 48.29 103.70 -40.25
N LEU KA 67 48.67 104.69 -41.08
CA LEU KA 67 48.02 104.83 -42.38
C LEU KA 67 48.26 103.62 -43.26
N GLU KA 68 49.43 102.98 -43.12
CA GLU KA 68 49.72 101.76 -43.87
C GLU KA 68 48.71 100.67 -43.52
N LEU KA 69 48.57 100.38 -42.23
CA LEU KA 69 47.68 99.31 -41.79
C LEU KA 69 46.20 99.70 -41.92
N ALA KA 70 45.89 101.00 -41.84
CA ALA KA 70 44.50 101.42 -41.99
C ALA KA 70 44.06 101.46 -43.44
N GLY KA 71 44.97 101.80 -44.36
CA GLY KA 71 44.64 101.70 -45.77
C GLY KA 71 44.48 100.27 -46.22
N ASN KA 72 45.23 99.34 -45.61
CA ASN KA 72 45.02 97.93 -45.86
C ASN KA 72 43.62 97.50 -45.41
N ALA KA 73 43.22 97.93 -44.21
CA ALA KA 73 41.89 97.61 -43.71
C ALA KA 73 40.81 98.18 -44.62
N ALA KA 74 41.04 99.37 -45.17
CA ALA KA 74 40.08 99.96 -46.09
C ALA KA 74 39.95 99.13 -47.37
N ARG KA 75 41.07 98.62 -47.88
CA ARG KA 75 41.01 97.79 -49.08
C ARG KA 75 40.38 96.43 -48.79
N ASP KA 76 40.64 95.88 -47.60
CA ASP KA 76 39.99 94.63 -47.23
C ASP KA 76 38.48 94.77 -47.15
N ASN KA 77 37.99 95.95 -46.75
CA ASN KA 77 36.56 96.22 -46.66
C ASN KA 77 36.00 96.84 -47.94
N LYS KA 78 36.75 96.76 -49.05
CA LYS KA 78 36.28 97.21 -50.36
C LYS KA 78 35.99 98.71 -50.38
N LYS KA 79 36.74 99.48 -49.60
CA LYS KA 79 36.66 100.93 -49.63
C LYS KA 79 37.94 101.51 -50.20
N THR KA 80 37.83 102.74 -50.71
CA THR KA 80 38.98 103.53 -51.12
C THR KA 80 39.14 104.78 -50.28
N ARG KA 81 38.41 104.91 -49.18
CA ARG KA 81 38.55 106.05 -48.28
C ARG KA 81 38.58 105.54 -46.84
N ILE KA 82 39.51 106.08 -46.04
CA ILE KA 82 39.72 105.59 -44.69
C ILE KA 82 38.72 106.28 -43.76
N ILE KA 83 37.94 105.47 -43.05
CA ILE KA 83 36.99 105.94 -42.04
C ILE KA 83 37.52 105.52 -40.68
N PRO KA 84 36.96 106.05 -39.57
CA PRO KA 84 37.49 105.68 -38.24
C PRO KA 84 37.55 104.19 -37.97
N ARG KA 85 36.61 103.41 -38.51
CA ARG KA 85 36.62 101.97 -38.28
C ARG KA 85 37.90 101.33 -38.82
N HIS KA 86 38.39 101.81 -39.97
CA HIS KA 86 39.63 101.29 -40.52
C HIS KA 86 40.82 101.59 -39.61
N LEU KA 87 40.82 102.75 -38.97
CA LEU KA 87 41.87 103.06 -38.00
C LEU KA 87 41.77 102.13 -36.79
N GLN KA 88 40.56 101.80 -36.36
CA GLN KA 88 40.37 100.92 -35.22
C GLN KA 88 40.80 99.49 -35.53
N LEU KA 89 40.38 98.99 -36.70
CA LEU KA 89 40.80 97.64 -37.11
C LEU KA 89 42.31 97.52 -37.20
N ALA KA 90 42.98 98.56 -37.73
CA ALA KA 90 44.42 98.50 -37.88
C ALA KA 90 45.12 98.45 -36.52
N ILE KA 91 44.70 99.33 -35.61
CA ILE KA 91 45.36 99.45 -34.32
C ILE KA 91 45.08 98.21 -33.45
N ARG KA 92 43.81 97.80 -33.35
CA ARG KA 92 43.48 96.70 -32.46
C ARG KA 92 43.93 95.35 -32.99
N ASN KA 93 44.21 95.24 -34.29
CA ASN KA 93 44.76 94.02 -34.86
C ASN KA 93 46.29 93.98 -34.81
N ASP KA 94 46.94 95.14 -34.70
CA ASP KA 94 48.39 95.20 -34.56
C ASP KA 94 48.73 95.19 -33.08
N GLU KA 95 49.60 94.27 -32.68
CA GLU KA 95 49.89 94.09 -31.26
C GLU KA 95 50.48 95.34 -30.63
N GLU KA 96 51.50 95.91 -31.27
CA GLU KA 96 52.22 97.04 -30.69
C GLU KA 96 51.42 98.33 -30.77
N LEU KA 97 50.71 98.56 -31.88
CA LEU KA 97 49.86 99.74 -31.95
C LEU KA 97 48.76 99.67 -30.89
N ASN KA 98 48.20 98.48 -30.68
CA ASN KA 98 47.18 98.29 -29.65
C ASN KA 98 47.75 98.56 -28.26
N LYS KA 99 49.03 98.28 -28.04
CA LYS KA 99 49.64 98.57 -26.74
C LYS KA 99 49.89 100.06 -26.57
N LEU KA 100 50.31 100.74 -27.64
CA LEU KA 100 50.56 102.17 -27.55
C LEU KA 100 49.28 102.94 -27.26
N LEU KA 101 48.17 102.51 -27.86
CA LEU KA 101 46.87 103.15 -27.66
C LEU KA 101 45.98 102.29 -26.75
N GLY KA 102 46.58 101.72 -25.70
CA GLY KA 102 45.84 100.85 -24.81
C GLY KA 102 44.78 101.57 -23.99
N ARG KA 103 45.06 102.81 -23.59
CA ARG KA 103 44.12 103.62 -22.84
C ARG KA 103 43.50 104.68 -23.73
N VAL KA 104 43.32 104.36 -25.01
CA VAL KA 104 42.82 105.28 -26.01
C VAL KA 104 41.53 104.73 -26.61
N THR KA 105 40.55 105.60 -26.80
CA THR KA 105 39.28 105.26 -27.44
C THR KA 105 39.18 105.97 -28.78
N ILE KA 106 38.99 105.19 -29.84
CA ILE KA 106 38.87 105.70 -31.20
C ILE KA 106 37.39 105.92 -31.52
N ALA KA 107 37.00 107.18 -31.70
CA ALA KA 107 35.60 107.50 -31.95
C ALA KA 107 35.10 106.85 -33.24
N GLN KA 108 33.89 106.29 -33.15
CA GLN KA 108 33.25 105.60 -34.28
C GLN KA 108 34.12 104.46 -34.80
N GLY KA 109 34.76 103.73 -33.88
CA GLY KA 109 35.67 102.68 -34.26
C GLY KA 109 35.12 101.28 -34.05
N GLY KA 110 34.23 101.13 -33.08
CA GLY KA 110 33.69 99.82 -32.77
C GLY KA 110 34.72 98.94 -32.07
N VAL KA 111 34.49 97.63 -32.20
CA VAL KA 111 35.34 96.62 -31.58
C VAL KA 111 35.70 95.58 -32.64
N LEU KA 112 36.65 94.72 -32.28
CA LEU KA 112 36.96 93.58 -33.14
C LEU KA 112 35.93 92.49 -32.96
N PRO KA 113 35.43 91.89 -34.05
CA PRO KA 113 34.53 90.73 -33.92
C PRO KA 113 35.21 89.58 -33.21
N ASN KA 114 34.70 89.23 -32.01
CA ASN KA 114 35.32 88.16 -31.23
C ASN KA 114 34.26 87.62 -30.28
N ILE KA 115 33.74 86.43 -30.60
CA ILE KA 115 32.79 85.73 -29.74
C ILE KA 115 33.53 84.64 -28.99
N GLN KA 116 33.28 84.57 -27.67
CA GLN KA 116 33.92 83.54 -26.85
C GLN KA 116 33.43 82.15 -27.26
N ALA KA 117 34.30 81.16 -27.08
CA ALA KA 117 34.07 79.84 -27.65
C ALA KA 117 32.88 79.14 -26.99
N VAL KA 118 32.83 79.18 -25.65
CA VAL KA 118 31.79 78.46 -24.92
C VAL KA 118 30.39 78.94 -25.23
N LEU KA 119 30.26 80.11 -25.87
CA LEU KA 119 28.95 80.60 -26.27
C LEU KA 119 28.50 80.02 -27.60
N LEU KA 120 29.39 79.38 -28.36
CA LEU KA 120 29.04 78.83 -29.66
C LEU KA 120 28.23 77.54 -29.50
N PRO KA 121 27.21 77.33 -30.32
CA PRO KA 121 26.45 76.08 -30.25
C PRO KA 121 27.29 74.90 -30.71
N LYS KA 122 27.06 73.75 -30.08
CA LYS KA 122 27.82 72.54 -30.40
C LYS KA 122 26.94 71.50 -31.08
N LYS LA 34 33.96 137.73 -40.97
CA LYS LA 34 35.35 137.54 -40.54
C LYS LA 34 35.74 136.06 -40.57
N ARG LA 35 36.84 135.73 -39.90
CA ARG LA 35 37.36 134.38 -39.89
C ARG LA 35 38.30 134.21 -38.70
N SER LA 36 38.41 132.97 -38.23
CA SER LA 36 39.31 132.61 -37.14
C SER LA 36 40.14 131.42 -37.59
N ARG LA 37 41.37 131.36 -37.08
CA ARG LA 37 42.40 130.48 -37.62
C ARG LA 37 42.78 129.42 -36.58
N LYS LA 38 42.62 128.15 -36.94
CA LYS LA 38 42.95 127.04 -36.06
C LYS LA 38 43.86 126.07 -36.81
N GLU LA 39 45.00 125.76 -36.20
CA GLU LA 39 45.99 124.90 -36.84
C GLU LA 39 45.68 123.42 -36.61
N SER LA 40 46.09 122.60 -37.57
CA SER LA 40 45.98 121.15 -37.46
C SER LA 40 46.98 120.52 -38.40
N TYR LA 41 47.25 119.23 -38.17
CA TYR LA 41 48.17 118.46 -38.99
C TYR LA 41 47.50 117.89 -40.25
N SER LA 42 46.38 118.48 -40.68
CA SER LA 42 45.57 117.86 -41.73
C SER LA 42 46.32 117.77 -43.06
N ILE LA 43 47.10 118.80 -43.40
CA ILE LA 43 47.78 118.80 -44.69
C ILE LA 43 48.93 117.79 -44.70
N TYR LA 44 49.58 117.58 -43.55
CA TYR LA 44 50.68 116.64 -43.49
C TYR LA 44 50.21 115.19 -43.42
N VAL LA 45 49.04 114.96 -42.81
CA VAL LA 45 48.45 113.62 -42.82
C VAL LA 45 48.07 113.24 -44.24
N TYR LA 46 47.54 114.20 -45.01
CA TYR LA 46 47.23 113.94 -46.41
C TYR LA 46 48.49 113.61 -47.21
N LYS LA 47 49.56 114.38 -46.99
CA LYS LA 47 50.80 114.15 -47.74
C LYS LA 47 51.37 112.76 -47.46
N VAL LA 48 51.30 112.31 -46.21
CA VAL LA 48 51.79 110.98 -45.86
C VAL LA 48 50.84 109.91 -46.39
N LEU LA 49 49.53 110.20 -46.36
CA LEU LA 49 48.55 109.26 -46.89
C LEU LA 49 48.79 108.97 -48.37
N LYS LA 50 49.22 109.98 -49.14
CA LYS LA 50 49.50 109.76 -50.55
C LYS LA 50 50.75 108.92 -50.76
N GLN LA 51 51.68 108.95 -49.80
CA GLN LA 51 52.85 108.09 -49.90
C GLN LA 51 52.47 106.62 -49.76
N VAL LA 52 51.70 106.29 -48.72
CA VAL LA 52 51.41 104.89 -48.41
C VAL LA 52 50.21 104.36 -49.19
N HIS LA 53 49.26 105.22 -49.54
CA HIS LA 53 48.06 104.81 -50.27
C HIS LA 53 47.65 105.92 -51.22
N PRO LA 54 48.27 105.97 -52.41
CA PRO LA 54 47.98 107.09 -53.33
C PRO LA 54 46.54 107.13 -53.81
N ASP LA 55 45.85 105.99 -53.85
CA ASP LA 55 44.51 105.90 -54.43
C ASP LA 55 43.45 105.81 -53.35
N THR LA 56 43.69 106.41 -52.19
CA THR LA 56 42.77 106.32 -51.06
C THR LA 56 42.76 107.63 -50.29
N GLY LA 57 41.57 108.07 -49.90
CA GLY LA 57 41.37 109.29 -49.16
C GLY LA 57 40.96 109.05 -47.71
N ILE LA 58 40.40 110.10 -47.11
CA ILE LA 58 40.07 110.08 -45.68
C ILE LA 58 38.91 111.04 -45.44
N SER LA 59 38.06 110.68 -44.47
CA SER LA 59 36.93 111.51 -44.08
C SER LA 59 37.36 112.57 -43.07
N SER LA 60 36.44 113.48 -42.76
CA SER LA 60 36.75 114.55 -41.82
C SER LA 60 36.81 114.04 -40.39
N LYS LA 61 35.90 113.13 -40.01
CA LYS LA 61 35.94 112.57 -38.67
C LYS LA 61 37.22 111.77 -38.47
N ALA LA 62 37.58 110.93 -39.44
CA ALA LA 62 38.84 110.19 -39.36
C ALA LA 62 40.03 111.15 -39.37
N MET LA 63 39.90 112.28 -40.05
CA MET LA 63 40.95 113.29 -40.02
C MET LA 63 41.08 113.90 -38.64
N GLY LA 64 39.97 114.05 -37.93
CA GLY LA 64 40.02 114.56 -36.57
C GLY LA 64 40.64 113.57 -35.62
N ILE LA 65 40.55 112.27 -35.93
CA ILE LA 65 41.15 111.26 -35.07
C ILE LA 65 42.66 111.27 -35.22
N MET LA 66 43.13 111.38 -36.46
CA MET LA 66 44.56 111.50 -36.72
C MET LA 66 45.15 112.74 -36.06
N ASN LA 67 44.39 113.85 -36.07
CA ASN LA 67 44.87 115.07 -35.43
C ASN LA 67 44.99 114.87 -33.92
N SER LA 68 43.99 114.21 -33.31
CA SER LA 68 44.07 113.88 -31.90
C SER LA 68 45.22 112.92 -31.63
N PHE LA 69 45.43 111.96 -32.52
CA PHE LA 69 46.48 110.97 -32.33
C PHE LA 69 47.87 111.61 -32.33
N VAL LA 70 48.13 112.50 -33.30
CA VAL LA 70 49.44 113.12 -33.38
C VAL LA 70 49.70 113.99 -32.16
N ASN LA 71 48.74 114.82 -31.79
CA ASN LA 71 48.89 115.67 -30.61
C ASN LA 71 49.12 114.83 -29.36
N ASP LA 72 48.34 113.76 -29.19
CA ASP LA 72 48.47 112.92 -28.01
C ASP LA 72 49.88 112.33 -27.91
N ILE LA 73 50.36 111.74 -29.01
CA ILE LA 73 51.69 111.16 -29.01
C ILE LA 73 52.74 112.26 -28.87
N PHE LA 74 52.48 113.44 -29.44
CA PHE LA 74 53.36 114.59 -29.21
C PHE LA 74 53.50 114.88 -27.73
N GLU LA 75 52.37 115.06 -27.03
CA GLU LA 75 52.41 115.36 -25.60
C GLU LA 75 53.13 114.27 -24.82
N ARG LA 76 52.89 113.01 -25.16
CA ARG LA 76 53.44 111.91 -24.37
C ARG LA 76 54.96 111.82 -24.52
N ILE LA 77 55.46 112.00 -25.74
CA ILE LA 77 56.91 112.00 -25.94
C ILE LA 77 57.53 113.24 -25.33
N ALA LA 78 56.93 114.41 -25.59
CA ALA LA 78 57.48 115.65 -25.07
C ALA LA 78 57.46 115.67 -23.55
N GLY LA 79 56.39 115.14 -22.94
CA GLY LA 79 56.35 115.07 -21.48
C GLY LA 79 57.39 114.12 -20.92
N GLU LA 80 57.57 112.96 -21.56
CA GLU LA 80 58.59 112.03 -21.11
C GLU LA 80 59.99 112.62 -21.25
N ALA LA 81 60.24 113.31 -22.37
CA ALA LA 81 61.53 113.96 -22.56
C ALA LA 81 61.74 115.09 -21.56
N SER LA 82 60.67 115.80 -21.19
CA SER LA 82 60.78 116.85 -20.18
C SER LA 82 61.19 116.26 -18.84
N ARG LA 83 60.58 115.14 -18.45
CA ARG LA 83 60.97 114.49 -17.20
C ARG LA 83 62.39 113.97 -17.27
N LEU LA 84 62.79 113.45 -18.43
CA LEU LA 84 64.17 113.01 -18.63
C LEU LA 84 65.16 114.12 -18.34
N ALA LA 85 64.90 115.32 -18.87
CA ALA LA 85 65.82 116.44 -18.65
C ALA LA 85 65.86 116.83 -17.19
N HIS LA 86 64.71 116.86 -16.53
CA HIS LA 86 64.67 117.23 -15.11
C HIS LA 86 65.34 116.17 -14.24
N TYR LA 87 65.13 114.89 -14.57
CA TYR LA 87 65.73 113.82 -13.76
C TYR LA 87 67.25 113.91 -13.74
N ASN LA 88 67.85 114.37 -14.84
CA ASN LA 88 69.31 114.44 -14.96
C ASN LA 88 69.84 115.86 -14.81
N LYS LA 89 69.01 116.79 -14.34
CA LYS LA 89 69.43 118.17 -14.06
C LYS LA 89 69.99 118.86 -15.30
N ARG LA 90 69.26 118.72 -16.41
CA ARG LA 90 69.65 119.36 -17.66
C ARG LA 90 68.58 120.36 -18.08
N SER LA 91 69.02 121.48 -18.64
CA SER LA 91 68.13 122.54 -19.08
C SER LA 91 67.66 122.36 -20.52
N THR LA 92 68.15 121.33 -21.22
CA THR LA 92 67.93 121.19 -22.65
C THR LA 92 67.29 119.83 -22.93
N ILE LA 93 66.34 119.84 -23.85
CA ILE LA 93 65.76 118.62 -24.42
C ILE LA 93 66.36 118.48 -25.81
N THR LA 94 67.33 117.57 -25.96
CA THR LA 94 67.95 117.33 -27.24
C THR LA 94 67.34 116.09 -27.89
N SER LA 95 67.81 115.78 -29.11
CA SER LA 95 67.31 114.60 -29.82
C SER LA 95 67.53 113.33 -29.01
N ARG LA 96 68.56 113.31 -28.15
CA ARG LA 96 68.82 112.16 -27.32
C ARG LA 96 67.72 111.98 -26.28
N GLU LA 97 67.11 113.07 -25.81
CA GLU LA 97 65.97 112.95 -24.90
C GLU LA 97 64.73 112.44 -25.63
N ILE LA 98 64.51 112.91 -26.85
CA ILE LA 98 63.42 112.40 -27.66
C ILE LA 98 63.63 110.92 -27.96
N GLN LA 99 64.88 110.51 -28.14
CA GLN LA 99 65.18 109.12 -28.46
C GLN LA 99 64.85 108.20 -27.29
N THR LA 100 65.29 108.56 -26.08
CA THR LA 100 64.98 107.74 -24.92
C THR LA 100 63.49 107.74 -24.62
N ALA LA 101 62.84 108.89 -24.79
CA ALA LA 101 61.39 108.96 -24.57
C ALA LA 101 60.64 108.02 -25.50
N VAL LA 102 61.13 107.86 -26.73
CA VAL LA 102 60.50 106.93 -27.68
C VAL LA 102 60.67 105.48 -27.21
N ARG LA 103 61.84 105.15 -26.64
CA ARG LA 103 62.06 103.77 -26.22
C ARG LA 103 61.31 103.47 -24.92
N LEU LA 104 61.08 104.48 -24.08
CA LEU LA 104 60.24 104.31 -22.91
C LEU LA 104 58.77 104.19 -23.29
N LEU LA 105 58.31 105.05 -24.21
CA LEU LA 105 56.90 105.09 -24.58
C LEU LA 105 56.55 103.92 -25.50
N LEU LA 106 57.15 103.89 -26.68
CA LEU LA 106 56.72 102.99 -27.73
C LEU LA 106 57.06 101.54 -27.38
N PRO LA 107 56.25 100.59 -27.83
CA PRO LA 107 56.55 99.18 -27.58
C PRO LA 107 57.50 98.62 -28.63
N GLY LA 108 58.50 97.86 -28.15
CA GLY LA 108 59.47 97.12 -28.94
C GLY LA 108 59.65 97.45 -30.41
N GLU LA 109 58.99 96.71 -31.30
CA GLU LA 109 59.20 96.89 -32.74
C GLU LA 109 58.78 98.27 -33.19
N LEU LA 110 57.74 98.85 -32.59
CA LEU LA 110 57.35 100.22 -32.91
C LEU LA 110 58.45 101.20 -32.56
N ALA LA 111 59.17 100.94 -31.47
CA ALA LA 111 60.23 101.85 -31.04
C ALA LA 111 61.47 101.69 -31.92
N LYS LA 112 61.79 100.46 -32.32
CA LYS LA 112 62.98 100.22 -33.14
C LYS LA 112 62.90 100.97 -34.45
N HIS LA 113 61.77 100.85 -35.16
CA HIS LA 113 61.60 101.59 -36.40
C HIS LA 113 61.59 103.09 -36.16
N ALA LA 114 60.98 103.52 -35.06
CA ALA LA 114 60.89 104.95 -34.76
C ALA LA 114 62.26 105.55 -34.50
N VAL LA 115 63.13 104.81 -33.82
CA VAL LA 115 64.49 105.29 -33.57
C VAL LA 115 65.24 105.42 -34.89
N SER LA 116 64.98 104.50 -35.83
CA SER LA 116 65.64 104.58 -37.13
C SER LA 116 65.22 105.83 -37.89
N GLU LA 117 63.91 106.04 -38.05
CA GLU LA 117 63.43 107.21 -38.78
C GLU LA 117 63.88 108.50 -38.13
N GLY LA 118 63.97 108.53 -36.79
CA GLY LA 118 64.43 109.72 -36.11
C GLY LA 118 65.90 110.00 -36.37
N THR LA 119 66.75 109.00 -36.15
CA THR LA 119 68.18 109.15 -36.40
C THR LA 119 68.45 109.41 -37.88
N LYS LA 120 67.66 108.79 -38.77
CA LYS LA 120 67.85 109.01 -40.20
C LYS LA 120 67.60 110.47 -40.57
N ALA LA 121 66.48 111.04 -40.12
CA ALA LA 121 66.15 112.41 -40.49
C ALA LA 121 67.12 113.41 -39.86
N VAL LA 122 67.60 113.12 -38.64
CA VAL LA 122 68.56 114.01 -38.01
C VAL LA 122 69.87 114.03 -38.79
N THR LA 123 70.32 112.86 -39.25
CA THR LA 123 71.54 112.78 -40.04
C THR LA 123 71.39 113.57 -41.34
N LYS LA 124 70.29 113.34 -42.07
CA LYS LA 124 70.07 114.05 -43.33
C LYS LA 124 69.93 115.55 -43.11
N TYR LA 125 69.44 115.97 -41.94
CA TYR LA 125 69.27 117.39 -41.67
C TYR LA 125 70.61 118.08 -41.46
N THR LA 126 71.44 117.53 -40.57
CA THR LA 126 72.74 118.14 -40.30
C THR LA 126 73.67 118.03 -41.50
N SER LA 127 73.47 117.02 -42.36
CA SER LA 127 74.22 116.91 -43.60
C SER LA 127 73.62 117.75 -44.72
N ALA LA 128 72.76 118.71 -44.37
CA ALA LA 128 72.23 119.67 -45.33
C ALA LA 128 72.19 121.08 -44.73
N LYS LA 129 72.99 121.32 -43.69
CA LYS LA 129 73.01 122.56 -42.90
C LYS LA 129 72.67 123.83 -43.66
N PRO MA 42 4.07 77.57 -34.55
CA PRO MA 42 4.94 78.73 -34.47
C PRO MA 42 6.38 78.43 -34.91
N HIS MA 43 7.34 78.94 -34.13
CA HIS MA 43 8.76 78.65 -34.30
C HIS MA 43 9.54 79.32 -33.18
N ARG MA 44 10.61 78.67 -32.71
CA ARG MA 44 11.35 79.19 -31.57
C ARG MA 44 12.79 78.71 -31.64
N TYR MA 45 13.74 79.63 -31.59
CA TYR MA 45 15.15 79.27 -31.47
C TYR MA 45 15.47 78.91 -30.02
N ARG MA 46 16.45 78.03 -29.86
CA ARG MA 46 16.87 77.66 -28.51
C ARG MA 46 17.43 78.89 -27.81
N PRO MA 47 17.18 79.05 -26.50
CA PRO MA 47 17.67 80.25 -25.81
C PRO MA 47 19.19 80.34 -25.87
N GLY MA 48 19.68 81.49 -26.33
CA GLY MA 48 21.09 81.70 -26.59
C GLY MA 48 21.45 81.86 -28.04
N THR MA 49 20.54 81.55 -28.97
CA THR MA 49 20.86 81.60 -30.39
C THR MA 49 20.88 83.03 -30.91
N VAL MA 50 19.79 83.78 -30.70
CA VAL MA 50 19.77 85.18 -31.11
C VAL MA 50 20.70 86.02 -30.25
N ALA MA 51 21.00 85.56 -29.03
CA ALA MA 51 22.02 86.22 -28.23
C ALA MA 51 23.35 86.20 -28.97
N LEU MA 52 23.67 85.07 -29.60
CA LEU MA 52 24.87 84.97 -30.42
C LEU MA 52 24.72 85.77 -31.70
N ARG MA 53 23.53 85.76 -32.30
CA ARG MA 53 23.30 86.56 -33.50
C ARG MA 53 23.51 88.04 -33.22
N GLU MA 54 23.08 88.49 -32.04
CA GLU MA 54 23.25 89.89 -31.67
C GLU MA 54 24.71 90.21 -31.35
N ILE MA 55 25.46 89.25 -30.79
CA ILE MA 55 26.87 89.47 -30.53
C ILE MA 55 27.63 89.69 -31.83
N ARG MA 56 27.42 88.79 -32.80
CA ARG MA 56 28.04 88.96 -34.11
C ARG MA 56 27.59 90.26 -34.77
N ARG MA 57 26.30 90.58 -34.64
CA ARG MA 57 25.77 91.79 -35.28
C ARG MA 57 26.42 93.04 -34.72
N TYR MA 58 26.41 93.20 -33.39
CA TYR MA 58 26.88 94.43 -32.78
C TYR MA 58 28.40 94.52 -32.70
N GLN MA 59 29.11 93.40 -32.85
CA GLN MA 59 30.56 93.46 -33.01
C GLN MA 59 30.98 93.76 -34.44
N LYS MA 60 30.05 93.72 -35.40
CA LYS MA 60 30.34 94.10 -36.77
C LYS MA 60 30.14 95.60 -37.02
N SER MA 61 29.27 96.24 -36.25
CA SER MA 61 28.91 97.64 -36.47
C SER MA 61 29.64 98.54 -35.48
N THR MA 62 29.51 99.84 -35.71
CA THR MA 62 30.19 100.85 -34.89
C THR MA 62 29.27 101.94 -34.36
N GLU MA 63 27.98 101.90 -34.68
CA GLU MA 63 27.08 102.96 -34.26
C GLU MA 63 26.82 102.86 -32.75
N LEU MA 64 26.43 104.00 -32.18
CA LEU MA 64 26.15 104.07 -30.75
C LEU MA 64 24.93 103.23 -30.39
N LEU MA 65 24.92 102.70 -29.17
CA LEU MA 65 23.88 101.78 -28.73
C LEU MA 65 22.93 102.39 -27.71
N ILE MA 66 23.27 103.54 -27.13
CA ILE MA 66 22.38 104.25 -26.22
C ILE MA 66 21.65 105.32 -27.03
N ARG MA 67 20.34 105.45 -26.79
CA ARG MA 67 19.57 106.49 -27.45
C ARG MA 67 20.08 107.86 -27.05
N LYS MA 68 20.25 108.74 -28.04
CA LYS MA 68 21.02 109.96 -27.84
C LYS MA 68 20.36 110.90 -26.84
N LEU MA 69 19.04 111.07 -26.94
CA LEU MA 69 18.35 112.05 -26.11
C LEU MA 69 18.31 111.62 -24.64
N PRO MA 70 17.99 110.35 -24.32
CA PRO MA 70 18.08 109.94 -22.91
C PRO MA 70 19.48 110.12 -22.34
N PHE MA 71 20.51 109.80 -23.12
CA PHE MA 71 21.88 110.03 -22.66
C PHE MA 71 22.17 111.52 -22.48
N GLN MA 72 21.68 112.34 -23.41
CA GLN MA 72 21.91 113.78 -23.32
C GLN MA 72 21.27 114.35 -22.07
N ARG MA 73 20.04 113.92 -21.74
CA ARG MA 73 19.37 114.41 -20.54
C ARG MA 73 20.06 113.93 -19.28
N LEU MA 74 20.63 112.72 -19.29
CA LEU MA 74 21.38 112.24 -18.14
C LEU MA 74 22.64 113.09 -17.93
N VAL MA 75 23.28 113.49 -19.03
CA VAL MA 75 24.48 114.33 -18.92
C VAL MA 75 24.14 115.68 -18.31
N ARG MA 76 23.04 116.29 -18.75
CA ARG MA 76 22.68 117.61 -18.23
C ARG MA 76 22.29 117.56 -16.76
N GLU MA 77 21.60 116.48 -16.33
CA GLU MA 77 21.25 116.37 -14.92
C GLU MA 77 22.49 116.20 -14.05
N ILE MA 78 23.44 115.37 -14.50
CA ILE MA 78 24.68 115.17 -13.76
C ILE MA 78 25.47 116.47 -13.70
N ALA MA 79 25.52 117.20 -14.82
CA ALA MA 79 26.29 118.44 -14.88
C ALA MA 79 25.69 119.53 -14.00
N GLN MA 80 24.36 119.54 -13.86
CA GLN MA 80 23.71 120.57 -13.04
C GLN MA 80 24.13 120.48 -11.58
N ASP MA 81 24.41 119.28 -11.08
CA ASP MA 81 24.85 119.11 -9.70
C ASP MA 81 26.27 119.63 -9.46
N PHE MA 82 26.97 120.03 -10.52
CA PHE MA 82 28.30 120.64 -10.40
C PHE MA 82 28.27 122.14 -10.61
N LYS MA 83 27.65 122.60 -11.70
CA LYS MA 83 27.46 124.01 -11.96
C LYS MA 83 26.12 124.21 -12.65
N THR MA 84 25.35 125.17 -12.15
CA THR MA 84 24.02 125.42 -12.69
C THR MA 84 24.09 126.34 -13.89
N ASP MA 85 23.05 126.29 -14.72
CA ASP MA 85 22.95 127.11 -15.93
C ASP MA 85 24.17 126.89 -16.82
N LEU MA 86 24.20 125.72 -17.46
CA LEU MA 86 25.29 125.33 -18.33
C LEU MA 86 24.73 124.90 -19.67
N ARG MA 87 25.46 125.23 -20.73
CA ARG MA 87 25.12 124.79 -22.09
C ARG MA 87 26.14 123.77 -22.56
N PHE MA 88 25.71 122.92 -23.49
CA PHE MA 88 26.56 121.85 -24.00
C PHE MA 88 26.64 121.94 -25.52
N GLN MA 89 27.86 121.94 -26.04
CA GLN MA 89 28.03 121.70 -27.46
C GLN MA 89 27.49 120.31 -27.81
N SER MA 90 26.85 120.20 -28.97
CA SER MA 90 26.36 118.90 -29.41
C SER MA 90 27.52 117.91 -29.53
N SER MA 91 28.67 118.39 -30.01
CA SER MA 91 29.84 117.52 -30.12
C SER MA 91 30.37 117.12 -28.75
N ALA MA 92 30.16 117.96 -27.73
CA ALA MA 92 30.58 117.59 -26.38
C ALA MA 92 29.76 116.42 -25.86
N VAL MA 93 28.45 116.42 -26.12
CA VAL MA 93 27.62 115.29 -25.69
C VAL MA 93 27.98 114.04 -26.49
N MET MA 94 28.33 114.20 -27.76
CA MET MA 94 28.73 113.06 -28.57
C MET MA 94 30.07 112.48 -28.10
N ALA MA 95 30.98 113.34 -27.66
CA ALA MA 95 32.25 112.86 -27.12
C ALA MA 95 32.05 112.08 -25.83
N LEU MA 96 31.13 112.55 -24.98
CA LEU MA 96 30.82 111.83 -23.75
C LEU MA 96 30.18 110.48 -24.03
N GLN MA 97 29.33 110.41 -25.05
CA GLN MA 97 28.65 109.14 -25.36
C GLN MA 97 29.60 108.14 -26.00
N GLU MA 98 30.49 108.60 -26.89
CA GLU MA 98 31.48 107.72 -27.48
C GLU MA 98 32.38 107.12 -26.41
N ALA MA 99 32.87 107.95 -25.49
CA ALA MA 99 33.78 107.47 -24.46
C ALA MA 99 33.08 106.54 -23.47
N CYS MA 100 31.85 106.89 -23.06
CA CYS MA 100 31.15 106.07 -22.07
C CYS MA 100 30.82 104.69 -22.62
N GLU MA 101 30.35 104.62 -23.86
CA GLU MA 101 29.97 103.32 -24.42
C GLU MA 101 31.19 102.44 -24.63
N ALA MA 102 32.32 103.02 -25.03
CA ALA MA 102 33.54 102.25 -25.16
C ALA MA 102 34.03 101.75 -23.80
N TYR MA 103 33.89 102.58 -22.76
CA TYR MA 103 34.21 102.15 -21.41
C TYR MA 103 33.32 100.99 -20.99
N LEU MA 104 32.02 101.07 -21.28
CA LEU MA 104 31.10 100.02 -20.86
C LEU MA 104 31.32 98.75 -21.68
N VAL MA 105 31.63 98.89 -22.97
CA VAL MA 105 31.89 97.72 -23.80
C VAL MA 105 33.14 96.99 -23.30
N GLY MA 106 34.22 97.75 -23.06
CA GLY MA 106 35.44 97.12 -22.54
C GLY MA 106 35.23 96.53 -21.16
N LEU MA 107 34.43 97.21 -20.33
CA LEU MA 107 34.14 96.69 -18.99
C LEU MA 107 33.33 95.40 -19.06
N PHE MA 108 32.40 95.32 -20.00
CA PHE MA 108 31.63 94.08 -20.17
C PHE MA 108 32.51 92.95 -20.68
N GLU MA 109 33.57 93.28 -21.41
CA GLU MA 109 34.54 92.25 -21.82
C GLU MA 109 35.22 91.65 -20.61
N ASP MA 110 35.74 92.50 -19.72
CA ASP MA 110 36.37 92.01 -18.50
C ASP MA 110 35.36 91.31 -17.60
N THR MA 111 34.15 91.88 -17.49
CA THR MA 111 33.08 91.25 -16.73
C THR MA 111 32.76 89.85 -17.26
N ASN MA 112 32.72 89.70 -18.59
CA ASN MA 112 32.46 88.38 -19.17
C ASN MA 112 33.58 87.41 -18.83
N LEU MA 113 34.82 87.89 -18.83
CA LEU MA 113 35.95 87.04 -18.48
C LEU MA 113 35.87 86.59 -17.02
N CYS MA 114 35.33 87.44 -16.14
CA CYS MA 114 35.17 87.03 -14.74
C CYS MA 114 34.10 85.94 -14.61
N ALA MA 115 33.00 86.08 -15.35
CA ALA MA 115 31.93 85.09 -15.28
C ALA MA 115 32.37 83.75 -15.83
N ILE MA 116 33.07 83.76 -16.98
CA ILE MA 116 33.61 82.51 -17.52
C ILE MA 116 34.58 81.88 -16.54
N HIS MA 117 35.33 82.72 -15.81
CA HIS MA 117 36.27 82.22 -14.82
C HIS MA 117 35.57 81.43 -13.73
N ALA MA 118 34.33 81.81 -13.41
CA ALA MA 118 33.50 81.13 -12.41
C ALA MA 118 32.71 79.98 -12.99
N LYS MA 119 33.19 79.37 -14.08
CA LYS MA 119 32.53 78.24 -14.72
C LYS MA 119 31.11 78.60 -15.14
N ARG MA 120 30.83 79.89 -15.30
CA ARG MA 120 29.51 80.40 -15.56
C ARG MA 120 29.43 81.05 -16.95
N VAL MA 121 28.21 81.09 -17.47
CA VAL MA 121 27.92 81.78 -18.72
C VAL MA 121 27.26 83.13 -18.46
N THR MA 122 26.61 83.29 -17.31
CA THR MA 122 25.87 84.51 -16.98
C THR MA 122 26.75 85.49 -16.21
N ILE MA 123 26.74 86.75 -16.64
CA ILE MA 123 27.44 87.79 -15.89
C ILE MA 123 26.56 88.23 -14.74
N MET MA 124 27.21 88.59 -13.63
CA MET MA 124 26.52 88.97 -12.40
C MET MA 124 27.23 90.18 -11.82
N PRO MA 125 26.56 90.94 -10.95
CA PRO MA 125 27.21 92.12 -10.35
C PRO MA 125 28.56 91.83 -9.73
N LYS MA 126 28.76 90.60 -9.23
CA LYS MA 126 30.05 90.23 -8.67
C LYS MA 126 31.14 90.22 -9.73
N ASP MA 127 30.80 89.94 -11.00
CA ASP MA 127 31.80 89.99 -12.06
C ASP MA 127 32.23 91.43 -12.31
N ILE MA 128 31.29 92.36 -12.34
CA ILE MA 128 31.60 93.78 -12.53
C ILE MA 128 32.45 94.30 -11.37
N GLN MA 129 32.04 93.99 -10.14
CA GLN MA 129 32.76 94.49 -8.97
C GLN MA 129 34.17 93.93 -8.92
N LEU MA 130 34.34 92.66 -9.32
CA LEU MA 130 35.68 92.10 -9.40
C LEU MA 130 36.51 92.78 -10.48
N ALA MA 131 35.90 93.05 -11.64
CA ALA MA 131 36.63 93.70 -12.72
C ALA MA 131 37.09 95.10 -12.32
N ARG MA 132 36.17 95.91 -11.76
CA ARG MA 132 36.54 97.25 -11.33
C ARG MA 132 37.54 97.21 -10.18
N ARG MA 133 37.41 96.22 -9.30
CA ARG MA 133 38.38 96.06 -8.21
C ARG MA 133 39.78 95.84 -8.76
N ILE MA 134 39.91 94.99 -9.77
CA ILE MA 134 41.22 94.73 -10.38
C ILE MA 134 41.67 95.94 -11.19
N ARG MA 135 40.73 96.60 -11.89
CA ARG MA 135 41.07 97.78 -12.69
C ARG MA 135 41.61 98.93 -11.87
N GLY MA 136 41.48 98.89 -10.55
CA GLY MA 136 41.88 100.01 -9.71
C GLY MA 136 40.83 101.08 -9.54
N GLU MA 137 39.65 100.93 -10.15
CA GLU MA 137 38.57 101.88 -9.96
C GLU MA 137 37.90 101.67 -8.61
N ARG MA 138 37.51 100.45 -8.31
CA ARG MA 138 36.98 100.11 -6.99
C ARG MA 138 38.12 99.87 -6.01
N ALA MA 139 37.81 100.02 -4.72
CA ALA MA 139 38.81 99.84 -3.67
C ALA MA 139 38.75 98.43 -3.09
N VAL NA 25 12.39 120.60 -13.07
CA VAL NA 25 13.20 119.67 -12.29
C VAL NA 25 13.50 118.44 -13.14
N LEU NA 26 14.58 117.73 -12.78
CA LEU NA 26 14.97 116.48 -13.44
C LEU NA 26 15.41 115.48 -12.37
N ARG NA 27 14.86 114.27 -12.46
CA ARG NA 27 14.95 113.31 -11.37
C ARG NA 27 14.79 111.89 -11.93
N ASP NA 28 15.60 110.97 -11.42
CA ASP NA 28 15.60 109.55 -11.84
C ASP NA 28 16.08 109.28 -13.28
N ASN NA 29 16.72 110.26 -13.90
CA ASN NA 29 17.17 110.09 -15.28
C ASN NA 29 18.03 108.86 -15.61
N ILE NA 30 18.65 108.23 -14.63
CA ILE NA 30 19.54 107.09 -14.80
C ILE NA 30 18.74 105.89 -15.27
N GLN NA 31 17.44 105.83 -14.91
CA GLN NA 31 16.56 104.80 -15.42
C GLN NA 31 16.32 104.94 -16.92
N GLY NA 32 16.67 106.09 -17.51
CA GLY NA 32 16.65 106.22 -18.96
C GLY NA 32 17.64 105.32 -19.66
N ILE NA 33 18.65 104.86 -18.93
CA ILE NA 33 19.55 103.82 -19.43
C ILE NA 33 18.84 102.49 -19.25
N THR NA 34 18.14 102.05 -20.31
CA THR NA 34 17.13 101.02 -20.19
C THR NA 34 17.76 99.63 -20.14
N LYS NA 35 16.91 98.65 -19.81
CA LYS NA 35 17.32 97.25 -19.82
C LYS NA 35 17.78 96.77 -21.19
N PRO NA 36 17.05 97.02 -22.29
CA PRO NA 36 17.57 96.59 -23.60
C PRO NA 36 18.84 97.32 -24.01
N ALA NA 37 19.05 98.54 -23.52
CA ALA NA 37 20.30 99.26 -23.83
C ALA NA 37 21.49 98.61 -23.13
N ILE NA 38 21.34 98.29 -21.84
CA ILE NA 38 22.38 97.55 -21.13
C ILE NA 38 22.61 96.19 -21.78
N ARG NA 39 21.54 95.57 -22.29
CA ARG NA 39 21.67 94.27 -22.95
C ARG NA 39 22.52 94.38 -24.21
N ARG NA 40 22.28 95.41 -25.03
CA ARG NA 40 23.06 95.60 -26.25
C ARG NA 40 24.53 95.79 -25.94
N LEU NA 41 24.84 96.53 -24.88
CA LEU NA 41 26.24 96.74 -24.49
C LEU NA 41 26.88 95.42 -24.05
N ALA NA 42 26.14 94.59 -23.31
CA ALA NA 42 26.69 93.31 -22.88
C ALA NA 42 26.92 92.37 -24.06
N ARG NA 43 26.06 92.42 -25.07
CA ARG NA 43 26.25 91.58 -26.25
C ARG NA 43 27.53 91.95 -26.98
N ARG NA 44 27.79 93.25 -27.16
CA ARG NA 44 29.03 93.68 -27.77
C ARG NA 44 30.24 93.30 -26.92
N GLY NA 45 30.05 93.20 -25.60
CA GLY NA 45 31.07 92.69 -24.72
C GLY NA 45 31.22 91.19 -24.72
N GLY NA 46 30.35 90.48 -25.43
CA GLY NA 46 30.43 89.04 -25.52
C GLY NA 46 29.67 88.27 -24.48
N VAL NA 47 28.67 88.87 -23.86
CA VAL NA 47 27.91 88.22 -22.79
C VAL NA 47 26.71 87.50 -23.40
N LYS NA 48 26.51 86.24 -23.00
CA LYS NA 48 25.41 85.44 -23.51
C LYS NA 48 24.19 85.50 -22.61
N ARG NA 49 24.40 85.36 -21.30
CA ARG NA 49 23.31 85.33 -20.33
C ARG NA 49 23.56 86.40 -19.27
N ILE NA 50 22.50 87.09 -18.86
CA ILE NA 50 22.61 88.25 -17.98
C ILE NA 50 21.69 88.06 -16.79
N SER NA 51 22.25 88.22 -15.58
CA SER NA 51 21.45 88.16 -14.37
C SER NA 51 20.49 89.35 -14.29
N GLY NA 52 19.45 89.19 -13.47
CA GLY NA 52 18.47 90.24 -13.34
C GLY NA 52 18.96 91.44 -12.55
N LEU NA 53 19.89 91.22 -11.63
CA LEU NA 53 20.45 92.30 -10.81
C LEU NA 53 21.53 93.10 -11.53
N ILE NA 54 21.86 92.74 -12.77
CA ILE NA 54 22.94 93.41 -13.49
C ILE NA 54 22.54 94.84 -13.86
N TYR NA 55 21.28 95.04 -14.24
CA TYR NA 55 20.88 96.30 -14.86
C TYR NA 55 21.02 97.47 -13.88
N GLU NA 56 20.51 97.32 -12.66
CA GLU NA 56 20.69 98.36 -11.66
C GLU NA 56 22.17 98.50 -11.29
N GLU NA 57 22.89 97.38 -11.24
CA GLU NA 57 24.33 97.44 -10.97
C GLU NA 57 25.07 98.23 -12.04
N THR NA 58 24.73 98.01 -13.31
CA THR NA 58 25.37 98.75 -14.39
C THR NA 58 25.02 100.23 -14.36
N ARG NA 59 23.82 100.56 -13.88
CA ARG NA 59 23.43 101.96 -13.77
C ARG NA 59 24.27 102.69 -12.73
N GLY NA 60 24.58 102.00 -11.62
CA GLY NA 60 25.44 102.61 -10.61
C GLY NA 60 26.87 102.76 -11.09
N VAL NA 61 27.40 101.75 -11.77
CA VAL NA 61 28.76 101.83 -12.30
C VAL NA 61 28.86 102.96 -13.32
N LEU NA 62 27.89 103.03 -14.25
CA LEU NA 62 27.88 104.10 -15.23
C LEU NA 62 27.76 105.46 -14.57
N LYS NA 63 27.01 105.55 -13.48
CA LYS NA 63 26.87 106.81 -12.77
C LYS NA 63 28.20 107.26 -12.18
N VAL NA 64 28.89 106.36 -11.49
CA VAL NA 64 30.19 106.70 -10.91
C VAL NA 64 31.17 107.11 -12.00
N PHE NA 65 31.18 106.39 -13.12
CA PHE NA 65 32.07 106.73 -14.22
C PHE NA 65 31.78 108.14 -14.73
N LEU NA 66 30.52 108.43 -15.05
CA LEU NA 66 30.15 109.76 -15.53
C LEU NA 66 30.47 110.84 -14.50
N GLU NA 67 30.22 110.55 -13.22
CA GLU NA 67 30.53 111.51 -12.17
C GLU NA 67 32.00 111.91 -12.21
N ASN NA 68 32.90 110.92 -12.14
CA ASN NA 68 34.33 111.21 -12.11
C ASN NA 68 34.77 111.97 -13.35
N VAL NA 69 34.19 111.66 -14.52
CA VAL NA 69 34.59 112.32 -15.75
C VAL NA 69 34.01 113.73 -15.82
N ILE NA 70 32.69 113.85 -15.62
CA ILE NA 70 32.03 115.15 -15.73
C ILE NA 70 32.54 116.11 -14.67
N ARG NA 71 32.87 115.60 -13.47
CA ARG NA 71 33.44 116.45 -12.43
C ARG NA 71 34.71 117.13 -12.92
N ASP NA 72 35.64 116.34 -13.46
CA ASP NA 72 36.88 116.90 -13.98
C ASP NA 72 36.60 117.80 -15.18
N ALA NA 73 35.62 117.43 -16.01
CA ALA NA 73 35.28 118.25 -17.17
C ALA NA 73 34.76 119.63 -16.76
N VAL NA 74 33.91 119.68 -15.74
CA VAL NA 74 33.38 120.95 -15.27
C VAL NA 74 34.49 121.79 -14.64
N THR NA 75 35.41 121.14 -13.92
CA THR NA 75 36.52 121.87 -13.31
C THR NA 75 37.37 122.57 -14.37
N TYR NA 76 37.55 121.92 -15.53
CA TYR NA 76 38.25 122.58 -16.63
C TYR NA 76 37.44 123.74 -17.19
N THR NA 77 36.12 123.55 -17.32
CA THR NA 77 35.27 124.61 -17.85
C THR NA 77 35.28 125.84 -16.95
N GLU NA 78 35.25 125.63 -15.63
CA GLU NA 78 35.28 126.74 -14.69
C GLU NA 78 36.57 127.53 -14.81
N HIS NA 79 37.71 126.84 -14.92
CA HIS NA 79 38.98 127.54 -15.03
C HIS NA 79 39.08 128.34 -16.32
N ALA NA 80 38.43 127.87 -17.38
CA ALA NA 80 38.35 128.63 -18.62
C ALA NA 80 37.32 129.75 -18.56
N LYS NA 81 36.61 129.88 -17.44
CA LYS NA 81 35.60 130.93 -17.26
C LYS NA 81 34.56 130.87 -18.36
N ARG NA 82 34.00 129.67 -18.57
CA ARG NA 82 32.97 129.45 -19.57
C ARG NA 82 31.73 128.86 -18.92
N LYS NA 83 30.61 128.99 -19.63
CA LYS NA 83 29.35 128.36 -19.25
C LYS NA 83 28.98 127.18 -20.15
N THR NA 84 29.78 126.89 -21.17
CA THR NA 84 29.53 125.80 -22.09
C THR NA 84 30.66 124.79 -21.98
N VAL NA 85 30.33 123.54 -21.69
CA VAL NA 85 31.31 122.47 -21.61
C VAL NA 85 31.66 122.04 -23.03
N THR NA 86 32.93 122.21 -23.41
CA THR NA 86 33.40 121.85 -24.74
C THR NA 86 33.84 120.40 -24.78
N ALA NA 87 33.92 119.87 -26.00
CA ALA NA 87 34.42 118.50 -26.18
C ALA NA 87 35.88 118.40 -25.74
N MET NA 88 36.62 119.51 -25.80
CA MET NA 88 37.99 119.52 -25.33
C MET NA 88 38.07 119.31 -23.83
N ASP NA 89 37.13 119.88 -23.08
CA ASP NA 89 37.06 119.65 -21.64
C ASP NA 89 36.86 118.17 -21.33
N VAL NA 90 35.97 117.51 -22.10
CA VAL NA 90 35.74 116.09 -21.90
C VAL NA 90 36.98 115.28 -22.26
N VAL NA 91 37.62 115.63 -23.38
CA VAL NA 91 38.83 114.92 -23.81
C VAL NA 91 39.93 115.07 -22.78
N TYR NA 92 40.13 116.28 -22.26
CA TYR NA 92 41.14 116.49 -21.22
C TYR NA 92 40.82 115.68 -19.96
N ALA NA 93 39.53 115.54 -19.64
CA ALA NA 93 39.14 114.81 -18.44
C ALA NA 93 39.33 113.31 -18.63
N LEU NA 94 38.96 112.79 -19.80
CA LEU NA 94 39.18 111.38 -20.10
C LEU NA 94 40.66 111.03 -20.07
N LYS NA 95 41.50 111.94 -20.57
CA LYS NA 95 42.95 111.71 -20.52
C LYS NA 95 43.45 111.74 -19.08
N ARG NA 96 42.87 112.61 -18.24
CA ARG NA 96 43.20 112.62 -16.82
C ARG NA 96 42.99 111.25 -16.19
N GLN NA 97 41.84 110.62 -16.47
CA GLN NA 97 41.45 109.36 -15.85
C GLN NA 97 42.08 108.14 -16.51
N GLY NA 98 42.99 108.35 -17.45
CA GLY NA 98 43.60 107.23 -18.16
C GLY NA 98 42.67 106.53 -19.13
N ARG NA 99 41.71 107.27 -19.71
CA ARG NA 99 40.79 106.74 -20.71
C ARG NA 99 40.78 107.67 -21.92
N THR NA 100 41.95 107.83 -22.53
CA THR NA 100 42.13 108.76 -23.65
C THR NA 100 41.17 108.44 -24.79
N LEU NA 101 40.67 109.49 -25.43
CA LEU NA 101 39.69 109.36 -26.50
C LEU NA 101 40.20 110.05 -27.76
N TYR NA 102 40.23 109.31 -28.86
CA TYR NA 102 40.62 109.85 -30.16
C TYR NA 102 39.36 110.21 -30.95
N GLY NA 103 39.45 111.27 -31.73
CA GLY NA 103 38.39 111.65 -32.64
C GLY NA 103 37.51 112.79 -32.20
N PHE NA 104 37.89 113.53 -31.17
CA PHE NA 104 37.10 114.66 -30.69
C PHE NA 104 37.99 115.87 -30.41
N GLY NA 105 39.12 115.96 -31.12
CA GLY NA 105 40.05 117.06 -30.94
C GLY NA 105 41.14 116.70 -29.95
N GLY NA 106 41.97 117.70 -29.66
CA GLY NA 106 43.08 117.53 -28.73
C GLY NA 106 44.42 117.22 -29.35
N ALA OA 18 58.62 139.70 10.29
CA ALA OA 18 58.29 138.64 9.34
C ALA OA 18 59.06 138.83 8.03
N LYS OA 19 60.23 138.18 7.93
CA LYS OA 19 61.06 138.27 6.74
C LYS OA 19 60.74 137.15 5.75
N THR OA 20 60.64 135.91 6.24
CA THR OA 20 60.39 134.78 5.36
C THR OA 20 58.98 134.83 4.78
N ARG OA 21 58.82 134.24 3.60
CA ARG OA 21 57.49 134.12 3.00
C ARG OA 21 56.65 133.05 3.69
N SER OA 22 57.27 132.10 4.40
CA SER OA 22 56.52 131.12 5.16
C SER OA 22 55.85 131.76 6.38
N SER OA 23 56.57 132.65 7.08
CA SER OA 23 55.98 133.34 8.23
C SER OA 23 54.85 134.25 7.76
N ARG OA 24 55.05 134.93 6.64
CA ARG OA 24 54.03 135.81 6.06
C ARG OA 24 52.75 135.06 5.72
N ALA OA 25 52.82 133.75 5.51
CA ALA OA 25 51.64 132.94 5.24
C ALA OA 25 51.23 132.08 6.43
N GLY OA 26 52.02 132.05 7.50
CA GLY OA 26 51.73 131.21 8.64
C GLY OA 26 51.90 129.73 8.33
N LEU OA 27 53.00 129.39 7.67
CA LEU OA 27 53.26 128.03 7.24
C LEU OA 27 54.60 127.55 7.79
N GLN OA 28 54.71 126.23 7.94
CA GLN OA 28 55.97 125.59 8.27
C GLN OA 28 56.75 125.17 7.04
N PHE OA 29 56.10 125.06 5.88
CA PHE OA 29 56.66 124.64 4.60
C PHE OA 29 57.23 125.84 3.85
N PRO OA 30 58.33 125.65 3.13
CA PRO OA 30 59.06 126.79 2.55
C PRO OA 30 58.38 127.30 1.28
N VAL OA 31 57.77 128.48 1.37
CA VAL OA 31 57.17 129.11 0.19
C VAL OA 31 58.25 129.47 -0.82
N GLY OA 32 59.40 129.94 -0.33
CA GLY OA 32 60.47 130.33 -1.24
C GLY OA 32 61.00 129.17 -2.05
N ARG OA 33 61.28 128.04 -1.38
CA ARG OA 33 61.77 126.87 -2.09
C ARG OA 33 60.72 126.31 -3.05
N VAL OA 34 59.45 126.37 -2.65
CA VAL OA 34 58.38 125.92 -3.55
C VAL OA 34 58.28 126.84 -4.76
N HIS OA 35 58.45 128.15 -4.55
CA HIS OA 35 58.45 129.09 -5.67
C HIS OA 35 59.63 128.82 -6.61
N ARG OA 36 60.77 128.43 -6.05
CA ARG OA 36 61.93 128.10 -6.87
C ARG OA 36 61.66 126.90 -7.76
N LEU OA 37 61.19 125.80 -7.18
CA LEU OA 37 60.97 124.57 -7.94
C LEU OA 37 59.89 124.74 -9.01
N LEU OA 38 58.89 125.59 -8.77
CA LEU OA 38 57.87 125.83 -9.77
C LEU OA 38 58.45 126.52 -11.00
N ARG OA 39 59.41 127.43 -10.80
CA ARG OA 39 60.05 128.10 -11.93
C ARG OA 39 61.07 127.20 -12.60
N LYS OA 40 61.87 126.48 -11.82
CA LYS OA 40 62.88 125.57 -12.37
C LYS OA 40 62.25 124.23 -12.74
N GLY OA 41 60.97 124.22 -13.06
CA GLY OA 41 60.28 122.98 -13.35
C GLY OA 41 59.59 122.96 -14.70
N ASN OA 42 59.66 124.08 -15.42
CA ASN OA 42 59.07 124.21 -16.75
C ASN OA 42 57.59 123.84 -16.74
N TYR OA 43 56.85 124.47 -15.82
CA TYR OA 43 55.41 124.27 -15.80
C TYR OA 43 54.68 125.38 -16.55
N SER OA 44 55.18 126.61 -16.46
CA SER OA 44 54.71 127.69 -17.31
C SER OA 44 55.80 128.75 -17.37
N GLU OA 45 55.60 129.70 -18.28
CA GLU OA 45 56.51 130.83 -18.40
C GLU OA 45 56.67 131.57 -17.09
N ARG OA 46 55.55 131.92 -16.45
CA ARG OA 46 55.53 132.76 -15.26
C ARG OA 46 54.76 132.06 -14.15
N VAL OA 47 55.22 132.22 -12.91
CA VAL OA 47 54.58 131.62 -11.74
C VAL OA 47 54.08 132.75 -10.85
N GLY OA 48 52.79 132.75 -10.56
CA GLY OA 48 52.22 133.78 -9.71
C GLY OA 48 52.77 133.73 -8.30
N ALA OA 49 52.56 134.83 -7.57
CA ALA OA 49 53.07 134.93 -6.21
C ALA OA 49 52.30 134.04 -5.24
N GLY OA 50 51.03 133.78 -5.51
CA GLY OA 50 50.21 133.01 -4.60
C GLY OA 50 50.34 131.51 -4.81
N ALA OA 51 50.84 131.11 -5.98
CA ALA OA 51 50.96 129.69 -6.30
C ALA OA 51 51.86 128.94 -5.34
N PRO OA 52 53.09 129.38 -5.04
CA PRO OA 52 53.91 128.62 -4.08
C PRO OA 52 53.33 128.63 -2.69
N VAL OA 53 52.65 129.72 -2.31
CA VAL OA 53 52.00 129.81 -1.02
C VAL OA 53 50.90 128.77 -0.92
N TYR OA 54 49.98 128.78 -1.90
CA TYR OA 54 48.90 127.80 -1.94
C TYR OA 54 49.45 126.38 -1.93
N LEU OA 55 50.48 126.12 -2.73
CA LEU OA 55 51.00 124.76 -2.86
C LEU OA 55 51.69 124.30 -1.58
N ALA OA 56 52.55 125.14 -1.01
CA ALA OA 56 53.24 124.78 0.22
C ALA OA 56 52.26 124.54 1.37
N ALA OA 57 51.09 125.18 1.33
CA ALA OA 57 50.07 124.94 2.34
C ALA OA 57 49.38 123.60 2.13
N VAL OA 58 49.05 123.28 0.87
CA VAL OA 58 48.43 122.00 0.58
C VAL OA 58 49.39 120.86 0.91
N LEU OA 59 50.66 121.01 0.54
CA LEU OA 59 51.68 120.04 0.92
C LEU OA 59 51.76 119.88 2.43
N GLU OA 60 51.58 120.98 3.17
CA GLU OA 60 51.64 120.93 4.62
C GLU OA 60 50.42 120.23 5.20
N TYR OA 61 49.24 120.45 4.62
CA TYR OA 61 48.03 119.80 5.12
C TYR OA 61 48.10 118.29 4.95
N LEU OA 62 48.47 117.83 3.75
CA LEU OA 62 48.58 116.40 3.49
C LEU OA 62 49.66 115.78 4.37
N THR OA 63 50.75 116.50 4.61
CA THR OA 63 51.80 116.00 5.49
C THR OA 63 51.27 115.77 6.90
N ALA OA 64 50.54 116.75 7.44
CA ALA OA 64 49.97 116.60 8.78
C ALA OA 64 48.95 115.47 8.83
N GLU OA 65 48.16 115.31 7.77
CA GLU OA 65 47.13 114.27 7.76
C GLU OA 65 47.75 112.88 7.85
N ILE OA 66 48.89 112.67 7.20
CA ILE OA 66 49.53 111.37 7.20
C ILE OA 66 50.28 111.15 8.50
N LEU OA 67 51.00 112.16 8.98
CA LEU OA 67 51.75 112.02 10.23
C LEU OA 67 50.81 111.87 11.43
N GLU OA 68 49.61 112.43 11.35
CA GLU OA 68 48.62 112.23 12.41
C GLU OA 68 48.25 110.76 12.53
N LEU OA 69 47.87 110.14 11.41
CA LEU OA 69 47.48 108.74 11.43
C LEU OA 69 48.67 107.81 11.60
N ALA OA 70 49.87 108.25 11.19
CA ALA OA 70 51.04 107.39 11.34
C ALA OA 70 51.59 107.42 12.75
N GLY OA 71 51.50 108.56 13.43
CA GLY OA 71 51.84 108.60 14.85
C GLY OA 71 50.87 107.81 15.70
N ASN OA 72 49.60 107.78 15.30
CA ASN OA 72 48.62 106.93 15.98
C ASN OA 72 48.95 105.46 15.81
N ALA OA 73 49.32 105.06 14.59
CA ALA OA 73 49.69 103.65 14.35
C ALA OA 73 50.94 103.27 15.14
N ALA OA 74 51.92 104.17 15.21
CA ALA OA 74 53.12 103.91 16.01
C ALA OA 74 52.78 103.74 17.49
N ARG OA 75 51.83 104.54 17.98
CA ARG OA 75 51.44 104.43 19.38
C ARG OA 75 50.68 103.14 19.63
N ASP OA 76 49.83 102.73 18.69
CA ASP OA 76 49.16 101.44 18.79
C ASP OA 76 50.16 100.29 18.85
N ASN OA 77 51.32 100.46 18.23
CA ASN OA 77 52.36 99.45 18.21
C ASN OA 77 53.42 99.68 19.29
N LYS OA 78 53.14 100.56 20.26
CA LYS OA 78 54.03 100.79 21.40
C LYS OA 78 55.40 101.28 20.95
N LYS OA 79 55.42 102.17 19.97
CA LYS OA 79 56.66 102.67 19.39
C LYS OA 79 56.71 104.19 19.49
N THR OA 80 57.90 104.70 19.80
CA THR OA 80 58.11 106.15 19.82
C THR OA 80 58.33 106.72 18.43
N ARG OA 81 58.79 105.92 17.49
CA ARG OA 81 59.15 106.41 16.16
C ARG OA 81 58.23 105.85 15.08
N ILE OA 82 57.90 106.70 14.11
CA ILE OA 82 57.19 106.25 12.92
C ILE OA 82 58.17 105.53 12.01
N ILE OA 83 57.92 104.25 11.77
CA ILE OA 83 58.68 103.47 10.79
C ILE OA 83 57.77 103.34 9.57
N PRO OA 84 58.29 102.93 8.40
CA PRO OA 84 57.44 102.90 7.20
C PRO OA 84 56.16 102.11 7.33
N ARG OA 85 56.16 101.03 8.13
CA ARG OA 85 54.93 100.25 8.31
C ARG OA 85 53.82 101.11 8.91
N HIS OA 86 54.18 102.00 9.84
CA HIS OA 86 53.20 102.92 10.40
C HIS OA 86 52.61 103.82 9.33
N LEU OA 87 53.43 104.22 8.35
CA LEU OA 87 52.91 104.97 7.21
C LEU OA 87 52.01 104.10 6.34
N GLN OA 88 52.36 102.82 6.18
CA GLN OA 88 51.54 101.94 5.36
C GLN OA 88 50.21 101.62 6.05
N LEU OA 89 50.24 101.30 7.34
CA LEU OA 89 49.01 101.07 8.09
C LEU OA 89 48.10 102.28 8.05
N ALA OA 90 48.67 103.48 8.13
CA ALA OA 90 47.86 104.69 8.15
C ALA OA 90 47.19 104.95 6.80
N ILE OA 91 47.96 104.82 5.72
CA ILE OA 91 47.45 105.13 4.38
C ILE OA 91 46.41 104.10 3.94
N ARG OA 92 46.71 102.81 4.11
CA ARG OA 92 45.82 101.78 3.59
C ARG OA 92 44.57 101.60 4.45
N ASN OA 93 44.55 102.11 5.68
CA ASN OA 93 43.36 102.06 6.50
C ASN OA 93 42.44 103.25 6.27
N ASP OA 94 43.00 104.40 5.88
CA ASP OA 94 42.22 105.58 5.54
C ASP OA 94 41.79 105.48 4.08
N GLU OA 95 40.50 105.61 3.83
CA GLU OA 95 39.97 105.40 2.50
C GLU OA 95 40.55 106.40 1.50
N GLU OA 96 40.59 107.68 1.87
CA GLU OA 96 41.03 108.71 0.94
C GLU OA 96 42.53 108.69 0.75
N LEU OA 97 43.29 108.44 1.81
CA LEU OA 97 44.74 108.29 1.67
C LEU OA 97 45.08 107.07 0.82
N ASN OA 98 44.32 105.98 0.98
CA ASN OA 98 44.56 104.79 0.18
C ASN OA 98 44.31 105.04 -1.31
N LYS OA 99 43.36 105.90 -1.63
CA LYS OA 99 43.08 106.22 -3.04
C LYS OA 99 44.13 107.14 -3.63
N LEU OA 100 44.53 108.17 -2.87
CA LEU OA 100 45.54 109.12 -3.38
C LEU OA 100 46.84 108.39 -3.73
N LEU OA 101 47.18 107.37 -2.95
CA LEU OA 101 48.37 106.55 -3.20
C LEU OA 101 47.97 105.16 -3.71
N GLY OA 102 46.95 105.12 -4.58
CA GLY OA 102 46.47 103.86 -5.10
C GLY OA 102 47.43 103.15 -6.02
N ARG OA 103 48.24 103.89 -6.78
CA ARG OA 103 49.26 103.32 -7.64
C ARG OA 103 50.65 103.50 -7.04
N VAL OA 104 50.73 103.43 -5.71
CA VAL OA 104 51.95 103.72 -4.96
C VAL OA 104 52.32 102.51 -4.12
N THR OA 105 53.62 102.21 -4.04
CA THR OA 105 54.16 101.14 -3.23
C THR OA 105 55.05 101.75 -2.16
N ILE OA 106 54.72 101.47 -0.90
CA ILE OA 106 55.45 101.99 0.25
C ILE OA 106 56.50 100.97 0.68
N ALA OA 107 57.77 101.36 0.57
CA ALA OA 107 58.86 100.43 0.88
C ALA OA 107 58.84 100.03 2.35
N GLN OA 108 59.03 98.73 2.59
CA GLN OA 108 59.01 98.15 3.93
C GLN OA 108 57.73 98.49 4.67
N GLY OA 109 56.61 98.44 3.94
CA GLY OA 109 55.33 98.78 4.51
C GLY OA 109 54.45 97.58 4.75
N GLY OA 110 54.64 96.53 3.97
CA GLY OA 110 53.82 95.34 4.13
C GLY OA 110 52.41 95.53 3.62
N VAL OA 111 51.51 94.69 4.15
CA VAL OA 111 50.11 94.70 3.76
C VAL OA 111 49.25 94.71 5.02
N LEU OA 112 47.96 94.96 4.81
CA LEU OA 112 46.99 94.89 5.90
C LEU OA 112 46.60 93.44 6.17
N PRO OA 113 46.51 93.04 7.45
CA PRO OA 113 46.03 91.68 7.76
C PRO OA 113 44.60 91.49 7.28
N ASN OA 114 44.43 90.57 6.33
CA ASN OA 114 43.12 90.30 5.74
C ASN OA 114 43.08 88.88 5.21
N ILE OA 115 42.38 87.99 5.89
CA ILE OA 115 42.16 86.62 5.44
C ILE OA 115 40.75 86.49 4.92
N GLN OA 116 40.61 85.87 3.74
CA GLN OA 116 39.29 85.68 3.17
C GLN OA 116 38.47 84.73 4.05
N ALA OA 117 37.15 84.94 4.05
CA ALA OA 117 36.28 84.20 4.97
C ALA OA 117 36.27 82.71 4.65
N VAL OA 118 36.16 82.34 3.37
CA VAL OA 118 36.05 80.94 2.99
C VAL OA 118 37.29 80.15 3.37
N LEU OA 119 38.41 80.82 3.63
CA LEU OA 119 39.60 80.13 4.08
C LEU OA 119 39.55 79.80 5.57
N LEU OA 120 38.65 80.42 6.32
CA LEU OA 120 38.57 80.17 7.75
C LEU OA 120 37.99 78.78 8.03
N PRO OA 121 38.50 78.08 9.04
CA PRO OA 121 37.94 76.76 9.37
C PRO OA 121 36.52 76.89 9.90
N LYS OA 122 35.67 75.95 9.50
CA LYS OA 122 34.28 75.94 9.96
C LYS OA 122 34.08 74.86 11.01
N LYS PA 34 84.17 115.99 1.05
CA LYS PA 34 83.00 116.70 1.54
C LYS PA 34 81.82 116.50 0.59
N ARG PA 35 80.92 115.60 0.96
CA ARG PA 35 79.95 115.06 0.02
C ARG PA 35 78.98 116.14 -0.47
N SER PA 36 78.29 115.83 -1.56
CA SER PA 36 77.51 116.82 -2.28
C SER PA 36 76.24 117.19 -1.52
N ARG PA 37 75.89 118.46 -1.59
CA ARG PA 37 74.62 118.97 -1.07
C ARG PA 37 73.46 118.28 -1.76
N LYS PA 38 72.72 117.46 -1.03
CA LYS PA 38 71.52 116.79 -1.57
C LYS PA 38 70.31 117.34 -0.83
N GLU PA 39 69.53 118.16 -1.51
CA GLU PA 39 68.41 118.83 -0.88
C GLU PA 39 67.35 117.79 -0.54
N SER PA 40 66.43 118.19 0.35
CA SER PA 40 65.33 117.31 0.78
C SER PA 40 64.29 118.16 1.50
N TYR PA 41 63.18 117.52 1.84
CA TYR PA 41 62.12 118.10 2.65
C TYR PA 41 62.17 117.62 4.11
N SER PA 42 63.32 117.09 4.54
CA SER PA 42 63.38 116.42 5.83
C SER PA 42 63.16 117.39 6.98
N ILE PA 43 63.75 118.59 6.91
CA ILE PA 43 63.64 119.53 8.02
C ILE PA 43 62.19 119.96 8.21
N TYR PA 44 61.45 120.13 7.12
CA TYR PA 44 60.05 120.55 7.23
C TYR PA 44 59.14 119.41 7.67
N VAL PA 45 59.45 118.18 7.25
CA VAL PA 45 58.72 117.01 7.72
C VAL PA 45 58.91 116.83 9.22
N TYR PA 46 60.14 117.01 9.69
CA TYR PA 46 60.40 116.95 11.13
C TYR PA 46 59.59 118.01 11.88
N LYS PA 47 59.47 119.21 11.30
CA LYS PA 47 58.75 120.29 11.97
C LYS PA 47 57.27 119.98 12.08
N VAL PA 48 56.63 119.62 10.96
CA VAL PA 48 55.22 119.26 10.97
C VAL PA 48 54.96 118.11 11.92
N LEU PA 49 55.85 117.11 11.92
CA LEU PA 49 55.70 115.98 12.83
C LEU PA 49 55.73 116.43 14.29
N LYS PA 50 56.60 117.39 14.62
CA LYS PA 50 56.69 117.86 15.99
C LYS PA 50 55.47 118.69 16.39
N GLN PA 51 54.83 119.36 15.43
CA GLN PA 51 53.57 120.03 15.73
C GLN PA 51 52.47 119.02 16.02
N VAL PA 52 52.43 117.93 15.24
CA VAL PA 52 51.32 117.00 15.35
C VAL PA 52 51.63 115.86 16.33
N HIS PA 53 52.90 115.51 16.49
CA HIS PA 53 53.31 114.48 17.45
C HIS PA 53 54.66 114.87 18.03
N PRO PA 54 54.65 115.63 19.14
CA PRO PA 54 55.89 116.21 19.64
C PRO PA 54 56.88 115.21 20.21
N ASP PA 55 56.45 113.98 20.52
CA ASP PA 55 57.33 112.97 21.09
C ASP PA 55 57.61 111.82 20.13
N THR PA 56 57.19 111.95 18.88
CA THR PA 56 57.32 110.87 17.90
C THR PA 56 58.49 111.12 16.97
N GLY PA 57 59.26 110.05 16.72
CA GLY PA 57 60.37 110.11 15.78
C GLY PA 57 60.00 109.51 14.43
N ILE PA 58 61.01 109.46 13.56
CA ILE PA 58 60.85 108.95 12.20
C ILE PA 58 62.18 108.36 11.74
N SER PA 59 62.10 107.25 11.01
CA SER PA 59 63.28 106.54 10.58
C SER PA 59 63.78 107.07 9.23
N SER PA 60 64.92 106.54 8.79
CA SER PA 60 65.49 106.95 7.51
C SER PA 60 64.55 106.61 6.35
N LYS PA 61 64.11 105.35 6.29
CA LYS PA 61 63.26 104.91 5.18
C LYS PA 61 61.93 105.64 5.18
N ALA PA 62 61.33 105.82 6.35
CA ALA PA 62 60.07 106.54 6.43
C ALA PA 62 60.22 107.99 5.96
N MET PA 63 61.35 108.62 6.30
CA MET PA 63 61.61 109.97 5.79
C MET PA 63 61.78 109.95 4.28
N GLY PA 64 62.39 108.90 3.75
CA GLY PA 64 62.55 108.79 2.32
C GLY PA 64 61.21 108.65 1.61
N ILE PA 65 60.27 107.92 2.23
CA ILE PA 65 58.93 107.80 1.68
C ILE PA 65 58.21 109.14 1.72
N MET PA 66 58.35 109.86 2.83
CA MET PA 66 57.74 111.19 2.93
C MET PA 66 58.34 112.15 1.92
N ASN PA 67 59.65 112.06 1.69
CA ASN PA 67 60.29 112.92 0.70
C ASN PA 67 59.81 112.58 -0.70
N SER PA 68 59.58 111.30 -0.98
CA SER PA 68 59.03 110.90 -2.27
C SER PA 68 57.57 111.29 -2.40
N PHE PA 69 56.82 111.27 -1.29
CA PHE PA 69 55.42 111.69 -1.34
C PHE PA 69 55.31 113.17 -1.68
N VAL PA 70 56.15 114.01 -1.07
CA VAL PA 70 56.09 115.44 -1.33
C VAL PA 70 56.47 115.74 -2.77
N ASN PA 71 57.52 115.11 -3.27
CA ASN PA 71 57.95 115.35 -4.65
C ASN PA 71 56.91 114.84 -5.65
N ASP PA 72 56.31 113.69 -5.37
CA ASP PA 72 55.29 113.14 -6.27
C ASP PA 72 54.11 114.10 -6.40
N ILE PA 73 53.51 114.47 -5.27
CA ILE PA 73 52.36 115.37 -5.29
C ILE PA 73 52.74 116.73 -5.87
N PHE PA 74 53.98 117.15 -5.64
CA PHE PA 74 54.48 118.37 -6.27
C PHE PA 74 54.36 118.27 -7.79
N GLU PA 75 54.91 117.22 -8.37
CA GLU PA 75 54.91 117.08 -9.82
C GLU PA 75 53.50 116.90 -10.38
N ARG PA 76 52.62 116.23 -9.63
CA ARG PA 76 51.25 116.03 -10.09
C ARG PA 76 50.49 117.36 -10.16
N ILE PA 77 50.54 118.15 -9.10
CA ILE PA 77 49.83 119.43 -9.09
C ILE PA 77 50.44 120.39 -10.09
N ALA PA 78 51.76 120.56 -10.05
CA ALA PA 78 52.42 121.48 -10.97
C ALA PA 78 52.21 121.05 -12.42
N GLY PA 79 52.18 119.74 -12.67
CA GLY PA 79 51.91 119.26 -14.02
C GLY PA 79 50.49 119.60 -14.45
N GLU PA 80 49.52 119.42 -13.55
CA GLU PA 80 48.14 119.74 -13.87
C GLU PA 80 47.98 121.25 -14.06
N ALA PA 81 48.66 122.05 -13.25
CA ALA PA 81 48.60 123.51 -13.43
C ALA PA 81 49.24 123.91 -14.76
N SER PA 82 50.31 123.23 -15.15
CA SER PA 82 50.95 123.51 -16.44
C SER PA 82 50.01 123.25 -17.59
N ARG PA 83 49.22 122.17 -17.51
CA ARG PA 83 48.25 121.86 -18.55
C ARG PA 83 47.11 122.88 -18.58
N LEU PA 84 46.63 123.29 -17.40
CA LEU PA 84 45.54 124.26 -17.33
C LEU PA 84 45.91 125.56 -18.04
N ALA PA 85 47.12 126.07 -17.78
CA ALA PA 85 47.56 127.29 -18.43
C ALA PA 85 47.68 127.11 -19.94
N HIS PA 86 48.24 125.97 -20.37
CA HIS PA 86 48.34 125.69 -21.80
C HIS PA 86 46.96 125.60 -22.45
N TYR PA 87 46.00 124.99 -21.75
CA TYR PA 87 44.66 124.85 -22.30
C TYR PA 87 44.00 126.21 -22.50
N ASN PA 88 44.32 127.18 -21.64
CA ASN PA 88 43.71 128.50 -21.69
C ASN PA 88 44.60 129.56 -22.31
N LYS PA 89 45.72 129.16 -22.92
CA LYS PA 89 46.62 130.10 -23.60
C LYS PA 89 47.17 131.15 -22.64
N ARG PA 90 47.44 130.72 -21.41
CA ARG PA 90 48.03 131.60 -20.40
C ARG PA 90 49.51 131.26 -20.23
N SER PA 91 50.31 132.31 -20.08
CA SER PA 91 51.74 132.17 -19.88
C SER PA 91 52.11 132.10 -18.41
N THR PA 92 51.14 132.20 -17.51
CA THR PA 92 51.39 132.32 -16.08
C THR PA 92 50.68 131.22 -15.30
N ILE PA 93 51.38 130.67 -14.30
CA ILE PA 93 50.77 129.78 -13.32
C ILE PA 93 50.55 130.59 -12.04
N THR PA 94 49.30 130.90 -11.75
CA THR PA 94 48.91 131.63 -10.56
C THR PA 94 48.31 130.67 -9.55
N SER PA 95 48.07 131.17 -8.34
CA SER PA 95 47.44 130.35 -7.31
C SER PA 95 46.09 129.82 -7.75
N ARG PA 96 45.43 130.48 -8.71
CA ARG PA 96 44.20 129.95 -9.27
C ARG PA 96 44.44 128.66 -10.03
N GLU PA 97 45.55 128.58 -10.77
CA GLU PA 97 45.89 127.34 -11.44
C GLU PA 97 46.23 126.25 -10.44
N ILE PA 98 46.97 126.58 -9.39
CA ILE PA 98 47.26 125.61 -8.32
C ILE PA 98 45.96 125.16 -7.65
N GLN PA 99 45.02 126.10 -7.45
CA GLN PA 99 43.76 125.76 -6.81
C GLN PA 99 42.97 124.77 -7.65
N THR PA 100 42.81 125.06 -8.94
CA THR PA 100 42.07 124.17 -9.83
C THR PA 100 42.77 122.83 -9.99
N ALA PA 101 44.10 122.82 -9.99
CA ALA PA 101 44.84 121.57 -10.05
C ALA PA 101 44.57 120.71 -8.82
N VAL PA 102 44.43 121.34 -7.66
CA VAL PA 102 44.13 120.60 -6.44
C VAL PA 102 42.74 119.99 -6.51
N ARG PA 103 41.77 120.72 -7.07
CA ARG PA 103 40.41 120.21 -7.16
C ARG PA 103 40.33 119.01 -8.12
N LEU PA 104 41.08 119.06 -9.22
CA LEU PA 104 41.09 117.93 -10.15
C LEU PA 104 41.83 116.73 -9.55
N LEU PA 105 42.86 116.97 -8.74
CA LEU PA 105 43.74 115.89 -8.30
C LEU PA 105 43.28 115.25 -6.99
N LEU PA 106 42.90 116.08 -5.98
CA LEU PA 106 42.65 115.51 -4.68
C LEU PA 106 41.21 115.02 -4.54
N PRO PA 107 40.98 113.99 -3.72
CA PRO PA 107 39.62 113.48 -3.52
C PRO PA 107 38.85 114.32 -2.50
N GLY PA 108 37.62 114.71 -2.88
CA GLY PA 108 36.65 115.40 -2.05
C GLY PA 108 37.13 116.12 -0.80
N GLU PA 109 37.10 115.42 0.34
CA GLU PA 109 37.40 116.05 1.62
C GLU PA 109 38.84 116.53 1.68
N LEU PA 110 39.77 115.75 1.13
CA LEU PA 110 41.17 116.15 1.11
C LEU PA 110 41.36 117.43 0.32
N ALA PA 111 40.68 117.56 -0.83
CA ALA PA 111 40.76 118.79 -1.60
C ALA PA 111 40.13 119.96 -0.85
N LYS PA 112 38.99 119.72 -0.20
CA LYS PA 112 38.28 120.77 0.51
C LYS PA 112 39.18 121.44 1.55
N HIS PA 113 39.86 120.64 2.37
CA HIS PA 113 40.71 121.21 3.40
C HIS PA 113 41.96 121.84 2.78
N ALA PA 114 42.51 121.21 1.74
CA ALA PA 114 43.69 121.76 1.07
C ALA PA 114 43.38 123.11 0.42
N VAL PA 115 42.17 123.27 -0.10
CA VAL PA 115 41.80 124.53 -0.73
C VAL PA 115 41.72 125.66 0.29
N SER PA 116 41.06 125.40 1.42
CA SER PA 116 40.95 126.43 2.45
C SER PA 116 42.30 126.76 3.06
N GLU PA 117 43.14 125.74 3.29
CA GLU PA 117 44.48 125.98 3.82
C GLU PA 117 45.36 126.72 2.83
N GLY PA 118 45.05 126.66 1.53
CA GLY PA 118 45.83 127.38 0.54
C GLY PA 118 45.37 128.81 0.36
N THR PA 119 44.05 129.01 0.23
CA THR PA 119 43.50 130.36 0.15
C THR PA 119 43.82 131.15 1.40
N LYS PA 120 43.79 130.50 2.57
CA LYS PA 120 44.16 131.17 3.81
C LYS PA 120 45.58 131.68 3.77
N ALA PA 121 46.49 130.88 3.21
CA ALA PA 121 47.89 131.29 3.15
C ALA PA 121 48.10 132.38 2.10
N VAL PA 122 47.40 132.32 0.97
CA VAL PA 122 47.54 133.35 -0.05
C VAL PA 122 46.98 134.68 0.47
N THR PA 123 45.85 134.63 1.17
CA THR PA 123 45.24 135.83 1.73
C THR PA 123 46.21 136.53 2.68
N LYS PA 124 46.84 135.75 3.58
CA LYS PA 124 47.82 136.32 4.50
C LYS PA 124 49.02 136.89 3.77
N TYR PA 125 49.58 136.13 2.83
CA TYR PA 125 50.77 136.58 2.11
C TYR PA 125 50.51 137.87 1.34
N THR PA 126 49.32 138.01 0.76
CA THR PA 126 49.00 139.22 0.00
C THR PA 126 48.97 140.45 0.90
N SER PA 127 48.40 140.32 2.10
CA SER PA 127 48.26 141.46 3.00
C SER PA 127 49.59 141.86 3.63
N ALA PA 128 50.40 140.88 4.02
CA ALA PA 128 51.69 141.17 4.64
C ALA PA 128 52.84 141.04 3.64
N PRO QA 42 -79.10 -2.85 -6.21
CA PRO QA 42 -80.28 -3.31 -5.47
C PRO QA 42 -81.15 -2.17 -4.97
N HIS QA 43 -81.61 -2.27 -3.73
CA HIS QA 43 -82.33 -1.20 -3.05
C HIS QA 43 -82.56 -1.62 -1.60
N ARG QA 44 -82.43 -0.67 -0.69
CA ARG QA 44 -82.52 -0.97 0.74
C ARG QA 44 -83.04 0.23 1.51
N TYR QA 45 -84.12 0.05 2.25
CA TYR QA 45 -84.60 1.08 3.17
C TYR QA 45 -83.75 1.09 4.43
N ARG QA 46 -83.64 2.27 5.03
CA ARG QA 46 -82.93 2.40 6.29
C ARG QA 46 -83.63 1.59 7.38
N PRO QA 47 -82.89 0.91 8.26
CA PRO QA 47 -83.52 0.16 9.35
C PRO QA 47 -84.48 0.98 10.17
N GLY QA 48 -85.73 0.53 10.27
CA GLY QA 48 -86.79 1.27 10.91
C GLY QA 48 -87.86 1.79 9.97
N THR QA 49 -87.63 1.78 8.67
CA THR QA 49 -88.62 2.32 7.74
C THR QA 49 -89.76 1.33 7.50
N VAL QA 50 -89.42 0.06 7.24
CA VAL QA 50 -90.46 -0.95 7.06
C VAL QA 50 -91.14 -1.28 8.38
N ALA QA 51 -90.43 -1.14 9.50
CA ALA QA 51 -91.06 -1.30 10.81
C ALA QA 51 -92.21 -0.32 10.97
N LEU QA 52 -91.98 0.94 10.58
CA LEU QA 52 -93.02 1.96 10.64
C LEU QA 52 -94.13 1.69 9.64
N ARG QA 53 -93.78 1.24 8.44
CA ARG QA 53 -94.80 0.89 7.46
C ARG QA 53 -95.68 -0.25 7.99
N GLU QA 54 -95.07 -1.19 8.70
CA GLU QA 54 -95.84 -2.29 9.27
C GLU QA 54 -96.67 -1.83 10.47
N ILE QA 55 -96.18 -0.87 11.25
CA ILE QA 55 -96.98 -0.35 12.36
C ILE QA 55 -98.23 0.35 11.82
N ARG QA 56 -98.05 1.24 10.84
CA ARG QA 56 -99.19 1.92 10.22
C ARG QA 56 -100.14 0.89 9.61
N ARG QA 57 -99.59 -0.14 8.97
CA ARG QA 57 -100.42 -1.14 8.32
C ARG QA 57 -101.26 -1.92 9.34
N TYR QA 58 -100.63 -2.45 10.38
CA TYR QA 58 -101.33 -3.33 11.31
C TYR QA 58 -102.17 -2.57 12.33
N GLN QA 59 -101.93 -1.27 12.49
CA GLN QA 59 -102.86 -0.44 13.26
C GLN QA 59 -104.05 0.05 12.43
N LYS QA 60 -104.03 -0.18 11.12
CA LYS QA 60 -105.18 0.14 10.27
C LYS QA 60 -106.17 -1.01 10.16
N SER QA 61 -105.72 -2.25 10.32
CA SER QA 61 -106.55 -3.42 10.12
C SER QA 61 -106.98 -4.04 11.44
N THR QA 62 -107.89 -5.02 11.34
CA THR QA 62 -108.46 -5.68 12.52
C THR QA 62 -108.37 -7.20 12.47
N GLU QA 63 -107.81 -7.77 11.42
CA GLU QA 63 -107.75 -9.23 11.32
C GLU QA 63 -106.72 -9.78 12.30
N LEU QA 64 -106.91 -11.05 12.66
CA LEU QA 64 -106.02 -11.69 13.62
C LEU QA 64 -104.62 -11.87 13.05
N LEU QA 65 -103.63 -11.82 13.95
CA LEU QA 65 -102.23 -11.84 13.54
C LEU QA 65 -101.53 -13.15 13.82
N ILE QA 66 -102.10 -14.01 14.66
CA ILE QA 66 -101.56 -15.34 14.90
C ILE QA 66 -102.27 -16.32 13.96
N ARG QA 67 -101.50 -17.23 13.38
CA ARG QA 67 -102.10 -18.26 12.53
C ARG QA 67 -103.04 -19.13 13.34
N LYS QA 68 -104.22 -19.40 12.78
CA LYS QA 68 -105.33 -19.93 13.56
C LYS QA 68 -105.04 -21.35 14.05
N LEU QA 69 -104.48 -22.20 13.20
CA LEU QA 69 -104.29 -23.59 13.57
C LEU QA 69 -103.20 -23.75 14.63
N PRO QA 70 -102.04 -23.06 14.53
CA PRO QA 70 -101.07 -23.14 15.64
C PRO QA 70 -101.66 -22.70 16.96
N PHE QA 71 -102.45 -21.63 16.97
CA PHE QA 71 -103.11 -21.19 18.19
C PHE QA 71 -104.09 -22.24 18.70
N GLN QA 72 -104.83 -22.87 17.79
CA GLN QA 72 -105.84 -23.85 18.19
C GLN QA 72 -105.20 -25.06 18.85
N ARG QA 73 -104.10 -25.57 18.29
CA ARG QA 73 -103.41 -26.71 18.87
C ARG QA 73 -102.81 -26.37 20.23
N LEU QA 74 -102.34 -25.13 20.40
CA LEU QA 74 -101.85 -24.70 21.70
C LEU QA 74 -102.95 -24.68 22.74
N VAL QA 75 -104.15 -24.25 22.34
CA VAL QA 75 -105.28 -24.22 23.26
C VAL QA 75 -105.63 -25.63 23.73
N ARG QA 76 -105.66 -26.58 22.79
CA ARG QA 76 -106.01 -27.95 23.14
C ARG QA 76 -104.97 -28.57 24.06
N GLU QA 77 -103.68 -28.26 23.84
CA GLU QA 77 -102.64 -28.81 24.71
C GLU QA 77 -102.76 -28.26 26.12
N ILE QA 78 -102.96 -26.94 26.26
CA ILE QA 78 -103.10 -26.35 27.58
C ILE QA 78 -104.36 -26.87 28.28
N ALA QA 79 -105.45 -27.00 27.54
CA ALA QA 79 -106.70 -27.47 28.14
C ALA QA 79 -106.61 -28.91 28.62
N GLN QA 80 -105.86 -29.75 27.90
CA GLN QA 80 -105.73 -31.14 28.28
C GLN QA 80 -105.08 -31.30 29.66
N ASP QA 81 -104.17 -30.40 30.02
CA ASP QA 81 -103.53 -30.47 31.33
C ASP QA 81 -104.46 -30.14 32.47
N PHE QA 82 -105.71 -29.74 32.18
CA PHE QA 82 -106.73 -29.50 33.18
C PHE QA 82 -107.79 -30.58 33.18
N LYS QA 83 -108.27 -30.98 32.00
CA LYS QA 83 -109.21 -32.08 31.88
C LYS QA 83 -108.98 -32.78 30.55
N THR QA 84 -108.94 -34.12 30.60
CA THR QA 84 -108.68 -34.92 29.41
C THR QA 84 -109.96 -35.13 28.62
N ASP QA 85 -109.77 -35.45 27.33
CA ASP QA 85 -110.87 -35.70 26.40
C ASP QA 85 -111.84 -34.53 26.37
N LEU QA 86 -111.46 -33.46 25.69
CA LEU QA 86 -112.28 -32.25 25.61
C LEU QA 86 -112.42 -31.82 24.16
N ARG QA 87 -113.60 -31.33 23.81
CA ARG QA 87 -113.86 -30.74 22.51
C ARG QA 87 -114.08 -29.25 22.65
N PHE QA 88 -113.81 -28.53 21.56
CA PHE QA 88 -113.90 -27.08 21.55
C PHE QA 88 -114.84 -26.62 20.44
N GLN QA 89 -115.75 -25.71 20.77
CA GLN QA 89 -116.46 -24.98 19.73
C GLN QA 89 -115.49 -24.08 18.99
N SER QA 90 -115.70 -23.96 17.68
CA SER QA 90 -114.86 -23.07 16.89
C SER QA 90 -114.94 -21.63 17.39
N SER QA 91 -116.13 -21.19 17.78
CA SER QA 91 -116.28 -19.83 18.31
C SER QA 91 -115.57 -19.65 19.65
N ALA QA 92 -115.47 -20.71 20.45
CA ALA QA 92 -114.74 -20.62 21.71
C ALA QA 92 -113.26 -20.35 21.47
N VAL QA 93 -112.67 -21.05 20.50
CA VAL QA 93 -111.27 -20.80 20.16
C VAL QA 93 -111.11 -19.41 19.58
N MET QA 94 -112.08 -18.97 18.76
CA MET QA 94 -112.03 -17.61 18.21
C MET QA 94 -112.14 -16.58 19.32
N ALA QA 95 -112.98 -16.85 20.33
CA ALA QA 95 -113.08 -15.95 21.48
C ALA QA 95 -111.76 -15.91 22.24
N LEU QA 96 -111.10 -17.05 22.40
CA LEU QA 96 -109.82 -17.08 23.09
C LEU QA 96 -108.74 -16.34 22.30
N GLN QA 97 -108.77 -16.44 20.97
CA GLN QA 97 -107.75 -15.79 20.17
C GLN QA 97 -107.97 -14.28 20.13
N GLU QA 98 -109.22 -13.85 19.98
CA GLU QA 98 -109.53 -12.42 20.04
C GLU QA 98 -109.06 -11.81 21.36
N ALA QA 99 -109.32 -12.51 22.47
CA ALA QA 99 -108.94 -11.99 23.78
C ALA QA 99 -107.43 -11.98 23.97
N CYS QA 100 -106.75 -13.05 23.55
CA CYS QA 100 -105.31 -13.15 23.76
C CYS QA 100 -104.54 -12.12 22.97
N GLU QA 101 -104.92 -11.93 21.70
CA GLU QA 101 -104.21 -10.98 20.85
C GLU QA 101 -104.44 -9.55 21.34
N ALA QA 102 -105.67 -9.23 21.74
CA ALA QA 102 -105.93 -7.92 22.31
C ALA QA 102 -105.13 -7.72 23.58
N TYR QA 103 -105.02 -8.77 24.41
CA TYR QA 103 -104.18 -8.70 25.59
C TYR QA 103 -102.72 -8.45 25.22
N LEU QA 104 -102.23 -9.15 24.19
CA LEU QA 104 -100.83 -9.01 23.81
C LEU QA 104 -100.55 -7.66 23.17
N VAL QA 105 -101.47 -7.16 22.34
CA VAL QA 105 -101.29 -5.86 21.72
C VAL QA 105 -101.22 -4.77 22.78
N GLY QA 106 -102.15 -4.80 23.73
CA GLY QA 106 -102.15 -3.81 24.80
C GLY QA 106 -100.91 -3.92 25.67
N LEU QA 107 -100.46 -5.15 25.95
CA LEU QA 107 -99.26 -5.34 26.74
C LEU QA 107 -98.03 -4.79 26.01
N PHE QA 108 -98.00 -4.92 24.69
CA PHE QA 108 -96.89 -4.35 23.93
C PHE QA 108 -96.92 -2.83 23.92
N GLU QA 109 -98.10 -2.23 24.07
CA GLU QA 109 -98.18 -0.78 24.20
C GLU QA 109 -97.53 -0.32 25.49
N ASP QA 110 -97.89 -0.94 26.61
CA ASP QA 110 -97.26 -0.60 27.89
C ASP QA 110 -95.78 -0.93 27.86
N THR QA 111 -95.41 -2.08 27.27
CA THR QA 111 -94.01 -2.44 27.12
C THR QA 111 -93.24 -1.38 26.34
N ASN QA 112 -93.86 -0.84 25.27
CA ASN QA 112 -93.20 0.20 24.49
C ASN QA 112 -93.00 1.46 25.31
N LEU QA 113 -93.95 1.79 26.17
CA LEU QA 113 -93.83 2.97 27.01
C LEU QA 113 -92.69 2.80 28.02
N CYS QA 114 -92.50 1.57 28.51
CA CYS QA 114 -91.41 1.31 29.45
C CYS QA 114 -90.05 1.46 28.79
N ALA QA 115 -89.91 0.96 27.56
CA ALA QA 115 -88.65 1.10 26.84
C ALA QA 115 -88.35 2.56 26.55
N ILE QA 116 -89.36 3.31 26.10
CA ILE QA 116 -89.20 4.74 25.87
C ILE QA 116 -88.82 5.44 27.17
N HIS QA 117 -89.36 4.96 28.30
CA HIS QA 117 -89.04 5.54 29.60
C HIS QA 117 -87.56 5.40 29.92
N ALA QA 118 -86.92 4.31 29.45
CA ALA QA 118 -85.50 4.09 29.66
C ALA QA 118 -84.65 4.65 28.53
N LYS QA 119 -85.15 5.69 27.86
CA LYS QA 119 -84.45 6.38 26.78
C LYS QA 119 -84.15 5.43 25.62
N ARG QA 120 -84.90 4.35 25.51
CA ARG QA 120 -84.63 3.28 24.54
C ARG QA 120 -85.74 3.19 23.51
N VAL QA 121 -85.35 2.73 22.31
CA VAL QA 121 -86.31 2.44 21.25
C VAL QA 121 -86.68 0.96 21.22
N THR QA 122 -85.82 0.09 21.73
CA THR QA 122 -86.04 -1.36 21.68
C THR QA 122 -86.76 -1.84 22.94
N ILE QA 123 -87.79 -2.67 22.76
CA ILE QA 123 -88.45 -3.31 23.88
C ILE QA 123 -87.63 -4.51 24.32
N MET QA 124 -87.63 -4.77 25.63
CA MET QA 124 -86.84 -5.84 26.22
C MET QA 124 -87.68 -6.57 27.25
N PRO QA 125 -87.29 -7.81 27.60
CA PRO QA 125 -88.05 -8.54 28.62
C PRO QA 125 -88.19 -7.77 29.92
N LYS QA 126 -87.23 -6.90 30.25
CA LYS QA 126 -87.38 -6.07 31.45
C LYS QA 126 -88.56 -5.12 31.32
N ASP QA 127 -88.84 -4.64 30.10
CA ASP QA 127 -89.99 -3.77 29.90
C ASP QA 127 -91.30 -4.51 30.10
N ILE QA 128 -91.37 -5.77 29.63
CA ILE QA 128 -92.57 -6.57 29.84
C ILE QA 128 -92.74 -6.86 31.32
N GLN QA 129 -91.66 -7.27 31.99
CA GLN QA 129 -91.74 -7.60 33.41
C GLN QA 129 -92.12 -6.38 34.23
N LEU QA 130 -91.65 -5.18 33.85
CA LEU QA 130 -92.09 -3.98 34.55
C LEU QA 130 -93.57 -3.73 34.30
N ALA QA 131 -94.03 -3.92 33.06
CA ALA QA 131 -95.43 -3.68 32.74
C ALA QA 131 -96.35 -4.61 33.53
N ARG QA 132 -96.04 -5.90 33.52
CA ARG QA 132 -96.86 -6.85 34.26
C ARG QA 132 -96.78 -6.63 35.77
N ARG QA 133 -95.62 -6.21 36.26
CA ARG QA 133 -95.48 -5.88 37.68
C ARG QA 133 -96.43 -4.76 38.08
N ILE QA 134 -96.49 -3.71 37.25
CA ILE QA 134 -97.37 -2.58 37.53
C ILE QA 134 -98.82 -2.97 37.34
N ARG QA 135 -99.10 -3.79 36.33
CA ARG QA 135 -100.46 -4.26 36.07
C ARG QA 135 -101.03 -5.07 37.22
N GLY QA 136 -100.19 -5.57 38.12
CA GLY QA 136 -100.61 -6.43 39.20
C GLY QA 136 -100.62 -7.90 38.85
N GLU QA 137 -100.24 -8.25 37.62
CA GLU QA 137 -100.14 -9.66 37.23
C GLU QA 137 -98.91 -10.31 37.84
N ARG QA 138 -97.74 -9.71 37.64
CA ARG QA 138 -96.53 -10.15 38.30
C ARG QA 138 -96.50 -9.64 39.73
N ALA QA 139 -95.73 -10.33 40.57
CA ALA QA 139 -95.63 -9.95 41.98
C ALA QA 139 -94.39 -9.08 42.22
N VAL RA 25 -100.12 -37.59 20.55
CA VAL RA 25 -99.49 -36.71 21.53
C VAL RA 25 -99.36 -35.31 20.92
N LEU RA 26 -99.25 -34.31 21.81
CA LEU RA 26 -99.03 -32.92 21.41
C LEU RA 26 -98.01 -32.30 22.35
N ARG RA 27 -97.00 -31.64 21.76
CA ARG RA 27 -95.81 -31.25 22.51
C ARG RA 27 -95.14 -30.08 21.79
N ASP RA 28 -94.67 -29.09 22.58
CA ASP RA 28 -94.01 -27.87 22.09
C ASP RA 28 -94.93 -26.89 21.34
N ASN RA 29 -96.25 -27.08 21.39
CA ASN RA 29 -97.10 -26.21 20.59
C ASN RA 29 -96.97 -24.68 20.78
N ILE RA 30 -96.44 -24.23 21.92
CA ILE RA 30 -96.29 -22.79 22.17
C ILE RA 30 -95.39 -22.13 21.12
N GLN RA 31 -94.40 -22.88 20.62
CA GLN RA 31 -93.53 -22.37 19.58
C GLN RA 31 -94.29 -22.09 18.28
N GLY RA 32 -95.49 -22.65 18.12
CA GLY RA 32 -96.33 -22.30 17.00
C GLY RA 32 -96.72 -20.83 16.97
N ILE RA 33 -96.66 -20.15 18.11
CA ILE RA 33 -96.76 -18.71 18.16
C ILE RA 33 -95.41 -18.18 17.70
N THR RA 34 -95.29 -17.90 16.40
CA THR RA 34 -93.99 -17.72 15.79
C THR RA 34 -93.43 -16.33 16.05
N LYS RA 35 -92.14 -16.17 15.74
CA LYS RA 35 -91.49 -14.87 15.85
C LYS RA 35 -92.17 -13.80 15.00
N PRO RA 36 -92.51 -14.03 13.72
CA PRO RA 36 -93.21 -12.97 12.97
C PRO RA 36 -94.60 -12.69 13.50
N ALA RA 37 -95.28 -13.68 14.09
CA ALA RA 37 -96.58 -13.42 14.69
C ALA RA 37 -96.46 -12.47 15.87
N ILE RA 38 -95.46 -12.71 16.73
CA ILE RA 38 -95.18 -11.78 17.83
C ILE RA 38 -94.79 -10.41 17.30
N ARG RA 39 -94.06 -10.38 16.18
CA ARG RA 39 -93.64 -9.11 15.60
C ARG RA 39 -94.85 -8.31 15.13
N ARG RA 40 -95.80 -8.96 14.46
CA ARG RA 40 -97.00 -8.26 14.00
C ARG RA 40 -97.79 -7.69 15.17
N LEU RA 41 -97.89 -8.46 16.26
CA LEU RA 41 -98.59 -7.97 17.45
C LEU RA 41 -97.86 -6.76 18.04
N ALA RA 42 -96.54 -6.80 18.07
CA ALA RA 42 -95.77 -5.66 18.58
C ALA RA 42 -95.92 -4.45 17.67
N ARG RA 43 -95.98 -4.66 16.35
CA ARG RA 43 -96.19 -3.55 15.43
C ARG RA 43 -97.54 -2.88 15.68
N ARG RA 44 -98.59 -3.68 15.84
CA ARG RA 44 -99.90 -3.13 16.16
C ARG RA 44 -99.90 -2.44 17.51
N GLY RA 45 -99.04 -2.88 18.43
CA GLY RA 45 -98.86 -2.19 19.68
C GLY RA 45 -97.99 -0.95 19.62
N GLY RA 46 -97.46 -0.63 18.45
CA GLY RA 46 -96.64 0.56 18.29
C GLY RA 46 -95.17 0.39 18.61
N VAL RA 47 -94.66 -0.84 18.59
CA VAL RA 47 -93.26 -1.10 18.89
C VAL RA 47 -92.43 -1.06 17.60
N LYS RA 48 -91.31 -0.35 17.64
CA LYS RA 48 -90.42 -0.21 16.48
C LYS RA 48 -89.31 -1.24 16.48
N ARG RA 49 -88.64 -1.43 17.62
CA ARG RA 49 -87.50 -2.32 17.74
C ARG RA 49 -87.78 -3.34 18.85
N ILE RA 50 -87.40 -4.60 18.59
CA ILE RA 50 -87.76 -5.72 19.45
C ILE RA 50 -86.49 -6.48 19.81
N SER RA 51 -86.23 -6.64 21.10
CA SER RA 51 -85.09 -7.44 21.54
C SER RA 51 -85.27 -8.90 21.15
N GLY RA 52 -84.15 -9.61 21.08
CA GLY RA 52 -84.19 -11.03 20.73
C GLY RA 52 -84.82 -11.89 21.80
N LEU RA 53 -84.64 -11.50 23.06
CA LEU RA 53 -85.20 -12.26 24.18
C LEU RA 53 -86.69 -12.00 24.39
N ILE RA 54 -87.29 -11.11 23.58
CA ILE RA 54 -88.70 -10.76 23.75
C ILE RA 54 -89.59 -11.95 23.39
N TYR RA 55 -89.20 -12.72 22.38
CA TYR RA 55 -90.12 -13.69 21.79
C TYR RA 55 -90.40 -14.85 22.73
N GLU RA 56 -89.37 -15.38 23.40
CA GLU RA 56 -89.62 -16.41 24.40
C GLU RA 56 -90.34 -15.86 25.61
N GLU RA 57 -90.05 -14.62 26.00
CA GLU RA 57 -90.76 -13.98 27.10
C GLU RA 57 -92.25 -13.85 26.79
N THR RA 58 -92.59 -13.49 25.54
CA THR RA 58 -93.98 -13.36 25.16
C THR RA 58 -94.70 -14.70 25.13
N ARG RA 59 -93.97 -15.79 24.89
CA ARG RA 59 -94.61 -17.11 24.88
C ARG RA 59 -94.98 -17.57 26.28
N GLY RA 60 -94.18 -17.22 27.29
CA GLY RA 60 -94.55 -17.55 28.65
C GLY RA 60 -95.74 -16.74 29.15
N VAL RA 61 -95.78 -15.45 28.80
CA VAL RA 61 -96.88 -14.60 29.23
C VAL RA 61 -98.20 -15.05 28.62
N LEU RA 62 -98.22 -15.29 27.30
CA LEU RA 62 -99.42 -15.78 26.65
C LEU RA 62 -99.86 -17.11 27.22
N LYS RA 63 -98.92 -17.95 27.63
CA LYS RA 63 -99.27 -19.23 28.24
C LYS RA 63 -100.00 -19.02 29.55
N VAL RA 64 -99.48 -18.15 30.41
CA VAL RA 64 -100.15 -17.86 31.68
C VAL RA 64 -101.52 -17.25 31.44
N PHE RA 65 -101.61 -16.31 30.49
CA PHE RA 65 -102.89 -15.70 30.17
C PHE RA 65 -103.91 -16.76 29.78
N LEU RA 66 -103.56 -17.61 28.81
CA LEU RA 66 -104.46 -18.68 28.40
C LEU RA 66 -104.72 -19.66 29.53
N GLU RA 67 -103.71 -19.96 30.35
CA GLU RA 67 -103.91 -20.87 31.46
C GLU RA 67 -105.00 -20.34 32.39
N ASN RA 68 -104.87 -19.08 32.82
CA ASN RA 68 -105.85 -18.50 33.74
C ASN RA 68 -107.24 -18.42 33.09
N VAL RA 69 -107.31 -18.13 31.79
CA VAL RA 69 -108.60 -18.00 31.12
C VAL RA 69 -109.22 -19.38 30.88
N ILE RA 70 -108.45 -20.29 30.31
CA ILE RA 70 -108.98 -21.62 29.96
C ILE RA 70 -109.35 -22.40 31.21
N ARG RA 71 -108.61 -22.21 32.31
CA ARG RA 71 -108.93 -22.88 33.57
C ARG RA 71 -110.33 -22.52 34.04
N ASP RA 72 -110.65 -21.23 34.05
CA ASP RA 72 -111.99 -20.81 34.47
C ASP RA 72 -113.06 -21.26 33.48
N ALA RA 73 -112.75 -21.22 32.18
CA ALA RA 73 -113.71 -21.66 31.17
C ALA RA 73 -114.04 -23.13 31.33
N VAL RA 74 -113.03 -23.97 31.58
CA VAL RA 74 -113.28 -25.40 31.78
C VAL RA 74 -114.12 -25.63 33.03
N THR RA 75 -113.85 -24.88 34.09
CA THR RA 75 -114.65 -25.00 35.30
C THR RA 75 -116.12 -24.68 35.03
N TYR RA 76 -116.38 -23.71 34.14
CA TYR RA 76 -117.76 -23.44 33.75
C TYR RA 76 -118.35 -24.59 32.95
N THR RA 77 -117.57 -25.15 32.01
CA THR RA 77 -118.06 -26.25 31.20
C THR RA 77 -118.36 -27.48 32.06
N GLU RA 78 -117.48 -27.78 33.02
CA GLU RA 78 -117.70 -28.93 33.89
C GLU RA 78 -119.00 -28.77 34.68
N HIS RA 79 -119.26 -27.57 35.20
CA HIS RA 79 -120.49 -27.35 35.96
C HIS RA 79 -121.73 -27.50 35.09
N ALA RA 80 -121.63 -27.18 33.81
CA ALA RA 80 -122.72 -27.39 32.88
C ALA RA 80 -122.85 -28.85 32.44
N LYS RA 81 -121.97 -29.73 32.93
CA LYS RA 81 -121.97 -31.15 32.56
C LYS RA 81 -121.93 -31.33 31.05
N ARG RA 82 -120.98 -30.65 30.42
CA ARG RA 82 -120.77 -30.73 28.98
C ARG RA 82 -119.35 -31.20 28.70
N LYS RA 83 -119.15 -31.69 27.48
CA LYS RA 83 -117.82 -32.03 26.99
C LYS RA 83 -117.31 -31.07 25.94
N THR RA 84 -118.09 -30.06 25.59
CA THR RA 84 -117.71 -29.06 24.59
C THR RA 84 -117.69 -27.70 25.25
N VAL RA 85 -116.55 -27.01 25.16
CA VAL RA 85 -116.40 -25.68 25.71
C VAL RA 85 -117.07 -24.68 24.79
N THR RA 86 -118.08 -23.98 25.29
CA THR RA 86 -118.81 -23.00 24.51
C THR RA 86 -118.12 -21.64 24.55
N ALA RA 87 -118.43 -20.81 23.56
CA ALA RA 87 -117.91 -19.44 23.56
C ALA RA 87 -118.42 -18.67 24.77
N MET RA 88 -119.59 -19.05 25.30
CA MET RA 88 -120.12 -18.40 26.49
C MET RA 88 -119.25 -18.73 27.71
N ASP RA 89 -118.76 -19.96 27.79
CA ASP RA 89 -117.80 -20.30 28.85
C ASP RA 89 -116.58 -19.41 28.78
N VAL RA 90 -116.07 -19.17 27.56
CA VAL RA 90 -114.93 -18.28 27.39
C VAL RA 90 -115.32 -16.85 27.78
N VAL RA 91 -116.51 -16.41 27.34
CA VAL RA 91 -116.97 -15.05 27.64
C VAL RA 91 -117.13 -14.87 29.14
N TYR RA 92 -117.73 -15.86 29.82
CA TYR RA 92 -117.89 -15.77 31.26
C TYR RA 92 -116.54 -15.74 31.98
N ALA RA 93 -115.57 -16.49 31.46
CA ALA RA 93 -114.25 -16.52 32.11
C ALA RA 93 -113.51 -15.21 31.90
N LEU RA 94 -113.57 -14.64 30.69
CA LEU RA 94 -112.96 -13.34 30.45
C LEU RA 94 -113.57 -12.26 31.33
N LYS RA 95 -114.89 -12.33 31.54
CA LYS RA 95 -115.54 -11.37 32.42
C LYS RA 95 -115.10 -11.55 33.87
N ARG RA 96 -114.89 -12.79 34.30
CA ARG RA 96 -114.34 -13.05 35.62
C ARG RA 96 -113.02 -12.31 35.83
N GLN RA 97 -112.11 -12.42 34.87
CA GLN RA 97 -110.77 -11.86 34.99
C GLN RA 97 -110.71 -10.36 34.72
N GLY RA 98 -111.86 -9.71 34.49
CA GLY RA 98 -111.86 -8.31 34.17
C GLY RA 98 -111.40 -7.97 32.76
N ARG RA 99 -111.64 -8.86 31.80
CA ARG RA 99 -111.29 -8.64 30.40
C ARG RA 99 -112.50 -8.94 29.52
N THR RA 100 -113.57 -8.17 29.73
CA THR RA 100 -114.83 -8.41 29.04
C THR RA 100 -114.68 -8.32 27.53
N LEU RA 101 -115.37 -9.20 26.82
CA LEU RA 101 -115.29 -9.31 25.37
C LEU RA 101 -116.68 -9.15 24.76
N TYR RA 102 -116.81 -8.23 23.81
CA TYR RA 102 -118.05 -8.00 23.09
C TYR RA 102 -118.02 -8.72 21.76
N GLY RA 103 -119.16 -9.25 21.34
CA GLY RA 103 -119.29 -9.83 20.02
C GLY RA 103 -119.30 -11.34 19.95
N PHE RA 104 -119.38 -12.03 21.08
CA PHE RA 104 -119.44 -13.49 21.09
C PHE RA 104 -120.57 -14.02 21.95
N GLY RA 105 -121.50 -13.16 22.39
CA GLY RA 105 -122.61 -13.62 23.19
C GLY RA 105 -122.76 -12.92 24.52
N GLY RA 106 -122.08 -11.78 24.67
CA GLY RA 106 -122.07 -11.06 25.93
C GLY RA 106 -123.45 -10.60 26.39
N ALA SA 18 -128.02 -33.74 69.64
CA ALA SA 18 -127.63 -32.83 68.56
C ALA SA 18 -128.86 -32.11 68.01
N LYS SA 19 -129.10 -30.91 68.52
CA LYS SA 19 -130.23 -30.11 68.09
C LYS SA 19 -129.85 -29.10 67.00
N THR SA 20 -128.68 -28.48 67.14
CA THR SA 20 -128.23 -27.49 66.17
C THR SA 20 -127.78 -28.16 64.88
N ARG SA 21 -127.92 -27.43 63.77
CA ARG SA 21 -127.41 -27.94 62.50
C ARG SA 21 -125.90 -27.87 62.43
N SER SA 22 -125.26 -27.03 63.26
CA SER SA 22 -123.80 -27.00 63.32
C SER SA 22 -123.24 -28.26 63.96
N SER SA 23 -123.83 -28.71 65.07
CA SER SA 23 -123.38 -29.96 65.68
C SER SA 23 -123.61 -31.13 64.75
N ARG SA 24 -124.74 -31.13 64.03
CA ARG SA 24 -125.07 -32.15 63.05
C ARG SA 24 -124.06 -32.21 61.91
N ALA SA 25 -123.34 -31.13 61.65
CA ALA SA 25 -122.32 -31.10 60.62
C ALA SA 25 -120.91 -31.10 61.17
N GLY SA 26 -120.74 -31.04 62.49
CA GLY SA 26 -119.42 -30.98 63.10
C GLY SA 26 -118.70 -29.69 62.79
N LEU SA 27 -119.40 -28.56 62.89
CA LEU SA 27 -118.85 -27.25 62.56
C LEU SA 27 -118.99 -26.31 63.74
N GLN SA 28 -118.10 -25.31 63.79
CA GLN SA 28 -118.21 -24.23 64.75
C GLN SA 28 -118.99 -23.04 64.21
N PHE SA 29 -119.14 -22.95 62.89
CA PHE SA 29 -119.83 -21.89 62.15
C PHE SA 29 -121.32 -22.21 62.05
N PRO SA 30 -122.17 -21.18 62.09
CA PRO SA 30 -123.62 -21.39 62.22
C PRO SA 30 -124.26 -21.75 60.89
N VAL SA 31 -124.70 -23.01 60.77
CA VAL SA 31 -125.41 -23.44 59.56
C VAL SA 31 -126.76 -22.73 59.46
N GLY SA 32 -127.42 -22.51 60.60
CA GLY SA 32 -128.72 -21.87 60.54
C GLY SA 32 -128.65 -20.44 60.03
N ARG SA 33 -127.71 -19.66 60.56
CA ARG SA 33 -127.56 -18.28 60.10
C ARG SA 33 -127.16 -18.20 58.65
N VAL SA 34 -126.27 -19.09 58.19
CA VAL SA 34 -125.87 -19.07 56.79
C VAL SA 34 -127.06 -19.40 55.89
N HIS SA 35 -127.90 -20.34 56.31
CA HIS SA 35 -129.10 -20.66 55.53
C HIS SA 35 -130.05 -19.47 55.47
N ARG SA 36 -130.15 -18.71 56.56
CA ARG SA 36 -130.96 -17.49 56.54
C ARG SA 36 -130.42 -16.47 55.54
N LEU SA 37 -129.12 -16.16 55.66
CA LEU SA 37 -128.53 -15.15 54.78
C LEU SA 37 -128.63 -15.55 53.32
N LEU SA 38 -128.55 -16.85 53.02
CA LEU SA 38 -128.69 -17.30 51.64
C LEU SA 38 -130.10 -17.07 51.11
N ARG SA 39 -131.12 -17.21 51.97
CA ARG SA 39 -132.49 -16.96 51.52
C ARG SA 39 -132.81 -15.47 51.49
N LYS SA 40 -132.35 -14.71 52.48
CA LYS SA 40 -132.61 -13.28 52.54
C LYS SA 40 -131.60 -12.48 51.70
N GLY SA 41 -131.07 -13.11 50.65
CA GLY SA 41 -130.04 -12.45 49.87
C GLY SA 41 -130.33 -12.39 48.39
N ASN SA 42 -131.46 -12.97 47.97
CA ASN SA 42 -131.87 -12.99 46.57
C ASN SA 42 -130.76 -13.54 45.68
N TYR SA 43 -130.31 -14.75 46.03
CA TYR SA 43 -129.35 -15.47 45.20
C TYR SA 43 -130.02 -16.45 44.24
N SER SA 44 -131.09 -17.10 44.68
CA SER SA 44 -131.93 -17.91 43.81
C SER SA 44 -133.30 -18.03 44.48
N GLU SA 45 -134.27 -18.54 43.70
CA GLU SA 45 -135.58 -18.87 44.27
C GLU SA 45 -135.44 -19.84 45.42
N ARG SA 46 -134.60 -20.87 45.26
CA ARG SA 46 -134.54 -21.98 46.19
C ARG SA 46 -133.11 -22.26 46.65
N VAL SA 47 -132.98 -22.57 47.94
CA VAL SA 47 -131.70 -22.88 48.57
C VAL SA 47 -131.75 -24.30 49.11
N GLY SA 48 -130.84 -25.16 48.62
CA GLY SA 48 -130.80 -26.53 49.10
C GLY SA 48 -130.40 -26.61 50.56
N ALA SA 49 -130.67 -27.78 51.15
CA ALA SA 49 -130.35 -27.98 52.56
C ALA SA 49 -128.85 -28.10 52.81
N GLY SA 50 -128.10 -28.60 51.81
CA GLY SA 50 -126.67 -28.78 51.98
C GLY SA 50 -125.85 -27.53 51.72
N ALA SA 51 -126.41 -26.57 50.99
CA ALA SA 51 -125.66 -25.35 50.65
C ALA SA 51 -125.18 -24.57 51.86
N PRO SA 52 -126.00 -24.28 52.88
CA PRO SA 52 -125.46 -23.52 54.02
C PRO SA 52 -124.42 -24.30 54.80
N VAL SA 53 -124.55 -25.62 54.82
CA VAL SA 53 -123.59 -26.46 55.53
C VAL SA 53 -122.22 -26.40 54.84
N TYR SA 54 -122.21 -26.60 53.53
CA TYR SA 54 -120.96 -26.51 52.76
C TYR SA 54 -120.30 -25.17 52.96
N LEU SA 55 -121.08 -24.09 52.84
CA LEU SA 55 -120.52 -22.74 52.89
C LEU SA 55 -119.96 -22.42 54.27
N ALA SA 56 -120.71 -22.75 55.34
CA ALA SA 56 -120.24 -22.49 56.69
C ALA SA 56 -118.97 -23.28 57.00
N ALA SA 57 -118.81 -24.45 56.40
CA ALA SA 57 -117.56 -25.21 56.58
C ALA SA 57 -116.42 -24.55 55.83
N VAL SA 58 -116.66 -24.09 54.60
CA VAL SA 58 -115.63 -23.40 53.83
C VAL SA 58 -115.25 -22.11 54.55
N LEU SA 59 -116.26 -21.35 55.00
CA LEU SA 59 -115.98 -20.16 55.79
C LEU SA 59 -115.18 -20.50 57.04
N GLU SA 60 -115.45 -21.67 57.64
CA GLU SA 60 -114.71 -22.09 58.81
C GLU SA 60 -113.27 -22.47 58.47
N TYR SA 61 -113.07 -23.17 57.35
CA TYR SA 61 -111.72 -23.55 56.94
C TYR SA 61 -110.86 -22.32 56.69
N LEU SA 62 -111.37 -21.39 55.87
CA LEU SA 62 -110.61 -20.19 55.57
C LEU SA 62 -110.35 -19.37 56.83
N THR SA 63 -111.32 -19.34 57.74
CA THR SA 63 -111.13 -18.66 59.02
C THR SA 63 -109.97 -19.27 59.80
N ALA SA 64 -109.94 -20.60 59.88
CA ALA SA 64 -108.85 -21.27 60.59
C ALA SA 64 -107.51 -21.03 59.90
N GLU SA 65 -107.50 -21.03 58.57
CA GLU SA 65 -106.26 -20.85 57.83
C GLU SA 65 -105.63 -19.49 58.11
N ILE SA 66 -106.45 -18.45 58.22
CA ILE SA 66 -105.92 -17.11 58.46
C ILE SA 66 -105.53 -16.94 59.92
N LEU SA 67 -106.36 -17.43 60.85
CA LEU SA 67 -106.04 -17.31 62.26
C LEU SA 67 -104.82 -18.13 62.64
N GLU SA 68 -104.59 -19.24 61.95
CA GLU SA 68 -103.37 -20.02 62.17
C GLU SA 68 -102.13 -19.19 61.86
N LEU SA 69 -102.10 -18.59 60.68
CA LEU SA 69 -100.95 -17.78 60.28
C LEU SA 69 -100.90 -16.46 61.04
N ALA SA 70 -102.04 -15.95 61.48
CA ALA SA 70 -102.05 -14.70 62.23
C ALA SA 70 -101.64 -14.89 63.68
N GLY SA 71 -102.01 -16.02 64.28
CA GLY SA 71 -101.52 -16.32 65.62
C GLY SA 71 -100.03 -16.61 65.64
N ASN SA 72 -99.50 -17.17 64.56
CA ASN SA 72 -98.06 -17.34 64.44
C ASN SA 72 -97.35 -16.00 64.33
N ALA SA 73 -97.89 -15.09 63.52
CA ALA SA 73 -97.29 -13.76 63.37
C ALA SA 73 -97.31 -13.00 64.69
N ALA SA 74 -98.39 -13.12 65.45
CA ALA SA 74 -98.45 -12.47 66.76
C ALA SA 74 -97.40 -13.03 67.70
N ARG SA 75 -97.15 -14.34 67.64
CA ARG SA 75 -96.14 -14.95 68.49
C ARG SA 75 -94.74 -14.51 68.09
N ASP SA 76 -94.48 -14.38 66.78
CA ASP SA 76 -93.19 -13.88 66.33
C ASP SA 76 -92.93 -12.46 66.83
N ASN SA 77 -93.98 -11.66 67.00
CA ASN SA 77 -93.85 -10.31 67.50
C ASN SA 77 -94.01 -10.24 69.01
N LYS SA 78 -93.88 -11.38 69.71
CA LYS SA 78 -93.97 -11.44 71.16
C LYS SA 78 -95.31 -10.91 71.65
N LYS SA 79 -96.37 -11.22 70.91
CA LYS SA 79 -97.72 -10.77 71.24
C LYS SA 79 -98.65 -11.96 71.37
N THR SA 80 -99.55 -11.87 72.34
CA THR SA 80 -100.59 -12.86 72.56
C THR SA 80 -101.90 -12.53 71.83
N ARG SA 81 -102.08 -11.28 71.39
CA ARG SA 81 -103.30 -10.90 70.68
C ARG SA 81 -102.99 -10.66 69.21
N ILE SA 82 -103.91 -11.06 68.35
CA ILE SA 82 -103.81 -10.76 66.92
C ILE SA 82 -104.33 -9.34 66.68
N ILE SA 83 -103.45 -8.46 66.24
CA ILE SA 83 -103.83 -7.11 65.83
C ILE SA 83 -103.85 -7.09 64.30
N PRO SA 84 -104.43 -6.07 63.66
CA PRO SA 84 -104.57 -6.11 62.19
C PRO SA 84 -103.28 -6.34 61.44
N ARG SA 85 -102.15 -5.84 61.95
CA ARG SA 85 -100.86 -6.05 61.28
C ARG SA 85 -100.54 -7.53 61.17
N HIS SA 86 -100.88 -8.31 62.21
CA HIS SA 86 -100.65 -9.75 62.16
C HIS SA 86 -101.47 -10.41 61.05
N LEU SA 87 -102.70 -9.94 60.83
CA LEU SA 87 -103.49 -10.43 59.70
C LEU SA 87 -102.88 -10.02 58.37
N GLN SA 88 -102.31 -8.81 58.30
CA GLN SA 88 -101.70 -8.35 57.06
C GLN SA 88 -100.42 -9.12 56.77
N LEU SA 89 -99.56 -9.29 57.78
CA LEU SA 89 -98.35 -10.10 57.60
C LEU SA 89 -98.68 -11.52 57.18
N ALA SA 90 -99.76 -12.08 57.73
CA ALA SA 90 -100.12 -13.46 57.42
C ALA SA 90 -100.61 -13.58 55.99
N ILE SA 91 -101.52 -12.70 55.58
CA ILE SA 91 -102.12 -12.78 54.25
C ILE SA 91 -101.10 -12.48 53.17
N ARG SA 92 -100.31 -11.41 53.34
CA ARG SA 92 -99.39 -11.00 52.29
C ARG SA 92 -98.15 -11.88 52.19
N ASN SA 93 -97.86 -12.69 53.21
CA ASN SA 93 -96.76 -13.64 53.15
C ASN SA 93 -97.17 -14.98 52.57
N ASP SA 94 -98.45 -15.35 52.69
CA ASP SA 94 -98.95 -16.57 52.08
C ASP SA 94 -99.42 -16.26 50.66
N GLU SA 95 -98.91 -17.03 49.70
CA GLU SA 95 -99.16 -16.73 48.29
C GLU SA 95 -100.66 -16.80 47.98
N GLU SA 96 -101.33 -17.87 48.45
CA GLU SA 96 -102.73 -18.05 48.10
C GLU SA 96 -103.63 -17.08 48.86
N LEU SA 97 -103.33 -16.81 50.13
CA LEU SA 97 -104.08 -15.81 50.86
C LEU SA 97 -103.90 -14.42 50.25
N ASN SA 98 -102.68 -14.11 49.81
CA ASN SA 98 -102.44 -12.82 49.17
C ASN SA 98 -103.21 -12.69 47.87
N LYS SA 99 -103.41 -13.79 47.14
CA LYS SA 99 -104.17 -13.74 45.90
C LYS SA 99 -105.67 -13.61 46.17
N LEU SA 100 -106.17 -14.36 47.16
CA LEU SA 100 -107.59 -14.30 47.47
C LEU SA 100 -108.02 -12.89 47.90
N LEU SA 101 -107.14 -12.18 48.60
CA LEU SA 101 -107.38 -10.80 49.03
C LEU SA 101 -106.50 -9.82 48.25
N GLY SA 102 -106.36 -10.05 46.94
CA GLY SA 102 -105.51 -9.18 46.13
C GLY SA 102 -106.08 -7.79 45.92
N ARG SA 103 -107.41 -7.67 45.86
CA ARG SA 103 -108.07 -6.37 45.75
C ARG SA 103 -108.70 -5.93 47.06
N VAL SA 104 -108.05 -6.26 48.17
CA VAL SA 104 -108.55 -6.00 49.51
C VAL SA 104 -107.55 -5.14 50.27
N THR SA 105 -108.06 -4.18 51.04
CA THR SA 105 -107.23 -3.31 51.88
C THR SA 105 -107.51 -3.63 53.33
N ILE SA 106 -106.45 -4.02 54.06
CA ILE SA 106 -106.56 -4.37 55.47
C ILE SA 106 -106.21 -3.12 56.28
N ALA SA 107 -107.19 -2.59 57.00
CA ALA SA 107 -106.99 -1.36 57.77
C ALA SA 107 -105.96 -1.57 58.86
N GLN SA 108 -105.06 -0.59 59.00
CA GLN SA 108 -103.98 -0.63 59.99
C GLN SA 108 -103.14 -1.89 59.84
N GLY SA 109 -102.84 -2.25 58.60
CA GLY SA 109 -102.08 -3.45 58.34
C GLY SA 109 -100.66 -3.19 57.90
N GLY SA 110 -100.44 -2.03 57.28
CA GLY SA 110 -99.12 -1.69 56.79
C GLY SA 110 -98.75 -2.47 55.54
N VAL SA 111 -97.45 -2.56 55.31
CA VAL SA 111 -96.90 -3.25 54.15
C VAL SA 111 -95.81 -4.21 54.61
N LEU SA 112 -95.39 -5.07 53.70
CA LEU SA 112 -94.25 -5.94 53.97
C LEU SA 112 -92.94 -5.17 53.79
N PRO SA 113 -91.99 -5.33 54.71
CA PRO SA 113 -90.67 -4.71 54.53
C PRO SA 113 -90.02 -5.26 53.26
N ASN SA 114 -89.82 -4.37 52.29
CA ASN SA 114 -89.22 -4.76 51.01
C ASN SA 114 -88.54 -3.54 50.42
N ILE SA 115 -87.21 -3.53 50.47
CA ILE SA 115 -86.40 -2.48 49.88
C ILE SA 115 -85.75 -3.05 48.62
N GLN SA 116 -85.85 -2.30 47.52
CA GLN SA 116 -85.30 -2.74 46.26
C GLN SA 116 -83.77 -2.78 46.31
N ALA SA 117 -83.20 -3.69 45.52
CA ALA SA 117 -81.76 -3.96 45.60
C ALA SA 117 -80.94 -2.75 45.15
N VAL SA 118 -81.32 -2.11 44.05
CA VAL SA 118 -80.53 -1.01 43.52
C VAL SA 118 -80.49 0.17 44.47
N LEU SA 119 -81.40 0.23 45.44
CA LEU SA 119 -81.38 1.26 46.47
C LEU SA 119 -80.39 0.97 47.58
N LEU SA 120 -79.86 -0.25 47.68
CA LEU SA 120 -78.91 -0.59 48.73
C LEU SA 120 -77.54 0.00 48.44
N PRO SA 121 -76.83 0.48 49.46
CA PRO SA 121 -75.48 1.04 49.23
C PRO SA 121 -74.50 -0.06 48.87
N LYS SA 122 -73.59 0.28 47.95
CA LYS SA 122 -72.56 -0.65 47.51
C LYS SA 122 -71.19 -0.29 48.10
N LYS TA 34 -130.62 2.22 74.57
CA LYS TA 34 -130.26 0.83 74.29
C LYS TA 34 -130.00 0.66 72.79
N ARG TA 35 -128.73 0.65 72.42
CA ARG TA 35 -128.32 0.84 71.03
C ARG TA 35 -128.78 -0.33 70.16
N SER TA 36 -128.71 -0.11 68.85
CA SER TA 36 -129.31 -1.03 67.88
C SER TA 36 -128.52 -2.32 67.76
N ARG TA 37 -129.24 -3.42 67.61
CA ARG TA 37 -128.64 -4.73 67.35
C ARG TA 37 -127.85 -4.70 66.05
N LYS TA 38 -126.53 -4.87 66.15
CA LYS TA 38 -125.66 -4.93 64.98
C LYS TA 38 -124.98 -6.30 64.95
N GLU TA 39 -125.39 -7.14 64.01
CA GLU TA 39 -124.89 -8.50 63.94
C GLU TA 39 -123.43 -8.48 63.50
N SER TA 40 -122.68 -9.51 63.91
CA SER TA 40 -121.34 -9.73 63.37
C SER TA 40 -120.99 -11.20 63.50
N TYR TA 41 -119.83 -11.56 62.95
CA TYR TA 41 -119.25 -12.90 63.02
C TYR TA 41 -118.25 -13.04 64.17
N SER TA 42 -118.31 -12.16 65.16
CA SER TA 42 -117.25 -12.08 66.16
C SER TA 42 -117.21 -13.32 67.05
N ILE TA 43 -118.37 -13.83 67.44
CA ILE TA 43 -118.39 -14.96 68.36
C ILE TA 43 -117.79 -16.21 67.72
N TYR TA 44 -118.04 -16.40 66.41
CA TYR TA 44 -117.51 -17.57 65.72
C TYR TA 44 -116.02 -17.44 65.44
N VAL TA 45 -115.56 -16.22 65.14
CA VAL TA 45 -114.13 -15.99 64.97
C VAL TA 45 -113.40 -16.26 66.27
N TYR TA 46 -113.99 -15.86 67.40
CA TYR TA 46 -113.41 -16.16 68.70
C TYR TA 46 -113.33 -17.66 68.94
N LYS TA 47 -114.35 -18.40 68.52
CA LYS TA 47 -114.36 -19.84 68.74
C LYS TA 47 -113.27 -20.52 67.91
N VAL TA 48 -113.22 -20.22 66.60
CA VAL TA 48 -112.20 -20.80 65.73
C VAL TA 48 -110.81 -20.43 66.23
N LEU TA 49 -110.63 -19.19 66.68
CA LEU TA 49 -109.33 -18.77 67.21
C LEU TA 49 -108.96 -19.57 68.44
N LYS TA 50 -109.94 -19.87 69.30
CA LYS TA 50 -109.64 -20.65 70.50
C LYS TA 50 -109.33 -22.11 70.18
N GLN TA 51 -109.89 -22.64 69.08
CA GLN TA 51 -109.48 -23.98 68.64
C GLN TA 51 -108.05 -23.99 68.12
N VAL TA 52 -107.66 -22.97 67.36
CA VAL TA 52 -106.37 -22.98 66.69
C VAL TA 52 -105.30 -22.33 67.55
N HIS TA 53 -105.68 -21.37 68.39
CA HIS TA 53 -104.74 -20.71 69.29
C HIS TA 53 -105.48 -20.42 70.60
N PRO TA 54 -105.50 -21.39 71.52
CA PRO TA 54 -106.36 -21.26 72.70
C PRO TA 54 -105.96 -20.13 73.63
N ASP TA 55 -104.72 -19.65 73.55
CA ASP TA 55 -104.24 -18.58 74.41
C ASP TA 55 -104.10 -17.26 73.68
N THR TA 56 -104.44 -17.21 72.39
CA THR TA 56 -104.24 -16.02 71.58
C THR TA 56 -105.50 -15.19 71.50
N GLY TA 57 -105.34 -13.87 71.44
CA GLY TA 57 -106.46 -12.97 71.36
C GLY TA 57 -106.53 -12.14 70.09
N ILE TA 58 -107.43 -11.17 70.07
CA ILE TA 58 -107.71 -10.38 68.87
C ILE TA 58 -108.24 -9.01 69.31
N SER TA 59 -107.81 -7.98 68.60
CA SER TA 59 -108.20 -6.61 68.93
C SER TA 59 -109.47 -6.22 68.20
N SER TA 60 -109.94 -4.99 68.48
CA SER TA 60 -111.15 -4.49 67.84
C SER TA 60 -110.98 -4.36 66.33
N LYS TA 61 -109.92 -3.67 65.90
CA LYS TA 61 -109.71 -3.44 64.48
C LYS TA 61 -109.48 -4.76 63.75
N ALA TA 62 -108.72 -5.68 64.37
CA ALA TA 62 -108.48 -6.98 63.77
C ALA TA 62 -109.78 -7.76 63.61
N MET TA 63 -110.66 -7.69 64.61
CA MET TA 63 -111.97 -8.33 64.50
C MET TA 63 -112.81 -7.71 63.40
N GLY TA 64 -112.68 -6.39 63.19
CA GLY TA 64 -113.43 -5.75 62.12
C GLY TA 64 -112.97 -6.19 60.75
N ILE TA 65 -111.66 -6.42 60.60
CA ILE TA 65 -111.13 -6.91 59.34
C ILE TA 65 -111.57 -8.35 59.08
N MET TA 66 -111.52 -9.20 60.12
CA MET TA 66 -112.00 -10.56 59.97
C MET TA 66 -113.48 -10.58 59.64
N ASN TA 67 -114.26 -9.67 60.23
CA ASN TA 67 -115.68 -9.57 59.91
C ASN TA 67 -115.88 -9.13 58.46
N SER TA 68 -115.06 -8.19 58.00
CA SER TA 68 -115.13 -7.77 56.59
C SER TA 68 -114.63 -8.87 55.66
N PHE TA 69 -113.67 -9.68 56.12
CA PHE TA 69 -113.18 -10.79 55.31
C PHE TA 69 -114.28 -11.83 55.09
N VAL TA 70 -114.97 -12.22 56.16
CA VAL TA 70 -116.03 -13.22 56.04
C VAL TA 70 -117.15 -12.72 55.14
N ASN TA 71 -117.56 -11.45 55.31
CA ASN TA 71 -118.61 -10.90 54.47
C ASN TA 71 -118.18 -10.82 53.02
N ASP TA 72 -116.94 -10.41 52.77
CA ASP TA 72 -116.43 -10.32 51.40
C ASP TA 72 -116.48 -11.68 50.70
N ILE TA 73 -115.88 -12.70 51.32
CA ILE TA 73 -115.84 -14.01 50.69
C ILE TA 73 -117.24 -14.61 50.59
N PHE TA 74 -118.10 -14.29 51.57
CA PHE TA 74 -119.51 -14.66 51.48
C PHE TA 74 -120.11 -14.12 50.19
N GLU TA 75 -119.97 -12.82 49.96
CA GLU TA 75 -120.56 -12.19 48.78
C GLU TA 75 -119.94 -12.71 47.49
N ARG TA 76 -118.64 -13.00 47.51
CA ARG TA 76 -117.97 -13.50 46.31
C ARG TA 76 -118.48 -14.88 45.93
N ILE TA 77 -118.55 -15.80 46.90
CA ILE TA 77 -119.02 -17.15 46.62
C ILE TA 77 -120.51 -17.12 46.25
N ALA TA 78 -121.32 -16.44 47.06
CA ALA TA 78 -122.74 -16.39 46.80
C ALA TA 78 -123.05 -15.71 45.47
N GLY TA 79 -122.28 -14.68 45.12
CA GLY TA 79 -122.47 -14.02 43.84
C GLY TA 79 -122.15 -14.93 42.67
N GLU TA 80 -121.04 -15.66 42.76
CA GLU TA 80 -120.69 -16.61 41.71
C GLU TA 80 -121.73 -17.73 41.60
N ALA TA 81 -122.24 -18.18 42.75
CA ALA TA 81 -123.28 -19.21 42.74
C ALA TA 81 -124.56 -18.69 42.09
N SER TA 82 -124.91 -17.43 42.34
CA SER TA 82 -126.07 -16.84 41.69
C SER TA 82 -125.91 -16.82 40.18
N ARG TA 83 -124.70 -16.47 39.71
CA ARG TA 83 -124.45 -16.44 38.27
C ARG TA 83 -124.50 -17.83 37.66
N LEU TA 84 -123.95 -18.83 38.36
CA LEU TA 84 -123.98 -20.20 37.85
C LEU TA 84 -125.41 -20.69 37.65
N ALA TA 85 -126.28 -20.44 38.63
CA ALA TA 85 -127.68 -20.85 38.50
C ALA TA 85 -128.35 -20.13 37.34
N HIS TA 86 -128.07 -18.83 37.19
CA HIS TA 86 -128.63 -18.06 36.08
C HIS TA 86 -128.13 -18.59 34.73
N TYR TA 87 -126.83 -18.93 34.66
CA TYR TA 87 -126.27 -19.42 33.41
C TYR TA 87 -126.92 -20.72 32.96
N ASN TA 88 -127.34 -21.57 33.91
CA ASN TA 88 -127.91 -22.87 33.60
C ASN TA 88 -129.43 -22.89 33.75
N LYS TA 89 -130.07 -21.72 33.87
CA LYS TA 89 -131.51 -21.60 33.95
C LYS TA 89 -132.07 -22.37 35.16
N ARG TA 90 -131.34 -22.31 36.27
CA ARG TA 90 -131.78 -22.94 37.50
C ARG TA 90 -132.29 -21.90 38.49
N SER TA 91 -133.41 -22.24 39.13
CA SER TA 91 -134.02 -21.40 40.15
C SER TA 91 -133.44 -21.67 41.53
N THR TA 92 -132.53 -22.63 41.63
CA THR TA 92 -132.04 -23.10 42.92
C THR TA 92 -130.53 -22.95 43.02
N ILE TA 93 -130.07 -22.50 44.17
CA ILE TA 93 -128.66 -22.53 44.55
C ILE TA 93 -128.49 -23.65 45.57
N THR TA 94 -127.89 -24.75 45.12
CA THR TA 94 -127.62 -25.91 45.95
C THR TA 94 -126.14 -25.93 46.31
N SER TA 95 -125.78 -26.89 47.17
CA SER TA 95 -124.38 -27.02 47.57
C SER TA 95 -123.47 -27.27 46.38
N ARG TA 96 -124.01 -27.80 45.28
CA ARG TA 96 -123.20 -27.96 44.07
C ARG TA 96 -122.82 -26.61 43.47
N GLU TA 97 -123.71 -25.62 43.54
CA GLU TA 97 -123.37 -24.29 43.07
C GLU TA 97 -122.29 -23.65 43.93
N ILE TA 98 -122.38 -23.82 45.25
CA ILE TA 98 -121.37 -23.28 46.15
C ILE TA 98 -120.02 -23.95 45.90
N GLN TA 99 -120.02 -25.26 45.62
CA GLN TA 99 -118.78 -25.97 45.38
C GLN TA 99 -118.05 -25.44 44.16
N THR TA 100 -118.73 -25.35 43.03
CA THR TA 100 -118.11 -24.81 41.82
C THR TA 100 -117.68 -23.36 42.02
N ALA TA 101 -118.46 -22.59 42.77
CA ALA TA 101 -118.07 -21.21 43.05
C ALA TA 101 -116.77 -21.17 43.83
N VAL TA 102 -116.57 -22.12 44.75
CA VAL TA 102 -115.31 -22.20 45.48
C VAL TA 102 -114.17 -22.56 44.54
N ARG TA 103 -114.43 -23.43 43.56
CA ARG TA 103 -113.40 -23.84 42.62
C ARG TA 103 -112.99 -22.68 41.71
N LEU TA 104 -113.97 -21.89 41.24
CA LEU TA 104 -113.63 -20.74 40.40
C LEU TA 104 -112.97 -19.63 41.20
N LEU TA 105 -113.32 -19.48 42.47
CA LEU TA 105 -112.87 -18.34 43.25
C LEU TA 105 -111.57 -18.62 43.98
N LEU TA 106 -111.46 -19.77 44.61
CA LEU TA 106 -110.29 -19.94 45.46
C LEU TA 106 -109.10 -20.44 44.66
N PRO TA 107 -107.88 -20.11 45.09
CA PRO TA 107 -106.68 -20.61 44.41
C PRO TA 107 -106.34 -22.03 44.86
N GLY TA 108 -106.11 -22.90 43.87
CA GLY TA 108 -105.62 -24.27 44.03
C GLY TA 108 -105.79 -24.96 45.37
N GLU TA 109 -104.77 -24.90 46.21
CA GLU TA 109 -104.76 -25.65 47.47
C GLU TA 109 -105.87 -25.16 48.40
N LEU TA 110 -106.11 -23.85 48.43
CA LEU TA 110 -107.18 -23.31 49.26
C LEU TA 110 -108.53 -23.89 48.87
N ALA TA 111 -108.80 -23.95 47.55
CA ALA TA 111 -110.06 -24.56 47.10
C ALA TA 111 -110.12 -26.03 47.44
N LYS TA 112 -109.01 -26.75 47.24
CA LYS TA 112 -108.98 -28.19 47.49
C LYS TA 112 -109.41 -28.52 48.91
N HIS TA 113 -108.83 -27.84 49.90
CA HIS TA 113 -109.19 -28.11 51.29
C HIS TA 113 -110.59 -27.58 51.60
N ALA TA 114 -110.96 -26.44 51.01
CA ALA TA 114 -112.29 -25.89 51.25
C ALA TA 114 -113.37 -26.79 50.67
N VAL TA 115 -113.09 -27.42 49.52
CA VAL TA 115 -114.06 -28.33 48.92
C VAL TA 115 -114.26 -29.55 49.81
N SER TA 116 -113.17 -30.11 50.33
CA SER TA 116 -113.28 -31.30 51.18
C SER TA 116 -113.94 -30.97 52.51
N GLU TA 117 -113.63 -29.80 53.09
CA GLU TA 117 -114.26 -29.41 54.35
C GLU TA 117 -115.73 -29.08 54.19
N GLY TA 118 -116.17 -28.73 52.98
CA GLY TA 118 -117.58 -28.46 52.74
C GLY TA 118 -118.37 -29.71 52.46
N THR TA 119 -117.84 -30.56 51.57
CA THR TA 119 -118.48 -31.84 51.29
C THR TA 119 -118.56 -32.69 52.56
N LYS TA 120 -117.53 -32.61 53.41
CA LYS TA 120 -117.55 -33.34 54.68
C LYS TA 120 -118.71 -32.88 55.56
N ALA TA 121 -118.98 -31.58 55.56
CA ALA TA 121 -120.07 -31.08 56.40
C ALA TA 121 -121.42 -31.40 55.80
N VAL TA 122 -121.56 -31.40 54.47
CA VAL TA 122 -122.84 -31.69 53.86
C VAL TA 122 -123.20 -33.16 54.05
N THR TA 123 -122.22 -34.05 53.90
CA THR TA 123 -122.45 -35.48 54.10
C THR TA 123 -122.98 -35.75 55.52
N LYS TA 124 -122.36 -35.14 56.51
CA LYS TA 124 -122.83 -35.28 57.89
C LYS TA 124 -124.24 -34.73 58.06
N TYR TA 125 -124.48 -33.52 57.53
CA TYR TA 125 -125.79 -32.88 57.68
C TYR TA 125 -126.91 -33.70 57.05
N THR TA 126 -126.62 -34.32 55.91
CA THR TA 126 -127.64 -35.12 55.22
C THR TA 126 -128.02 -36.37 56.01
N SER TA 127 -127.04 -37.05 56.60
CA SER TA 127 -127.32 -38.29 57.31
C SER TA 127 -128.02 -38.04 58.64
N ALA TA 128 -127.59 -37.04 59.39
CA ALA TA 128 -128.23 -36.75 60.67
C ALA TA 128 -129.22 -35.60 60.59
N PRO UA 42 -70.46 18.24 63.67
CA PRO UA 42 -70.02 17.10 64.49
C PRO UA 42 -70.09 15.79 63.73
N HIS UA 43 -71.28 15.20 63.63
CA HIS UA 43 -71.49 13.94 62.93
C HIS UA 43 -72.52 14.14 61.82
N ARG UA 44 -72.30 13.46 60.70
CA ARG UA 44 -73.17 13.61 59.54
C ARG UA 44 -73.24 12.28 58.81
N TYR UA 45 -74.46 11.76 58.66
CA TYR UA 45 -74.65 10.54 57.91
C TYR UA 45 -74.58 10.82 56.41
N ARG UA 46 -74.17 9.82 55.65
CA ARG UA 46 -74.13 10.02 54.22
C ARG UA 46 -75.56 9.97 53.66
N PRO UA 47 -75.83 10.76 52.61
CA PRO UA 47 -77.20 10.81 52.08
C PRO UA 47 -77.66 9.45 51.58
N GLY UA 48 -78.83 9.05 52.05
CA GLY UA 48 -79.37 7.72 51.81
C GLY UA 48 -79.44 6.86 53.05
N THR UA 49 -78.65 7.18 54.08
CA THR UA 49 -78.63 6.37 55.29
C THR UA 49 -79.91 6.56 56.10
N VAL UA 50 -80.30 7.82 56.33
CA VAL UA 50 -81.52 8.09 57.08
C VAL UA 50 -82.76 7.75 56.25
N ALA UA 51 -82.65 7.84 54.92
CA ALA UA 51 -83.77 7.47 54.05
C ALA UA 51 -84.08 5.99 54.17
N LEU UA 52 -83.04 5.14 54.08
CA LEU UA 52 -83.22 3.72 54.32
C LEU UA 52 -83.74 3.47 55.73
N ARG UA 53 -83.25 4.23 56.70
CA ARG UA 53 -83.71 4.08 58.08
C ARG UA 53 -85.20 4.40 58.20
N GLU UA 54 -85.67 5.40 57.44
CA GLU UA 54 -87.08 5.76 57.50
C GLU UA 54 -87.95 4.74 56.77
N ILE UA 55 -87.42 4.09 55.73
CA ILE UA 55 -88.17 3.06 55.03
C ILE UA 55 -88.49 1.91 55.98
N ARG UA 56 -87.48 1.44 56.71
CA ARG UA 56 -87.69 0.34 57.65
C ARG UA 56 -88.65 0.75 58.78
N ARG UA 57 -88.57 2.00 59.24
CA ARG UA 57 -89.41 2.44 60.33
C ARG UA 57 -90.89 2.44 59.94
N TYR UA 58 -91.21 3.09 58.81
CA TYR UA 58 -92.60 3.25 58.41
C TYR UA 58 -93.18 1.99 57.77
N GLN UA 59 -92.34 1.02 57.40
CA GLN UA 59 -92.84 -0.29 56.99
C GLN UA 59 -93.06 -1.21 58.18
N LYS UA 60 -92.66 -0.79 59.38
CA LYS UA 60 -92.95 -1.54 60.60
C LYS UA 60 -94.28 -1.13 61.24
N SER UA 61 -94.67 0.12 61.11
CA SER UA 61 -95.84 0.66 61.79
C SER UA 61 -97.05 0.68 60.85
N THR UA 62 -98.21 0.97 61.42
CA THR UA 62 -99.47 1.03 60.69
C THR UA 62 -100.20 2.35 60.85
N GLU UA 63 -99.64 3.29 61.61
CA GLU UA 63 -100.33 4.55 61.86
C GLU UA 63 -100.43 5.37 60.58
N LEU UA 64 -101.44 6.22 60.52
CA LEU UA 64 -101.59 7.13 59.38
C LEU UA 64 -100.48 8.17 59.39
N LEU UA 65 -100.00 8.52 58.21
CA LEU UA 65 -98.85 9.40 58.08
C LEU UA 65 -99.22 10.83 57.74
N ILE UA 66 -100.45 11.08 57.32
CA ILE UA 66 -100.94 12.43 57.10
C ILE UA 66 -101.58 12.94 58.38
N ARG UA 67 -101.26 14.19 58.75
CA ARG UA 67 -101.85 14.77 59.95
C ARG UA 67 -103.36 14.91 59.78
N LYS UA 68 -104.09 14.58 60.84
CA LYS UA 68 -105.54 14.41 60.72
C LYS UA 68 -106.25 15.71 60.38
N LEU UA 69 -105.86 16.82 61.03
CA LEU UA 69 -106.58 18.08 60.81
C LEU UA 69 -106.41 18.60 59.39
N PRO UA 70 -105.20 18.67 58.81
CA PRO UA 70 -105.10 19.12 57.41
C PRO UA 70 -105.86 18.22 56.45
N PHE UA 71 -105.87 16.90 56.68
CA PHE UA 71 -106.60 16.00 55.81
C PHE UA 71 -108.10 16.24 55.90
N GLN UA 72 -108.62 16.44 57.11
CA GLN UA 72 -110.04 16.66 57.29
C GLN UA 72 -110.50 17.96 56.63
N ARG UA 73 -109.68 19.01 56.75
CA ARG UA 73 -109.99 20.26 56.07
C ARG UA 73 -110.00 20.10 54.56
N LEU UA 74 -109.16 19.21 54.03
CA LEU UA 74 -109.17 18.94 52.58
C LEU UA 74 -110.41 18.15 52.18
N VAL UA 75 -110.86 17.22 53.03
CA VAL UA 75 -112.06 16.46 52.72
C VAL UA 75 -113.28 17.37 52.73
N ARG UA 76 -113.38 18.24 53.74
CA ARG UA 76 -114.54 19.13 53.82
C ARG UA 76 -114.59 20.11 52.66
N GLU UA 77 -113.43 20.56 52.16
CA GLU UA 77 -113.42 21.50 51.05
C GLU UA 77 -113.80 20.81 49.74
N ILE UA 78 -113.23 19.63 49.48
CA ILE UA 78 -113.58 18.90 48.26
C ILE UA 78 -115.05 18.53 48.25
N ALA UA 79 -115.57 18.04 49.37
CA ALA UA 79 -116.99 17.70 49.47
C ALA UA 79 -117.86 18.95 49.37
N GLN UA 80 -117.40 20.08 49.91
CA GLN UA 80 -118.18 21.32 49.84
C GLN UA 80 -118.35 21.80 48.40
N ASP UA 81 -117.37 21.54 47.54
CA ASP UA 81 -117.49 21.86 46.13
C ASP UA 81 -118.38 20.88 45.37
N PHE UA 82 -118.88 19.84 46.03
CA PHE UA 82 -119.91 18.96 45.49
C PHE UA 82 -121.30 19.29 46.02
N LYS UA 83 -121.41 19.50 47.33
CA LYS UA 83 -122.68 19.84 47.96
C LYS UA 83 -122.40 20.62 49.23
N THR UA 84 -123.12 21.74 49.41
CA THR UA 84 -122.90 22.60 50.56
C THR UA 84 -123.62 22.06 51.79
N ASP UA 85 -123.15 22.51 52.96
CA ASP UA 85 -123.69 22.11 54.26
C ASP UA 85 -123.76 20.59 54.38
N LEU UA 86 -122.57 19.99 54.45
CA LEU UA 86 -122.42 18.56 54.65
C LEU UA 86 -121.71 18.32 55.98
N ARG UA 87 -122.23 17.38 56.76
CA ARG UA 87 -121.56 16.92 57.97
C ARG UA 87 -120.95 15.55 57.72
N PHE UA 88 -119.89 15.24 58.47
CA PHE UA 88 -119.15 14.00 58.30
C PHE UA 88 -119.05 13.26 59.62
N GLN UA 89 -119.45 11.99 59.61
CA GLN UA 89 -119.04 11.12 60.71
C GLN UA 89 -117.52 11.09 60.80
N SER UA 90 -117.00 11.20 62.02
CA SER UA 90 -115.55 11.18 62.20
C SER UA 90 -114.95 9.91 61.63
N SER UA 91 -115.68 8.79 61.68
CA SER UA 91 -115.21 7.56 61.07
C SER UA 91 -115.24 7.63 59.56
N ALA UA 92 -116.15 8.44 58.98
CA ALA UA 92 -116.16 8.62 57.54
C ALA UA 92 -114.90 9.33 57.05
N VAL UA 93 -114.36 10.24 57.85
CA VAL UA 93 -113.10 10.89 57.48
C VAL UA 93 -111.94 9.92 57.69
N MET UA 94 -112.01 9.11 58.75
CA MET UA 94 -110.97 8.12 58.99
C MET UA 94 -110.98 7.04 57.91
N ALA UA 95 -112.17 6.67 57.43
CA ALA UA 95 -112.26 5.71 56.34
C ALA UA 95 -111.68 6.28 55.06
N LEU UA 96 -111.92 7.57 54.80
CA LEU UA 96 -111.33 8.20 53.62
C LEU UA 96 -109.82 8.34 53.74
N GLN UA 97 -109.30 8.48 54.96
CA GLN UA 97 -107.85 8.64 55.12
C GLN UA 97 -107.12 7.31 55.07
N GLU UA 98 -107.73 6.26 55.63
CA GLU UA 98 -107.13 4.92 55.54
C GLU UA 98 -106.98 4.49 54.08
N ALA UA 99 -108.00 4.73 53.26
CA ALA UA 99 -107.94 4.30 51.87
C ALA UA 99 -106.99 5.17 51.05
N CYS UA 100 -106.99 6.48 51.27
CA CYS UA 100 -106.12 7.36 50.50
C CYS UA 100 -104.65 7.07 50.76
N GLU UA 101 -104.28 6.92 52.03
CA GLU UA 101 -102.90 6.60 52.35
C GLU UA 101 -102.51 5.25 51.80
N ALA UA 102 -103.43 4.27 51.87
CA ALA UA 102 -103.16 2.96 51.27
C ALA UA 102 -103.03 3.05 49.76
N TYR UA 103 -103.86 3.90 49.13
CA TYR UA 103 -103.76 4.09 47.69
C TYR UA 103 -102.43 4.71 47.30
N LEU UA 104 -102.00 5.75 48.04
CA LEU UA 104 -100.75 6.42 47.71
C LEU UA 104 -99.54 5.56 48.06
N VAL UA 105 -99.64 4.74 49.11
CA VAL UA 105 -98.54 3.83 49.44
C VAL UA 105 -98.35 2.82 48.31
N GLY UA 106 -99.43 2.17 47.90
CA GLY UA 106 -99.33 1.22 46.79
C GLY UA 106 -98.95 1.90 45.48
N LEU UA 107 -99.37 3.15 45.29
CA LEU UA 107 -98.98 3.89 44.09
C LEU UA 107 -97.50 4.22 44.11
N PHE UA 108 -96.97 4.60 45.28
CA PHE UA 108 -95.54 4.85 45.39
C PHE UA 108 -94.73 3.57 45.20
N GLU UA 109 -95.32 2.41 45.51
CA GLU UA 109 -94.65 1.15 45.23
C GLU UA 109 -94.47 0.95 43.73
N ASP UA 110 -95.55 1.10 42.97
CA ASP UA 110 -95.46 1.02 41.51
C ASP UA 110 -94.57 2.12 40.95
N THR UA 111 -94.68 3.33 41.52
CA THR UA 111 -93.81 4.43 41.10
C THR UA 111 -92.34 4.11 41.31
N ASN UA 112 -92.02 3.45 42.43
CA ASN UA 112 -90.63 3.11 42.72
C ASN UA 112 -90.10 2.12 41.71
N LEU UA 113 -90.94 1.18 41.29
CA LEU UA 113 -90.54 0.19 40.30
C LEU UA 113 -90.31 0.84 38.94
N CYS UA 114 -91.10 1.86 38.61
CA CYS UA 114 -90.90 2.59 37.35
C CYS UA 114 -89.54 3.27 37.31
N ALA UA 115 -89.13 3.87 38.43
CA ALA UA 115 -87.82 4.53 38.50
C ALA UA 115 -86.68 3.54 38.35
N ILE UA 116 -86.77 2.39 39.02
CA ILE UA 116 -85.73 1.39 38.95
C ILE UA 116 -85.64 0.80 37.54
N HIS UA 117 -86.77 0.67 36.85
CA HIS UA 117 -86.74 0.17 35.48
C HIS UA 117 -85.95 1.09 34.57
N ALA UA 118 -85.97 2.39 34.85
CA ALA UA 118 -85.17 3.35 34.11
C ALA UA 118 -83.78 3.52 34.70
N LYS UA 119 -83.28 2.49 35.42
CA LYS UA 119 -81.94 2.50 36.02
C LYS UA 119 -81.73 3.67 36.95
N ARG UA 120 -82.81 4.18 37.53
CA ARG UA 120 -82.76 5.33 38.42
C ARG UA 120 -83.14 4.93 39.84
N VAL UA 121 -82.68 5.72 40.80
CA VAL UA 121 -83.05 5.56 42.19
C VAL UA 121 -84.10 6.59 42.63
N THR UA 122 -84.17 7.73 41.97
CA THR UA 122 -85.10 8.79 42.31
C THR UA 122 -86.41 8.62 41.54
N ILE UA 123 -87.53 8.70 42.26
CA ILE UA 123 -88.84 8.70 41.62
C ILE UA 123 -89.12 10.09 41.07
N MET UA 124 -89.80 10.14 39.93
CA MET UA 124 -90.09 11.38 39.22
C MET UA 124 -91.54 11.35 38.78
N PRO UA 125 -92.13 12.54 38.51
CA PRO UA 125 -93.54 12.57 38.09
C PRO UA 125 -93.83 11.70 36.88
N LYS UA 126 -92.85 11.47 36.01
CA LYS UA 126 -93.04 10.56 34.89
C LYS UA 126 -93.21 9.12 35.34
N ASP UA 127 -92.63 8.75 36.48
CA ASP UA 127 -92.83 7.41 37.02
C ASP UA 127 -94.27 7.22 37.51
N ILE UA 128 -94.82 8.23 38.19
CA ILE UA 128 -96.21 8.14 38.65
C ILE UA 128 -97.15 8.04 37.45
N GLN UA 129 -96.95 8.87 36.44
CA GLN UA 129 -97.85 8.89 35.30
C GLN UA 129 -97.78 7.59 34.50
N LEU UA 130 -96.60 6.97 34.43
CA LEU UA 130 -96.51 5.65 33.81
C LEU UA 130 -97.28 4.61 34.61
N ALA UA 131 -97.18 4.66 35.94
CA ALA UA 131 -97.90 3.70 36.77
C ALA UA 131 -99.41 3.86 36.59
N ARG UA 132 -99.90 5.09 36.72
CA ARG UA 132 -101.34 5.33 36.60
C ARG UA 132 -101.85 5.01 35.20
N ARG UA 133 -101.03 5.24 34.17
CA ARG UA 133 -101.42 4.88 32.81
C ARG UA 133 -101.60 3.37 32.68
N ILE UA 134 -100.61 2.61 33.15
CA ILE UA 134 -100.69 1.15 33.09
C ILE UA 134 -101.83 0.64 33.95
N ARG UA 135 -102.03 1.25 35.12
CA ARG UA 135 -103.12 0.85 36.00
C ARG UA 135 -104.49 1.03 35.36
N GLY UA 136 -104.58 1.81 34.28
CA GLY UA 136 -105.86 2.17 33.71
C GLY UA 136 -106.49 3.40 34.34
N GLU UA 137 -105.78 4.08 35.24
CA GLU UA 137 -106.29 5.30 35.85
C GLU UA 137 -106.13 6.50 34.94
N ARG UA 138 -105.00 6.58 34.25
CA ARG UA 138 -104.62 7.78 33.49
C ARG UA 138 -104.63 9.03 34.36
N VAL VA 25 -115.01 30.86 54.40
CA VAL VA 25 -114.49 30.33 53.14
C VAL VA 25 -113.34 29.36 53.45
N LEU VA 26 -113.08 28.46 52.50
CA LEU VA 26 -111.97 27.52 52.58
C LEU VA 26 -111.30 27.43 51.22
N ARG VA 27 -109.97 27.56 51.20
CA ARG VA 27 -109.23 27.77 49.96
C ARG VA 27 -107.78 27.31 50.16
N ASP VA 28 -107.25 26.64 49.15
CA ASP VA 28 -105.88 26.10 49.14
C ASP VA 28 -105.61 24.95 50.13
N ASN VA 29 -106.66 24.34 50.65
CA ASN VA 29 -106.49 23.26 51.62
C ASN VA 29 -105.58 22.09 51.22
N ILE VA 30 -105.36 21.91 49.89
CA ILE VA 30 -104.57 20.78 49.42
C ILE VA 30 -103.13 20.91 49.91
N GLN VA 31 -102.68 22.14 50.18
CA GLN VA 31 -101.37 22.36 50.77
C GLN VA 31 -101.26 21.86 52.20
N GLY VA 32 -102.39 21.55 52.85
CA GLY VA 32 -102.33 20.89 54.14
C GLY VA 32 -101.63 19.55 54.09
N ILE VA 33 -101.65 18.90 52.93
CA ILE VA 33 -100.86 17.69 52.72
C ILE VA 33 -99.43 18.15 52.45
N THR VA 34 -98.60 18.18 53.49
CA THR VA 34 -97.34 18.89 53.43
C THR VA 34 -96.25 18.03 52.78
N LYS VA 35 -95.09 18.65 52.57
CA LYS VA 35 -93.94 17.94 52.02
C LYS VA 35 -93.45 16.82 52.92
N PRO VA 36 -93.26 17.00 54.24
CA PRO VA 36 -92.83 15.87 55.06
C PRO VA 36 -93.88 14.76 55.15
N ALA VA 37 -95.15 15.09 54.99
CA ALA VA 37 -96.19 14.07 55.02
C ALA VA 37 -96.12 13.17 53.78
N ILE VA 38 -96.02 13.78 52.60
CA ILE VA 38 -95.81 13.01 51.38
C ILE VA 38 -94.51 12.23 51.47
N ARG VA 39 -93.50 12.78 52.13
CA ARG VA 39 -92.23 12.08 52.31
C ARG VA 39 -92.44 10.79 53.11
N ARG VA 40 -93.20 10.87 54.21
CA ARG VA 40 -93.42 9.69 55.03
C ARG VA 40 -94.17 8.61 54.27
N LEU VA 41 -95.16 9.00 53.46
CA LEU VA 41 -95.88 8.02 52.64
C LEU VA 41 -94.95 7.34 51.65
N ALA VA 42 -94.01 8.10 51.07
CA ALA VA 42 -93.05 7.51 50.14
C ALA VA 42 -92.10 6.54 50.83
N ARG VA 43 -91.74 6.84 52.09
CA ARG VA 43 -90.85 5.95 52.83
C ARG VA 43 -91.50 4.59 53.07
N ARG VA 44 -92.76 4.60 53.52
CA ARG VA 44 -93.48 3.34 53.73
C ARG VA 44 -93.63 2.56 52.43
N GLY VA 45 -93.66 3.25 51.29
CA GLY VA 45 -93.62 2.62 49.99
C GLY VA 45 -92.25 2.17 49.53
N GLY VA 46 -91.22 2.43 50.32
CA GLY VA 46 -89.87 2.01 49.98
C GLY VA 46 -89.09 2.97 49.11
N VAL VA 47 -89.49 4.24 49.07
CA VAL VA 47 -88.83 5.23 48.23
C VAL VA 47 -87.66 5.83 49.01
N LYS VA 48 -86.50 5.91 48.36
CA LYS VA 48 -85.29 6.43 48.97
C LYS VA 48 -85.06 7.90 48.65
N ARG VA 49 -85.16 8.29 47.37
CA ARG VA 49 -84.90 9.64 46.93
C ARG VA 49 -86.12 10.20 46.21
N ILE VA 50 -86.46 11.45 46.50
CA ILE VA 50 -87.69 12.08 46.02
C ILE VA 50 -87.33 13.35 45.28
N SER VA 51 -87.77 13.45 44.03
CA SER VA 51 -87.60 14.68 43.27
C SER VA 51 -88.45 15.80 43.86
N GLY VA 52 -88.10 17.04 43.48
CA GLY VA 52 -88.80 18.19 44.03
C GLY VA 52 -90.19 18.40 43.48
N LEU VA 53 -90.44 17.93 42.25
CA LEU VA 53 -91.73 18.10 41.60
C LEU VA 53 -92.75 17.06 42.03
N ILE VA 54 -92.35 16.07 42.84
CA ILE VA 54 -93.24 14.99 43.24
C ILE VA 54 -94.39 15.52 44.09
N TYR VA 55 -94.11 16.49 44.96
CA TYR VA 55 -95.07 16.87 45.99
C TYR VA 55 -96.32 17.49 45.39
N GLU VA 56 -96.17 18.45 44.48
CA GLU VA 56 -97.33 19.01 43.79
C GLU VA 56 -98.01 17.97 42.90
N GLU VA 57 -97.23 17.04 42.34
CA GLU VA 57 -97.82 15.96 41.56
C GLU VA 57 -98.65 15.02 42.43
N THR VA 58 -98.13 14.67 43.61
CA THR VA 58 -98.86 13.78 44.51
C THR VA 58 -100.15 14.43 45.00
N ARG VA 59 -100.14 15.76 45.19
CA ARG VA 59 -101.35 16.45 45.61
C ARG VA 59 -102.43 16.36 44.55
N GLY VA 60 -102.06 16.52 43.28
CA GLY VA 60 -103.02 16.36 42.20
C GLY VA 60 -103.57 14.94 42.13
N VAL VA 61 -102.72 13.95 42.39
CA VAL VA 61 -103.16 12.56 42.37
C VAL VA 61 -104.15 12.31 43.51
N LEU VA 62 -103.79 12.69 44.73
CA LEU VA 62 -104.67 12.48 45.88
C LEU VA 62 -106.00 13.20 45.69
N LYS VA 63 -105.96 14.40 45.11
CA LYS VA 63 -107.20 15.15 44.89
C LYS VA 63 -108.12 14.43 43.90
N VAL VA 64 -107.55 13.93 42.79
CA VAL VA 64 -108.33 13.14 41.84
C VAL VA 64 -108.89 11.91 42.53
N PHE VA 65 -108.08 11.25 43.37
CA PHE VA 65 -108.56 10.08 44.11
C PHE VA 65 -109.70 10.45 45.04
N LEU VA 66 -109.51 11.51 45.84
CA LEU VA 66 -110.55 11.95 46.76
C LEU VA 66 -111.80 12.40 46.02
N GLU VA 67 -111.65 13.05 44.87
CA GLU VA 67 -112.81 13.50 44.11
C GLU VA 67 -113.65 12.32 43.65
N ASN VA 68 -113.00 11.29 43.10
CA ASN VA 68 -113.74 10.14 42.58
C ASN VA 68 -114.47 9.38 43.69
N VAL VA 69 -113.85 9.25 44.87
CA VAL VA 69 -114.46 8.49 45.94
C VAL VA 69 -115.55 9.28 46.64
N ILE VA 70 -115.25 10.55 46.98
CA ILE VA 70 -116.24 11.37 47.66
C ILE VA 70 -117.47 11.60 46.79
N ARG VA 71 -117.27 11.70 45.47
CA ARG VA 71 -118.40 11.86 44.56
C ARG VA 71 -119.38 10.69 44.70
N ASP VA 72 -118.87 9.47 44.77
CA ASP VA 72 -119.74 8.30 44.93
C ASP VA 72 -120.30 8.23 46.34
N ALA VA 73 -119.50 8.59 47.35
CA ALA VA 73 -119.98 8.58 48.73
C ALA VA 73 -121.15 9.55 48.92
N VAL VA 74 -121.05 10.74 48.32
CA VAL VA 74 -122.14 11.71 48.40
C VAL VA 74 -123.35 11.20 47.63
N THR VA 75 -123.13 10.58 46.47
CA THR VA 75 -124.24 10.05 45.68
C THR VA 75 -125.03 9.00 46.46
N TYR VA 76 -124.33 8.16 47.23
CA TYR VA 76 -125.02 7.24 48.14
C TYR VA 76 -125.72 8.02 49.25
N THR VA 77 -125.05 9.00 49.83
CA THR VA 77 -125.63 9.78 50.93
C THR VA 77 -126.91 10.49 50.49
N GLU VA 78 -126.91 11.06 49.29
CA GLU VA 78 -128.09 11.77 48.81
C GLU VA 78 -129.25 10.81 48.58
N HIS VA 79 -128.95 9.61 48.07
CA HIS VA 79 -130.01 8.63 47.83
C HIS VA 79 -130.66 8.18 49.13
N ALA VA 80 -129.90 8.15 50.22
CA ALA VA 80 -130.43 7.81 51.53
C ALA VA 80 -131.16 8.96 52.21
N LYS VA 81 -131.27 10.11 51.55
CA LYS VA 81 -131.94 11.28 52.09
C LYS VA 81 -131.33 11.70 53.43
N ARG VA 82 -130.00 11.79 53.45
CA ARG VA 82 -129.26 12.19 54.63
C ARG VA 82 -128.42 13.42 54.33
N LYS VA 83 -128.10 14.16 55.39
CA LYS VA 83 -127.17 15.29 55.31
C LYS VA 83 -125.81 14.96 55.91
N THR VA 84 -125.60 13.74 56.39
CA THR VA 84 -124.35 13.33 57.00
C THR VA 84 -123.78 12.13 56.23
N VAL VA 85 -122.54 12.27 55.79
CA VAL VA 85 -121.87 11.19 55.07
C VAL VA 85 -121.41 10.14 56.09
N THR VA 86 -122.00 8.95 56.01
CA THR VA 86 -121.63 7.88 56.92
C THR VA 86 -120.41 7.14 56.41
N ALA VA 87 -119.76 6.41 57.32
CA ALA VA 87 -118.63 5.57 56.93
C ALA VA 87 -119.07 4.48 55.95
N MET VA 88 -120.32 4.04 56.04
CA MET VA 88 -120.80 3.03 55.09
C MET VA 88 -120.90 3.61 53.68
N ASP VA 89 -121.22 4.90 53.57
CA ASP VA 89 -121.21 5.56 52.26
C ASP VA 89 -119.82 5.50 51.64
N VAL VA 90 -118.78 5.74 52.44
CA VAL VA 90 -117.42 5.69 51.92
C VAL VA 90 -117.03 4.24 51.60
N VAL VA 91 -117.37 3.31 52.48
CA VAL VA 91 -117.00 1.91 52.27
C VAL VA 91 -117.65 1.38 50.99
N TYR VA 92 -118.94 1.69 50.80
CA TYR VA 92 -119.63 1.31 49.57
C TYR VA 92 -118.96 1.95 48.35
N ALA VA 93 -118.51 3.20 48.50
CA ALA VA 93 -117.86 3.90 47.40
C ALA VA 93 -116.50 3.28 47.09
N LEU VA 94 -115.72 2.98 48.12
CA LEU VA 94 -114.42 2.35 47.90
C LEU VA 94 -114.56 0.99 47.21
N LYS VA 95 -115.60 0.23 47.58
CA LYS VA 95 -115.86 -1.03 46.89
C LYS VA 95 -116.31 -0.80 45.46
N ARG VA 96 -116.97 0.33 45.19
CA ARG VA 96 -117.35 0.67 43.82
C ARG VA 96 -116.13 0.80 42.92
N GLN VA 97 -115.09 1.49 43.40
CA GLN VA 97 -113.88 1.71 42.61
C GLN VA 97 -112.94 0.52 42.59
N GLY VA 98 -113.31 -0.59 43.22
CA GLY VA 98 -112.41 -1.72 43.33
C GLY VA 98 -111.29 -1.53 44.32
N ARG VA 99 -111.54 -0.78 45.39
CA ARG VA 99 -110.56 -0.55 46.45
C ARG VA 99 -111.22 -0.85 47.79
N THR VA 100 -111.65 -2.10 47.94
CA THR VA 100 -112.40 -2.51 49.13
C THR VA 100 -111.60 -2.25 50.39
N LEU VA 101 -112.30 -1.84 51.45
CA LEU VA 101 -111.67 -1.46 52.71
C LEU VA 101 -112.28 -2.27 53.84
N TYR VA 102 -111.43 -2.92 54.62
CA TYR VA 102 -111.86 -3.67 55.79
C TYR VA 102 -111.73 -2.82 57.05
N GLY VA 103 -112.59 -3.09 58.02
CA GLY VA 103 -112.46 -2.50 59.33
C GLY VA 103 -113.32 -1.30 59.61
N PHE VA 104 -114.26 -0.96 58.73
CA PHE VA 104 -115.15 0.17 58.96
C PHE VA 104 -116.62 -0.18 58.67
N GLY VA 105 -116.95 -1.45 58.58
CA GLY VA 105 -118.30 -1.90 58.31
C GLY VA 105 -118.38 -2.71 57.03
N GLY VA 106 -119.61 -3.14 56.73
CA GLY VA 106 -119.87 -3.91 55.53
C GLY VA 106 -119.45 -5.35 55.66
N THR WA 20 -148.86 -0.48 24.20
CA THR WA 20 -147.58 -0.89 24.75
C THR WA 20 -147.00 0.18 25.65
N ARG WA 21 -146.19 -0.21 26.63
CA ARG WA 21 -145.58 0.75 27.53
C ARG WA 21 -144.44 1.53 26.88
N SER WA 22 -143.89 1.04 25.77
CA SER WA 22 -142.84 1.79 25.08
C SER WA 22 -143.40 3.05 24.43
N SER WA 23 -144.57 2.94 23.79
CA SER WA 23 -145.17 4.10 23.14
C SER WA 23 -145.61 5.13 24.17
N ARG WA 24 -146.19 4.69 25.28
CA ARG WA 24 -146.59 5.61 26.34
C ARG WA 24 -145.41 6.40 26.87
N ALA WA 25 -144.21 5.80 26.88
CA ALA WA 25 -142.99 6.49 27.27
C ALA WA 25 -142.25 7.14 26.11
N GLY WA 26 -142.63 6.83 24.88
CA GLY WA 26 -141.95 7.42 23.73
C GLY WA 26 -140.59 6.81 23.46
N LEU WA 27 -140.49 5.49 23.52
CA LEU WA 27 -139.22 4.78 23.40
C LEU WA 27 -139.33 3.73 22.30
N GLN WA 28 -138.21 3.50 21.63
CA GLN WA 28 -138.11 2.36 20.71
C GLN WA 28 -137.78 1.06 21.42
N PHE WA 29 -137.20 1.13 22.63
CA PHE WA 29 -136.80 -0.05 23.40
C PHE WA 29 -137.97 -0.57 24.23
N PRO WA 30 -138.05 -1.90 24.41
CA PRO WA 30 -139.24 -2.49 25.03
C PRO WA 30 -139.25 -2.32 26.54
N VAL WA 31 -140.26 -1.59 27.04
CA VAL WA 31 -140.40 -1.42 28.49
C VAL WA 31 -140.86 -2.72 29.14
N GLY WA 32 -141.72 -3.48 28.45
CA GLY WA 32 -142.20 -4.72 29.03
C GLY WA 32 -141.11 -5.76 29.21
N ARG WA 33 -140.23 -5.90 28.21
CA ARG WA 33 -139.13 -6.86 28.33
C ARG WA 33 -138.20 -6.49 29.47
N VAL WA 34 -137.90 -5.19 29.62
CA VAL WA 34 -137.00 -4.74 30.68
C VAL WA 34 -137.61 -5.00 32.04
N HIS WA 35 -138.91 -4.76 32.20
CA HIS WA 35 -139.59 -5.04 33.45
C HIS WA 35 -139.56 -6.54 33.77
N ARG WA 36 -139.72 -7.37 32.74
CA ARG WA 36 -139.66 -8.81 32.94
C ARG WA 36 -138.27 -9.24 33.43
N LEU WA 37 -137.22 -8.75 32.76
CA LEU WA 37 -135.86 -9.13 33.13
C LEU WA 37 -135.47 -8.62 34.50
N LEU WA 38 -136.01 -7.46 34.91
CA LEU WA 38 -135.67 -6.92 36.23
C LEU WA 38 -136.22 -7.81 37.34
N ARG WA 39 -137.41 -8.38 37.15
CA ARG WA 39 -137.96 -9.29 38.15
C ARG WA 39 -137.37 -10.69 38.01
N LYS WA 40 -137.14 -11.14 36.78
CA LYS WA 40 -136.55 -12.45 36.54
C LYS WA 40 -135.11 -12.55 37.03
N GLY WA 41 -134.43 -11.41 37.22
CA GLY WA 41 -133.01 -11.41 37.52
C GLY WA 41 -132.61 -11.37 38.98
N ASN WA 42 -133.57 -11.43 39.90
CA ASN WA 42 -133.28 -11.42 41.34
C ASN WA 42 -132.42 -10.21 41.74
N TYR WA 43 -132.93 -9.02 41.42
CA TYR WA 43 -132.29 -7.78 41.85
C TYR WA 43 -132.91 -7.21 43.11
N SER WA 44 -134.22 -7.38 43.29
CA SER WA 44 -134.89 -6.99 44.51
C SER WA 44 -136.22 -7.74 44.56
N GLU WA 45 -136.90 -7.64 45.69
CA GLU WA 45 -138.24 -8.19 45.83
C GLU WA 45 -139.17 -7.64 44.75
N ARG WA 46 -139.35 -6.32 44.74
CA ARG WA 46 -140.28 -5.64 43.86
C ARG WA 46 -139.56 -4.63 42.98
N VAL WA 47 -140.12 -4.39 41.81
CA VAL WA 47 -139.60 -3.42 40.84
C VAL WA 47 -140.68 -2.38 40.59
N GLY WA 48 -140.35 -1.11 40.81
CA GLY WA 48 -141.31 -0.04 40.62
C GLY WA 48 -141.76 0.08 39.18
N ALA WA 49 -142.85 0.82 38.99
CA ALA WA 49 -143.41 0.97 37.65
C ALA WA 49 -142.55 1.86 36.78
N GLY WA 50 -141.81 2.80 37.39
CA GLY WA 50 -140.96 3.70 36.65
C GLY WA 50 -139.58 3.15 36.35
N ALA WA 51 -139.15 2.15 37.11
CA ALA WA 51 -137.80 1.61 36.92
C ALA WA 51 -137.56 1.04 35.53
N PRO WA 52 -138.43 0.19 34.96
CA PRO WA 52 -138.16 -0.30 33.60
C PRO WA 52 -138.21 0.79 32.55
N VAL WA 53 -139.08 1.79 32.72
CA VAL WA 53 -139.12 2.89 31.77
C VAL WA 53 -137.83 3.68 31.82
N TYR WA 54 -137.40 4.07 33.03
CA TYR WA 54 -136.14 4.79 33.18
C TYR WA 54 -134.99 3.99 32.60
N LEU WA 55 -134.92 2.69 32.93
CA LEU WA 55 -133.81 1.86 32.48
C LEU WA 55 -133.83 1.66 30.98
N ALA WA 56 -135.02 1.43 30.40
CA ALA WA 56 -135.12 1.26 28.95
C ALA WA 56 -134.76 2.54 28.20
N ALA WA 57 -134.98 3.71 28.81
CA ALA WA 57 -134.61 4.96 28.15
C ALA WA 57 -133.10 5.16 28.18
N VAL WA 58 -132.45 4.83 29.30
CA VAL WA 58 -131.01 4.95 29.39
C VAL WA 58 -130.33 4.00 28.42
N LEU WA 59 -130.79 2.74 28.39
CA LEU WA 59 -130.29 1.76 27.43
C LEU WA 59 -130.45 2.28 26.00
N GLU WA 60 -131.62 2.82 25.68
CA GLU WA 60 -131.84 3.38 24.35
C GLU WA 60 -130.90 4.54 24.08
N TYR WA 61 -130.56 5.34 25.11
CA TYR WA 61 -129.69 6.49 24.92
C TYR WA 61 -128.23 6.07 24.72
N LEU WA 62 -127.80 4.96 25.32
CA LEU WA 62 -126.40 4.56 25.16
C LEU WA 62 -126.20 3.80 23.86
N THR WA 63 -127.04 2.80 23.60
CA THR WA 63 -127.20 2.23 22.26
C THR WA 63 -127.15 3.33 21.22
N ALA WA 64 -128.00 4.33 21.41
CA ALA WA 64 -127.99 5.57 20.68
C ALA WA 64 -126.57 6.12 20.48
N GLU WA 65 -125.94 6.52 21.58
CA GLU WA 65 -124.67 7.25 21.52
C GLU WA 65 -123.61 6.49 20.72
N ILE WA 66 -123.64 5.15 20.78
CA ILE WA 66 -122.66 4.35 20.06
C ILE WA 66 -123.00 4.33 18.56
N LEU WA 67 -124.28 4.17 18.22
CA LEU WA 67 -124.66 4.07 16.82
C LEU WA 67 -124.37 5.37 16.06
N GLU WA 68 -124.52 6.52 16.71
CA GLU WA 68 -124.19 7.79 16.08
C GLU WA 68 -122.71 7.83 15.71
N LEU WA 69 -121.85 7.65 16.71
CA LEU WA 69 -120.41 7.74 16.47
C LEU WA 69 -119.91 6.59 15.59
N ALA WA 70 -120.57 5.43 15.62
CA ALA WA 70 -120.16 4.33 14.77
C ALA WA 70 -120.64 4.50 13.33
N GLY WA 71 -121.82 5.10 13.13
CA GLY WA 71 -122.25 5.44 11.79
C GLY WA 71 -121.40 6.52 11.16
N ASN WA 72 -120.91 7.47 11.98
CA ASN WA 72 -119.95 8.45 11.48
C ASN WA 72 -118.66 7.79 11.04
N ALA WA 73 -118.15 6.85 11.85
CA ALA WA 73 -116.93 6.14 11.49
C ALA WA 73 -117.11 5.34 10.21
N ALA WA 74 -118.29 4.73 10.02
CA ALA WA 74 -118.55 4.00 8.78
C ALA WA 74 -118.54 4.94 7.59
N ARG WA 75 -119.08 6.15 7.74
CA ARG WA 75 -119.07 7.11 6.65
C ARG WA 75 -117.65 7.64 6.40
N ASP WA 76 -116.88 7.85 7.47
CA ASP WA 76 -115.50 8.27 7.29
C ASP WA 76 -114.69 7.22 6.55
N ASN WA 77 -115.01 5.94 6.74
CA ASN WA 77 -114.34 4.84 6.06
C ASN WA 77 -115.04 4.44 4.77
N LYS WA 78 -115.93 5.31 4.26
CA LYS WA 78 -116.60 5.10 2.98
C LYS WA 78 -117.44 3.84 2.97
N LYS WA 79 -118.02 3.49 4.12
CA LYS WA 79 -118.93 2.36 4.22
C LYS WA 79 -120.34 2.86 4.51
N THR WA 80 -121.33 2.06 4.10
CA THR WA 80 -122.72 2.30 4.44
C THR WA 80 -123.23 1.31 5.47
N ARG WA 81 -122.39 0.40 5.93
CA ARG WA 81 -122.78 -0.59 6.92
C ARG WA 81 -121.77 -0.60 8.05
N ILE WA 82 -122.28 -0.70 9.28
CA ILE WA 82 -121.42 -0.66 10.46
C ILE WA 82 -120.87 -2.05 10.71
N ILE WA 83 -119.56 -2.16 10.73
CA ILE WA 83 -118.88 -3.41 11.07
C ILE WA 83 -118.28 -3.24 12.46
N PRO WA 84 -117.80 -4.29 13.12
CA PRO WA 84 -117.25 -4.11 14.48
C PRO WA 84 -116.16 -3.06 14.59
N ARG WA 85 -115.33 -2.91 13.55
CA ARG WA 85 -114.28 -1.89 13.60
C ARG WA 85 -114.86 -0.49 13.76
N HIS WA 86 -116.01 -0.23 13.12
CA HIS WA 86 -116.66 1.06 13.28
C HIS WA 86 -117.13 1.29 14.71
N LEU WA 87 -117.59 0.23 15.37
CA LEU WA 87 -117.94 0.35 16.79
C LEU WA 87 -116.70 0.57 17.64
N GLN WA 88 -115.58 -0.06 17.29
CA GLN WA 88 -114.34 0.12 18.05
C GLN WA 88 -113.78 1.52 17.88
N LEU WA 89 -113.75 2.02 16.64
CA LEU WA 89 -113.29 3.38 16.38
C LEU WA 89 -114.14 4.40 17.13
N ALA WA 90 -115.45 4.18 17.19
CA ALA WA 90 -116.33 5.14 17.86
C ALA WA 90 -116.05 5.18 19.36
N ILE WA 91 -115.93 4.00 19.97
CA ILE WA 91 -115.79 3.92 21.43
C ILE WA 91 -114.41 4.41 21.86
N ARG WA 92 -113.34 3.94 21.21
CA ARG WA 92 -111.99 4.27 21.66
C ARG WA 92 -111.59 5.71 21.34
N ASN WA 93 -112.25 6.35 20.37
CA ASN WA 93 -112.01 7.76 20.10
C ASN WA 93 -112.83 8.69 20.98
N ASP WA 94 -113.94 8.21 21.54
CA ASP WA 94 -114.74 8.99 22.46
C ASP WA 94 -114.25 8.76 23.89
N GLU WA 95 -113.91 9.85 24.57
CA GLU WA 95 -113.31 9.74 25.89
C GLU WA 95 -114.21 9.01 26.88
N GLU WA 96 -115.48 9.40 26.94
CA GLU WA 96 -116.39 8.82 27.93
C GLU WA 96 -116.82 7.40 27.56
N LEU WA 97 -117.04 7.13 26.28
CA LEU WA 97 -117.35 5.76 25.88
C LEU WA 97 -116.16 4.84 26.11
N ASN WA 98 -114.94 5.32 25.86
CA ASN WA 98 -113.76 4.51 26.13
C ASN WA 98 -113.61 4.22 27.62
N LYS WA 99 -114.05 5.14 28.49
CA LYS WA 99 -113.97 4.89 29.92
C LYS WA 99 -115.03 3.89 30.36
N LEU WA 100 -116.23 3.97 29.79
CA LEU WA 100 -117.30 3.04 30.15
C LEU WA 100 -116.93 1.61 29.76
N LEU WA 101 -116.33 1.44 28.59
CA LEU WA 101 -115.88 0.13 28.12
C LEU WA 101 -114.37 -0.04 28.27
N GLY WA 102 -113.83 0.44 29.38
CA GLY WA 102 -112.39 0.35 29.59
C GLY WA 102 -111.89 -1.08 29.79
N ARG WA 103 -112.72 -1.94 30.37
CA ARG WA 103 -112.39 -3.34 30.55
C ARG WA 103 -113.15 -4.25 29.60
N VAL WA 104 -113.42 -3.75 28.38
CA VAL WA 104 -114.22 -4.45 27.39
C VAL WA 104 -113.39 -4.62 26.12
N THR WA 105 -113.48 -5.80 25.51
CA THR WA 105 -112.81 -6.10 24.25
C THR WA 105 -113.88 -6.22 23.16
N ILE WA 106 -113.75 -5.40 22.12
CA ILE WA 106 -114.65 -5.42 20.98
C ILE WA 106 -114.10 -6.37 19.93
N ALA WA 107 -114.80 -7.48 19.71
CA ALA WA 107 -114.32 -8.50 18.78
C ALA WA 107 -114.19 -7.92 17.37
N GLN WA 108 -113.10 -8.28 16.69
CA GLN WA 108 -112.80 -7.80 15.35
C GLN WA 108 -112.80 -6.27 15.31
N GLY WA 109 -112.26 -5.66 16.36
CA GLY WA 109 -112.27 -4.22 16.48
C GLY WA 109 -110.93 -3.60 16.16
N GLY WA 110 -109.86 -4.33 16.42
CA GLY WA 110 -108.54 -3.79 16.20
C GLY WA 110 -108.18 -2.73 17.24
N VAL WA 111 -107.24 -1.87 16.86
CA VAL WA 111 -106.75 -0.80 17.72
C VAL WA 111 -106.75 0.50 16.93
N LEU WA 112 -106.53 1.59 17.64
CA LEU WA 112 -106.37 2.90 17.01
C LEU WA 112 -104.94 3.04 16.47
N PRO WA 113 -104.79 3.56 15.26
CA PRO WA 113 -103.44 3.84 14.74
C PRO WA 113 -102.71 4.87 15.60
N ASN WA 114 -101.63 4.44 16.24
CA ASN WA 114 -100.87 5.32 17.13
C ASN WA 114 -99.45 4.80 17.25
N ILE WA 115 -98.52 5.50 16.60
CA ILE WA 115 -97.09 5.18 16.67
C ILE WA 115 -96.43 6.14 17.65
N GLN WA 116 -95.61 5.60 18.55
CA GLN WA 116 -94.89 6.47 19.47
C GLN WA 116 -93.91 7.35 18.70
N ALA WA 117 -93.71 8.57 19.21
CA ALA WA 117 -92.98 9.59 18.46
C ALA WA 117 -91.51 9.20 18.27
N VAL WA 118 -90.87 8.69 19.32
CA VAL WA 118 -89.44 8.41 19.26
C VAL WA 118 -89.11 7.33 18.24
N LEU WA 119 -90.13 6.58 17.80
CA LEU WA 119 -89.94 5.55 16.78
C LEU WA 119 -89.94 6.12 15.37
N LEU WA 120 -90.34 7.38 15.19
CA LEU WA 120 -90.37 8.00 13.87
C LEU WA 120 -88.95 8.39 13.45
N PRO WA 121 -88.60 8.22 12.18
CA PRO WA 121 -87.29 8.64 11.70
C PRO WA 121 -87.19 10.15 11.71
N LYS WA 122 -86.00 10.66 12.01
CA LYS WA 122 -85.80 12.10 12.07
C LYS WA 122 -84.95 12.59 10.90
N LYS XA 34 -137.10 -28.57 13.55
CA LYS XA 34 -137.65 -27.80 14.65
C LYS XA 34 -136.99 -26.42 14.72
N ARG XA 35 -137.17 -25.73 15.84
CA ARG XA 35 -136.62 -24.39 16.00
C ARG XA 35 -136.42 -24.11 17.49
N SER XA 36 -135.48 -23.22 17.78
CA SER XA 36 -135.23 -22.74 19.12
C SER XA 36 -135.17 -21.22 19.13
N ARG XA 37 -135.60 -20.63 20.25
CA ARG XA 37 -135.90 -19.21 20.31
C ARG XA 37 -134.94 -18.54 21.30
N LYS XA 38 -134.18 -17.56 20.80
CA LYS XA 38 -133.25 -16.79 21.60
C LYS XA 38 -133.53 -15.31 21.38
N GLU XA 39 -133.73 -14.57 22.46
CA GLU XA 39 -134.07 -13.16 22.38
C GLU XA 39 -132.80 -12.32 22.28
N SER XA 40 -132.95 -11.16 21.65
CA SER XA 40 -131.87 -10.18 21.55
C SER XA 40 -132.47 -8.82 21.27
N TYR XA 41 -131.66 -7.78 21.48
CA TYR XA 41 -132.06 -6.40 21.22
C TYR XA 41 -131.87 -5.99 19.76
N SER XA 42 -131.80 -6.97 18.85
CA SER XA 42 -131.39 -6.68 17.48
C SER XA 42 -132.39 -5.77 16.79
N ILE XA 43 -133.69 -5.97 17.03
CA ILE XA 43 -134.69 -5.17 16.34
C ILE XA 43 -134.72 -3.73 16.87
N TYR XA 44 -134.44 -3.56 18.16
CA TYR XA 44 -134.47 -2.22 18.74
C TYR XA 44 -133.22 -1.42 18.38
N VAL XA 45 -132.07 -2.08 18.26
CA VAL XA 45 -130.87 -1.41 17.79
C VAL XA 45 -131.05 -0.94 16.35
N TYR XA 46 -131.70 -1.76 15.52
CA TYR XA 46 -132.00 -1.35 14.15
C TYR XA 46 -132.89 -0.11 14.14
N LYS XA 47 -134.00 -0.15 14.90
CA LYS XA 47 -134.90 1.00 14.97
C LYS XA 47 -134.16 2.24 15.46
N VAL XA 48 -133.23 2.07 16.40
CA VAL XA 48 -132.47 3.20 16.91
C VAL XA 48 -131.43 3.64 15.89
N LEU XA 49 -130.82 2.69 15.16
CA LEU XA 49 -129.86 3.03 14.11
C LEU XA 49 -130.53 3.83 13.00
N LYS XA 50 -131.79 3.50 12.68
CA LYS XA 50 -132.50 4.24 11.64
C LYS XA 50 -132.72 5.68 12.07
N GLN XA 51 -132.60 6.00 13.35
CA GLN XA 51 -132.88 7.38 13.72
C GLN XA 51 -131.70 8.28 13.31
N VAL XA 52 -130.49 8.01 13.82
CA VAL XA 52 -129.28 8.78 13.56
C VAL XA 52 -128.73 8.53 12.14
N HIS XA 53 -128.98 7.38 11.51
CA HIS XA 53 -128.27 6.96 10.30
C HIS XA 53 -129.23 6.09 9.51
N PRO XA 54 -130.23 6.75 8.88
CA PRO XA 54 -131.21 5.98 8.12
C PRO XA 54 -130.60 5.38 6.89
N ASP XA 55 -129.48 5.93 6.42
CA ASP XA 55 -128.83 5.44 5.23
C ASP XA 55 -127.61 4.59 5.56
N THR XA 56 -127.58 3.94 6.73
CA THR XA 56 -126.44 3.13 7.14
C THR XA 56 -126.94 1.89 7.88
N GLY XA 57 -126.38 0.73 7.55
CA GLY XA 57 -126.73 -0.52 8.16
C GLY XA 57 -125.66 -1.01 9.12
N ILE XA 58 -125.69 -2.31 9.41
CA ILE XA 58 -124.82 -2.89 10.43
C ILE XA 58 -124.66 -4.37 10.11
N SER XA 59 -123.46 -4.91 10.38
CA SER XA 59 -123.18 -6.32 10.18
C SER XA 59 -123.67 -7.14 11.37
N SER XA 60 -123.65 -8.46 11.20
CA SER XA 60 -124.09 -9.35 12.27
C SER XA 60 -123.11 -9.36 13.43
N LYS XA 61 -121.81 -9.33 13.14
CA LYS XA 61 -120.80 -9.28 14.21
C LYS XA 61 -120.95 -8.00 15.00
N ALA XA 62 -121.04 -6.86 14.32
CA ALA XA 62 -121.28 -5.60 15.02
C ALA XA 62 -122.61 -5.62 15.75
N MET XA 63 -123.58 -6.38 15.25
CA MET XA 63 -124.86 -6.53 15.94
C MET XA 63 -124.70 -7.33 17.23
N GLY XA 64 -123.80 -8.30 17.24
CA GLY XA 64 -123.57 -9.07 18.45
C GLY XA 64 -122.84 -8.28 19.51
N ILE XA 65 -122.06 -7.27 19.10
CA ILE XA 65 -121.35 -6.44 20.06
C ILE XA 65 -122.31 -5.47 20.75
N MET XA 66 -123.22 -4.87 19.98
CA MET XA 66 -124.25 -4.02 20.57
C MET XA 66 -125.13 -4.80 21.53
N ASN XA 67 -125.41 -6.08 21.21
CA ASN XA 67 -126.19 -6.91 22.11
C ASN XA 67 -125.43 -7.16 23.41
N SER XA 68 -124.13 -7.45 23.30
CA SER XA 68 -123.30 -7.58 24.50
C SER XA 68 -123.23 -6.27 25.25
N PHE XA 69 -123.15 -5.15 24.53
CA PHE XA 69 -123.05 -3.84 25.17
C PHE XA 69 -124.30 -3.54 25.98
N VAL XA 70 -125.48 -3.73 25.38
CA VAL XA 70 -126.73 -3.47 26.08
C VAL XA 70 -126.86 -4.36 27.31
N ASN XA 71 -126.61 -5.66 27.12
CA ASN XA 71 -126.68 -6.59 28.24
C ASN XA 71 -125.71 -6.21 29.35
N ASP XA 72 -124.47 -5.89 28.99
CA ASP XA 72 -123.47 -5.53 30.00
C ASP XA 72 -123.88 -4.29 30.78
N ILE XA 73 -124.30 -3.24 30.07
CA ILE XA 73 -124.73 -2.02 30.75
C ILE XA 73 -126.00 -2.27 31.55
N PHE XA 74 -126.89 -3.13 31.07
CA PHE XA 74 -128.05 -3.54 31.86
C PHE XA 74 -127.61 -4.12 33.19
N GLU XA 75 -126.70 -5.10 33.15
CA GLU XA 75 -126.25 -5.76 34.38
C GLU XA 75 -125.62 -4.77 35.34
N ARG XA 76 -124.83 -3.82 34.81
CA ARG XA 76 -124.09 -2.91 35.69
C ARG XA 76 -125.02 -1.94 36.40
N ILE XA 77 -126.02 -1.41 35.69
CA ILE XA 77 -126.98 -0.51 36.31
C ILE XA 77 -127.87 -1.27 37.29
N ALA XA 78 -128.37 -2.42 36.85
CA ALA XA 78 -129.27 -3.20 37.71
C ALA XA 78 -128.55 -3.70 38.96
N GLY XA 79 -127.29 -4.10 38.82
CA GLY XA 79 -126.53 -4.53 39.97
C GLY XA 79 -126.25 -3.40 40.94
N GLU XA 80 -125.92 -2.22 40.41
CA GLU XA 80 -125.72 -1.05 41.26
C GLU XA 80 -127.01 -0.65 41.96
N ALA XA 81 -128.14 -0.68 41.24
CA ALA XA 81 -129.41 -0.37 41.86
C ALA XA 81 -129.82 -1.42 42.90
N SER XA 82 -129.43 -2.67 42.70
CA SER XA 82 -129.72 -3.70 43.68
C SER XA 82 -128.98 -3.44 44.98
N ARG XA 83 -127.73 -2.98 44.89
CA ARG XA 83 -126.97 -2.66 46.10
C ARG XA 83 -127.51 -1.40 46.77
N LEU XA 84 -127.93 -0.41 45.98
CA LEU XA 84 -128.52 0.81 46.55
C LEU XA 84 -129.71 0.48 47.45
N ALA XA 85 -130.59 -0.42 47.00
CA ALA XA 85 -131.76 -0.77 47.79
C ALA XA 85 -131.36 -1.50 49.07
N HIS XA 86 -130.41 -2.43 48.98
CA HIS XA 86 -129.96 -3.16 50.16
C HIS XA 86 -129.27 -2.23 51.15
N TYR XA 87 -128.48 -1.27 50.65
CA TYR XA 87 -127.77 -0.35 51.52
C TYR XA 87 -128.74 0.46 52.37
N ASN XA 88 -129.87 0.86 51.79
CA ASN XA 88 -130.86 1.69 52.47
C ASN XA 88 -132.02 0.88 53.02
N LYS XA 89 -131.92 -0.46 53.03
CA LYS XA 89 -132.91 -1.34 53.63
C LYS XA 89 -134.28 -1.17 52.97
N ARG XA 90 -134.29 -1.13 51.64
CA ARG XA 90 -135.51 -1.02 50.87
C ARG XA 90 -135.68 -2.27 50.02
N SER XA 91 -136.92 -2.70 49.84
CA SER XA 91 -137.21 -3.90 49.05
C SER XA 91 -137.52 -3.59 47.58
N THR XA 92 -137.56 -2.32 47.19
CA THR XA 92 -138.02 -1.92 45.86
C THR XA 92 -136.91 -1.16 45.14
N ILE XA 93 -136.77 -1.45 43.86
CA ILE XA 93 -135.91 -0.70 42.95
C ILE XA 93 -136.83 0.20 42.13
N THR XA 94 -136.89 1.48 42.47
CA THR XA 94 -137.68 2.45 41.75
C THR XA 94 -136.79 3.25 40.79
N SER XA 95 -137.41 4.13 40.01
CA SER XA 95 -136.67 4.97 39.08
C SER XA 95 -135.60 5.79 39.80
N ARG XA 96 -135.85 6.14 41.06
CA ARG XA 96 -134.85 6.88 41.83
C ARG XA 96 -133.59 6.04 42.05
N GLU XA 97 -133.75 4.73 42.20
CA GLU XA 97 -132.58 3.86 42.29
C GLU XA 97 -131.87 3.75 40.95
N ILE XA 98 -132.64 3.64 39.86
CA ILE XA 98 -132.04 3.63 38.53
C ILE XA 98 -131.35 4.96 38.24
N GLN XA 99 -131.90 6.06 38.75
CA GLN XA 99 -131.31 7.38 38.54
C GLN XA 99 -129.97 7.50 39.23
N THR XA 100 -129.92 7.11 40.51
CA THR XA 100 -128.67 7.19 41.27
C THR XA 100 -127.62 6.24 40.70
N ALA XA 101 -128.05 5.05 40.26
CA ALA XA 101 -127.12 4.08 39.67
C ALA XA 101 -126.46 4.65 38.41
N VAL XA 102 -127.21 5.42 37.63
CA VAL XA 102 -126.65 6.02 36.43
C VAL XA 102 -125.58 7.05 36.77
N ARG XA 103 -125.77 7.78 37.87
CA ARG XA 103 -124.79 8.80 38.24
C ARG XA 103 -123.55 8.21 38.88
N LEU XA 104 -123.66 7.06 39.53
CA LEU XA 104 -122.47 6.37 40.03
C LEU XA 104 -121.68 5.73 38.89
N LEU XA 105 -122.39 5.08 37.96
CA LEU XA 105 -121.72 4.35 36.89
C LEU XA 105 -121.19 5.28 35.81
N LEU XA 106 -122.08 6.00 35.13
CA LEU XA 106 -121.72 6.74 33.93
C LEU XA 106 -120.83 7.93 34.27
N PRO XA 107 -119.93 8.29 33.36
CA PRO XA 107 -119.09 9.48 33.59
C PRO XA 107 -119.80 10.76 33.18
N GLY XA 108 -119.68 11.76 34.05
CA GLY XA 108 -120.16 13.12 33.85
C GLY XA 108 -121.21 13.41 32.80
N GLU XA 109 -120.77 13.80 31.59
CA GLU XA 109 -121.69 14.26 30.56
C GLU XA 109 -122.63 13.14 30.10
N LEU XA 110 -122.11 11.91 30.02
CA LEU XA 110 -122.95 10.77 29.67
C LEU XA 110 -124.04 10.56 30.70
N ALA XA 111 -123.75 10.86 31.96
CA ALA XA 111 -124.71 10.66 33.03
C ALA XA 111 -125.76 11.76 33.04
N LYS XA 112 -125.33 13.02 32.92
CA LYS XA 112 -126.27 14.12 32.77
C LYS XA 112 -127.27 13.85 31.64
N HIS XA 113 -126.76 13.42 30.49
CA HIS XA 113 -127.63 13.10 29.36
C HIS XA 113 -128.56 11.94 29.67
N ALA XA 114 -128.05 10.89 30.32
CA ALA XA 114 -128.88 9.72 30.58
C ALA XA 114 -129.97 10.04 31.60
N VAL XA 115 -129.67 10.91 32.57
CA VAL XA 115 -130.68 11.31 33.54
C VAL XA 115 -131.77 12.10 32.83
N SER XA 116 -131.40 12.86 31.79
CA SER XA 116 -132.41 13.59 31.03
C SER XA 116 -133.34 12.62 30.34
N GLU XA 117 -132.79 11.64 29.62
CA GLU XA 117 -133.62 10.60 29.02
C GLU XA 117 -134.54 9.94 30.03
N GLY XA 118 -133.97 9.49 31.15
CA GLY XA 118 -134.76 8.76 32.13
C GLY XA 118 -135.94 9.57 32.64
N THR XA 119 -135.67 10.78 33.14
CA THR XA 119 -136.74 11.60 33.67
C THR XA 119 -137.75 11.98 32.60
N LYS XA 120 -137.29 12.23 31.37
CA LYS XA 120 -138.21 12.60 30.30
C LYS XA 120 -139.17 11.45 30.00
N ALA XA 121 -138.61 10.24 29.80
CA ALA XA 121 -139.46 9.11 29.46
C ALA XA 121 -140.39 8.73 30.60
N VAL XA 122 -139.93 8.87 31.85
CA VAL XA 122 -140.81 8.57 32.98
C VAL XA 122 -141.96 9.56 33.03
N THR XA 123 -141.68 10.84 32.77
CA THR XA 123 -142.74 11.85 32.76
C THR XA 123 -143.75 11.55 31.65
N LYS XA 124 -143.25 11.28 30.44
CA LYS XA 124 -144.15 11.00 29.33
C LYS XA 124 -144.95 9.72 29.54
N TYR XA 125 -144.40 8.76 30.31
CA TYR XA 125 -145.10 7.51 30.56
C TYR XA 125 -146.23 7.72 31.57
N THR XA 126 -145.93 8.35 32.70
CA THR XA 126 -146.97 8.59 33.70
C THR XA 126 -148.01 9.59 33.21
N SER XA 127 -147.65 10.46 32.26
CA SER XA 127 -148.63 11.35 31.64
C SER XA 127 -149.34 10.70 30.46
N ALA XA 128 -149.33 9.36 30.39
CA ALA XA 128 -150.11 8.64 29.39
C ALA XA 128 -150.73 7.38 29.97
N LYS XA 129 -150.88 7.31 31.29
CA LYS XA 129 -151.33 6.13 32.05
C LYS XA 129 -152.30 5.21 31.32
#